data_4EG2
#
_entry.id   4EG2
#
_cell.length_a   68.810
_cell.length_b   163.730
_cell.length_c   111.950
_cell.angle_alpha   90.00
_cell.angle_beta   97.70
_cell.angle_gamma   90.00
#
_symmetry.space_group_name_H-M   'P 1 21 1'
#
loop_
_entity.id
_entity.type
_entity.pdbx_description
1 polymer 'Cytidine deaminase'
2 non-polymer 'ZINC ION'
3 non-polymer URIDINE
4 non-polymer 'ACETATE ION'
5 non-polymer 'MAGNESIUM ION'
6 water water
#
_entity_poly.entity_id   1
_entity_poly.type   'polypeptide(L)'
_entity_poly.pdbx_seq_one_letter_code
;SNA(MSE)RNRIEQALQQ(MSE)PASFAPYLRELVLAKDFDATFSAEQYQQLLTLSGLEDADLRVALLPIAAAYSYAPIS
EFYVGAIVRGISGRLYLGAN(MSE)EFTGAQLGQTVHAEQCAISHAW(MSE)KGEKGVADITINFSPCGHCRQF(MSE)N
ELTTASSLKIQLPKRAAKTLQEYLPESFGPADLGIDSGL(MSE)SPVNHGKTSDDDEELIQQALRA(MSE)NISHSPYTQ
NFSGVALK(MSE)RSGAIYLGAYAENAAFNPSLPPLQVALAQA(MSE)(MSE)(MSE)GESFEDIEAAALVESATGKISH
LADTQATLEVINPDIPLSYLSL
;
_entity_poly.pdbx_strand_id   A,B,C,D,E,F,G,H
#
loop_
_chem_comp.id
_chem_comp.type
_chem_comp.name
_chem_comp.formula
ACT non-polymer 'ACETATE ION' 'C2 H3 O2 -1'
MG non-polymer 'MAGNESIUM ION' 'Mg 2'
URI non-polymer URIDINE 'C9 H12 N2 O6'
ZN non-polymer 'ZINC ION' 'Zn 2'
#
# COMPACT_ATOMS: atom_id res chain seq x y z
N ASN A 2 2.76 28.33 16.17
CA ASN A 2 2.53 27.39 15.04
C ASN A 2 1.08 27.43 14.55
N ALA A 3 0.89 27.95 13.33
CA ALA A 3 -0.44 28.09 12.73
C ALA A 3 -1.14 26.76 12.38
N MSE A 4 -0.38 25.66 12.35
CA MSE A 4 -0.94 24.36 12.00
C MSE A 4 -1.16 23.44 13.20
O MSE A 4 -1.52 22.27 13.02
CB MSE A 4 -0.02 23.63 11.01
CG MSE A 4 0.50 24.49 9.85
SE MSE A 4 -0.88 25.58 8.99
CE MSE A 4 -2.26 24.20 8.74
N ARG A 5 -0.96 23.93 14.42
CA ARG A 5 -1.08 23.02 15.56
C ARG A 5 -2.46 22.37 15.69
N ASN A 6 -3.51 23.10 15.33
N ASN A 6 -3.49 23.12 15.30
CA ASN A 6 -4.85 22.54 15.38
CA ASN A 6 -4.84 22.62 15.30
C ASN A 6 -4.94 21.27 14.52
C ASN A 6 -4.96 21.31 14.51
N ARG A 7 -4.44 21.32 13.29
CA ARG A 7 -4.47 20.13 12.40
C ARG A 7 -3.48 19.06 12.86
N ILE A 8 -2.36 19.49 13.45
CA ILE A 8 -1.34 18.58 13.99
C ILE A 8 -1.92 17.78 15.15
N GLU A 9 -2.73 18.45 15.98
CA GLU A 9 -3.38 17.80 17.11
C GLU A 9 -4.32 16.67 16.62
N GLN A 10 -5.01 16.89 15.50
CA GLN A 10 -5.86 15.84 14.93
C GLN A 10 -5.03 14.63 14.53
N ALA A 11 -3.87 14.88 13.92
CA ALA A 11 -2.98 13.81 13.49
C ALA A 11 -2.42 13.05 14.69
N LEU A 12 -2.11 13.78 15.75
CA LEU A 12 -1.59 13.16 16.97
C LEU A 12 -2.61 12.30 17.67
N GLN A 13 -3.86 12.69 17.54
CA GLN A 13 -4.93 12.01 18.24
C GLN A 13 -5.08 10.58 17.72
N GLN A 14 -4.57 10.31 16.51
CA GLN A 14 -4.65 8.97 15.91
C GLN A 14 -3.36 8.15 16.01
N MSE A 15 -2.25 8.79 16.39
CA MSE A 15 -0.95 8.12 16.55
C MSE A 15 -0.99 7.02 17.63
O MSE A 15 -1.62 7.20 18.66
CB MSE A 15 0.13 9.12 16.96
CG MSE A 15 0.47 10.15 15.94
SE MSE A 15 1.41 9.37 14.42
CE MSE A 15 1.29 10.93 13.25
N PRO A 16 -0.29 5.90 17.39
CA PRO A 16 -0.24 4.82 18.38
C PRO A 16 0.15 5.31 19.78
N ALA A 17 -0.45 4.72 20.80
CA ALA A 17 -0.19 5.10 22.19
C ALA A 17 1.28 4.92 22.61
N SER A 18 1.96 3.98 21.98
CA SER A 18 3.36 3.71 22.30
C SER A 18 4.26 4.95 22.17
N PHE A 19 4.18 5.68 21.07
CA PHE A 19 5.05 6.84 20.89
C PHE A 19 4.36 8.23 20.86
N ALA A 20 3.04 8.26 20.88
CA ALA A 20 2.31 9.53 20.82
C ALA A 20 2.73 10.52 21.90
N PRO A 21 2.81 10.10 23.18
CA PRO A 21 3.23 11.07 24.21
C PRO A 21 4.56 11.76 23.90
N TYR A 22 5.56 11.01 23.46
CA TYR A 22 6.85 11.62 23.15
C TYR A 22 6.75 12.49 21.90
N LEU A 23 6.04 12.00 20.89
CA LEU A 23 5.86 12.79 19.67
C LEU A 23 5.15 14.10 19.99
N ARG A 24 4.09 14.02 20.79
CA ARG A 24 3.33 15.19 21.20
C ARG A 24 4.22 16.23 21.87
N GLU A 25 5.06 15.76 22.80
CA GLU A 25 5.99 16.64 23.50
C GLU A 25 6.84 17.41 22.48
N LEU A 26 7.29 16.73 21.42
CA LEU A 26 8.13 17.35 20.38
C LEU A 26 7.37 18.25 19.39
N VAL A 27 6.30 17.74 18.80
CA VAL A 27 5.59 18.47 17.71
C VAL A 27 4.75 19.66 18.17
N LEU A 28 4.31 19.65 19.42
CA LEU A 28 3.54 20.77 19.94
C LEU A 28 4.42 21.77 20.67
N ALA A 29 5.74 21.56 20.67
CA ALA A 29 6.63 22.52 21.31
C ALA A 29 6.58 23.82 20.51
N LYS A 30 6.76 24.95 21.18
CA LYS A 30 6.71 26.25 20.52
C LYS A 30 7.65 26.32 19.30
N ASP A 31 8.89 25.89 19.50
CA ASP A 31 9.90 25.98 18.45
C ASP A 31 10.00 24.77 17.52
N PHE A 32 9.01 23.88 17.53
CA PHE A 32 9.06 22.74 16.63
C PHE A 32 9.28 23.26 15.23
N ASP A 33 10.34 22.78 14.59
CA ASP A 33 10.75 23.24 13.25
C ASP A 33 10.41 22.25 12.14
N ALA A 34 9.47 21.35 12.39
CA ALA A 34 9.08 20.37 11.39
C ALA A 34 10.26 19.49 10.95
N THR A 35 11.10 19.10 11.90
CA THR A 35 12.22 18.21 11.65
C THR A 35 12.36 17.32 12.85
N PHE A 36 13.01 16.18 12.67
CA PHE A 36 13.32 15.29 13.77
C PHE A 36 14.80 14.94 13.64
N SER A 37 15.55 15.09 14.73
CA SER A 37 16.96 14.75 14.74
C SER A 37 17.09 13.25 14.71
N ALA A 38 18.29 12.76 14.44
CA ALA A 38 18.52 11.33 14.44
C ALA A 38 18.30 10.75 15.86
N GLU A 39 18.69 11.48 16.89
CA GLU A 39 18.53 10.99 18.25
C GLU A 39 17.03 10.87 18.61
N GLN A 40 16.25 11.90 18.26
CA GLN A 40 14.82 11.88 18.47
C GLN A 40 14.18 10.72 17.70
N TYR A 41 14.71 10.45 16.50
CA TYR A 41 14.17 9.37 15.68
C TYR A 41 14.46 8.04 16.35
N GLN A 42 15.70 7.84 16.82
CA GLN A 42 16.07 6.63 17.57
C GLN A 42 15.08 6.35 18.73
N GLN A 43 14.70 7.41 19.43
CA GLN A 43 13.80 7.31 20.57
C GLN A 43 12.40 6.88 20.08
N LEU A 44 11.96 7.45 18.95
CA LEU A 44 10.68 7.07 18.35
C LEU A 44 10.68 5.60 17.97
N LEU A 45 11.79 5.12 17.41
CA LEU A 45 11.89 3.70 17.06
C LEU A 45 11.81 2.81 18.27
N THR A 46 12.64 3.10 19.26
CA THR A 46 12.68 2.28 20.46
C THR A 46 11.29 2.24 21.07
N LEU A 47 10.66 3.40 21.17
CA LEU A 47 9.32 3.49 21.77
C LEU A 47 8.23 2.81 20.95
N SER A 48 8.29 2.95 19.63
CA SER A 48 7.25 2.38 18.76
C SER A 48 7.33 0.87 18.57
N GLY A 49 8.55 0.33 18.63
CA GLY A 49 8.78 -1.09 18.38
C GLY A 49 8.65 -1.41 16.91
N LEU A 50 8.48 -0.39 16.07
CA LEU A 50 8.29 -0.62 14.63
C LEU A 50 9.60 -0.67 13.84
N GLU A 51 9.54 -1.22 12.64
CA GLU A 51 10.68 -1.25 11.75
C GLU A 51 10.76 0.15 11.10
N ASP A 52 11.97 0.56 10.70
CA ASP A 52 12.17 1.91 10.15
C ASP A 52 11.12 2.42 9.15
N ALA A 53 10.93 1.69 8.05
CA ALA A 53 9.96 2.08 7.00
C ALA A 53 8.55 2.32 7.55
N ASP A 54 8.12 1.43 8.45
CA ASP A 54 6.80 1.51 9.05
C ASP A 54 6.65 2.76 9.90
N LEU A 55 7.68 3.13 10.64
CA LEU A 55 7.59 4.32 11.49
C LEU A 55 7.49 5.59 10.66
N ARG A 56 8.31 5.71 9.61
CA ARG A 56 8.25 6.88 8.73
C ARG A 56 6.87 7.04 8.12
N VAL A 57 6.27 5.92 7.69
CA VAL A 57 4.93 5.94 7.12
C VAL A 57 3.93 6.39 8.18
N ALA A 58 4.04 5.84 9.39
CA ALA A 58 3.15 6.22 10.49
C ALA A 58 3.23 7.71 10.85
N LEU A 59 4.35 8.36 10.57
CA LEU A 59 4.51 9.80 10.85
C LEU A 59 3.94 10.76 9.78
N LEU A 60 3.65 10.23 8.59
CA LEU A 60 3.15 11.06 7.47
C LEU A 60 2.00 12.04 7.82
N PRO A 61 1.05 11.64 8.65
CA PRO A 61 0.00 12.61 8.92
C PRO A 61 0.50 13.90 9.58
N ILE A 62 1.64 13.84 10.27
CA ILE A 62 2.21 15.06 10.88
C ILE A 62 2.65 15.98 9.74
N ALA A 63 3.19 15.41 8.68
CA ALA A 63 3.61 16.19 7.54
C ALA A 63 2.41 16.73 6.78
N ALA A 64 1.41 15.89 6.57
CA ALA A 64 0.19 16.26 5.83
C ALA A 64 -0.62 17.35 6.51
N ALA A 65 -0.43 17.50 7.81
CA ALA A 65 -1.12 18.52 8.59
C ALA A 65 -0.71 19.94 8.20
N TYR A 66 0.45 20.08 7.56
CA TYR A 66 0.95 21.38 7.10
C TYR A 66 0.51 21.75 5.68
N SER A 67 -0.24 20.85 5.03
CA SER A 67 -0.71 21.09 3.66
C SER A 67 -1.63 22.32 3.54
N TYR A 68 -1.37 23.12 2.53
CA TYR A 68 -2.17 24.29 2.18
C TYR A 68 -2.65 24.00 0.76
N ALA A 69 -3.85 23.42 0.66
CA ALA A 69 -4.43 23.03 -0.61
C ALA A 69 -5.86 23.55 -0.77
N PRO A 70 -6.01 24.88 -0.91
CA PRO A 70 -7.33 25.49 -1.08
C PRO A 70 -7.95 25.27 -2.46
N ILE A 71 -7.18 24.76 -3.41
CA ILE A 71 -7.74 24.49 -4.73
C ILE A 71 -8.24 23.05 -4.82
N SER A 72 -7.36 22.11 -4.48
CA SER A 72 -7.68 20.70 -4.56
C SER A 72 -8.25 20.06 -3.28
N GLU A 73 -7.91 20.66 -2.14
N GLU A 73 -7.96 20.66 -2.13
CA GLU A 73 -8.28 20.11 -0.81
CA GLU A 73 -8.36 20.06 -0.84
C GLU A 73 -7.77 18.65 -0.71
C GLU A 73 -7.80 18.62 -0.74
N PHE A 74 -6.67 18.39 -1.39
CA PHE A 74 -6.02 17.07 -1.44
C PHE A 74 -4.70 17.27 -0.71
N TYR A 75 -4.58 16.70 0.49
CA TYR A 75 -3.46 16.93 1.41
C TYR A 75 -2.34 15.91 1.32
N VAL A 76 -1.18 16.37 0.86
CA VAL A 76 -0.05 15.49 0.67
C VAL A 76 1.06 15.89 1.63
N GLY A 77 1.61 14.90 2.31
CA GLY A 77 2.72 15.07 3.20
C GLY A 77 3.87 14.21 2.75
N ALA A 78 5.10 14.67 3.00
CA ALA A 78 6.28 13.91 2.67
C ALA A 78 7.33 14.07 3.78
N ILE A 79 8.16 13.05 3.94
CA ILE A 79 9.21 13.07 4.96
C ILE A 79 10.51 12.70 4.29
N VAL A 80 11.47 13.64 4.32
CA VAL A 80 12.76 13.44 3.72
C VAL A 80 13.78 13.18 4.81
N ARG A 81 14.50 12.07 4.68
CA ARG A 81 15.60 11.80 5.58
C ARG A 81 16.80 12.30 4.82
N GLY A 82 17.48 13.30 5.36
CA GLY A 82 18.67 13.85 4.72
C GLY A 82 19.80 12.86 4.90
N ILE A 83 20.86 12.98 4.10
CA ILE A 83 21.96 12.05 4.26
C ILE A 83 22.58 12.12 5.66
N SER A 84 22.41 13.24 6.37
CA SER A 84 22.94 13.35 7.72
C SER A 84 22.15 12.46 8.70
N GLY A 85 20.89 12.15 8.36
CA GLY A 85 20.04 11.34 9.21
C GLY A 85 18.85 12.11 9.77
N ARG A 86 18.91 13.44 9.71
N ARG A 86 18.90 13.44 9.70
CA ARG A 86 17.81 14.31 10.18
CA ARG A 86 17.82 14.26 10.21
C ARG A 86 16.61 14.12 9.25
C ARG A 86 16.63 14.14 9.25
N LEU A 87 15.41 14.20 9.80
CA LEU A 87 14.19 14.07 9.00
C LEU A 87 13.57 15.45 8.82
N TYR A 88 13.08 15.72 7.61
CA TYR A 88 12.49 17.00 7.27
C TYR A 88 11.09 16.79 6.69
N LEU A 89 10.10 17.46 7.28
CA LEU A 89 8.72 17.39 6.82
C LEU A 89 8.40 18.41 5.72
N GLY A 90 7.45 18.07 4.88
CA GLY A 90 6.99 18.97 3.82
C GLY A 90 5.57 18.63 3.43
N ALA A 91 4.87 19.60 2.89
CA ALA A 91 3.50 19.44 2.45
C ALA A 91 3.29 20.24 1.18
N ASN A 92 2.17 20.01 0.51
CA ASN A 92 1.91 20.70 -0.74
C ASN A 92 1.33 22.10 -0.49
N MSE A 93 1.55 23.00 -1.42
CA MSE A 93 1.03 24.39 -1.33
C MSE A 93 0.44 24.79 -2.68
O MSE A 93 1.09 24.59 -3.72
CB MSE A 93 2.12 25.39 -0.99
CG MSE A 93 2.99 25.01 0.15
SE MSE A 93 4.30 26.41 0.62
CE MSE A 93 5.07 26.83 -1.12
N GLU A 94 -0.75 25.35 -2.64
CA GLU A 94 -1.46 25.80 -3.85
C GLU A 94 -1.86 27.26 -3.65
N PHE A 95 -1.91 27.99 -4.75
CA PHE A 95 -2.21 29.41 -4.71
C PHE A 95 -3.37 29.80 -5.56
N THR A 96 -4.51 30.03 -4.92
CA THR A 96 -5.73 30.43 -5.61
C THR A 96 -5.45 31.71 -6.38
N GLY A 97 -6.03 31.82 -7.57
CA GLY A 97 -5.83 32.99 -8.41
C GLY A 97 -4.52 33.07 -9.16
N ALA A 98 -3.64 32.08 -8.99
CA ALA A 98 -2.34 32.07 -9.71
C ALA A 98 -2.26 30.87 -10.65
N GLN A 99 -1.44 30.98 -11.69
CA GLN A 99 -1.31 29.88 -12.65
C GLN A 99 -0.72 28.67 -11.92
N LEU A 100 -1.04 27.45 -12.36
CA LEU A 100 -0.62 26.25 -11.66
C LEU A 100 0.90 25.94 -11.61
N GLY A 101 1.70 26.68 -12.36
CA GLY A 101 3.15 26.54 -12.29
C GLY A 101 3.65 27.08 -10.95
N GLN A 102 2.80 27.79 -10.21
CA GLN A 102 3.17 28.31 -8.90
C GLN A 102 2.95 27.29 -7.79
N THR A 103 2.39 26.13 -8.12
CA THR A 103 2.11 25.06 -7.14
C THR A 103 3.37 24.41 -6.62
N VAL A 104 3.39 24.05 -5.33
CA VAL A 104 4.52 23.34 -4.75
C VAL A 104 4.03 21.99 -4.23
N HIS A 105 4.70 20.93 -4.65
CA HIS A 105 4.37 19.58 -4.22
C HIS A 105 5.05 19.25 -2.92
N ALA A 106 4.42 18.37 -2.12
CA ALA A 106 4.97 17.94 -0.84
C ALA A 106 6.42 17.53 -1.00
N GLU A 107 6.71 16.76 -2.03
CA GLU A 107 8.07 16.29 -2.29
C GLU A 107 9.06 17.44 -2.46
N GLN A 108 8.68 18.43 -3.28
CA GLN A 108 9.53 19.59 -3.50
C GLN A 108 9.70 20.37 -2.20
N CYS A 109 8.63 20.43 -1.42
CA CYS A 109 8.64 21.16 -0.17
C CYS A 109 9.59 20.49 0.82
N ALA A 110 9.50 19.16 0.97
CA ALA A 110 10.35 18.45 1.92
C ALA A 110 11.82 18.51 1.51
N ILE A 111 12.09 18.42 0.21
CA ILE A 111 13.46 18.49 -0.30
C ILE A 111 14.06 19.90 -0.13
N SER A 112 13.27 20.93 -0.43
CA SER A 112 13.78 22.31 -0.27
C SER A 112 14.03 22.59 1.19
N HIS A 113 13.24 21.96 2.06
CA HIS A 113 13.39 22.14 3.51
C HIS A 113 14.74 21.56 3.95
N ALA A 114 15.05 20.33 3.55
CA ALA A 114 16.34 19.73 3.86
C ALA A 114 17.52 20.58 3.29
N TRP A 115 17.36 21.04 2.05
CA TRP A 115 18.38 21.83 1.37
C TRP A 115 18.62 23.18 2.06
N MSE A 116 17.57 23.93 2.32
CA MSE A 116 17.76 25.24 2.96
C MSE A 116 18.36 25.10 4.36
O MSE A 116 19.01 26.04 4.84
CB MSE A 116 16.45 26.03 2.99
CG MSE A 116 15.92 26.36 1.61
SE MSE A 116 17.23 27.43 0.55
CE MSE A 116 17.38 28.95 1.77
N LYS A 117 18.13 23.95 5.00
CA LYS A 117 18.72 23.70 6.31
C LYS A 117 20.14 23.11 6.24
N GLY A 118 20.68 22.96 5.02
CA GLY A 118 22.09 22.50 4.85
C GLY A 118 22.40 21.05 4.48
N GLU A 119 21.39 20.21 4.23
CA GLU A 119 21.68 18.82 3.77
C GLU A 119 22.37 18.82 2.39
N LYS A 120 23.31 17.91 2.18
CA LYS A 120 24.03 17.80 0.90
C LYS A 120 23.36 16.74 0.02
N GLY A 121 22.27 16.13 0.50
CA GLY A 121 21.58 15.10 -0.27
C GLY A 121 20.44 14.45 0.49
N VAL A 122 19.66 13.67 -0.24
CA VAL A 122 18.52 12.94 0.31
C VAL A 122 18.80 11.46 0.33
N ALA A 123 18.59 10.80 1.48
CA ALA A 123 18.79 9.36 1.64
C ALA A 123 17.55 8.63 1.22
N ASP A 124 16.40 9.14 1.67
CA ASP A 124 15.12 8.58 1.30
C ASP A 124 13.99 9.57 1.54
N ILE A 125 12.86 9.28 0.93
CA ILE A 125 11.71 10.14 1.05
C ILE A 125 10.52 9.20 1.19
N THR A 126 9.67 9.49 2.16
CA THR A 126 8.47 8.72 2.43
C THR A 126 7.33 9.65 2.04
N ILE A 127 6.41 9.13 1.23
N ILE A 127 6.32 9.11 1.34
CA ILE A 127 5.34 9.96 0.67
CA ILE A 127 5.19 9.95 0.90
C ILE A 127 3.93 9.44 0.93
C ILE A 127 3.86 9.20 1.04
N ASN A 128 3.02 10.39 1.08
N ASN A 128 2.78 9.95 1.31
CA ASN A 128 1.62 10.14 1.36
CA ASN A 128 1.46 9.35 1.49
C ASN A 128 1.06 9.33 0.18
C ASN A 128 0.72 9.13 0.17
N PHE A 129 1.28 9.87 -1.03
N PHE A 129 1.37 9.49 -0.94
CA PHE A 129 0.83 9.24 -2.28
CA PHE A 129 0.83 9.27 -2.31
C PHE A 129 2.02 9.04 -3.24
C PHE A 129 2.01 9.07 -3.28
N SER A 130 1.87 8.14 -4.22
CA SER A 130 2.93 7.89 -5.22
C SER A 130 3.26 9.18 -5.94
N PRO A 131 4.57 9.46 -6.10
CA PRO A 131 4.99 10.73 -6.69
C PRO A 131 4.64 10.84 -8.16
N CYS A 132 4.12 12.02 -8.56
CA CYS A 132 3.78 12.30 -9.95
C CYS A 132 5.08 12.47 -10.75
N GLY A 133 4.96 12.55 -12.07
CA GLY A 133 6.13 12.67 -12.96
C GLY A 133 6.95 13.93 -12.75
N HIS A 134 6.25 15.01 -12.43
CA HIS A 134 6.89 16.29 -12.13
C HIS A 134 7.84 16.14 -10.93
N CYS A 135 7.37 15.46 -9.86
CA CYS A 135 8.22 15.23 -8.67
C CYS A 135 9.33 14.27 -8.95
N ARG A 136 9.04 13.23 -9.73
CA ARG A 136 10.08 12.27 -10.09
C ARG A 136 11.19 13.03 -10.80
N GLN A 137 10.82 13.88 -11.77
CA GLN A 137 11.79 14.62 -12.55
C GLN A 137 12.57 15.63 -11.70
N PHE A 138 11.89 16.23 -10.72
CA PHE A 138 12.54 17.16 -9.82
C PHE A 138 13.63 16.42 -9.04
N MSE A 139 13.25 15.26 -8.52
CA MSE A 139 14.18 14.45 -7.74
C MSE A 139 15.43 14.03 -8.51
O MSE A 139 16.47 13.79 -7.91
CB MSE A 139 13.47 13.24 -7.16
CG MSE A 139 12.53 13.61 -6.04
SE MSE A 139 11.68 12.05 -5.26
CE MSE A 139 10.46 11.55 -6.67
N ASN A 140 15.33 13.99 -9.84
CA ASN A 140 16.44 13.55 -10.69
C ASN A 140 17.52 14.65 -10.84
N GLU A 141 17.26 15.84 -10.32
CA GLU A 141 18.24 16.91 -10.37
C GLU A 141 19.23 16.78 -9.19
N LEU A 142 18.84 16.03 -8.16
CA LEU A 142 19.61 15.94 -6.93
C LEU A 142 20.93 15.20 -7.03
N THR A 143 21.85 15.61 -6.15
CA THR A 143 23.13 14.94 -6.01
C THR A 143 22.94 13.47 -5.75
N THR A 144 21.85 13.11 -5.07
CA THR A 144 21.59 11.71 -4.73
C THR A 144 20.49 11.05 -5.56
N ALA A 145 20.25 11.61 -6.75
CA ALA A 145 19.25 11.10 -7.69
C ALA A 145 19.36 9.58 -7.83
N SER A 146 20.58 9.10 -8.06
CA SER A 146 20.84 7.67 -8.31
C SER A 146 20.95 6.78 -7.06
N SER A 147 20.84 7.34 -5.86
CA SER A 147 20.95 6.53 -4.65
C SER A 147 19.76 6.64 -3.70
N LEU A 148 18.98 7.70 -3.80
CA LEU A 148 17.85 7.86 -2.85
C LEU A 148 16.80 6.79 -3.07
N LYS A 149 16.10 6.45 -1.97
CA LYS A 149 15.04 5.45 -1.97
C LYS A 149 13.70 6.14 -1.76
N ILE A 150 12.64 5.63 -2.41
CA ILE A 150 11.30 6.20 -2.29
C ILE A 150 10.40 5.17 -1.60
N GLN A 151 9.73 5.60 -0.54
CA GLN A 151 8.92 4.71 0.27
C GLN A 151 7.45 5.10 0.36
N LEU A 152 6.59 4.20 -0.10
CA LEU A 152 5.14 4.36 0.05
C LEU A 152 4.73 3.36 1.15
N PRO A 153 3.50 3.46 1.69
CA PRO A 153 3.02 2.58 2.78
C PRO A 153 3.08 1.04 2.56
N LYS A 154 3.75 0.33 3.49
CA LYS A 154 3.93 -1.15 3.42
C LYS A 154 4.51 -1.71 2.09
N ARG A 155 4.48 -0.90 1.01
CA ARG A 155 5.09 -1.26 -0.29
C ARG A 155 6.60 -1.30 -0.17
N ALA A 156 7.26 -2.03 -1.06
CA ALA A 156 8.72 -2.13 -1.03
C ALA A 156 9.30 -0.78 -1.38
N ALA A 157 10.42 -0.41 -0.76
CA ALA A 157 11.03 0.86 -1.11
C ALA A 157 11.62 0.71 -2.53
N LYS A 158 11.65 1.78 -3.29
CA LYS A 158 12.20 1.70 -4.63
C LYS A 158 13.13 2.85 -4.90
N THR A 159 14.04 2.67 -5.84
CA THR A 159 14.98 3.74 -6.21
C THR A 159 14.30 4.65 -7.24
N LEU A 160 14.81 5.86 -7.41
CA LEU A 160 14.23 6.80 -8.38
C LEU A 160 14.18 6.19 -9.76
N GLN A 161 15.25 5.53 -10.16
CA GLN A 161 15.31 4.88 -11.46
C GLN A 161 14.15 3.88 -11.68
N GLU A 162 13.73 3.21 -10.62
CA GLU A 162 12.60 2.29 -10.74
C GLU A 162 11.28 3.03 -10.97
N TYR A 163 11.19 4.25 -10.46
CA TYR A 163 10.02 5.10 -10.66
C TYR A 163 10.12 5.96 -11.94
N LEU A 164 11.34 6.18 -12.43
CA LEU A 164 11.56 7.01 -13.61
C LEU A 164 12.58 6.36 -14.55
N PRO A 165 12.17 5.25 -15.19
CA PRO A 165 13.08 4.51 -16.09
C PRO A 165 13.55 5.37 -17.26
N GLU A 166 14.77 5.09 -17.74
CA GLU A 166 15.39 5.84 -18.84
C GLU A 166 15.19 7.34 -18.66
N SER A 167 15.54 7.85 -17.49
CA SER A 167 15.30 9.25 -17.16
C SER A 167 16.09 10.28 -17.96
N PHE A 168 15.46 11.44 -18.13
CA PHE A 168 16.07 12.61 -18.75
C PHE A 168 16.58 13.35 -17.52
N GLY A 169 17.74 13.99 -17.62
CA GLY A 169 18.27 14.73 -16.48
C GLY A 169 19.34 15.72 -16.88
N PRO A 170 20.12 16.18 -15.90
CA PRO A 170 21.20 17.13 -16.18
C PRO A 170 22.18 16.60 -17.19
N ALA A 171 22.52 15.31 -17.10
CA ALA A 171 23.47 14.66 -18.03
C ALA A 171 23.11 14.91 -19.48
N ASP A 172 21.82 14.85 -19.79
CA ASP A 172 21.34 15.06 -21.15
C ASP A 172 21.65 16.49 -21.67
N LEU A 173 21.76 17.46 -20.77
CA LEU A 173 22.12 18.83 -21.15
C LEU A 173 23.63 19.07 -20.92
N GLY A 174 24.38 17.98 -20.84
CA GLY A 174 25.85 18.01 -20.65
C GLY A 174 26.30 18.57 -19.32
N ILE A 175 25.47 18.42 -18.29
CA ILE A 175 25.73 18.98 -16.96
C ILE A 175 25.61 17.95 -15.84
N ASP A 176 26.41 18.13 -14.80
CA ASP A 176 26.42 17.22 -13.66
C ASP A 176 25.17 17.44 -12.78
N SER A 177 24.68 16.39 -12.11
CA SER A 177 23.49 16.53 -11.21
C SER A 177 23.90 17.02 -9.83
N GLY A 178 23.91 18.34 -9.64
CA GLY A 178 24.34 18.91 -8.38
C GLY A 178 23.37 19.64 -7.47
N LEU A 179 22.04 19.50 -7.63
CA LEU A 179 21.14 20.18 -6.71
C LEU A 179 21.42 19.63 -5.32
N MSE A 180 21.78 20.54 -4.42
CA MSE A 180 22.15 20.28 -3.01
C MSE A 180 23.66 20.27 -2.79
O MSE A 180 24.10 20.29 -1.63
CB MSE A 180 21.47 19.03 -2.40
CG MSE A 180 19.96 19.17 -2.35
SE MSE A 180 19.00 17.71 -1.48
CE MSE A 180 19.43 18.06 0.39
N SER A 181 24.46 20.26 -3.86
CA SER A 181 25.90 20.34 -3.68
C SER A 181 26.19 21.72 -3.09
N PRO A 182 27.29 21.86 -2.34
CA PRO A 182 27.56 23.18 -1.78
C PRO A 182 28.01 24.16 -2.85
N VAL A 183 27.56 25.40 -2.75
CA VAL A 183 27.98 26.43 -3.67
C VAL A 183 27.96 27.81 -3.04
N ASN A 184 28.75 28.67 -3.67
CA ASN A 184 28.87 30.08 -3.33
C ASN A 184 29.16 30.81 -4.63
N HIS A 185 28.18 31.53 -5.15
CA HIS A 185 28.34 32.25 -6.41
C HIS A 185 29.18 33.51 -6.25
N GLY A 186 29.40 33.93 -5.00
CA GLY A 186 30.25 35.07 -4.69
C GLY A 186 29.65 36.43 -5.00
N LYS A 187 28.35 36.48 -5.22
CA LYS A 187 27.72 37.75 -5.52
C LYS A 187 27.78 38.66 -4.29
N THR A 188 27.93 39.94 -4.54
CA THR A 188 28.03 40.91 -3.45
C THR A 188 27.38 42.22 -3.85
N SER A 189 26.86 42.94 -2.86
CA SER A 189 26.20 44.20 -3.09
C SER A 189 26.34 45.10 -1.86
N ASP A 190 26.41 46.41 -2.09
CA ASP A 190 26.51 47.37 -0.99
C ASP A 190 25.13 47.95 -0.61
N ASP A 191 24.06 47.33 -1.12
CA ASP A 191 22.70 47.79 -0.86
C ASP A 191 22.44 47.84 0.65
N ASP A 192 21.87 48.95 1.12
CA ASP A 192 21.65 49.14 2.56
C ASP A 192 20.44 48.43 3.11
N GLU A 193 19.60 47.86 2.25
CA GLU A 193 18.39 47.19 2.71
C GLU A 193 18.70 45.77 3.21
N GLU A 194 18.45 45.56 4.50
CA GLU A 194 18.74 44.29 5.14
C GLU A 194 18.00 43.11 4.52
N LEU A 195 16.77 43.32 4.05
CA LEU A 195 16.03 42.23 3.44
C LEU A 195 16.64 41.82 2.09
N ILE A 196 17.27 42.77 1.39
CA ILE A 196 17.92 42.50 0.11
C ILE A 196 19.15 41.67 0.33
N GLN A 197 19.93 42.02 1.36
CA GLN A 197 21.15 41.30 1.74
C GLN A 197 20.83 39.87 2.17
N GLN A 198 19.67 39.66 2.80
CA GLN A 198 19.27 38.30 3.18
C GLN A 198 18.91 37.50 1.93
N ALA A 199 18.15 38.09 1.02
CA ALA A 199 17.79 37.38 -0.24
C ALA A 199 19.06 37.02 -1.01
N LEU A 200 20.05 37.90 -0.94
CA LEU A 200 21.33 37.71 -1.63
C LEU A 200 22.08 36.48 -1.09
N ARG A 201 21.95 36.20 0.20
CA ARG A 201 22.58 35.01 0.78
C ARG A 201 21.94 33.76 0.18
N ALA A 202 20.63 33.83 -0.06
CA ALA A 202 19.89 32.74 -0.67
C ALA A 202 20.33 32.63 -2.16
N MSE A 203 20.44 33.76 -2.84
CA MSE A 203 20.92 33.76 -4.24
C MSE A 203 22.26 33.07 -4.37
O MSE A 203 22.50 32.34 -5.33
CB MSE A 203 21.09 35.20 -4.77
CG MSE A 203 21.69 35.26 -6.17
SE MSE A 203 21.93 37.08 -6.83
CE MSE A 203 22.40 36.76 -8.68
N ASN A 204 23.13 33.31 -3.39
CA ASN A 204 24.47 32.74 -3.43
C ASN A 204 24.61 31.25 -3.30
N ILE A 205 23.55 30.56 -2.87
CA ILE A 205 23.60 29.11 -2.84
C ILE A 205 22.63 28.49 -3.87
N SER A 206 22.03 29.32 -4.72
CA SER A 206 21.06 28.84 -5.69
C SER A 206 21.65 27.96 -6.78
N HIS A 207 20.77 27.15 -7.37
CA HIS A 207 21.13 26.19 -8.42
C HIS A 207 20.43 26.63 -9.70
N SER A 208 21.21 27.06 -10.69
CA SER A 208 20.64 27.51 -11.94
C SER A 208 21.66 27.36 -13.08
N PRO A 209 22.02 26.12 -13.41
CA PRO A 209 22.99 25.93 -14.47
C PRO A 209 22.44 26.05 -15.90
N TYR A 210 21.13 26.21 -16.04
CA TYR A 210 20.53 26.27 -17.38
C TYR A 210 20.20 27.69 -17.79
N THR A 211 19.79 28.55 -16.85
CA THR A 211 19.52 29.94 -17.20
C THR A 211 20.50 30.92 -16.58
N GLN A 212 21.35 30.43 -15.67
CA GLN A 212 22.30 31.26 -14.93
C GLN A 212 21.57 32.38 -14.14
N ASN A 213 20.27 32.18 -13.87
CA ASN A 213 19.53 33.16 -13.07
C ASN A 213 19.62 32.77 -11.62
N PHE A 214 20.80 32.88 -11.05
CA PHE A 214 20.96 32.59 -9.64
C PHE A 214 20.04 33.64 -8.99
N SER A 215 19.31 33.23 -7.97
CA SER A 215 18.31 34.13 -7.36
C SER A 215 17.78 33.61 -6.05
N GLY A 216 17.23 34.53 -5.28
CA GLY A 216 16.72 34.24 -3.97
C GLY A 216 15.65 35.20 -3.52
N VAL A 217 14.89 34.75 -2.54
CA VAL A 217 13.85 35.54 -1.94
C VAL A 217 14.00 35.50 -0.43
N ALA A 218 13.71 36.63 0.20
CA ALA A 218 13.70 36.74 1.65
C ALA A 218 12.34 37.27 2.04
N LEU A 219 11.70 36.62 3.00
CA LEU A 219 10.38 37.07 3.49
C LEU A 219 10.52 37.51 4.92
N LYS A 220 10.05 38.72 5.25
CA LYS A 220 10.10 39.21 6.62
C LYS A 220 8.70 39.05 7.20
N MSE A 221 8.62 38.55 8.45
CA MSE A 221 7.33 38.32 9.10
C MSE A 221 7.01 39.35 10.17
O MSE A 221 7.87 40.07 10.64
CB MSE A 221 7.32 36.94 9.78
CG MSE A 221 7.78 35.79 8.91
SE MSE A 221 6.78 35.48 7.26
CE MSE A 221 5.03 35.02 8.05
N ARG A 222 5.75 39.35 10.57
CA ARG A 222 5.24 40.22 11.61
C ARG A 222 6.10 40.05 12.86
N SER A 223 6.43 38.79 13.16
CA SER A 223 7.26 38.44 14.32
C SER A 223 8.70 38.96 14.22
N GLY A 224 9.16 39.29 13.01
CA GLY A 224 10.53 39.78 12.82
C GLY A 224 11.41 38.71 12.18
N ALA A 225 10.95 37.45 12.23
CA ALA A 225 11.68 36.34 11.61
C ALA A 225 11.82 36.55 10.10
N ILE A 226 12.93 36.06 9.54
CA ILE A 226 13.20 36.17 8.10
C ILE A 226 13.40 34.75 7.53
N TYR A 227 12.72 34.44 6.44
CA TYR A 227 12.83 33.14 5.78
C TYR A 227 13.40 33.31 4.38
N LEU A 228 14.42 32.52 4.08
CA LEU A 228 15.11 32.56 2.80
C LEU A 228 14.69 31.42 1.90
N GLY A 229 14.71 31.69 0.60
CA GLY A 229 14.40 30.71 -0.40
C GLY A 229 15.34 30.87 -1.59
N ALA A 230 16.04 29.80 -1.93
CA ALA A 230 16.96 29.80 -3.06
C ALA A 230 16.28 29.12 -4.26
N TYR A 231 16.59 29.59 -5.46
CA TYR A 231 16.07 29.01 -6.70
C TYR A 231 16.66 27.62 -6.95
N ALA A 232 15.78 26.65 -7.20
CA ALA A 232 16.16 25.26 -7.51
C ALA A 232 15.67 24.93 -8.91
N GLU A 233 16.55 25.16 -9.89
CA GLU A 233 16.22 24.95 -11.29
C GLU A 233 16.33 23.47 -11.63
N ASN A 234 15.62 23.06 -12.68
CA ASN A 234 15.58 21.66 -13.13
C ASN A 234 15.89 21.54 -14.62
N ALA A 235 16.56 20.47 -15.02
CA ALA A 235 16.94 20.25 -16.41
C ALA A 235 15.76 20.20 -17.38
N ALA A 236 14.60 19.75 -16.91
CA ALA A 236 13.39 19.68 -17.75
C ALA A 236 12.64 21.02 -17.76
N PHE A 237 13.23 22.00 -17.09
CA PHE A 237 12.72 23.36 -17.04
C PHE A 237 11.45 23.56 -16.21
N ASN A 238 10.35 22.94 -16.60
CA ASN A 238 9.07 23.13 -15.86
C ASN A 238 9.10 22.69 -14.39
N PRO A 239 9.85 21.61 -14.05
CA PRO A 239 9.86 21.25 -12.63
C PRO A 239 10.68 22.18 -11.70
N SER A 240 11.29 23.24 -12.27
CA SER A 240 12.07 24.18 -11.47
C SER A 240 11.21 24.78 -10.38
N LEU A 241 11.82 24.97 -9.21
CA LEU A 241 11.14 25.54 -8.06
C LEU A 241 11.65 26.97 -7.87
N PRO A 242 10.82 27.96 -8.19
CA PRO A 242 11.25 29.36 -8.03
C PRO A 242 11.60 29.71 -6.58
N PRO A 243 12.43 30.73 -6.36
CA PRO A 243 12.86 31.13 -5.01
C PRO A 243 11.73 31.53 -4.07
N LEU A 244 10.71 32.21 -4.56
CA LEU A 244 9.57 32.59 -3.70
C LEU A 244 8.96 31.34 -3.08
N GLN A 245 8.59 30.39 -3.94
CA GLN A 245 8.03 29.14 -3.51
C GLN A 245 8.90 28.52 -2.44
N VAL A 246 10.22 28.60 -2.59
CA VAL A 246 11.08 28.00 -1.58
C VAL A 246 11.01 28.73 -0.23
N ALA A 247 10.96 30.06 -0.28
CA ALA A 247 10.89 30.89 0.95
C ALA A 247 9.56 30.61 1.63
N LEU A 248 8.47 30.65 0.86
CA LEU A 248 7.14 30.37 1.42
C LEU A 248 7.11 28.99 2.09
N ALA A 249 7.78 28.01 1.48
CA ALA A 249 7.83 26.68 2.04
C ALA A 249 8.52 26.67 3.41
N GLN A 250 9.62 27.41 3.56
CA GLN A 250 10.38 27.44 4.84
C GLN A 250 9.55 28.11 5.92
N ALA A 251 8.85 29.18 5.55
CA ALA A 251 7.98 29.90 6.47
C ALA A 251 6.87 28.98 6.93
N MSE A 252 6.25 28.30 5.97
CA MSE A 252 5.14 27.42 6.28
C MSE A 252 5.55 26.25 7.18
O MSE A 252 4.85 25.94 8.14
CB MSE A 252 4.54 26.85 4.99
CG MSE A 252 3.23 26.11 5.28
SE MSE A 252 2.34 25.40 3.73
CE MSE A 252 3.55 23.88 3.37
N MSE A 253 6.69 25.63 6.87
CA MSE A 253 7.18 24.51 7.65
C MSE A 253 7.66 24.94 9.03
O MSE A 253 7.74 24.13 9.94
CB MSE A 253 8.26 23.74 6.91
CG MSE A 253 7.75 23.08 5.60
SE MSE A 253 5.96 22.26 5.74
CE MSE A 253 6.32 20.93 7.15
N MSE A 254 7.97 26.22 9.19
CA MSE A 254 8.37 26.73 10.47
C MSE A 254 7.13 27.14 11.28
O MSE A 254 7.28 27.60 12.39
CB MSE A 254 9.35 27.89 10.34
CG MSE A 254 10.78 27.47 9.96
SE MSE A 254 11.66 26.31 11.30
CE MSE A 254 11.10 27.24 12.93
N GLY A 255 5.94 26.95 10.72
CA GLY A 255 4.67 27.24 11.41
C GLY A 255 4.07 28.62 11.19
N GLU A 256 4.59 29.37 10.24
CA GLU A 256 4.09 30.72 9.96
C GLU A 256 2.85 30.71 9.09
N SER A 257 2.05 31.75 9.24
CA SER A 257 0.87 31.99 8.42
C SER A 257 1.28 32.99 7.34
N PHE A 258 0.88 32.75 6.09
CA PHE A 258 1.19 33.68 5.01
C PHE A 258 0.54 35.08 5.22
N GLU A 259 -0.51 35.15 6.03
CA GLU A 259 -1.16 36.42 6.34
C GLU A 259 -0.21 37.28 7.17
N ASP A 260 0.82 36.66 7.75
CA ASP A 260 1.80 37.38 8.58
C ASP A 260 3.05 37.86 7.83
N ILE A 261 3.10 37.67 6.50
CA ILE A 261 4.25 38.18 5.74
C ILE A 261 4.11 39.71 5.63
N GLU A 262 5.12 40.47 6.09
CA GLU A 262 5.08 41.94 5.97
C GLU A 262 5.89 42.51 4.79
N ALA A 263 6.94 41.82 4.35
CA ALA A 263 7.73 42.30 3.21
C ALA A 263 8.46 41.15 2.54
N ALA A 264 8.74 41.32 1.25
CA ALA A 264 9.49 40.32 0.50
C ALA A 264 10.63 41.01 -0.26
N ALA A 265 11.70 40.27 -0.54
CA ALA A 265 12.78 40.81 -1.35
C ALA A 265 13.18 39.75 -2.37
N LEU A 266 13.39 40.16 -3.62
CA LEU A 266 13.82 39.26 -4.67
C LEU A 266 15.13 39.76 -5.20
N VAL A 267 16.14 38.89 -5.26
CA VAL A 267 17.39 39.27 -5.84
C VAL A 267 17.72 38.25 -6.91
N GLU A 268 18.08 38.72 -8.11
CA GLU A 268 18.43 37.79 -9.21
C GLU A 268 19.60 38.30 -10.05
N SER A 269 20.00 37.50 -11.03
N SER A 269 20.02 37.49 -11.01
CA SER A 269 21.14 37.81 -11.87
CA SER A 269 21.16 37.81 -11.88
C SER A 269 20.78 38.69 -13.06
C SER A 269 20.77 38.71 -13.03
N ALA A 270 21.56 39.75 -13.25
CA ALA A 270 21.34 40.68 -14.35
C ALA A 270 21.58 39.97 -15.69
N THR A 271 22.43 38.94 -15.69
CA THR A 271 22.72 38.18 -16.89
C THR A 271 21.97 36.85 -16.96
N GLY A 272 20.91 36.69 -16.14
CA GLY A 272 20.11 35.47 -16.18
C GLY A 272 19.24 35.42 -17.43
N LYS A 273 19.03 34.23 -18.01
CA LYS A 273 18.20 34.09 -19.22
C LYS A 273 16.70 34.15 -18.93
N ILE A 274 16.36 34.24 -17.65
CA ILE A 274 14.97 34.43 -17.24
C ILE A 274 14.92 35.39 -16.03
N SER A 275 13.70 35.77 -15.68
CA SER A 275 13.42 36.60 -14.52
C SER A 275 12.21 36.04 -13.79
N HIS A 276 12.30 36.06 -12.46
CA HIS A 276 11.20 35.62 -11.59
C HIS A 276 10.36 36.79 -11.11
N LEU A 277 10.70 38.01 -11.52
CA LEU A 277 10.00 39.21 -11.01
C LEU A 277 8.49 39.25 -11.23
N ALA A 278 8.07 38.98 -12.47
CA ALA A 278 6.65 39.05 -12.83
C ALA A 278 5.84 38.02 -12.04
N ASP A 279 6.35 36.79 -11.94
CA ASP A 279 5.67 35.74 -11.19
C ASP A 279 5.76 35.90 -9.67
N THR A 280 6.85 36.48 -9.18
CA THR A 280 6.96 36.75 -7.75
C THR A 280 5.93 37.83 -7.39
N GLN A 281 5.81 38.86 -8.24
CA GLN A 281 4.83 39.91 -7.97
C GLN A 281 3.41 39.36 -8.09
N ALA A 282 3.13 38.59 -9.12
CA ALA A 282 1.79 38.05 -9.32
C ALA A 282 1.35 37.13 -8.16
N THR A 283 2.24 36.27 -7.70
CA THR A 283 1.90 35.35 -6.64
C THR A 283 1.78 36.07 -5.30
N LEU A 284 2.64 37.05 -5.03
CA LEU A 284 2.50 37.81 -3.79
C LEU A 284 1.18 38.57 -3.83
N GLU A 285 0.73 38.99 -5.01
CA GLU A 285 -0.51 39.72 -5.05
C GLU A 285 -1.71 38.85 -4.67
N VAL A 286 -1.71 37.57 -5.05
CA VAL A 286 -2.85 36.70 -4.70
C VAL A 286 -2.80 36.35 -3.21
N ILE A 287 -1.62 36.37 -2.63
CA ILE A 287 -1.46 36.09 -1.20
C ILE A 287 -1.95 37.29 -0.39
N ASN A 288 -1.42 38.47 -0.72
CA ASN A 288 -1.80 39.70 -0.05
C ASN A 288 -1.27 40.86 -0.89
N PRO A 289 -2.19 41.63 -1.54
CA PRO A 289 -1.71 42.74 -2.37
C PRO A 289 -1.00 43.88 -1.61
N ASP A 290 -1.03 43.87 -0.28
CA ASP A 290 -0.36 44.91 0.52
C ASP A 290 1.11 44.62 0.80
N ILE A 291 1.58 43.41 0.52
CA ILE A 291 2.98 43.03 0.73
C ILE A 291 3.88 43.75 -0.27
N PRO A 292 4.81 44.60 0.20
CA PRO A 292 5.69 45.27 -0.75
C PRO A 292 6.86 44.35 -1.13
N LEU A 293 7.30 44.44 -2.38
CA LEU A 293 8.42 43.63 -2.89
C LEU A 293 9.63 44.49 -3.24
N SER A 294 10.73 44.32 -2.52
CA SER A 294 11.97 45.03 -2.87
C SER A 294 12.63 44.17 -3.93
N TYR A 295 13.38 44.81 -4.85
CA TYR A 295 13.99 44.10 -5.97
C TYR A 295 15.41 44.55 -6.36
N LEU A 296 16.26 43.59 -6.69
CA LEU A 296 17.62 43.89 -7.13
C LEU A 296 18.05 42.86 -8.18
N SER A 297 18.58 43.38 -9.28
CA SER A 297 19.13 42.58 -10.36
C SER A 297 20.63 42.83 -10.24
N LEU A 298 21.43 41.76 -10.15
CA LEU A 298 22.85 41.91 -9.86
C LEU A 298 23.78 41.01 -10.69
N ASN B 2 15.83 31.59 -43.14
CA ASN B 2 15.97 31.75 -41.66
C ASN B 2 16.41 30.46 -40.98
N ALA B 3 16.72 30.54 -39.68
CA ALA B 3 17.17 29.39 -38.91
C ALA B 3 16.25 28.18 -39.08
N MSE B 4 14.95 28.42 -39.05
CA MSE B 4 13.94 27.37 -39.18
C MSE B 4 14.01 26.75 -40.60
O MSE B 4 14.02 25.53 -40.75
CB MSE B 4 12.56 27.96 -38.87
CG MSE B 4 11.43 26.97 -38.48
SE MSE B 4 10.54 26.01 -39.93
CE MSE B 4 9.67 27.51 -40.84
N ARG B 5 14.07 27.60 -41.62
CA ARG B 5 14.15 27.14 -43.01
C ARG B 5 15.44 26.36 -43.26
N ASN B 6 16.52 26.82 -42.63
CA ASN B 6 17.81 26.18 -42.78
C ASN B 6 17.86 24.81 -42.15
N ARG B 7 17.22 24.66 -41.00
CA ARG B 7 17.20 23.36 -40.31
C ARG B 7 16.36 22.35 -41.08
N ILE B 8 15.23 22.81 -41.63
CA ILE B 8 14.40 21.94 -42.46
C ILE B 8 15.24 21.47 -43.66
N GLU B 9 15.90 22.41 -44.34
CA GLU B 9 16.73 22.06 -45.51
C GLU B 9 17.80 21.05 -45.13
N GLN B 10 18.46 21.29 -44.00
CA GLN B 10 19.47 20.37 -43.46
C GLN B 10 18.87 18.99 -43.19
N ALA B 11 17.67 18.95 -42.59
CA ALA B 11 16.98 17.69 -42.32
C ALA B 11 16.67 16.95 -43.62
N LEU B 12 16.17 17.68 -44.61
CA LEU B 12 15.82 17.08 -45.89
C LEU B 12 17.03 16.45 -46.58
N GLN B 13 18.17 17.15 -46.56
CA GLN B 13 19.39 16.64 -47.19
C GLN B 13 19.93 15.35 -46.57
N GLN B 14 19.48 15.01 -45.36
CA GLN B 14 19.88 13.78 -44.66
C GLN B 14 18.93 12.61 -44.86
N MSE B 15 17.82 12.84 -45.54
CA MSE B 15 16.86 11.78 -45.80
C MSE B 15 17.32 10.86 -46.92
O MSE B 15 17.88 11.33 -47.92
CB MSE B 15 15.50 12.37 -46.18
CG MSE B 15 14.88 13.22 -45.11
SE MSE B 15 14.41 12.24 -43.48
CE MSE B 15 13.77 13.79 -42.44
N PRO B 16 17.08 9.55 -46.78
CA PRO B 16 17.47 8.65 -47.86
C PRO B 16 16.80 9.03 -49.17
N ALA B 17 17.54 8.95 -50.26
CA ALA B 17 17.04 9.32 -51.58
C ALA B 17 15.73 8.62 -51.97
N SER B 18 15.44 7.49 -51.34
CA SER B 18 14.23 6.75 -51.67
C SER B 18 12.97 7.61 -51.50
N PHE B 19 12.87 8.36 -50.41
CA PHE B 19 11.68 9.17 -50.17
C PHE B 19 11.93 10.67 -49.97
N ALA B 20 13.19 11.10 -50.05
CA ALA B 20 13.50 12.53 -49.88
C ALA B 20 12.78 13.40 -50.92
N PRO B 21 12.77 13.00 -52.20
CA PRO B 21 12.09 13.82 -53.20
C PRO B 21 10.61 14.09 -52.89
N TYR B 22 9.86 13.06 -52.48
CA TYR B 22 8.44 13.28 -52.15
C TYR B 22 8.28 14.04 -50.85
N LEU B 23 9.11 13.73 -49.86
CA LEU B 23 9.06 14.44 -48.58
C LEU B 23 9.28 15.94 -48.79
N ARG B 24 10.22 16.24 -49.68
CA ARG B 24 10.59 17.62 -49.99
C ARG B 24 9.38 18.35 -50.51
N GLU B 25 8.73 17.67 -51.43
CA GLU B 25 7.56 18.17 -52.10
C GLU B 25 6.48 18.54 -51.08
N LEU B 26 6.29 17.72 -50.07
CA LEU B 26 5.27 17.99 -49.02
C LEU B 26 5.69 19.05 -48.01
N VAL B 27 6.91 18.92 -47.49
CA VAL B 27 7.43 19.83 -46.48
C VAL B 27 7.65 21.26 -47.00
N LEU B 28 7.97 21.38 -48.28
CA LEU B 28 8.23 22.70 -48.83
C LEU B 28 7.00 23.31 -49.50
N ALA B 29 5.85 22.62 -49.41
CA ALA B 29 4.62 23.17 -49.96
C ALA B 29 4.33 24.47 -49.21
N LYS B 30 3.81 25.46 -49.92
CA LYS B 30 3.51 26.76 -49.32
C LYS B 30 2.42 26.63 -48.25
N ASP B 31 1.62 25.57 -48.33
CA ASP B 31 0.56 25.34 -47.36
C ASP B 31 0.87 24.22 -46.34
N PHE B 32 2.12 23.76 -46.28
CA PHE B 32 2.50 22.72 -45.33
C PHE B 32 2.21 23.17 -43.92
N ASP B 33 1.45 22.36 -43.17
CA ASP B 33 1.03 22.74 -41.82
C ASP B 33 1.62 21.83 -40.72
N ALA B 34 2.81 21.29 -40.97
CA ALA B 34 3.47 20.41 -40.02
C ALA B 34 2.64 19.17 -39.70
N THR B 35 1.87 18.69 -40.68
CA THR B 35 1.13 17.45 -40.51
C THR B 35 1.22 16.64 -41.80
N PHE B 36 1.04 15.33 -41.68
CA PHE B 36 1.03 14.44 -42.83
C PHE B 36 -0.22 13.60 -42.77
N SER B 37 -1.00 13.57 -43.85
CA SER B 37 -2.23 12.78 -43.88
C SER B 37 -1.86 11.32 -43.82
N ALA B 38 -2.82 10.46 -43.48
CA ALA B 38 -2.58 9.01 -43.44
C ALA B 38 -2.09 8.54 -44.82
N GLU B 39 -2.69 9.08 -45.87
CA GLU B 39 -2.33 8.73 -47.26
C GLU B 39 -0.92 9.14 -47.63
N GLN B 40 -0.56 10.39 -47.33
CA GLN B 40 0.80 10.90 -47.59
C GLN B 40 1.82 10.07 -46.83
N TYR B 41 1.52 9.77 -45.57
CA TYR B 41 2.43 8.96 -44.78
C TYR B 41 2.58 7.57 -45.39
N GLN B 42 1.46 6.94 -45.77
CA GLN B 42 1.53 5.59 -46.38
C GLN B 42 2.39 5.56 -47.64
N GLN B 43 2.29 6.60 -48.45
CA GLN B 43 3.06 6.73 -49.68
C GLN B 43 4.57 6.86 -49.35
N LEU B 44 4.89 7.72 -48.38
CA LEU B 44 6.27 7.87 -47.92
C LEU B 44 6.79 6.53 -47.44
N LEU B 45 5.92 5.78 -46.76
CA LEU B 45 6.31 4.48 -46.23
C LEU B 45 6.64 3.50 -47.36
N THR B 46 5.84 3.54 -48.42
CA THR B 46 6.07 2.66 -49.57
C THR B 46 7.32 3.07 -50.36
N LEU B 47 7.56 4.37 -50.50
CA LEU B 47 8.76 4.86 -51.19
C LEU B 47 9.99 4.45 -50.40
N SER B 48 9.94 4.58 -49.07
CA SER B 48 11.08 4.29 -48.20
C SER B 48 11.42 2.79 -48.09
N GLY B 49 10.42 1.92 -48.17
CA GLY B 49 10.62 0.48 -48.01
C GLY B 49 10.97 0.12 -46.55
N LEU B 50 10.73 1.06 -45.65
CA LEU B 50 11.06 0.89 -44.24
C LEU B 50 9.86 0.39 -43.47
N GLU B 51 10.12 -0.04 -42.25
CA GLU B 51 9.04 -0.41 -41.36
C GLU B 51 8.55 0.89 -40.69
N ASP B 52 7.26 0.91 -40.38
CA ASP B 52 6.54 2.06 -39.81
C ASP B 52 7.29 2.86 -38.74
N ALA B 53 7.77 2.17 -37.72
CA ALA B 53 8.45 2.81 -36.60
C ALA B 53 9.75 3.50 -36.99
N ASP B 54 10.47 2.91 -37.93
CA ASP B 54 11.73 3.45 -38.38
C ASP B 54 11.58 4.68 -39.27
N LEU B 55 10.46 4.78 -40.00
CA LEU B 55 10.22 5.97 -40.81
C LEU B 55 9.87 7.15 -39.90
N ARG B 56 9.01 6.91 -38.92
CA ARG B 56 8.63 7.98 -37.97
C ARG B 56 9.88 8.58 -37.31
N VAL B 57 10.77 7.72 -36.84
CA VAL B 57 12.02 8.12 -36.24
C VAL B 57 12.86 8.91 -37.26
N ALA B 58 12.86 8.46 -38.50
CA ALA B 58 13.58 9.13 -39.58
C ALA B 58 13.04 10.56 -39.85
N LEU B 59 11.75 10.76 -39.60
CA LEU B 59 11.13 12.06 -39.84
C LEU B 59 11.33 13.04 -38.70
N LEU B 60 11.79 12.56 -37.55
CA LEU B 60 11.98 13.41 -36.36
C LEU B 60 12.70 14.74 -36.58
N PRO B 61 13.77 14.74 -37.40
CA PRO B 61 14.47 16.03 -37.62
C PRO B 61 13.63 17.10 -38.32
N ILE B 62 12.53 16.71 -38.99
CA ILE B 62 11.63 17.69 -39.58
C ILE B 62 10.91 18.43 -38.44
N ALA B 63 10.48 17.68 -37.44
CA ALA B 63 9.80 18.28 -36.28
C ALA B 63 10.79 19.14 -35.46
N ALA B 64 11.97 18.60 -35.19
CA ALA B 64 12.95 19.33 -34.38
C ALA B 64 13.36 20.64 -35.04
N ALA B 65 13.27 20.73 -36.36
CA ALA B 65 13.61 21.96 -37.06
C ALA B 65 12.75 23.16 -36.64
N TYR B 66 11.58 22.87 -36.07
CA TYR B 66 10.67 23.92 -35.61
C TYR B 66 10.98 24.41 -34.20
N SER B 67 11.92 23.76 -33.53
CA SER B 67 12.26 24.13 -32.17
C SER B 67 12.61 25.58 -32.02
N TYR B 68 12.08 26.20 -30.98
CA TYR B 68 12.39 27.58 -30.60
C TYR B 68 12.98 27.48 -29.19
N ALA B 69 14.31 27.39 -29.12
CA ALA B 69 15.04 27.18 -27.86
C ALA B 69 16.13 28.22 -27.56
N PRO B 70 15.74 29.49 -27.44
CA PRO B 70 16.73 30.52 -27.15
C PRO B 70 17.46 30.38 -25.79
N ILE B 71 16.92 29.59 -24.87
CA ILE B 71 17.59 29.41 -23.58
C ILE B 71 18.61 28.26 -23.64
N SER B 72 18.14 27.06 -23.98
CA SER B 72 18.99 25.87 -24.00
C SER B 72 19.69 25.54 -25.31
N GLU B 73 19.08 25.92 -26.44
CA GLU B 73 19.61 25.58 -27.78
C GLU B 73 19.66 24.05 -27.95
N PHE B 74 18.73 23.38 -27.28
CA PHE B 74 18.57 21.93 -27.29
C PHE B 74 17.26 21.73 -28.06
N TYR B 75 17.35 21.21 -29.28
CA TYR B 75 16.19 21.10 -30.16
C TYR B 75 15.50 19.74 -30.11
N VAL B 76 14.30 19.71 -29.55
CA VAL B 76 13.55 18.47 -29.42
C VAL B 76 12.36 18.48 -30.39
N GLY B 77 12.16 17.36 -31.08
CA GLY B 77 11.04 17.18 -31.99
C GLY B 77 10.19 15.98 -31.58
N ALA B 78 8.91 16.02 -31.92
CA ALA B 78 8.02 14.91 -31.60
C ALA B 78 7.00 14.76 -32.72
N ILE B 79 6.59 13.53 -32.94
CA ILE B 79 5.59 13.23 -33.93
C ILE B 79 4.50 12.40 -33.26
N VAL B 80 3.31 12.97 -33.19
CA VAL B 80 2.15 12.31 -32.66
C VAL B 80 1.26 11.79 -33.77
N ARG B 81 0.89 10.52 -33.71
CA ARG B 81 -0.05 9.99 -34.68
C ARG B 81 -1.42 9.98 -34.01
N GLY B 82 -2.36 10.76 -34.53
CA GLY B 82 -3.70 10.80 -33.94
C GLY B 82 -4.41 9.50 -34.26
N ILE B 83 -5.51 9.20 -33.59
CA ILE B 83 -6.19 7.94 -33.91
C ILE B 83 -6.80 7.95 -35.33
N SER B 84 -6.85 9.12 -35.98
CA SER B 84 -7.35 9.19 -37.35
C SER B 84 -6.29 8.65 -38.33
N GLY B 85 -5.02 8.68 -37.93
CA GLY B 85 -3.94 8.20 -38.79
C GLY B 85 -3.05 9.37 -39.19
N ARG B 86 -3.57 10.58 -39.05
CA ARG B 86 -2.83 11.79 -39.41
C ARG B 86 -1.68 12.00 -38.43
N LEU B 87 -0.55 12.48 -38.93
CA LEU B 87 0.60 12.71 -38.08
C LEU B 87 0.73 14.19 -37.82
N TYR B 88 1.03 14.55 -36.57
CA TYR B 88 1.19 15.95 -36.17
C TYR B 88 2.59 16.16 -35.56
N LEU B 89 3.33 17.14 -36.09
CA LEU B 89 4.67 17.46 -35.59
C LEU B 89 4.61 18.45 -34.42
N GLY B 90 5.68 18.48 -33.63
CA GLY B 90 5.77 19.42 -32.52
C GLY B 90 7.21 19.56 -32.12
N ALA B 91 7.52 20.65 -31.42
CA ALA B 91 8.87 20.91 -30.97
C ALA B 91 8.80 21.74 -29.69
N ASN B 92 9.90 21.81 -28.94
CA ASN B 92 9.93 22.60 -27.73
C ASN B 92 9.94 24.12 -27.98
N MSE B 93 9.54 24.87 -26.96
CA MSE B 93 9.39 26.28 -27.06
C MSE B 93 9.84 26.87 -25.72
O MSE B 93 9.37 26.44 -24.69
CB MSE B 93 7.91 26.53 -27.32
CG MSE B 93 7.57 27.78 -28.02
SE MSE B 93 5.69 27.61 -28.63
CE MSE B 93 4.84 27.63 -26.87
N GLU B 94 10.76 27.83 -25.77
CA GLU B 94 11.29 28.46 -24.56
C GLU B 94 11.17 29.98 -24.67
N PHE B 95 11.04 30.65 -23.54
CA PHE B 95 10.86 32.09 -23.56
C PHE B 95 11.85 32.80 -22.69
N THR B 96 12.76 33.53 -23.33
CA THR B 96 13.75 34.30 -22.63
C THR B 96 13.03 35.35 -21.79
N GLY B 97 13.50 35.56 -20.57
CA GLY B 97 12.94 36.56 -19.68
C GLY B 97 11.72 36.16 -18.87
N ALA B 98 11.23 34.93 -19.06
CA ALA B 98 10.04 34.43 -18.37
C ALA B 98 10.32 33.21 -17.51
N GLN B 99 9.53 33.03 -16.46
CA GLN B 99 9.73 31.91 -15.55
C GLN B 99 9.53 30.59 -16.34
N LEU B 100 10.26 29.53 -15.97
CA LEU B 100 10.27 28.28 -16.76
C LEU B 100 8.98 27.46 -16.83
N GLY B 101 7.97 27.81 -16.02
CA GLY B 101 6.68 27.17 -16.11
C GLY B 101 6.02 27.51 -17.45
N GLN B 102 6.55 28.50 -18.15
CA GLN B 102 6.02 28.90 -19.45
C GLN B 102 6.59 28.04 -20.60
N THR B 103 7.52 27.16 -20.29
CA THR B 103 8.14 26.32 -21.32
C THR B 103 7.14 25.31 -21.88
N VAL B 104 7.31 24.94 -23.13
CA VAL B 104 6.45 23.90 -23.75
C VAL B 104 7.37 22.81 -24.28
N HIS B 105 7.13 21.58 -23.89
CA HIS B 105 7.96 20.49 -24.37
C HIS B 105 7.46 20.04 -25.73
N ALA B 106 8.32 19.38 -26.51
CA ALA B 106 7.95 18.90 -27.84
C ALA B 106 6.72 18.01 -27.78
N GLU B 107 6.68 17.13 -26.79
CA GLU B 107 5.57 16.20 -26.61
C GLU B 107 4.27 16.96 -26.37
N GLN B 108 4.32 17.99 -25.55
CA GLN B 108 3.15 18.83 -25.28
C GLN B 108 2.70 19.55 -26.54
N CYS B 109 3.67 20.05 -27.31
CA CYS B 109 3.40 20.76 -28.54
C CYS B 109 2.73 19.87 -29.57
N ALA B 110 3.28 18.68 -29.80
CA ALA B 110 2.72 17.74 -30.79
C ALA B 110 1.32 17.27 -30.39
N ILE B 111 1.12 17.00 -29.09
CA ILE B 111 -0.18 16.55 -28.60
C ILE B 111 -1.22 17.66 -28.68
N SER B 112 -0.84 18.87 -28.29
CA SER B 112 -1.79 19.99 -28.33
C SER B 112 -2.16 20.29 -29.80
N HIS B 113 -1.21 20.04 -30.70
CA HIS B 113 -1.38 20.25 -32.13
C HIS B 113 -2.42 19.25 -32.64
N ALA B 114 -2.25 17.99 -32.26
CA ALA B 114 -3.22 16.97 -32.62
C ALA B 114 -4.61 17.31 -32.04
N TRP B 115 -4.65 17.75 -30.78
CA TRP B 115 -5.89 18.09 -30.08
C TRP B 115 -6.61 19.27 -30.70
N MSE B 116 -5.86 20.34 -30.99
CA MSE B 116 -6.47 21.53 -31.58
C MSE B 116 -6.98 21.29 -33.00
O MSE B 116 -7.89 21.97 -33.41
CB MSE B 116 -5.51 22.74 -31.55
CG MSE B 116 -5.18 23.26 -30.11
SE MSE B 116 -6.75 23.75 -29.01
CE MSE B 116 -7.57 25.11 -30.15
N LYS B 117 -6.43 20.31 -33.72
CA LYS B 117 -6.91 20.01 -35.06
C LYS B 117 -8.02 18.95 -35.07
N GLY B 118 -8.49 18.57 -33.88
CA GLY B 118 -9.65 17.68 -33.80
C GLY B 118 -9.51 16.26 -33.33
N GLU B 119 -8.30 15.77 -33.14
CA GLU B 119 -8.10 14.40 -32.71
C GLU B 119 -8.68 14.14 -31.33
N LYS B 120 -9.30 12.98 -31.15
CA LYS B 120 -9.92 12.58 -29.90
C LYS B 120 -9.08 11.54 -29.12
N GLY B 121 -7.85 11.34 -29.57
CA GLY B 121 -6.93 10.41 -28.92
C GLY B 121 -5.62 10.32 -29.66
N VAL B 122 -4.60 9.78 -28.98
CA VAL B 122 -3.28 9.59 -29.55
C VAL B 122 -3.02 8.09 -29.71
N ALA B 123 -2.61 7.67 -30.89
CA ALA B 123 -2.29 6.27 -31.15
C ALA B 123 -0.84 6.03 -30.75
N ASP B 124 0.05 6.92 -31.19
CA ASP B 124 1.44 6.80 -30.83
C ASP B 124 2.19 8.12 -30.91
N ILE B 125 3.27 8.21 -30.13
CA ILE B 125 4.12 9.39 -30.12
C ILE B 125 5.55 8.92 -30.34
N THR B 126 6.26 9.57 -31.27
CA THR B 126 7.64 9.22 -31.58
C THR B 126 8.55 10.37 -31.14
N ILE B 127 9.72 10.03 -30.59
N ILE B 127 9.71 10.04 -30.57
CA ILE B 127 10.64 11.05 -30.08
CA ILE B 127 10.58 11.07 -30.04
C ILE B 127 12.11 10.64 -30.08
C ILE B 127 12.09 10.87 -30.04
N ASN B 128 12.98 11.65 -30.21
N ASN B 128 12.77 12.00 -30.07
CA ASN B 128 14.42 11.45 -30.23
CA ASN B 128 14.21 12.06 -30.02
C ASN B 128 15.03 11.04 -28.88
C ASN B 128 14.73 11.27 -28.83
N PHE B 129 14.48 11.55 -27.77
N PHE B 129 14.51 11.81 -27.63
CA PHE B 129 14.96 11.21 -26.42
CA PHE B 129 14.99 11.21 -26.39
C PHE B 129 13.82 10.67 -25.56
C PHE B 129 13.83 10.66 -25.56
N SER B 130 14.14 10.07 -24.41
CA SER B 130 13.10 9.58 -23.50
C SER B 130 12.37 10.81 -22.96
N PRO B 131 11.05 10.74 -22.88
CA PRO B 131 10.32 11.89 -22.34
C PRO B 131 10.64 12.11 -20.86
N CYS B 132 10.77 13.36 -20.44
CA CYS B 132 11.05 13.63 -19.05
C CYS B 132 9.80 13.34 -18.23
N GLY B 133 9.89 13.43 -16.89
CA GLY B 133 8.74 13.15 -16.00
C GLY B 133 7.52 14.05 -16.21
N HIS B 134 7.79 15.31 -16.49
CA HIS B 134 6.75 16.30 -16.75
C HIS B 134 5.88 15.88 -17.95
N CYS B 135 6.52 15.45 -19.04
CA CYS B 135 5.77 14.99 -20.22
C CYS B 135 5.04 13.70 -19.92
N ARG B 136 5.69 12.78 -19.22
CA ARG B 136 5.01 11.53 -18.86
C ARG B 136 3.75 11.90 -18.09
N GLN B 137 3.84 12.88 -17.18
CA GLN B 137 2.66 13.26 -16.37
C GLN B 137 1.60 13.92 -17.22
N PHE B 138 2.02 14.70 -18.22
CA PHE B 138 1.07 15.33 -19.11
C PHE B 138 0.27 14.30 -19.89
N MSE B 139 0.95 13.27 -20.41
CA MSE B 139 0.31 12.24 -21.21
C MSE B 139 -0.66 11.39 -20.41
O MSE B 139 -1.64 10.87 -20.95
CB MSE B 139 1.36 11.33 -21.87
CG MSE B 139 2.17 12.01 -22.95
SE MSE B 139 3.48 10.81 -23.84
CE MSE B 139 4.88 10.68 -22.48
N ASN B 140 -0.41 11.27 -19.10
CA ASN B 140 -1.26 10.47 -18.24
C ASN B 140 -2.65 11.08 -18.06
N GLU B 141 -2.86 12.32 -18.56
CA GLU B 141 -4.17 12.98 -18.51
C GLU B 141 -5.07 12.63 -19.72
N LEU B 142 -4.47 12.05 -20.76
CA LEU B 142 -5.20 11.78 -22.01
C LEU B 142 -6.18 10.63 -21.98
N THR B 143 -7.17 10.72 -22.86
CA THR B 143 -8.17 9.69 -23.05
C THR B 143 -7.53 8.37 -23.48
N THR B 144 -6.35 8.46 -24.12
CA THR B 144 -5.65 7.26 -24.60
C THR B 144 -4.36 6.96 -23.82
N ALA B 145 -4.26 7.49 -22.60
CA ALA B 145 -3.08 7.26 -21.75
C ALA B 145 -2.71 5.79 -21.63
N SER B 146 -3.73 4.93 -21.52
CA SER B 146 -3.51 3.51 -21.32
C SER B 146 -3.28 2.71 -22.59
N SER B 147 -3.61 3.29 -23.75
CA SER B 147 -3.45 2.58 -25.02
C SER B 147 -2.35 3.13 -25.95
N LEU B 148 -1.85 4.35 -25.70
CA LEU B 148 -0.84 4.93 -26.59
C LEU B 148 0.51 4.22 -26.46
N LYS B 149 1.30 4.33 -27.51
CA LYS B 149 2.63 3.73 -27.56
C LYS B 149 3.64 4.84 -27.70
N ILE B 150 4.83 4.65 -27.13
CA ILE B 150 5.91 5.63 -27.12
C ILE B 150 7.08 5.00 -27.82
N GLN B 151 7.45 5.59 -28.97
CA GLN B 151 8.48 5.05 -29.79
C GLN B 151 9.76 5.86 -29.80
N LEU B 152 10.88 5.19 -29.48
CA LEU B 152 12.22 5.77 -29.52
C LEU B 152 13.04 5.05 -30.59
N PRO B 153 14.19 5.63 -30.98
CA PRO B 153 15.00 5.04 -32.04
C PRO B 153 15.56 3.62 -31.77
N LYS B 154 15.19 2.68 -32.64
CA LYS B 154 15.69 1.29 -32.61
C LYS B 154 15.20 0.48 -31.41
N ARG B 155 14.39 1.10 -30.55
CA ARG B 155 13.82 0.44 -29.39
C ARG B 155 12.43 -0.02 -29.71
N ALA B 156 11.93 -0.97 -28.92
CA ALA B 156 10.59 -1.47 -29.12
C ALA B 156 9.65 -0.38 -28.59
N ALA B 157 8.42 -0.39 -29.07
CA ALA B 157 7.44 0.58 -28.62
C ALA B 157 7.12 0.25 -27.16
N LYS B 158 6.81 1.26 -26.35
CA LYS B 158 6.48 1.07 -24.95
C LYS B 158 5.20 1.80 -24.59
N THR B 159 4.55 1.32 -23.53
CA THR B 159 3.33 1.94 -23.05
C THR B 159 3.71 3.03 -22.06
N LEU B 160 2.78 3.92 -21.77
CA LEU B 160 3.02 4.98 -20.81
C LEU B 160 3.30 4.36 -19.43
N GLN B 161 2.61 3.25 -19.11
CA GLN B 161 2.79 2.56 -17.82
C GLN B 161 4.23 2.12 -17.60
N GLU B 162 4.91 1.75 -18.67
CA GLU B 162 6.32 1.32 -18.56
C GLU B 162 7.19 2.53 -18.23
N TYR B 163 6.90 3.67 -18.81
CA TYR B 163 7.64 4.88 -18.51
C TYR B 163 7.21 5.55 -17.22
N LEU B 164 6.00 5.29 -16.76
CA LEU B 164 5.47 5.93 -15.56
C LEU B 164 4.75 4.92 -14.68
N PRO B 165 5.52 4.08 -13.98
CA PRO B 165 4.92 3.06 -13.10
C PRO B 165 4.20 3.66 -11.90
N GLU B 166 3.15 2.96 -11.42
CA GLU B 166 2.32 3.43 -10.30
C GLU B 166 2.11 4.90 -10.43
N SER B 167 1.45 5.29 -11.50
CA SER B 167 1.26 6.68 -11.78
C SER B 167 0.26 7.39 -10.91
N PHE B 168 0.46 8.69 -10.81
CA PHE B 168 -0.46 9.58 -10.18
C PHE B 168 -1.15 10.19 -11.38
N GLY B 169 -2.44 10.44 -11.26
CA GLY B 169 -3.17 11.02 -12.38
C GLY B 169 -4.58 11.39 -11.99
N PRO B 170 -5.44 11.63 -13.00
CA PRO B 170 -6.84 11.98 -12.71
C PRO B 170 -7.56 11.06 -11.71
N ALA B 171 -7.30 9.76 -11.74
CA ALA B 171 -8.00 8.82 -10.85
C ALA B 171 -7.80 9.13 -9.37
N ASP B 172 -6.62 9.58 -9.03
CA ASP B 172 -6.27 9.89 -7.63
C ASP B 172 -7.06 11.08 -7.10
N LEU B 173 -7.59 11.89 -8.01
CA LEU B 173 -8.44 13.04 -7.65
C LEU B 173 -9.94 12.73 -7.90
N GLY B 174 -10.24 11.46 -8.14
CA GLY B 174 -11.63 10.99 -8.34
C GLY B 174 -12.23 11.33 -9.69
N ILE B 175 -11.38 11.57 -10.66
CA ILE B 175 -11.80 11.99 -12.00
C ILE B 175 -11.32 11.08 -13.12
N ASP B 176 -12.14 11.01 -14.17
CA ASP B 176 -11.85 10.25 -15.39
C ASP B 176 -10.74 10.98 -16.15
N SER B 177 -9.95 10.24 -16.94
CA SER B 177 -8.91 10.85 -17.75
C SER B 177 -9.53 11.22 -19.09
N GLY B 178 -9.90 12.47 -19.26
CA GLY B 178 -10.59 12.89 -20.50
C GLY B 178 -10.02 13.97 -21.38
N LEU B 179 -8.73 14.28 -21.28
CA LEU B 179 -8.15 15.32 -22.17
C LEU B 179 -8.16 14.78 -23.60
N MSE B 180 -8.81 15.54 -24.49
CA MSE B 180 -9.01 15.24 -25.93
C MSE B 180 -10.38 14.65 -26.25
O MSE B 180 -10.70 14.45 -27.43
CB MSE B 180 -7.89 14.37 -26.54
CG MSE B 180 -6.54 15.05 -26.47
SE MSE B 180 -5.20 14.05 -27.41
CE MSE B 180 -5.82 14.32 -29.28
N SER B 181 -11.17 14.38 -25.23
CA SER B 181 -12.54 13.92 -25.43
C SER B 181 -13.30 15.12 -25.97
N PRO B 182 -14.43 14.90 -26.66
CA PRO B 182 -15.19 16.04 -27.20
C PRO B 182 -15.84 16.87 -26.09
N VAL B 183 -15.64 18.17 -26.16
CA VAL B 183 -16.11 19.11 -25.17
C VAL B 183 -16.76 20.35 -25.79
N ASN B 184 -17.85 20.80 -25.19
CA ASN B 184 -18.52 22.03 -25.56
C ASN B 184 -19.16 22.57 -24.30
N HIS B 185 -18.52 23.58 -23.70
CA HIS B 185 -19.04 24.16 -22.47
C HIS B 185 -20.27 25.02 -22.72
N GLY B 186 -20.52 25.37 -23.99
CA GLY B 186 -21.67 26.18 -24.39
C GLY B 186 -21.74 27.61 -23.86
N LYS B 187 -20.59 28.22 -23.55
CA LYS B 187 -20.59 29.59 -23.05
C LYS B 187 -20.74 30.57 -24.21
N THR B 188 -21.44 31.67 -23.97
CA THR B 188 -21.62 32.69 -25.00
C THR B 188 -21.36 34.07 -24.43
N SER B 189 -21.26 35.03 -25.32
CA SER B 189 -21.02 36.41 -24.95
C SER B 189 -21.41 37.27 -26.12
N ASP B 190 -22.00 38.43 -25.82
CA ASP B 190 -22.36 39.36 -26.89
C ASP B 190 -21.25 40.42 -27.08
N ASP B 191 -20.04 40.10 -26.61
CA ASP B 191 -18.89 40.99 -26.75
C ASP B 191 -18.67 41.25 -28.25
N ASP B 192 -18.62 42.51 -28.65
CA ASP B 192 -18.48 42.88 -30.08
C ASP B 192 -17.07 42.72 -30.65
N GLU B 193 -16.10 42.38 -29.82
CA GLU B 193 -14.73 42.18 -30.29
C GLU B 193 -14.57 40.75 -30.84
N GLU B 194 -14.25 40.64 -32.12
CA GLU B 194 -14.14 39.33 -32.78
C GLU B 194 -13.03 38.43 -32.24
N LEU B 195 -11.92 39.04 -31.81
CA LEU B 195 -10.81 38.27 -31.28
C LEU B 195 -11.25 37.61 -29.95
N ILE B 196 -12.09 38.29 -29.17
CA ILE B 196 -12.62 37.68 -27.95
C ILE B 196 -13.52 36.50 -28.32
N GLN B 197 -14.36 36.68 -29.33
CA GLN B 197 -15.23 35.61 -29.82
C GLN B 197 -14.43 34.36 -30.24
N GLN B 198 -13.25 34.58 -30.81
CA GLN B 198 -12.38 33.49 -31.25
C GLN B 198 -11.72 32.82 -30.04
N ALA B 199 -11.27 33.60 -29.08
CA ALA B 199 -10.70 33.06 -27.86
C ALA B 199 -11.78 32.21 -27.14
N LEU B 200 -13.03 32.69 -27.15
CA LEU B 200 -14.14 31.97 -26.52
C LEU B 200 -14.44 30.63 -27.20
N ARG B 201 -14.23 30.56 -28.51
CA ARG B 201 -14.38 29.31 -29.23
C ARG B 201 -13.39 28.29 -28.61
N ALA B 202 -12.16 28.70 -28.34
CA ALA B 202 -11.17 27.81 -27.72
C ALA B 202 -11.55 27.50 -26.28
N MSE B 203 -12.01 28.51 -25.55
CA MSE B 203 -12.39 28.28 -24.17
C MSE B 203 -13.49 27.23 -24.08
O MSE B 203 -13.47 26.37 -23.20
CB MSE B 203 -12.78 29.57 -23.49
CG MSE B 203 -13.13 29.35 -22.05
SE MSE B 203 -15.02 29.23 -21.75
CE MSE B 203 -15.17 31.12 -21.30
N ASN B 204 -14.42 27.26 -25.02
CA ASN B 204 -15.52 26.32 -25.04
C ASN B 204 -15.14 24.85 -25.23
N ILE B 205 -13.89 24.57 -25.61
CA ILE B 205 -13.45 23.17 -25.69
C ILE B 205 -12.34 22.90 -24.65
N SER B 206 -12.10 23.83 -23.72
CA SER B 206 -10.98 23.66 -22.79
C SER B 206 -11.17 22.58 -21.74
N HIS B 207 -10.04 22.09 -21.21
CA HIS B 207 -10.00 21.04 -20.19
C HIS B 207 -9.50 21.65 -18.86
N SER B 208 -10.41 21.75 -17.87
CA SER B 208 -10.04 22.31 -16.57
C SER B 208 -10.91 21.73 -15.45
N PRO B 209 -10.78 20.43 -15.19
CA PRO B 209 -11.60 19.86 -14.15
C PRO B 209 -11.15 20.13 -12.73
N TYR B 210 -9.95 20.68 -12.52
CA TYR B 210 -9.46 20.86 -11.16
C TYR B 210 -9.64 22.28 -10.61
N THR B 211 -9.55 23.28 -11.48
CA THR B 211 -9.75 24.67 -11.09
C THR B 211 -11.04 25.26 -11.68
N GLN B 212 -11.66 24.55 -12.61
CA GLN B 212 -12.82 25.02 -13.37
C GLN B 212 -12.54 26.34 -14.14
N ASN B 213 -11.27 26.61 -14.46
CA ASN B 213 -10.95 27.84 -15.21
C ASN B 213 -10.90 27.54 -16.69
N PHE B 214 -12.06 27.21 -17.24
CA PHE B 214 -12.18 26.93 -18.64
C PHE B 214 -11.67 28.22 -19.29
N SER B 215 -10.74 28.09 -20.22
CA SER B 215 -10.12 29.25 -20.80
C SER B 215 -9.51 29.03 -22.17
N GLY B 216 -9.39 30.13 -22.91
CA GLY B 216 -8.84 30.07 -24.23
C GLY B 216 -8.19 31.38 -24.62
N VAL B 217 -7.27 31.28 -25.57
CA VAL B 217 -6.58 32.44 -26.12
C VAL B 217 -6.65 32.40 -27.63
N ALA B 218 -6.75 33.58 -28.22
CA ALA B 218 -6.74 33.74 -29.68
C ALA B 218 -5.61 34.71 -30.00
N LEU B 219 -4.78 34.38 -30.99
CA LEU B 219 -3.67 35.24 -31.41
C LEU B 219 -3.94 35.64 -32.84
N LYS B 220 -3.75 36.91 -33.15
CA LYS B 220 -3.96 37.42 -34.50
C LYS B 220 -2.63 37.95 -35.03
N MSE B 221 -2.21 37.40 -36.16
CA MSE B 221 -0.95 37.81 -36.80
C MSE B 221 -1.12 39.10 -37.62
O MSE B 221 -2.26 39.50 -37.93
CB MSE B 221 -0.48 36.71 -37.75
CG MSE B 221 -0.41 35.32 -37.14
SE MSE B 221 0.77 35.19 -35.60
CE MSE B 221 2.47 35.58 -36.48
N ARG B 222 -0.01 39.73 -37.99
CA ARG B 222 -0.07 40.93 -38.83
C ARG B 222 -0.73 40.60 -40.17
N SER B 223 -0.52 39.38 -40.67
CA SER B 223 -1.14 38.88 -41.91
C SER B 223 -2.66 38.77 -41.77
N GLY B 224 -3.12 38.54 -40.55
CA GLY B 224 -4.55 38.36 -40.29
C GLY B 224 -4.88 36.93 -39.91
N ALA B 225 -3.89 36.03 -40.00
CA ALA B 225 -4.10 34.64 -39.62
C ALA B 225 -4.44 34.60 -38.14
N ILE B 226 -5.35 33.71 -37.78
CA ILE B 226 -5.80 33.56 -36.41
C ILE B 226 -5.39 32.19 -35.87
N TYR B 227 -4.82 32.16 -34.65
CA TYR B 227 -4.43 30.89 -33.97
C TYR B 227 -5.12 30.79 -32.59
N LEU B 228 -5.73 29.64 -32.35
CA LEU B 228 -6.46 29.40 -31.11
C LEU B 228 -5.77 28.38 -30.19
N GLY B 229 -5.90 28.61 -28.89
CA GLY B 229 -5.32 27.73 -27.90
C GLY B 229 -6.29 27.55 -26.75
N ALA B 230 -6.58 26.30 -26.40
CA ALA B 230 -7.45 25.98 -25.29
C ALA B 230 -6.63 25.50 -24.11
N TYR B 231 -7.08 25.80 -22.90
CA TYR B 231 -6.37 25.37 -21.69
C TYR B 231 -6.40 23.87 -21.52
N ALA B 232 -5.25 23.28 -21.25
CA ALA B 232 -5.15 21.85 -21.03
C ALA B 232 -4.59 21.61 -19.63
N GLU B 233 -5.48 21.58 -18.64
CA GLU B 233 -5.10 21.40 -17.24
C GLU B 233 -4.69 19.94 -16.94
N ASN B 234 -3.83 19.76 -15.93
CA ASN B 234 -3.31 18.45 -15.53
C ASN B 234 -3.52 18.18 -14.03
N ALA B 235 -3.79 16.94 -13.68
CA ALA B 235 -4.05 16.57 -12.27
C ALA B 235 -2.85 16.85 -11.35
N ALA B 236 -1.64 16.81 -11.90
CA ALA B 236 -0.44 17.10 -11.12
C ALA B 236 -0.21 18.61 -11.00
N PHE B 237 -1.09 19.39 -11.63
CA PHE B 237 -1.07 20.86 -11.58
C PHE B 237 0.05 21.53 -12.40
N ASN B 238 1.30 21.38 -12.01
CA ASN B 238 2.39 22.03 -12.76
C ASN B 238 2.46 21.67 -14.25
N PRO B 239 2.20 20.40 -14.62
CA PRO B 239 2.23 20.07 -16.03
C PRO B 239 1.06 20.62 -16.86
N SER B 240 0.18 21.42 -16.25
CA SER B 240 -0.92 22.02 -16.99
C SER B 240 -0.34 22.93 -18.08
N LEU B 241 -0.93 22.88 -19.26
CA LEU B 241 -0.47 23.69 -20.41
C LEU B 241 -1.40 24.88 -20.57
N PRO B 242 -0.90 26.09 -20.28
CA PRO B 242 -1.76 27.26 -20.37
C PRO B 242 -2.23 27.59 -21.79
N PRO B 243 -3.34 28.33 -21.90
CA PRO B 243 -3.91 28.57 -23.23
C PRO B 243 -3.03 29.39 -24.20
N LEU B 244 -2.28 30.36 -23.68
CA LEU B 244 -1.36 31.13 -24.53
C LEU B 244 -0.37 30.15 -25.16
N GLN B 245 0.19 29.29 -24.31
CA GLN B 245 1.14 28.29 -24.75
C GLN B 245 0.59 27.46 -25.89
N VAL B 246 -0.66 27.02 -25.77
CA VAL B 246 -1.26 26.21 -26.80
C VAL B 246 -1.41 26.96 -28.13
N ALA B 247 -1.84 28.22 -28.08
CA ALA B 247 -2.03 29.02 -29.28
C ALA B 247 -0.71 29.34 -29.94
N LEU B 248 0.32 29.61 -29.13
CA LEU B 248 1.66 29.86 -29.67
C LEU B 248 2.19 28.60 -30.35
N ALA B 249 1.83 27.43 -29.83
CA ALA B 249 2.27 26.17 -30.42
C ALA B 249 1.65 26.02 -31.80
N GLN B 250 0.36 26.34 -31.92
CA GLN B 250 -0.32 26.26 -33.20
C GLN B 250 0.31 27.25 -34.17
N ALA B 251 0.61 28.46 -33.70
CA ALA B 251 1.25 29.47 -34.57
C ALA B 251 2.60 28.96 -35.06
N MSE B 252 3.38 28.43 -34.12
CA MSE B 252 4.73 27.97 -34.41
C MSE B 252 4.74 26.84 -35.43
O MSE B 252 5.53 26.87 -36.37
CB MSE B 252 5.44 27.55 -33.13
CG MSE B 252 6.94 27.40 -33.33
SE MSE B 252 7.86 26.75 -31.72
CE MSE B 252 7.10 24.95 -31.63
N MSE B 253 3.87 25.85 -35.27
CA MSE B 253 3.85 24.72 -36.20
C MSE B 253 3.34 25.11 -37.61
O MSE B 253 3.58 24.35 -38.57
CB MSE B 253 3.07 23.53 -35.62
CG MSE B 253 3.66 23.06 -34.27
SE MSE B 253 5.61 22.90 -34.28
CE MSE B 253 5.77 21.60 -35.75
N MSE B 254 2.71 26.28 -37.73
CA MSE B 254 2.29 26.77 -39.04
C MSE B 254 3.43 27.59 -39.66
O MSE B 254 3.36 28.02 -40.81
CB MSE B 254 1.01 27.63 -38.92
CG MSE B 254 0.42 27.97 -40.27
SE MSE B 254 -0.27 26.36 -41.13
CE MSE B 254 0.28 26.80 -42.93
N GLY B 255 4.51 27.80 -38.91
CA GLY B 255 5.67 28.52 -39.41
C GLY B 255 5.65 30.01 -39.14
N GLU B 256 4.82 30.46 -38.22
CA GLU B 256 4.78 31.87 -37.92
C GLU B 256 5.95 32.26 -37.02
N SER B 257 6.30 33.54 -37.08
CA SER B 257 7.31 34.11 -36.20
C SER B 257 6.54 34.89 -35.17
N PHE B 258 6.87 34.71 -33.90
CA PHE B 258 6.19 35.45 -32.83
C PHE B 258 6.40 36.96 -32.96
N GLU B 259 7.42 37.41 -33.70
CA GLU B 259 7.59 38.84 -33.94
C GLU B 259 6.40 39.39 -34.78
N ASP B 260 5.72 38.51 -35.51
CA ASP B 260 4.61 38.94 -36.37
C ASP B 260 3.23 38.88 -35.69
N ILE B 261 3.17 38.68 -34.37
CA ILE B 261 1.89 38.67 -33.66
C ILE B 261 1.44 40.10 -33.43
N GLU B 262 0.22 40.40 -33.84
CA GLU B 262 -0.34 41.76 -33.76
C GLU B 262 -1.22 42.02 -32.52
N ALA B 263 -2.02 41.03 -32.12
CA ALA B 263 -2.90 41.20 -30.98
C ALA B 263 -3.20 39.84 -30.35
N ALA B 264 -3.63 39.87 -29.09
CA ALA B 264 -3.97 38.68 -28.35
C ALA B 264 -5.27 38.90 -27.59
N ALA B 265 -5.98 37.80 -27.31
CA ALA B 265 -7.21 37.86 -26.51
C ALA B 265 -7.23 36.65 -25.59
N LEU B 266 -7.58 36.89 -24.32
CA LEU B 266 -7.70 35.84 -23.30
C LEU B 266 -9.11 35.83 -22.75
N VAL B 267 -9.74 34.66 -22.75
CA VAL B 267 -11.08 34.53 -22.20
C VAL B 267 -11.05 33.42 -21.18
N GLU B 268 -11.52 33.72 -19.97
CA GLU B 268 -11.53 32.72 -18.92
C GLU B 268 -12.80 32.81 -18.08
N SER B 269 -12.97 31.89 -17.13
CA SER B 269 -14.19 31.85 -16.32
C SER B 269 -14.09 32.66 -15.04
N ALA B 270 -15.18 33.37 -14.75
CA ALA B 270 -15.31 34.20 -13.57
C ALA B 270 -15.30 33.39 -12.27
N THR B 271 -15.59 32.08 -12.36
CA THR B 271 -15.62 31.20 -11.20
C THR B 271 -14.41 30.27 -11.13
N GLY B 272 -13.38 30.55 -11.94
CA GLY B 272 -12.17 29.76 -11.94
C GLY B 272 -11.39 29.98 -10.65
N LYS B 273 -10.74 28.93 -10.17
CA LYS B 273 -9.93 28.97 -8.95
C LYS B 273 -8.54 29.52 -9.19
N ILE B 274 -8.20 29.73 -10.46
CA ILE B 274 -6.95 30.38 -10.86
C ILE B 274 -7.28 31.36 -11.97
N SER B 275 -6.28 32.12 -12.39
CA SER B 275 -6.38 33.07 -13.51
C SER B 275 -5.11 33.02 -14.32
N HIS B 276 -5.25 33.11 -15.65
CA HIS B 276 -4.11 33.11 -16.56
C HIS B 276 -3.69 34.53 -16.96
N LEU B 277 -4.39 35.54 -16.45
CA LEU B 277 -4.11 36.93 -16.88
C LEU B 277 -2.66 37.36 -16.67
N ALA B 278 -2.22 37.37 -15.42
CA ALA B 278 -0.88 37.79 -15.03
C ALA B 278 0.21 37.14 -15.89
N ASP B 279 0.12 35.82 -16.07
CA ASP B 279 1.11 35.11 -16.87
C ASP B 279 0.98 35.32 -18.37
N THR B 280 -0.23 35.60 -18.83
CA THR B 280 -0.42 35.82 -20.24
C THR B 280 0.19 37.17 -20.58
N GLN B 281 -0.06 38.19 -19.76
N GLN B 281 -0.06 38.17 -19.74
CA GLN B 281 0.51 39.51 -20.01
CA GLN B 281 0.47 39.50 -19.94
C GLN B 281 2.03 39.47 -19.87
C GLN B 281 2.00 39.49 -19.85
N ALA B 282 2.53 38.75 -18.87
CA ALA B 282 3.98 38.69 -18.64
C ALA B 282 4.75 37.98 -19.77
N THR B 283 4.19 36.89 -20.30
CA THR B 283 4.83 36.18 -21.40
C THR B 283 4.71 36.97 -22.70
N LEU B 284 3.53 37.49 -23.01
CA LEU B 284 3.40 38.32 -24.22
C LEU B 284 4.38 39.49 -24.12
N GLU B 285 4.58 40.01 -22.92
CA GLU B 285 5.51 41.13 -22.73
C GLU B 285 6.95 40.78 -23.09
N VAL B 286 7.41 39.57 -22.77
CA VAL B 286 8.78 39.21 -23.16
C VAL B 286 8.82 38.89 -24.66
N ILE B 287 7.69 38.54 -25.27
CA ILE B 287 7.62 38.30 -26.71
C ILE B 287 7.71 39.65 -27.42
N ASN B 288 6.79 40.56 -27.07
CA ASN B 288 6.73 41.91 -27.65
C ASN B 288 5.81 42.77 -26.79
N PRO B 289 6.38 43.74 -26.05
CA PRO B 289 5.54 44.58 -25.20
C PRO B 289 4.45 45.36 -25.94
N ASP B 290 4.56 45.49 -27.26
CA ASP B 290 3.56 46.21 -28.07
C ASP B 290 2.31 45.39 -28.35
N ILE B 291 2.32 44.08 -28.08
CA ILE B 291 1.15 43.26 -28.37
C ILE B 291 0.06 43.54 -27.36
N PRO B 292 -1.11 44.04 -27.81
CA PRO B 292 -2.18 44.26 -26.85
C PRO B 292 -2.91 42.97 -26.49
N LEU B 293 -3.34 42.87 -25.24
CA LEU B 293 -4.08 41.72 -24.77
C LEU B 293 -5.50 42.15 -24.39
N SER B 294 -6.50 41.65 -25.11
CA SER B 294 -7.91 41.92 -24.75
C SER B 294 -8.28 40.83 -23.76
N TYR B 295 -9.17 41.15 -22.84
CA TYR B 295 -9.53 40.22 -21.78
C TYR B 295 -10.99 40.19 -21.40
N LEU B 296 -11.50 38.98 -21.17
CA LEU B 296 -12.88 38.81 -20.69
C LEU B 296 -12.95 37.66 -19.67
N SER B 297 -13.48 37.96 -18.49
CA SER B 297 -13.71 36.98 -17.44
C SER B 297 -15.19 36.66 -17.54
N LEU B 298 -15.51 35.48 -18.08
CA LEU B 298 -16.89 35.11 -18.39
C LEU B 298 -17.57 34.12 -17.43
N ALA C 3 43.28 -18.99 -8.03
CA ALA C 3 41.84 -19.18 -7.71
C ALA C 3 41.00 -17.94 -8.03
N MSE C 4 41.58 -16.73 -7.98
CA MSE C 4 40.79 -15.52 -8.24
C MSE C 4 40.10 -15.52 -9.62
O MSE C 4 38.89 -15.34 -9.71
CB MSE C 4 41.60 -14.22 -8.03
CG MSE C 4 40.72 -12.95 -8.04
SE MSE C 4 41.65 -11.28 -7.62
CE MSE C 4 42.42 -11.77 -5.88
N ARG C 5 40.88 -15.70 -10.69
CA ARG C 5 40.25 -15.76 -12.04
C ARG C 5 39.20 -16.85 -12.03
N ASN C 6 39.57 -18.05 -11.57
CA ASN C 6 38.59 -19.12 -11.46
C ASN C 6 37.38 -18.64 -10.62
N ARG C 7 37.63 -17.83 -9.60
CA ARG C 7 36.55 -17.29 -8.74
C ARG C 7 35.67 -16.25 -9.45
N ILE C 8 36.27 -15.28 -10.17
CA ILE C 8 35.47 -14.32 -10.92
C ILE C 8 34.75 -15.08 -12.05
N GLU C 9 35.46 -15.97 -12.72
CA GLU C 9 34.88 -16.76 -13.81
C GLU C 9 33.73 -17.62 -13.32
N GLN C 10 33.95 -18.32 -12.20
N GLN C 10 33.95 -18.35 -12.22
CA GLN C 10 32.92 -19.17 -11.60
CA GLN C 10 32.90 -19.18 -11.61
C GLN C 10 31.72 -18.32 -11.19
C GLN C 10 31.72 -18.32 -11.16
N ALA C 11 32.00 -17.09 -10.73
CA ALA C 11 30.93 -16.16 -10.30
C ALA C 11 30.09 -15.71 -11.50
N LEU C 12 30.72 -15.31 -12.58
CA LEU C 12 29.96 -14.90 -13.76
C LEU C 12 29.08 -16.03 -14.30
N GLN C 13 29.60 -17.25 -14.29
CA GLN C 13 28.87 -18.42 -14.79
C GLN C 13 27.57 -18.73 -14.05
N GLN C 14 27.45 -18.29 -12.80
CA GLN C 14 26.25 -18.50 -12.03
C GLN C 14 25.20 -17.41 -12.26
N MSE C 15 25.60 -16.33 -12.91
CA MSE C 15 24.70 -15.19 -13.17
C MSE C 15 23.66 -15.54 -14.24
O MSE C 15 23.98 -16.23 -15.21
CB MSE C 15 25.48 -13.98 -13.68
CG MSE C 15 26.60 -13.52 -12.77
SE MSE C 15 25.95 -12.74 -11.14
CE MSE C 15 27.65 -12.61 -10.16
N PRO C 16 22.42 -15.06 -14.07
CA PRO C 16 21.39 -15.26 -15.07
C PRO C 16 21.87 -14.73 -16.42
N ALA C 17 21.50 -15.42 -17.49
CA ALA C 17 21.90 -15.04 -18.85
C ALA C 17 21.36 -13.68 -19.24
N SER C 18 20.30 -13.24 -18.57
CA SER C 18 19.71 -11.94 -18.84
C SER C 18 20.74 -10.80 -18.74
N PHE C 19 21.62 -10.86 -17.73
CA PHE C 19 22.63 -9.80 -17.57
C PHE C 19 24.08 -10.27 -17.51
N ALA C 20 24.28 -11.59 -17.57
CA ALA C 20 25.62 -12.17 -17.53
C ALA C 20 26.55 -11.63 -18.59
N PRO C 21 26.07 -11.49 -19.86
CA PRO C 21 26.93 -10.98 -20.92
C PRO C 21 27.39 -9.56 -20.71
N TYR C 22 26.49 -8.66 -20.32
CA TYR C 22 26.92 -7.27 -20.06
C TYR C 22 27.82 -7.21 -18.83
N LEU C 23 27.47 -7.93 -17.77
CA LEU C 23 28.29 -7.94 -16.54
C LEU C 23 29.70 -8.47 -16.87
N ARG C 24 29.73 -9.51 -17.69
CA ARG C 24 30.98 -10.13 -18.11
C ARG C 24 31.85 -9.11 -18.83
N GLU C 25 31.25 -8.36 -19.76
CA GLU C 25 31.95 -7.34 -20.53
C GLU C 25 32.64 -6.31 -19.61
N LEU C 26 31.98 -5.93 -18.52
CA LEU C 26 32.56 -4.95 -17.57
C LEU C 26 33.57 -5.61 -16.62
N VAL C 27 33.16 -6.71 -15.99
CA VAL C 27 34.02 -7.37 -15.02
C VAL C 27 35.35 -7.83 -15.62
N LEU C 28 35.31 -8.42 -16.82
CA LEU C 28 36.53 -8.89 -17.46
C LEU C 28 37.22 -7.81 -18.30
N ALA C 29 36.69 -6.60 -18.27
CA ALA C 29 37.30 -5.49 -19.00
C ALA C 29 38.71 -5.23 -18.44
N LYS C 30 39.64 -5.02 -19.37
CA LYS C 30 41.04 -4.78 -19.06
C LYS C 30 41.26 -3.93 -17.77
N ASP C 31 40.60 -2.78 -17.71
CA ASP C 31 40.77 -1.85 -16.60
C ASP C 31 39.64 -1.88 -15.56
N PHE C 32 39.06 -3.05 -15.31
CA PHE C 32 37.98 -3.16 -14.32
C PHE C 32 38.55 -2.69 -12.98
N ASP C 33 37.78 -1.90 -12.24
CA ASP C 33 38.29 -1.34 -10.98
C ASP C 33 37.45 -1.68 -9.77
N ALA C 34 36.68 -2.75 -9.87
CA ALA C 34 35.83 -3.21 -8.76
C ALA C 34 34.74 -2.20 -8.42
N THR C 35 34.30 -1.42 -9.42
CA THR C 35 33.23 -0.46 -9.23
C THR C 35 32.27 -0.50 -10.42
N PHE C 36 31.03 -0.08 -10.19
CA PHE C 36 30.02 0.04 -11.24
C PHE C 36 29.47 1.44 -11.22
N SER C 37 29.51 2.14 -12.36
CA SER C 37 28.95 3.47 -12.45
C SER C 37 27.44 3.37 -12.31
N ALA C 38 26.78 4.46 -11.96
CA ALA C 38 25.33 4.48 -11.83
C ALA C 38 24.67 4.02 -13.15
N GLU C 39 25.22 4.48 -14.27
CA GLU C 39 24.72 4.14 -15.60
C GLU C 39 24.87 2.63 -15.90
N GLN C 40 26.03 2.07 -15.58
CA GLN C 40 26.29 0.65 -15.78
C GLN C 40 25.33 -0.18 -14.96
N TYR C 41 25.11 0.24 -13.71
CA TYR C 41 24.21 -0.48 -12.82
C TYR C 41 22.76 -0.41 -13.30
N GLN C 42 22.37 0.74 -13.84
CA GLN C 42 21.01 0.92 -14.37
C GLN C 42 20.76 -0.02 -15.57
N GLN C 43 21.75 -0.17 -16.43
CA GLN C 43 21.68 -1.10 -17.56
C GLN C 43 21.50 -2.54 -17.03
N LEU C 44 22.30 -2.89 -16.02
CA LEU C 44 22.21 -4.21 -15.38
C LEU C 44 20.85 -4.42 -14.76
N LEU C 45 20.31 -3.36 -14.16
CA LEU C 45 19.02 -3.47 -13.51
C LEU C 45 17.91 -3.71 -14.55
N THR C 46 17.99 -2.98 -15.66
CA THR C 46 17.02 -3.09 -16.74
C THR C 46 17.06 -4.50 -17.35
N LEU C 47 18.24 -4.94 -17.74
CA LEU C 47 18.44 -6.26 -18.32
C LEU C 47 18.00 -7.39 -17.40
N SER C 48 18.28 -7.26 -16.11
CA SER C 48 17.98 -8.32 -15.13
C SER C 48 16.52 -8.56 -14.83
N GLY C 49 15.71 -7.52 -14.92
CA GLY C 49 14.29 -7.63 -14.57
C GLY C 49 14.09 -7.73 -13.05
N LEU C 50 15.18 -7.63 -12.28
CA LEU C 50 15.11 -7.74 -10.82
C LEU C 50 14.79 -6.42 -10.13
N GLU C 51 14.43 -6.54 -8.86
CA GLU C 51 14.22 -5.36 -8.04
C GLU C 51 15.60 -5.02 -7.51
N ASP C 52 15.80 -3.73 -7.21
CA ASP C 52 17.10 -3.20 -6.78
C ASP C 52 17.88 -4.02 -5.74
N ALA C 53 17.25 -4.28 -4.60
CA ALA C 53 17.93 -5.04 -3.54
C ALA C 53 18.38 -6.41 -4.05
N ASP C 54 17.52 -7.05 -4.83
CA ASP C 54 17.80 -8.37 -5.40
C ASP C 54 19.01 -8.37 -6.34
N LEU C 55 19.15 -7.34 -7.15
CA LEU C 55 20.30 -7.29 -8.06
C LEU C 55 21.60 -7.11 -7.29
N ARG C 56 21.59 -6.25 -6.27
CA ARG C 56 22.80 -6.03 -5.47
C ARG C 56 23.27 -7.32 -4.80
N VAL C 57 22.32 -8.08 -4.25
CA VAL C 57 22.60 -9.37 -3.62
C VAL C 57 23.24 -10.35 -4.65
N ALA C 58 22.70 -10.38 -5.87
CA ALA C 58 23.23 -11.24 -6.95
C ALA C 58 24.68 -10.93 -7.33
N LEU C 59 25.08 -9.68 -7.19
CA LEU C 59 26.45 -9.28 -7.52
C LEU C 59 27.50 -9.62 -6.43
N LEU C 60 27.07 -9.88 -5.20
CA LEU C 60 27.99 -10.22 -4.08
C LEU C 60 29.13 -11.17 -4.42
N PRO C 61 28.88 -12.25 -5.18
CA PRO C 61 30.02 -13.14 -5.51
C PRO C 61 31.16 -12.49 -6.30
N ILE C 62 30.88 -11.44 -7.06
CA ILE C 62 31.98 -10.77 -7.77
C ILE C 62 32.90 -10.11 -6.74
N ALA C 63 32.33 -9.62 -5.63
CA ALA C 63 33.08 -8.96 -4.57
C ALA C 63 33.87 -9.97 -3.73
N ALA C 64 33.23 -11.09 -3.37
CA ALA C 64 33.88 -12.11 -2.55
C ALA C 64 35.06 -12.72 -3.30
N ALA C 65 35.01 -12.68 -4.62
CA ALA C 65 36.10 -13.16 -5.46
C ALA C 65 37.43 -12.50 -5.12
N TYR C 66 37.38 -11.24 -4.63
CA TYR C 66 38.58 -10.50 -4.26
C TYR C 66 39.10 -10.85 -2.87
N SER C 67 38.34 -11.66 -2.14
CA SER C 67 38.71 -12.02 -0.77
C SER C 67 40.11 -12.63 -0.66
N TYR C 68 40.78 -12.32 0.44
CA TYR C 68 42.11 -12.84 0.75
C TYR C 68 42.02 -13.23 2.21
N ALA C 69 41.65 -14.49 2.43
CA ALA C 69 41.43 -15.04 3.77
C ALA C 69 42.31 -16.28 4.02
N PRO C 70 43.63 -16.09 4.14
CA PRO C 70 44.56 -17.19 4.40
C PRO C 70 44.46 -17.81 5.80
N ILE C 71 43.75 -17.15 6.73
CA ILE C 71 43.58 -17.67 8.07
C ILE C 71 42.25 -18.44 8.19
N SER C 72 41.14 -17.79 7.83
CA SER C 72 39.82 -18.41 7.93
C SER C 72 39.38 -19.19 6.69
N GLU C 73 39.84 -18.77 5.52
CA GLU C 73 39.41 -19.38 4.25
C GLU C 73 37.90 -19.16 4.09
N PHE C 74 37.41 -18.09 4.69
CA PHE C 74 35.99 -17.71 4.74
C PHE C 74 35.91 -16.41 3.91
N TYR C 75 35.55 -16.57 2.64
CA TYR C 75 35.50 -15.45 1.69
C TYR C 75 34.24 -14.62 1.82
N VAL C 76 34.41 -13.34 2.15
CA VAL C 76 33.27 -12.44 2.34
C VAL C 76 33.37 -11.23 1.43
N GLY C 77 32.26 -10.88 0.77
CA GLY C 77 32.21 -9.74 -0.11
C GLY C 77 31.16 -8.76 0.37
N ALA C 78 31.35 -7.47 0.07
CA ALA C 78 30.39 -6.42 0.38
C ALA C 78 30.32 -5.47 -0.81
N ILE C 79 29.15 -4.87 -1.01
CA ILE C 79 28.98 -3.89 -2.07
C ILE C 79 28.44 -2.63 -1.45
N VAL C 80 29.16 -1.53 -1.60
CA VAL C 80 28.71 -0.26 -1.06
C VAL C 80 28.22 0.63 -2.18
N ARG C 81 27.04 1.22 -2.01
CA ARG C 81 26.56 2.19 -2.97
C ARG C 81 26.81 3.54 -2.31
N GLY C 82 27.62 4.38 -2.95
CA GLY C 82 27.92 5.70 -2.46
C GLY C 82 26.72 6.59 -2.67
N ILE C 83 26.70 7.75 -2.01
CA ILE C 83 25.58 8.66 -2.17
C ILE C 83 25.45 9.18 -3.60
N SER C 84 26.53 9.10 -4.38
CA SER C 84 26.52 9.53 -5.78
C SER C 84 25.78 8.52 -6.68
N GLY C 85 25.71 7.26 -6.24
CA GLY C 85 25.03 6.18 -6.98
C GLY C 85 26.01 5.11 -7.48
N ARG C 86 27.30 5.40 -7.42
CA ARG C 86 28.29 4.45 -7.87
C ARG C 86 28.41 3.33 -6.86
N LEU C 87 28.63 2.11 -7.35
CA LEU C 87 28.80 0.92 -6.49
C LEU C 87 30.29 0.57 -6.35
N TYR C 88 30.72 0.28 -5.12
CA TYR C 88 32.11 -0.07 -4.80
C TYR C 88 32.16 -1.47 -4.15
N LEU C 89 32.99 -2.34 -4.69
CA LEU C 89 33.12 -3.69 -4.13
C LEU C 89 34.21 -3.73 -3.08
N GLY C 90 34.06 -4.70 -2.17
CA GLY C 90 35.03 -4.93 -1.12
C GLY C 90 35.01 -6.37 -0.68
N ALA C 91 36.08 -6.80 -0.06
CA ALA C 91 36.20 -8.17 0.44
C ALA C 91 37.10 -8.16 1.65
N ASN C 92 36.98 -9.18 2.51
CA ASN C 92 37.81 -9.26 3.71
C ASN C 92 39.27 -9.52 3.39
N MSE C 93 40.13 -9.16 4.33
CA MSE C 93 41.56 -9.27 4.17
C MSE C 93 42.18 -9.71 5.50
O MSE C 93 41.95 -9.08 6.53
CB MSE C 93 42.06 -7.89 3.83
CG MSE C 93 43.44 -7.74 3.27
SE MSE C 93 43.66 -5.78 2.89
CE MSE C 93 41.94 -5.48 2.05
N GLU C 94 42.93 -10.81 5.49
CA GLU C 94 43.57 -11.33 6.70
C GLU C 94 45.07 -11.48 6.45
N PHE C 95 45.84 -11.44 7.53
CA PHE C 95 47.30 -11.55 7.43
C PHE C 95 47.91 -12.59 8.36
N THR C 96 48.38 -13.67 7.75
CA THR C 96 49.07 -14.72 8.48
C THR C 96 50.29 -14.12 9.17
N GLY C 97 50.53 -14.53 10.41
CA GLY C 97 51.68 -14.07 11.18
C GLY C 97 51.58 -12.72 11.89
N ALA C 98 50.46 -12.01 11.74
CA ALA C 98 50.30 -10.72 12.41
C ALA C 98 49.09 -10.77 13.34
N GLN C 99 49.05 -9.86 14.30
CA GLN C 99 47.98 -9.86 15.27
C GLN C 99 46.65 -9.53 14.56
N LEU C 100 45.55 -10.05 15.10
CA LEU C 100 44.23 -9.91 14.45
C LEU C 100 43.65 -8.52 14.26
N GLY C 101 44.24 -7.52 14.91
CA GLY C 101 43.79 -6.14 14.76
C GLY C 101 44.17 -5.61 13.38
N GLN C 102 45.01 -6.36 12.68
CA GLN C 102 45.42 -6.00 11.34
C GLN C 102 44.41 -6.47 10.30
N THR C 103 43.33 -7.13 10.74
CA THR C 103 42.32 -7.68 9.84
C THR C 103 41.41 -6.60 9.28
N VAL C 104 40.99 -6.77 8.02
CA VAL C 104 40.05 -5.85 7.41
C VAL C 104 38.83 -6.63 6.98
N HIS C 105 37.67 -6.22 7.46
CA HIS C 105 36.40 -6.86 7.08
C HIS C 105 35.93 -6.34 5.71
N ALA C 106 35.11 -7.14 5.04
CA ALA C 106 34.56 -6.78 3.72
C ALA C 106 33.87 -5.40 3.75
N GLU C 107 33.14 -5.15 4.82
CA GLU C 107 32.44 -3.89 4.96
C GLU C 107 33.43 -2.73 5.03
N GLN C 108 34.47 -2.88 5.85
CA GLN C 108 35.50 -1.84 5.98
C GLN C 108 36.22 -1.60 4.64
N CYS C 109 36.49 -2.68 3.91
CA CYS C 109 37.14 -2.59 2.61
C CYS C 109 36.25 -1.85 1.59
N ALA C 110 35.00 -2.28 1.46
CA ALA C 110 34.07 -1.66 0.52
C ALA C 110 33.90 -0.18 0.85
N ILE C 111 33.67 0.11 2.12
CA ILE C 111 33.50 1.50 2.54
C ILE C 111 34.74 2.34 2.31
N SER C 112 35.92 1.80 2.60
CA SER C 112 37.14 2.58 2.41
C SER C 112 37.38 2.80 0.92
N HIS C 113 36.92 1.86 0.11
CA HIS C 113 37.06 1.90 -1.35
C HIS C 113 36.25 3.11 -1.86
N ALA C 114 35.02 3.24 -1.39
CA ALA C 114 34.16 4.37 -1.75
C ALA C 114 34.82 5.69 -1.28
N TRP C 115 35.34 5.67 -0.07
CA TRP C 115 35.96 6.85 0.52
C TRP C 115 37.15 7.35 -0.27
N MSE C 116 38.12 6.48 -0.56
CA MSE C 116 39.34 6.88 -1.26
C MSE C 116 39.09 7.33 -2.69
O MSE C 116 39.93 8.00 -3.29
CB MSE C 116 40.36 5.75 -1.26
CG MSE C 116 40.85 5.35 0.12
SE MSE C 116 41.67 6.87 1.09
CE MSE C 116 43.09 7.36 -0.17
N LYS C 117 37.93 6.93 -3.24
CA LYS C 117 37.56 7.33 -4.59
C LYS C 117 36.68 8.55 -4.60
N GLY C 118 36.53 9.21 -3.44
CA GLY C 118 35.81 10.48 -3.38
C GLY C 118 34.37 10.54 -2.93
N GLU C 119 33.78 9.42 -2.53
CA GLU C 119 32.41 9.44 -2.04
C GLU C 119 32.36 10.18 -0.71
N LYS C 120 31.31 10.98 -0.51
CA LYS C 120 31.14 11.72 0.76
C LYS C 120 30.12 11.09 1.70
N GLY C 121 29.70 9.88 1.36
CA GLY C 121 28.74 9.18 2.17
C GLY C 121 28.37 7.84 1.58
N VAL C 122 27.81 7.00 2.43
CA VAL C 122 27.34 5.69 2.07
C VAL C 122 25.83 5.69 2.08
N ALA C 123 25.21 5.28 0.97
CA ALA C 123 23.75 5.21 0.86
C ALA C 123 23.27 3.86 1.39
N ASP C 124 23.91 2.81 0.90
CA ASP C 124 23.56 1.48 1.35
C ASP C 124 24.72 0.52 1.17
N ILE C 125 24.74 -0.52 2.01
CA ILE C 125 25.75 -1.56 1.98
C ILE C 125 25.03 -2.93 1.92
N THR C 126 25.50 -3.76 1.00
CA THR C 126 24.91 -5.07 0.78
C THR C 126 25.88 -6.17 1.15
N ILE C 127 25.40 -7.12 1.95
CA ILE C 127 26.23 -8.25 2.42
C ILE C 127 25.34 -9.49 2.61
N ASN C 128 25.95 -10.67 2.53
CA ASN C 128 25.24 -11.94 2.74
C ASN C 128 24.86 -12.21 4.19
N PHE C 129 25.74 -11.82 5.12
CA PHE C 129 25.52 -12.09 6.54
C PHE C 129 25.54 -10.81 7.34
N SER C 130 24.90 -10.84 8.50
CA SER C 130 24.84 -9.67 9.37
C SER C 130 26.25 -9.17 9.70
N PRO C 131 26.44 -7.87 9.59
CA PRO C 131 27.74 -7.32 9.96
C PRO C 131 27.95 -7.57 11.45
N CYS C 132 29.18 -7.87 11.84
CA CYS C 132 29.50 -8.14 13.23
C CYS C 132 29.57 -6.79 13.96
N GLY C 133 29.77 -6.84 15.28
CA GLY C 133 29.81 -5.64 16.11
C GLY C 133 30.91 -4.67 15.72
N HIS C 134 32.07 -5.20 15.36
CA HIS C 134 33.20 -4.38 14.93
C HIS C 134 32.81 -3.51 13.72
N CYS C 135 32.23 -4.13 12.69
CA CYS C 135 31.75 -3.41 11.50
C CYS C 135 30.59 -2.44 11.80
N ARG C 136 29.70 -2.83 12.69
CA ARG C 136 28.60 -1.93 13.02
C ARG C 136 29.20 -0.66 13.68
N GLN C 137 30.17 -0.86 14.56
CA GLN C 137 30.82 0.27 15.23
C GLN C 137 31.61 1.13 14.25
N PHE C 138 32.27 0.51 13.28
CA PHE C 138 33.01 1.27 12.26
C PHE C 138 32.06 2.17 11.44
N MSE C 139 30.91 1.62 11.08
CA MSE C 139 29.93 2.39 10.32
C MSE C 139 29.37 3.57 11.11
O MSE C 139 28.94 4.55 10.54
CB MSE C 139 28.79 1.46 9.87
CG MSE C 139 29.15 0.54 8.71
SE MSE C 139 27.64 -0.59 8.11
CE MSE C 139 27.84 -2.07 9.34
N ASN C 140 29.41 3.51 12.44
CA ASN C 140 28.81 4.57 13.25
C ASN C 140 29.64 5.86 13.25
N GLU C 141 30.81 5.81 12.65
CA GLU C 141 31.70 6.94 12.53
C GLU C 141 31.39 7.74 11.27
N LEU C 142 30.60 7.17 10.36
CA LEU C 142 30.38 7.84 9.07
C LEU C 142 29.43 9.01 9.11
N THR C 143 29.62 9.88 8.13
CA THR C 143 28.75 11.06 7.91
C THR C 143 27.32 10.60 7.77
N THR C 144 27.11 9.45 7.12
CA THR C 144 25.77 8.93 6.89
C THR C 144 25.40 7.78 7.83
N ALA C 145 26.01 7.73 9.01
CA ALA C 145 25.76 6.65 9.99
C ALA C 145 24.29 6.45 10.24
N SER C 146 23.58 7.57 10.34
CA SER C 146 22.18 7.56 10.66
C SER C 146 21.26 7.52 9.45
N SER C 147 21.80 7.34 8.25
CA SER C 147 20.90 7.28 7.07
C SER C 147 21.15 6.11 6.16
N LEU C 148 22.29 5.48 6.28
CA LEU C 148 22.64 4.39 5.39
C LEU C 148 21.79 3.17 5.69
N LYS C 149 21.54 2.37 4.66
CA LYS C 149 20.75 1.15 4.78
C LYS C 149 21.66 -0.08 4.68
N ILE C 150 21.39 -1.08 5.52
CA ILE C 150 22.13 -2.31 5.55
C ILE C 150 21.23 -3.38 4.93
N GLN C 151 21.68 -3.98 3.85
CA GLN C 151 20.85 -4.92 3.10
C GLN C 151 21.37 -6.36 3.04
N LEU C 152 20.55 -7.29 3.52
CA LEU C 152 20.83 -8.74 3.46
C LEU C 152 19.90 -9.42 2.45
N PRO C 153 20.17 -10.69 2.10
CA PRO C 153 19.31 -11.34 1.11
C PRO C 153 17.88 -11.69 1.56
N LYS C 154 16.91 -11.39 0.69
CA LYS C 154 15.48 -11.68 0.95
C LYS C 154 14.91 -10.98 2.21
N ARG C 155 15.55 -9.91 2.67
CA ARG C 155 15.04 -9.21 3.86
C ARG C 155 14.82 -7.77 3.59
N ALA C 156 14.11 -7.12 4.51
CA ALA C 156 13.89 -5.69 4.42
C ALA C 156 15.24 -5.06 4.80
N ALA C 157 15.50 -3.87 4.29
CA ALA C 157 16.74 -3.18 4.61
C ALA C 157 16.63 -2.63 6.03
N LYS C 158 17.75 -2.60 6.76
CA LYS C 158 17.73 -2.07 8.11
C LYS C 158 18.68 -0.89 8.24
N THR C 159 18.37 0.02 9.15
CA THR C 159 19.23 1.16 9.41
C THR C 159 20.27 0.70 10.40
N LEU C 160 21.32 1.49 10.55
CA LEU C 160 22.38 1.13 11.50
C LEU C 160 21.89 1.12 12.93
N GLN C 161 20.94 2.00 13.24
CA GLN C 161 20.36 2.07 14.57
C GLN C 161 19.59 0.80 14.90
N GLU C 162 19.05 0.14 13.89
CA GLU C 162 18.33 -1.11 14.13
C GLU C 162 19.34 -2.26 14.41
N TYR C 163 20.49 -2.23 13.77
CA TYR C 163 21.51 -3.24 14.06
C TYR C 163 22.32 -2.95 15.31
N LEU C 164 22.52 -1.67 15.60
CA LEU C 164 23.32 -1.24 16.74
C LEU C 164 22.51 -0.28 17.59
N PRO C 165 21.55 -0.80 18.38
CA PRO C 165 20.74 0.12 19.16
C PRO C 165 21.52 0.79 20.28
N GLU C 166 21.09 2.01 20.64
CA GLU C 166 21.71 2.82 21.67
C GLU C 166 23.21 2.75 21.55
N SER C 167 23.69 3.18 20.41
CA SER C 167 25.10 3.10 20.13
C SER C 167 25.96 4.10 20.86
N PHE C 168 27.23 3.71 20.93
CA PHE C 168 28.31 4.52 21.42
C PHE C 168 28.90 5.03 20.13
N GLY C 169 29.36 6.27 20.14
CA GLY C 169 29.96 6.85 18.96
C GLY C 169 30.61 8.19 19.24
N PRO C 170 30.97 8.91 18.18
CA PRO C 170 31.61 10.21 18.24
C PRO C 170 30.93 11.17 19.23
N ALA C 171 29.61 11.26 19.18
CA ALA C 171 28.81 12.13 20.07
C ALA C 171 29.13 11.93 21.56
N ASP C 172 29.42 10.71 21.96
CA ASP C 172 29.76 10.43 23.36
C ASP C 172 31.13 11.01 23.71
N LEU C 173 31.95 11.30 22.70
CA LEU C 173 33.26 11.94 22.92
C LEU C 173 33.23 13.43 22.56
N GLY C 174 32.03 13.93 22.31
CA GLY C 174 31.79 15.35 22.05
C GLY C 174 31.98 15.88 20.66
N ILE C 175 31.99 15.02 19.64
CA ILE C 175 32.18 15.50 18.28
C ILE C 175 31.21 14.88 17.28
N ASP C 176 31.18 15.48 16.09
CA ASP C 176 30.32 15.08 14.98
C ASP C 176 30.82 13.78 14.36
N SER C 177 29.91 13.04 13.74
CA SER C 177 30.28 11.84 13.05
C SER C 177 30.65 12.33 11.67
N GLY C 178 31.95 12.34 11.34
CA GLY C 178 32.38 12.87 10.05
C GLY C 178 33.35 12.12 9.15
N LEU C 179 33.48 10.81 9.29
CA LEU C 179 34.36 10.08 8.38
C LEU C 179 33.72 10.15 6.99
N MSE C 180 34.49 10.61 6.01
CA MSE C 180 34.08 10.79 4.59
C MSE C 180 33.70 12.26 4.26
O MSE C 180 33.46 12.60 3.10
CB MSE C 180 33.00 9.81 4.10
CG MSE C 180 33.39 8.35 4.20
SE MSE C 180 32.02 7.07 3.58
CE MSE C 180 32.20 7.30 1.64
N SER C 181 33.64 13.11 5.28
CA SER C 181 33.36 14.52 5.04
C SER C 181 34.58 15.09 4.36
N PRO C 182 34.41 16.15 3.54
CA PRO C 182 35.59 16.71 2.86
C PRO C 182 36.65 17.17 3.87
N VAL C 183 37.90 16.86 3.60
CA VAL C 183 39.00 17.18 4.47
C VAL C 183 40.24 17.59 3.69
N ASN C 184 40.93 18.63 4.17
CA ASN C 184 42.20 19.02 3.61
C ASN C 184 43.01 19.65 4.74
N HIS C 185 43.93 18.89 5.31
CA HIS C 185 44.72 19.36 6.44
C HIS C 185 45.77 20.39 6.02
N GLY C 186 46.04 20.45 4.73
CA GLY C 186 46.98 21.43 4.18
C GLY C 186 48.42 21.30 4.62
N LYS C 187 48.85 20.09 4.96
CA LYS C 187 50.22 19.88 5.37
C LYS C 187 51.08 19.78 4.13
N THR C 188 52.30 20.31 4.24
CA THR C 188 53.22 20.29 3.14
C THR C 188 54.59 19.86 3.62
N SER C 189 55.38 19.33 2.69
N SER C 189 55.40 19.36 2.70
CA SER C 189 56.73 18.87 2.97
CA SER C 189 56.76 18.91 2.99
C SER C 189 57.58 18.95 1.70
C SER C 189 57.70 19.29 1.85
N ASP C 190 58.78 19.50 1.84
N ASP C 190 58.99 19.36 2.15
CA ASP C 190 59.68 19.64 0.71
CA ASP C 190 59.97 19.69 1.13
C ASP C 190 60.58 18.42 0.55
C ASP C 190 60.79 18.45 0.82
N ASP C 191 60.15 17.28 1.08
N ASP C 191 60.27 17.28 1.20
CA ASP C 191 60.93 16.05 0.97
CA ASP C 191 60.95 16.01 0.98
C ASP C 191 60.91 15.61 -0.49
C ASP C 191 60.92 15.63 -0.49
N ASP C 192 62.08 15.32 -1.05
CA ASP C 192 62.20 14.95 -2.48
C ASP C 192 61.64 13.59 -2.90
N GLU C 193 61.44 12.68 -1.96
CA GLU C 193 60.94 11.35 -2.30
C GLU C 193 59.45 11.40 -2.73
N GLU C 194 59.18 11.01 -3.97
CA GLU C 194 57.81 11.05 -4.50
C GLU C 194 56.82 10.19 -3.73
N LEU C 195 57.24 8.99 -3.32
CA LEU C 195 56.35 8.09 -2.58
C LEU C 195 55.93 8.73 -1.25
N ILE C 196 56.82 9.53 -0.63
CA ILE C 196 56.49 10.26 0.60
C ILE C 196 55.46 11.34 0.27
N GLN C 197 55.63 12.01 -0.87
CA GLN C 197 54.67 13.01 -1.32
C GLN C 197 53.31 12.36 -1.55
N GLN C 198 53.28 11.17 -2.15
CA GLN C 198 52.02 10.47 -2.38
C GLN C 198 51.36 10.12 -1.03
N ALA C 199 52.15 9.63 -0.08
CA ALA C 199 51.63 9.33 1.25
C ALA C 199 51.05 10.58 1.92
N LEU C 200 51.72 11.72 1.75
CA LEU C 200 51.23 12.99 2.34
C LEU C 200 49.87 13.41 1.79
N ARG C 201 49.57 13.05 0.54
CA ARG C 201 48.27 13.36 -0.04
C ARG C 201 47.19 12.59 0.71
N ALA C 202 47.47 11.32 1.01
CA ALA C 202 46.55 10.49 1.76
C ALA C 202 46.44 11.06 3.20
N MSE C 203 47.58 11.45 3.76
CA MSE C 203 47.59 12.00 5.11
C MSE C 203 46.67 13.21 5.21
O MSE C 203 45.93 13.35 6.16
CB MSE C 203 48.99 12.43 5.50
CG MSE C 203 49.16 12.57 6.97
SE MSE C 203 50.17 14.11 7.51
CE MSE C 203 48.83 15.38 6.87
N ASN C 204 46.73 14.10 4.21
CA ASN C 204 45.91 15.33 4.21
C ASN C 204 44.37 15.15 4.16
N ILE C 205 43.89 13.94 3.88
CA ILE C 205 42.43 13.71 3.90
C ILE C 205 42.03 12.74 5.01
N SER C 206 43.00 12.37 5.85
CA SER C 206 42.79 11.39 6.91
C SER C 206 41.87 11.88 8.02
N HIS C 207 41.26 10.92 8.71
CA HIS C 207 40.31 11.17 9.78
C HIS C 207 40.87 10.64 11.08
N SER C 208 41.26 11.54 11.98
CA SER C 208 41.86 11.17 13.29
C SER C 208 41.54 12.18 14.38
N PRO C 209 40.26 12.35 14.69
CA PRO C 209 39.92 13.35 15.69
C PRO C 209 40.23 13.00 17.15
N TYR C 210 40.56 11.75 17.47
CA TYR C 210 40.76 11.32 18.87
C TYR C 210 42.25 11.27 19.27
N THR C 211 43.12 11.04 18.30
CA THR C 211 44.55 11.01 18.56
C THR C 211 45.28 12.09 17.77
N GLN C 212 44.59 12.71 16.81
CA GLN C 212 45.20 13.70 15.91
C GLN C 212 46.42 13.15 15.17
N ASN C 213 46.46 11.83 14.97
CA ASN C 213 47.57 11.26 14.21
C ASN C 213 47.12 11.15 12.76
N PHE C 214 47.04 12.31 12.11
CA PHE C 214 46.64 12.37 10.72
C PHE C 214 47.77 11.63 10.00
N SER C 215 47.40 10.66 9.18
CA SER C 215 48.40 9.81 8.60
C SER C 215 47.96 9.15 7.31
N GLY C 216 48.95 8.80 6.49
CA GLY C 216 48.69 8.16 5.22
C GLY C 216 49.80 7.23 4.81
N VAL C 217 49.47 6.34 3.88
CA VAL C 217 50.42 5.38 3.36
C VAL C 217 50.31 5.39 1.85
N ALA C 218 51.44 5.13 1.18
CA ALA C 218 51.50 5.03 -0.26
C ALA C 218 52.24 3.72 -0.57
N LEU C 219 51.66 2.90 -1.44
CA LEU C 219 52.29 1.65 -1.87
C LEU C 219 52.61 1.78 -3.34
N LYS C 220 53.81 1.35 -3.69
CA LYS C 220 54.27 1.37 -5.07
C LYS C 220 54.44 -0.07 -5.51
N MSE C 221 53.80 -0.44 -6.61
CA MSE C 221 53.87 -1.80 -7.11
C MSE C 221 55.00 -1.95 -8.10
O MSE C 221 55.61 -0.97 -8.55
CB MSE C 221 52.55 -2.18 -7.81
CG MSE C 221 51.30 -1.79 -7.05
SE MSE C 221 51.22 -2.57 -5.24
CE MSE C 221 51.08 -4.46 -5.69
N ARG C 222 55.27 -3.21 -8.47
CA ARG C 222 56.31 -3.56 -9.42
C ARG C 222 56.02 -2.89 -10.76
N SER C 223 54.75 -2.76 -11.07
CA SER C 223 54.30 -2.17 -12.33
C SER C 223 54.46 -0.66 -12.36
N GLY C 224 54.72 -0.06 -11.20
CA GLY C 224 54.86 1.39 -11.11
C GLY C 224 53.58 2.06 -10.61
N ALA C 225 52.51 1.29 -10.45
CA ALA C 225 51.24 1.80 -9.94
C ALA C 225 51.39 2.19 -8.49
N ILE C 226 50.68 3.26 -8.08
CA ILE C 226 50.68 3.74 -6.69
C ILE C 226 49.29 3.67 -6.10
N TYR C 227 49.17 3.16 -4.86
CA TYR C 227 47.91 3.08 -4.15
C TYR C 227 48.03 3.85 -2.81
N LEU C 228 47.03 4.67 -2.52
CA LEU C 228 47.02 5.50 -1.33
C LEU C 228 46.00 5.04 -0.31
N GLY C 229 46.32 5.23 0.96
CA GLY C 229 45.40 4.88 2.03
C GLY C 229 45.48 5.87 3.18
N ALA C 230 44.36 6.49 3.51
CA ALA C 230 44.30 7.43 4.62
C ALA C 230 43.78 6.70 5.85
N TYR C 231 44.17 7.21 7.02
CA TYR C 231 43.76 6.66 8.32
C TYR C 231 42.31 7.02 8.59
N ALA C 232 41.52 6.01 8.93
CA ALA C 232 40.10 6.18 9.28
C ALA C 232 39.97 5.78 10.74
N GLU C 233 40.11 6.75 11.63
CA GLU C 233 40.06 6.47 13.06
C GLU C 233 38.61 6.31 13.54
N ASN C 234 38.41 5.60 14.63
CA ASN C 234 37.07 5.33 15.18
C ASN C 234 36.93 5.70 16.66
N ALA C 235 35.76 6.21 17.04
CA ALA C 235 35.51 6.67 18.41
C ALA C 235 35.66 5.56 19.44
N ALA C 236 35.50 4.32 18.99
CA ALA C 236 35.62 3.16 19.84
C ALA C 236 37.07 2.67 19.92
N PHE C 237 37.94 3.30 19.14
CA PHE C 237 39.39 3.02 19.11
C PHE C 237 39.81 1.78 18.33
N ASN C 238 39.49 0.60 18.85
CA ASN C 238 39.88 -0.64 18.17
C ASN C 238 39.36 -0.79 16.72
N PRO C 239 38.13 -0.36 16.43
CA PRO C 239 37.66 -0.47 15.04
C PRO C 239 38.35 0.49 14.06
N SER C 240 39.28 1.32 14.54
CA SER C 240 40.03 2.24 13.68
C SER C 240 40.71 1.45 12.58
N LEU C 241 40.72 2.00 11.35
CA LEU C 241 41.33 1.32 10.22
C LEU C 241 42.62 2.05 9.85
N PRO C 242 43.77 1.41 10.13
CA PRO C 242 45.06 2.04 9.86
C PRO C 242 45.29 2.35 8.39
N PRO C 243 46.19 3.31 8.10
CA PRO C 243 46.47 3.70 6.73
C PRO C 243 47.01 2.59 5.84
N LEU C 244 47.87 1.71 6.36
CA LEU C 244 48.40 0.62 5.52
C LEU C 244 47.25 -0.21 4.98
N GLN C 245 46.37 -0.68 5.88
CA GLN C 245 45.18 -1.47 5.51
C GLN C 245 44.34 -0.77 4.46
N VAL C 246 44.15 0.54 4.57
CA VAL C 246 43.39 1.25 3.56
C VAL C 246 44.15 1.19 2.23
N ALA C 247 45.46 1.44 2.27
CA ALA C 247 46.25 1.38 1.02
C ALA C 247 46.16 -0.01 0.40
N LEU C 248 46.34 -1.05 1.22
CA LEU C 248 46.28 -2.44 0.74
C LEU C 248 44.91 -2.77 0.09
N ALA C 249 43.84 -2.34 0.75
CA ALA C 249 42.50 -2.56 0.24
C ALA C 249 42.32 -1.93 -1.16
N GLN C 250 42.99 -0.82 -1.44
CA GLN C 250 42.84 -0.18 -2.75
C GLN C 250 43.61 -0.97 -3.80
N ALA C 251 44.79 -1.43 -3.42
CA ALA C 251 45.58 -2.26 -4.31
C ALA C 251 44.77 -3.54 -4.59
N MSE C 252 44.23 -4.15 -3.53
CA MSE C 252 43.49 -5.39 -3.70
C MSE C 252 42.29 -5.25 -4.66
O MSE C 252 42.08 -6.12 -5.53
CB MSE C 252 43.05 -5.95 -2.35
CG MSE C 252 42.63 -7.41 -2.44
SE MSE C 252 42.09 -8.19 -0.70
CE MSE C 252 40.56 -7.04 -0.39
N MSE C 253 41.55 -4.16 -4.57
CA MSE C 253 40.38 -3.98 -5.41
C MSE C 253 40.71 -3.63 -6.88
O MSE C 253 39.84 -3.70 -7.75
CB MSE C 253 39.38 -3.02 -4.77
CG MSE C 253 38.93 -3.48 -3.37
SE MSE C 253 38.39 -5.39 -3.16
CE MSE C 253 36.92 -5.47 -4.46
N MSE C 254 41.98 -3.32 -7.13
CA MSE C 254 42.46 -3.12 -8.49
C MSE C 254 43.08 -4.41 -9.00
O MSE C 254 43.69 -4.44 -10.04
CB MSE C 254 43.47 -1.98 -8.58
CG MSE C 254 42.83 -0.65 -8.79
SE MSE C 254 42.00 -0.52 -10.54
CE MSE C 254 43.60 -0.72 -11.65
N GLY C 255 42.90 -5.50 -8.25
CA GLY C 255 43.39 -6.81 -8.68
C GLY C 255 44.87 -7.04 -8.42
N GLU C 256 45.47 -6.25 -7.54
CA GLU C 256 46.89 -6.43 -7.25
C GLU C 256 47.13 -7.56 -6.26
N SER C 257 48.35 -8.08 -6.29
CA SER C 257 48.83 -9.08 -5.34
C SER C 257 49.75 -8.35 -4.38
N PHE C 258 49.62 -8.59 -3.07
CA PHE C 258 50.50 -7.90 -2.13
C PHE C 258 51.98 -8.24 -2.36
N GLU C 259 52.24 -9.38 -2.95
CA GLU C 259 53.60 -9.81 -3.24
C GLU C 259 54.25 -8.90 -4.28
N ASP C 260 53.44 -8.13 -5.00
CA ASP C 260 53.96 -7.23 -6.03
C ASP C 260 54.30 -5.83 -5.50
N ILE C 261 54.12 -5.62 -4.20
CA ILE C 261 54.50 -4.35 -3.60
C ILE C 261 56.03 -4.22 -3.69
N GLU C 262 56.50 -3.12 -4.25
CA GLU C 262 57.93 -2.85 -4.40
C GLU C 262 58.45 -2.00 -3.23
N ALA C 263 57.68 -0.99 -2.85
CA ALA C 263 58.06 -0.10 -1.76
C ALA C 263 56.83 0.46 -1.08
N ALA C 264 57.00 0.93 0.16
CA ALA C 264 55.91 1.54 0.92
C ALA C 264 56.40 2.81 1.60
N ALA C 265 55.46 3.67 1.98
CA ALA C 265 55.80 4.90 2.66
C ALA C 265 54.69 5.30 3.62
N LEU C 266 55.08 5.70 4.83
CA LEU C 266 54.15 6.16 5.86
C LEU C 266 54.50 7.58 6.27
N VAL C 267 53.51 8.47 6.22
CA VAL C 267 53.68 9.83 6.68
C VAL C 267 52.62 10.00 7.78
N GLU C 268 53.06 10.48 8.94
CA GLU C 268 52.15 10.75 10.09
C GLU C 268 52.56 12.02 10.83
N SER C 269 51.73 12.42 11.78
CA SER C 269 51.92 13.64 12.53
C SER C 269 52.87 13.50 13.70
N ALA C 270 53.76 14.48 13.84
CA ALA C 270 54.73 14.49 14.93
C ALA C 270 54.03 14.68 16.28
N THR C 271 52.86 15.32 16.29
CA THR C 271 52.09 15.55 17.52
C THR C 271 50.91 14.59 17.74
N GLY C 272 50.84 13.52 16.96
CA GLY C 272 49.78 12.52 17.13
C GLY C 272 49.97 11.71 18.39
N LYS C 273 48.87 11.39 19.08
CA LYS C 273 48.96 10.62 20.33
C LYS C 273 49.28 9.12 20.12
N ILE C 274 49.32 8.68 18.87
CA ILE C 274 49.77 7.31 18.55
C ILE C 274 50.74 7.34 17.37
N SER C 275 51.25 6.15 17.02
CA SER C 275 52.12 5.97 15.87
C SER C 275 51.76 4.66 15.16
N HIS C 276 51.69 4.71 13.82
CA HIS C 276 51.42 3.50 13.02
C HIS C 276 52.71 2.84 12.55
N LEU C 277 53.85 3.43 12.92
CA LEU C 277 55.15 2.91 12.42
C LEU C 277 55.33 1.41 12.67
N ALA C 278 55.41 1.05 13.96
CA ALA C 278 55.65 -0.33 14.36
C ALA C 278 54.72 -1.36 13.71
N ASP C 279 53.42 -1.07 13.71
CA ASP C 279 52.45 -2.00 13.11
C ASP C 279 52.54 -2.02 11.58
N THR C 280 52.91 -0.89 10.98
CA THR C 280 53.08 -0.84 9.54
C THR C 280 54.31 -1.67 9.19
N GLN C 281 55.43 -1.44 9.88
CA GLN C 281 56.64 -2.26 9.67
C GLN C 281 56.36 -3.77 9.83
N ALA C 282 55.69 -4.13 10.91
CA ALA C 282 55.39 -5.54 11.22
C ALA C 282 54.46 -6.22 10.20
N THR C 283 53.46 -5.50 9.71
CA THR C 283 52.54 -6.08 8.73
C THR C 283 53.19 -6.23 7.38
N LEU C 284 53.99 -5.24 6.97
CA LEU C 284 54.72 -5.35 5.71
C LEU C 284 55.73 -6.50 5.77
N GLU C 285 56.22 -6.83 6.96
CA GLU C 285 57.18 -7.93 7.08
C GLU C 285 56.56 -9.31 6.87
N VAL C 286 55.29 -9.49 7.25
CA VAL C 286 54.66 -10.78 7.03
C VAL C 286 54.30 -10.90 5.55
N ILE C 287 54.07 -9.76 4.89
CA ILE C 287 53.81 -9.76 3.46
C ILE C 287 55.11 -10.12 2.73
N ASN C 288 56.16 -9.35 2.96
CA ASN C 288 57.49 -9.58 2.33
C ASN C 288 58.56 -8.75 3.04
N PRO C 289 59.53 -9.41 3.69
CA PRO C 289 60.57 -8.70 4.44
C PRO C 289 61.46 -7.78 3.63
N ASP C 290 61.49 -7.95 2.32
CA ASP C 290 62.32 -7.12 1.45
C ASP C 290 61.69 -5.75 1.14
N ILE C 291 60.43 -5.56 1.49
CA ILE C 291 59.75 -4.29 1.22
C ILE C 291 60.31 -3.21 2.12
N PRO C 292 60.96 -2.19 1.54
CA PRO C 292 61.47 -1.13 2.38
C PRO C 292 60.34 -0.17 2.67
N LEU C 293 60.36 0.42 3.86
CA LEU C 293 59.37 1.41 4.26
C LEU C 293 60.00 2.77 4.46
N SER C 294 59.63 3.75 3.64
CA SER C 294 60.12 5.12 3.81
C SER C 294 59.26 5.73 4.93
N TYR C 295 59.82 6.61 5.76
CA TYR C 295 59.08 7.22 6.88
C TYR C 295 59.32 8.70 7.12
N LEU C 296 58.25 9.42 7.44
CA LEU C 296 58.29 10.84 7.73
C LEU C 296 57.29 11.22 8.81
N SER C 297 57.79 11.72 9.94
CA SER C 297 56.96 12.21 11.03
C SER C 297 56.92 13.72 10.80
N LEU C 298 55.79 14.23 10.33
CA LEU C 298 55.64 15.63 9.93
C LEU C 298 54.90 16.53 10.91
N ASN D 2 48.99 10.38 43.17
CA ASN D 2 48.51 9.20 42.42
C ASN D 2 47.09 9.45 41.95
N ALA D 3 46.89 9.50 40.64
CA ALA D 3 45.58 9.77 40.08
C ALA D 3 44.53 8.75 40.52
N MSE D 4 44.91 7.46 40.59
CA MSE D 4 43.95 6.43 40.98
C MSE D 4 43.47 6.62 42.42
O MSE D 4 42.28 6.55 42.69
CB MSE D 4 44.53 5.03 40.84
CG MSE D 4 43.51 3.92 41.06
SE MSE D 4 44.30 2.26 41.70
CE MSE D 4 44.88 2.86 43.49
N ARG D 5 44.42 6.84 43.34
CA ARG D 5 44.12 7.04 44.76
C ARG D 5 43.14 8.20 44.93
N ASN D 6 43.42 9.29 44.23
CA ASN D 6 42.58 10.48 44.29
C ASN D 6 41.19 10.19 43.77
N ARG D 7 41.09 9.41 42.69
CA ARG D 7 39.78 9.12 42.09
C ARG D 7 38.95 8.15 42.94
N ILE D 8 39.63 7.23 43.64
CA ILE D 8 38.94 6.32 44.54
C ILE D 8 38.34 7.14 45.70
N GLU D 9 39.13 8.09 46.22
CA GLU D 9 38.69 8.93 47.34
C GLU D 9 37.48 9.78 46.97
N GLN D 10 37.50 10.38 45.78
N GLN D 10 37.50 10.38 45.78
CA GLN D 10 36.38 11.19 45.34
CA GLN D 10 36.39 11.19 45.30
C GLN D 10 35.13 10.33 45.16
C GLN D 10 35.14 10.34 45.17
N ALA D 11 35.30 9.12 44.66
CA ALA D 11 34.17 8.19 44.47
C ALA D 11 33.55 7.81 45.82
N LEU D 12 34.39 7.52 46.81
CA LEU D 12 33.91 7.17 48.16
C LEU D 12 33.16 8.32 48.82
N GLN D 13 33.65 9.54 48.63
CA GLN D 13 33.00 10.72 49.21
C GLN D 13 31.61 10.99 48.65
N GLN D 14 31.33 10.50 47.44
CA GLN D 14 30.01 10.71 46.83
C GLN D 14 29.03 9.59 47.14
N MSE D 15 29.48 8.58 47.87
CA MSE D 15 28.63 7.47 48.23
C MSE D 15 27.67 7.82 49.36
O MSE D 15 28.00 8.65 50.22
CB MSE D 15 29.46 6.24 48.65
CG MSE D 15 30.40 5.66 47.58
SE MSE D 15 29.46 4.87 46.06
CE MSE D 15 31.02 4.37 44.96
N PRO D 16 26.48 7.20 49.37
CA PRO D 16 25.52 7.41 50.44
C PRO D 16 26.10 6.98 51.79
N ALA D 17 25.89 7.81 52.80
CA ALA D 17 26.41 7.52 54.14
C ALA D 17 25.95 6.15 54.68
N SER D 18 24.88 5.61 54.11
CA SER D 18 24.34 4.30 54.53
C SER D 18 25.36 3.18 54.43
N PHE D 19 26.17 3.15 53.38
CA PHE D 19 27.13 2.06 53.20
C PHE D 19 28.58 2.49 52.92
N ALA D 20 28.84 3.80 52.81
CA ALA D 20 30.19 4.30 52.51
C ALA D 20 31.24 3.85 53.53
N PRO D 21 30.91 3.88 54.84
CA PRO D 21 31.91 3.45 55.82
C PRO D 21 32.41 2.03 55.60
N TYR D 22 31.51 1.11 55.28
CA TYR D 22 31.94 -0.27 55.03
C TYR D 22 32.63 -0.39 53.65
N LEU D 23 32.13 0.34 52.64
CA LEU D 23 32.75 0.29 51.30
C LEU D 23 34.21 0.78 51.38
N ARG D 24 34.38 1.89 52.09
CA ARG D 24 35.67 2.52 52.33
C ARG D 24 36.62 1.55 53.05
N GLU D 25 36.08 0.77 53.97
CA GLU D 25 36.85 -0.21 54.72
C GLU D 25 37.37 -1.33 53.79
N LEU D 26 36.54 -1.76 52.84
CA LEU D 26 36.92 -2.80 51.87
C LEU D 26 37.88 -2.27 50.79
N VAL D 27 37.51 -1.15 50.18
CA VAL D 27 38.30 -0.57 49.10
C VAL D 27 39.69 -0.08 49.52
N LEU D 28 39.80 0.45 50.74
CA LEU D 28 41.08 0.96 51.23
C LEU D 28 41.94 -0.11 51.94
N ALA D 29 41.40 -1.32 52.09
CA ALA D 29 42.17 -2.41 52.68
C ALA D 29 43.43 -2.57 51.83
N LYS D 30 44.54 -2.91 52.46
CA LYS D 30 45.82 -3.04 51.75
C LYS D 30 45.84 -4.18 50.72
N ASP D 31 45.00 -5.18 50.89
CA ASP D 31 44.92 -6.28 49.92
C ASP D 31 43.68 -6.23 49.03
N PHE D 32 43.11 -5.05 48.85
CA PHE D 32 41.91 -4.93 48.01
C PHE D 32 42.30 -5.23 46.58
N ASP D 33 41.60 -6.19 45.98
CA ASP D 33 41.91 -6.66 44.64
C ASP D 33 40.88 -6.27 43.57
N ALA D 34 40.14 -5.21 43.82
CA ALA D 34 39.18 -4.76 42.86
C ALA D 34 38.11 -5.82 42.61
N THR D 35 37.67 -6.49 43.67
CA THR D 35 36.57 -7.46 43.60
C THR D 35 35.83 -7.45 44.93
N PHE D 36 34.57 -7.85 44.89
CA PHE D 36 33.79 -7.94 46.08
C PHE D 36 33.26 -9.34 46.10
N SER D 37 33.35 -10.00 47.25
CA SER D 37 32.84 -11.35 47.35
C SER D 37 31.34 -11.23 47.40
N ALA D 38 30.66 -12.34 47.12
CA ALA D 38 29.21 -12.41 47.20
C ALA D 38 28.74 -11.93 48.57
N GLU D 39 29.43 -12.36 49.63
CA GLU D 39 29.06 -12.00 51.02
C GLU D 39 29.28 -10.51 51.32
N GLN D 40 30.38 -9.94 50.83
CA GLN D 40 30.64 -8.51 51.01
C GLN D 40 29.59 -7.70 50.28
N TYR D 41 29.24 -8.14 49.07
CA TYR D 41 28.24 -7.43 48.29
C TYR D 41 26.85 -7.45 48.95
N GLN D 42 26.45 -8.60 49.49
CA GLN D 42 25.16 -8.70 50.17
C GLN D 42 25.13 -7.78 51.40
N GLN D 43 26.24 -7.77 52.14
CA GLN D 43 26.36 -6.88 53.29
C GLN D 43 26.25 -5.41 52.83
N LEU D 44 26.87 -5.07 51.70
CA LEU D 44 26.73 -3.71 51.17
C LEU D 44 25.27 -3.49 50.79
N LEU D 45 24.71 -4.46 50.08
CA LEU D 45 23.31 -4.39 49.65
C LEU D 45 22.38 -4.16 50.83
N THR D 46 22.50 -4.97 51.88
CA THR D 46 21.66 -4.82 53.08
C THR D 46 21.82 -3.42 53.69
N LEU D 47 23.06 -2.98 53.86
CA LEU D 47 23.34 -1.64 54.43
C LEU D 47 22.76 -0.50 53.58
N SER D 48 22.78 -0.67 52.26
CA SER D 48 22.28 0.36 51.35
C SER D 48 20.79 0.58 51.42
N GLY D 49 20.03 -0.51 51.50
CA GLY D 49 18.57 -0.42 51.50
C GLY D 49 18.05 -0.26 50.08
N LEU D 50 18.99 -0.29 49.11
CA LEU D 50 18.69 -0.17 47.69
C LEU D 50 18.45 -1.54 47.08
N GLU D 51 18.06 -1.57 45.82
CA GLU D 51 17.89 -2.81 45.10
C GLU D 51 19.19 -3.09 44.38
N ASP D 52 19.43 -4.37 44.13
CA ASP D 52 20.65 -4.86 43.48
C ASP D 52 21.17 -3.95 42.34
N ALA D 53 20.42 -3.87 41.24
CA ALA D 53 20.83 -3.05 40.09
C ALA D 53 21.29 -1.63 40.46
N ASP D 54 20.54 -0.94 41.32
CA ASP D 54 20.90 0.43 41.68
C ASP D 54 22.20 0.49 42.48
N LEU D 55 22.45 -0.51 43.32
CA LEU D 55 23.70 -0.55 44.07
C LEU D 55 24.87 -0.75 43.10
N ARG D 56 24.79 -1.76 42.25
CA ARG D 56 25.87 -2.00 41.27
C ARG D 56 26.18 -0.73 40.46
N VAL D 57 25.14 0.00 40.08
CA VAL D 57 25.33 1.25 39.36
C VAL D 57 26.06 2.29 40.24
N ALA D 58 25.70 2.33 41.51
CA ALA D 58 26.32 3.25 42.46
C ALA D 58 27.81 2.94 42.65
N LEU D 59 28.20 1.69 42.44
CA LEU D 59 29.60 1.28 42.58
C LEU D 59 30.46 1.51 41.34
N LEU D 60 29.85 1.91 40.23
CA LEU D 60 30.62 2.08 39.00
C LEU D 60 31.81 3.03 39.14
N PRO D 61 31.64 4.14 39.87
CA PRO D 61 32.78 5.08 40.02
C PRO D 61 34.05 4.45 40.63
N ILE D 62 33.89 3.38 41.41
CA ILE D 62 35.05 2.70 42.00
C ILE D 62 35.82 2.07 40.87
N ALA D 63 35.09 1.39 40.00
CA ALA D 63 35.67 0.76 38.83
C ALA D 63 36.31 1.77 37.88
N ALA D 64 35.64 2.90 37.69
CA ALA D 64 36.11 3.92 36.74
C ALA D 64 37.36 4.64 37.24
N ALA D 65 37.54 4.70 38.56
CA ALA D 65 38.74 5.33 39.15
C ALA D 65 40.01 4.61 38.71
N TYR D 66 39.87 3.36 38.26
CA TYR D 66 41.04 2.57 37.78
C TYR D 66 41.43 2.84 36.34
N SER D 67 40.60 3.55 35.60
CA SER D 67 40.84 3.85 34.19
C SER D 67 42.18 4.47 33.93
N TYR D 68 42.85 3.95 32.90
CA TYR D 68 44.13 4.48 32.46
C TYR D 68 43.88 4.95 31.02
N ALA D 69 43.50 6.21 30.86
CA ALA D 69 43.09 6.75 29.55
C ALA D 69 43.84 8.02 29.16
N PRO D 70 45.16 7.91 28.90
CA PRO D 70 45.96 9.05 28.54
C PRO D 70 45.64 9.65 27.17
N ILE D 71 44.93 8.92 26.31
CA ILE D 71 44.57 9.44 24.99
C ILE D 71 43.25 10.21 25.06
N SER D 72 42.18 9.54 25.51
CA SER D 72 40.84 10.13 25.55
C SER D 72 40.46 10.84 26.83
N GLU D 73 41.14 10.50 27.93
CA GLU D 73 40.76 10.99 29.26
C GLU D 73 39.27 10.69 29.49
N PHE D 74 38.81 9.59 28.92
CA PHE D 74 37.43 9.17 29.03
C PHE D 74 37.45 7.93 29.91
N TYR D 75 36.95 8.05 31.14
CA TYR D 75 37.04 6.97 32.11
C TYR D 75 35.81 6.08 32.14
N VAL D 76 35.97 4.84 31.69
CA VAL D 76 34.86 3.90 31.68
C VAL D 76 35.13 2.83 32.74
N GLY D 77 34.06 2.46 33.45
CA GLY D 77 34.13 1.46 34.48
C GLY D 77 33.11 0.37 34.23
N ALA D 78 33.47 -0.87 34.56
CA ALA D 78 32.58 -2.00 34.37
C ALA D 78 32.63 -2.95 35.57
N ILE D 79 31.47 -3.48 35.93
CA ILE D 79 31.38 -4.44 37.02
C ILE D 79 30.78 -5.72 36.48
N VAL D 80 31.60 -6.76 36.42
CA VAL D 80 31.17 -8.05 35.98
C VAL D 80 30.94 -8.94 37.19
N ARG D 81 29.73 -9.49 37.27
CA ARG D 81 29.38 -10.41 38.32
C ARG D 81 29.44 -11.80 37.72
N GLY D 82 30.32 -12.62 38.26
CA GLY D 82 30.49 -13.98 37.76
C GLY D 82 29.36 -14.85 38.23
N ILE D 83 29.20 -16.01 37.62
CA ILE D 83 28.11 -16.91 38.03
C ILE D 83 28.20 -17.35 39.50
N SER D 84 29.38 -17.22 40.12
CA SER D 84 29.54 -17.56 41.54
C SER D 84 29.00 -16.44 42.42
N GLY D 85 28.74 -15.27 41.85
CA GLY D 85 28.22 -14.12 42.60
C GLY D 85 29.26 -13.06 42.96
N ARG D 86 30.54 -13.39 42.79
CA ARG D 86 31.62 -12.44 43.10
C ARG D 86 31.64 -11.34 42.05
N LEU D 87 31.99 -10.12 42.44
CA LEU D 87 32.05 -8.99 41.51
C LEU D 87 33.50 -8.70 41.13
N TYR D 88 33.74 -8.50 39.84
CA TYR D 88 35.05 -8.18 39.35
C TYR D 88 34.99 -6.84 38.64
N LEU D 89 35.81 -5.89 39.09
CA LEU D 89 35.81 -4.57 38.47
C LEU D 89 36.79 -4.55 37.30
N GLY D 90 36.60 -3.58 36.41
CA GLY D 90 37.47 -3.39 35.24
C GLY D 90 37.34 -1.97 34.71
N ALA D 91 38.36 -1.49 33.99
CA ALA D 91 38.36 -0.12 33.42
C ALA D 91 39.09 -0.13 32.09
N ASN D 92 38.90 0.92 31.31
CA ASN D 92 39.56 1.01 30.03
C ASN D 92 41.05 1.34 30.20
N MSE D 93 41.81 1.01 29.16
CA MSE D 93 43.24 1.11 29.16
C MSE D 93 43.67 1.53 27.75
O MSE D 93 43.26 0.90 26.77
CB MSE D 93 43.78 -0.28 29.49
CG MSE D 93 45.18 -0.38 30.02
SE MSE D 93 45.46 -2.26 30.66
CE MSE D 93 43.77 -2.57 31.56
N GLU D 94 44.48 2.60 27.67
CA GLU D 94 44.93 3.17 26.41
C GLU D 94 46.46 3.31 26.41
N PHE D 95 47.08 3.15 25.25
CA PHE D 95 48.53 3.21 25.15
C PHE D 95 49.00 4.28 24.19
N THR D 96 49.58 5.34 24.74
CA THR D 96 50.12 6.44 23.94
C THR D 96 51.25 5.88 23.09
N GLY D 97 51.26 6.20 21.79
CA GLY D 97 52.33 5.76 20.87
C GLY D 97 52.15 4.42 20.19
N ALA D 98 51.10 3.70 20.57
CA ALA D 98 50.82 2.39 19.98
C ALA D 98 49.55 2.50 19.13
N GLN D 99 49.36 1.58 18.20
CA GLN D 99 48.18 1.59 17.33
C GLN D 99 46.96 1.27 18.20
N LEU D 100 45.78 1.73 17.81
CA LEU D 100 44.58 1.59 18.67
C LEU D 100 44.00 0.17 18.93
N GLY D 101 44.43 -0.82 18.16
CA GLY D 101 44.02 -2.20 18.44
C GLY D 101 44.58 -2.65 19.80
N GLN D 102 45.54 -1.90 20.33
CA GLN D 102 46.13 -2.23 21.65
C GLN D 102 45.25 -1.75 22.82
N THR D 103 44.16 -1.06 22.52
CA THR D 103 43.25 -0.55 23.52
C THR D 103 42.48 -1.67 24.20
N VAL D 104 42.20 -1.48 25.48
CA VAL D 104 41.38 -2.44 26.23
C VAL D 104 40.18 -1.69 26.73
N HIS D 105 38.98 -2.23 26.49
CA HIS D 105 37.76 -1.57 26.97
C HIS D 105 37.45 -2.06 28.37
N ALA D 106 36.68 -1.27 29.11
CA ALA D 106 36.26 -1.59 30.48
C ALA D 106 35.62 -2.97 30.57
N GLU D 107 34.73 -3.24 29.61
CA GLU D 107 34.02 -4.51 29.54
C GLU D 107 35.02 -5.68 29.37
N GLN D 108 35.96 -5.52 28.45
CA GLN D 108 36.98 -6.57 28.22
C GLN D 108 37.85 -6.76 29.46
N CYS D 109 38.22 -5.65 30.08
CA CYS D 109 39.06 -5.68 31.26
C CYS D 109 38.40 -6.48 32.38
N ALA D 110 37.15 -6.14 32.68
CA ALA D 110 36.40 -6.79 33.76
C ALA D 110 36.10 -8.25 33.44
N ILE D 111 35.76 -8.52 32.20
CA ILE D 111 35.50 -9.89 31.79
C ILE D 111 36.78 -10.73 31.96
N SER D 112 37.91 -10.18 31.53
CA SER D 112 39.16 -10.93 31.62
C SER D 112 39.58 -11.08 33.09
N HIS D 113 39.18 -10.12 33.91
CA HIS D 113 39.48 -10.16 35.32
C HIS D 113 38.74 -11.36 35.94
N ALA D 114 37.44 -11.50 35.66
CA ALA D 114 36.68 -12.65 36.15
C ALA D 114 37.28 -13.95 35.63
N TRP D 115 37.68 -13.96 34.36
CA TRP D 115 38.23 -15.13 33.74
C TRP D 115 39.54 -15.60 34.36
N MSE D 116 40.48 -14.69 34.54
CA MSE D 116 41.79 -15.07 35.10
C MSE D 116 41.70 -15.52 36.54
O MSE D 116 42.56 -16.26 37.01
CB MSE D 116 42.84 -13.94 34.95
CG MSE D 116 43.15 -13.57 33.50
SE MSE D 116 43.77 -15.05 32.37
CE MSE D 116 45.52 -15.35 33.16
N LYS D 117 40.66 -15.06 37.23
CA LYS D 117 40.44 -15.48 38.64
C LYS D 117 39.62 -16.76 38.74
N GLY D 118 39.19 -17.30 37.61
CA GLY D 118 38.54 -18.60 37.60
C GLY D 118 37.06 -18.77 37.36
N GLU D 119 36.33 -17.70 37.03
CA GLU D 119 34.89 -17.83 36.77
C GLU D 119 34.66 -18.57 35.47
N LYS D 120 33.63 -19.39 35.44
CA LYS D 120 33.27 -20.15 34.24
C LYS D 120 32.26 -19.38 33.39
N GLY D 121 31.74 -18.27 33.91
CA GLY D 121 30.75 -17.48 33.19
C GLY D 121 30.35 -16.18 33.85
N VAL D 122 29.63 -15.36 33.09
CA VAL D 122 29.18 -14.07 33.54
C VAL D 122 27.66 -14.10 33.71
N ALA D 123 27.19 -13.67 34.89
CA ALA D 123 25.77 -13.60 35.18
C ALA D 123 25.26 -12.26 34.66
N ASP D 124 25.99 -11.19 34.98
CA ASP D 124 25.62 -9.86 34.49
C ASP D 124 26.82 -8.93 34.49
N ILE D 125 26.69 -7.84 33.75
CA ILE D 125 27.74 -6.83 33.65
C ILE D 125 27.08 -5.47 33.73
N THR D 126 27.60 -4.63 34.64
CA THR D 126 27.07 -3.28 34.83
C THR D 126 28.11 -2.34 34.26
N ILE D 127 27.68 -1.36 33.48
N ILE D 127 27.67 -1.32 33.55
CA ILE D 127 28.64 -0.46 32.83
CA ILE D 127 28.55 -0.34 32.94
C ILE D 127 28.26 1.01 32.94
C ILE D 127 27.88 1.03 32.93
N ASN D 128 29.29 1.85 32.85
N ASN D 128 28.72 2.06 33.00
CA ASN D 128 29.17 3.28 33.02
CA ASN D 128 28.26 3.45 33.02
C ASN D 128 28.60 4.04 31.79
C ASN D 128 27.76 3.95 31.67
N PHE D 129 28.67 3.38 30.62
N PHE D 129 28.51 3.66 30.61
CA PHE D 129 28.15 3.93 29.36
CA PHE D 129 28.15 4.05 29.26
C PHE D 129 27.66 2.75 28.51
C PHE D 129 27.72 2.82 28.48
N SER D 130 26.84 3.02 27.50
CA SER D 130 26.35 1.93 26.63
C SER D 130 27.57 1.28 25.92
N PRO D 131 27.62 -0.06 25.85
CA PRO D 131 28.80 -0.73 25.24
C PRO D 131 28.87 -0.55 23.73
N CYS D 132 30.08 -0.43 23.19
CA CYS D 132 30.24 -0.22 21.74
C CYS D 132 30.15 -1.57 21.01
N GLY D 133 30.19 -1.53 19.68
CA GLY D 133 30.06 -2.74 18.86
C GLY D 133 31.14 -3.78 19.10
N HIS D 134 32.34 -3.28 19.32
CA HIS D 134 33.52 -4.08 19.62
C HIS D 134 33.29 -4.91 20.90
N CYS D 135 32.79 -4.26 21.95
CA CYS D 135 32.52 -4.96 23.21
C CYS D 135 31.35 -5.90 23.08
N ARG D 136 30.31 -5.50 22.36
CA ARG D 136 29.17 -6.40 22.18
C ARG D 136 29.65 -7.67 21.48
N GLN D 137 30.57 -7.53 20.54
CA GLN D 137 31.10 -8.68 19.78
C GLN D 137 31.99 -9.53 20.68
N PHE D 138 32.76 -8.87 21.53
CA PHE D 138 33.60 -9.55 22.49
C PHE D 138 32.76 -10.38 23.44
N MSE D 139 31.66 -9.81 23.95
CA MSE D 139 30.80 -10.53 24.90
C MSE D 139 30.09 -11.70 24.26
O MSE D 139 29.70 -12.65 24.94
CB MSE D 139 29.75 -9.61 25.53
CG MSE D 139 30.29 -8.68 26.61
SE MSE D 139 28.94 -7.45 27.34
CE MSE D 139 28.80 -6.17 25.87
N ASN D 140 29.92 -11.64 22.94
CA ASN D 140 29.24 -12.71 22.26
C ASN D 140 30.12 -13.96 22.15
N GLU D 141 31.38 -13.86 22.56
CA GLU D 141 32.29 -15.02 22.53
C GLU D 141 32.10 -15.91 23.77
N LEU D 142 31.56 -15.33 24.84
CA LEU D 142 31.43 -16.01 26.16
C LEU D 142 30.46 -17.17 26.24
N THR D 143 30.75 -18.10 27.15
CA THR D 143 29.90 -19.27 27.41
C THR D 143 28.48 -18.85 27.80
N THR D 144 28.33 -17.72 28.49
CA THR D 144 27.00 -17.24 28.90
C THR D 144 26.49 -16.08 28.02
N ALA D 145 27.01 -15.97 26.80
CA ALA D 145 26.58 -14.92 25.87
C ALA D 145 25.05 -14.75 25.77
N SER D 146 24.32 -15.86 25.67
CA SER D 146 22.86 -15.83 25.49
C SER D 146 22.02 -15.73 26.78
N SER D 147 22.65 -15.71 27.94
CA SER D 147 21.91 -15.58 29.20
C SER D 147 22.33 -14.35 30.02
N LEU D 148 23.54 -13.83 29.81
CA LEU D 148 24.02 -12.69 30.59
C LEU D 148 23.17 -11.43 30.35
N LYS D 149 23.11 -10.60 31.38
CA LYS D 149 22.35 -9.34 31.36
C LYS D 149 23.30 -8.13 31.41
N ILE D 150 22.94 -7.06 30.71
CA ILE D 150 23.72 -5.84 30.64
C ILE D 150 22.93 -4.76 31.34
N GLN D 151 23.49 -4.19 32.41
CA GLN D 151 22.79 -3.16 33.19
C GLN D 151 23.43 -1.79 33.03
N LEU D 152 22.63 -0.83 32.56
CA LEU D 152 23.08 0.55 32.42
C LEU D 152 22.36 1.37 33.47
N PRO D 153 22.88 2.57 33.78
CA PRO D 153 22.26 3.41 34.78
C PRO D 153 20.86 3.84 34.37
N LYS D 154 19.97 3.90 35.35
CA LYS D 154 18.58 4.32 35.14
C LYS D 154 17.90 3.68 33.91
N ARG D 155 18.16 2.38 33.72
CA ARG D 155 17.56 1.60 32.62
C ARG D 155 17.25 0.19 33.05
N ALA D 156 16.38 -0.48 32.29
CA ALA D 156 16.02 -1.86 32.59
C ALA D 156 17.14 -2.74 32.07
N ALA D 157 17.33 -3.89 32.70
CA ALA D 157 18.37 -4.81 32.29
C ALA D 157 17.99 -5.34 30.92
N LYS D 158 18.96 -5.42 30.02
CA LYS D 158 18.74 -5.94 28.67
C LYS D 158 19.67 -7.12 28.44
N THR D 159 19.37 -7.91 27.43
CA THR D 159 20.19 -9.06 27.07
C THR D 159 21.19 -8.61 26.00
N LEU D 160 22.22 -9.42 25.75
CA LEU D 160 23.22 -9.14 24.73
C LEU D 160 22.56 -9.13 23.35
N GLN D 161 21.65 -10.07 23.13
CA GLN D 161 20.90 -10.15 21.88
C GLN D 161 20.12 -8.87 21.63
N GLU D 162 19.60 -8.27 22.69
CA GLU D 162 18.91 -6.99 22.51
C GLU D 162 19.88 -5.91 22.02
N TYR D 163 21.14 -5.94 22.48
CA TYR D 163 22.15 -4.98 22.02
C TYR D 163 22.86 -5.38 20.73
N LEU D 164 22.86 -6.66 20.38
CA LEU D 164 23.55 -7.16 19.20
C LEU D 164 22.62 -8.12 18.44
N PRO D 165 21.55 -7.61 17.84
CA PRO D 165 20.63 -8.44 17.07
C PRO D 165 21.28 -9.20 15.94
N GLU D 166 20.81 -10.43 15.70
CA GLU D 166 21.33 -11.26 14.60
C GLU D 166 22.84 -11.34 14.75
N SER D 167 23.28 -11.73 15.93
CA SER D 167 24.69 -11.78 16.22
C SER D 167 25.47 -12.81 15.43
N PHE D 168 26.71 -12.42 15.13
CA PHE D 168 27.70 -13.25 14.45
C PHE D 168 28.63 -13.70 15.57
N GLY D 169 28.54 -14.97 15.95
CA GLY D 169 29.40 -15.50 17.01
C GLY D 169 30.25 -16.63 16.49
N PRO D 170 30.76 -17.48 17.39
CA PRO D 170 31.59 -18.63 17.00
C PRO D 170 30.86 -19.63 16.08
N ALA D 171 29.54 -19.75 16.22
CA ALA D 171 28.73 -20.70 15.42
C ALA D 171 28.80 -20.48 13.90
N ASP D 172 29.06 -19.25 13.48
CA ASP D 172 29.18 -18.90 12.06
C ASP D 172 30.49 -19.44 11.48
N LEU D 173 31.44 -19.73 12.37
CA LEU D 173 32.72 -20.31 11.99
C LEU D 173 32.77 -21.78 12.47
N GLY D 174 31.62 -22.29 12.95
CA GLY D 174 31.49 -23.67 13.42
C GLY D 174 31.82 -23.91 14.89
N ILE D 175 32.85 -23.24 15.40
CA ILE D 175 33.33 -23.40 16.80
C ILE D 175 32.20 -23.53 17.82
N ASP D 176 32.43 -24.40 18.80
CA ASP D 176 31.41 -24.76 19.79
C ASP D 176 31.62 -24.29 21.24
N SER D 177 32.82 -24.47 21.79
CA SER D 177 33.07 -24.12 23.20
C SER D 177 33.62 -22.68 23.38
N GLY D 178 32.81 -21.83 24.02
CA GLY D 178 33.11 -20.43 24.22
C GLY D 178 34.13 -20.04 25.29
N LEU D 179 34.50 -18.77 25.23
CA LEU D 179 35.45 -18.17 26.16
C LEU D 179 34.98 -18.27 27.61
N MSE D 180 35.89 -18.75 28.47
CA MSE D 180 35.71 -18.94 29.93
C MSE D 180 35.44 -20.39 30.31
O MSE D 180 35.48 -20.72 31.48
CB MSE D 180 34.67 -18.01 30.57
CG MSE D 180 35.05 -16.53 30.49
SE MSE D 180 33.80 -15.31 31.39
CE MSE D 180 34.20 -15.77 33.26
N SER D 181 35.18 -21.25 29.32
CA SER D 181 34.95 -22.67 29.61
C SER D 181 36.25 -23.30 30.12
N PRO D 182 36.15 -24.41 30.86
CA PRO D 182 37.36 -25.06 31.39
C PRO D 182 38.32 -25.51 30.29
N VAL D 183 39.55 -25.02 30.32
CA VAL D 183 40.54 -25.36 29.31
C VAL D 183 41.90 -25.74 29.91
N ASN D 184 42.53 -26.75 29.31
CA ASN D 184 43.87 -27.17 29.69
C ASN D 184 44.54 -27.81 28.48
N HIS D 185 45.36 -27.05 27.77
CA HIS D 185 46.02 -27.55 26.54
C HIS D 185 47.15 -28.58 26.77
N GLY D 186 47.58 -28.77 28.02
CA GLY D 186 48.63 -29.76 28.36
C GLY D 186 50.01 -29.52 27.78
N LYS D 187 50.34 -28.27 27.46
CA LYS D 187 51.64 -27.95 26.88
C LYS D 187 52.78 -27.92 27.90
N THR D 188 53.88 -28.62 27.60
CA THR D 188 55.03 -28.65 28.49
C THR D 188 56.32 -28.12 27.82
N SER D 189 57.26 -27.70 28.66
CA SER D 189 58.56 -27.20 28.23
C SER D 189 59.54 -27.34 29.37
N ASP D 190 60.80 -27.62 29.06
CA ASP D 190 61.82 -27.73 30.09
C ASP D 190 62.67 -26.45 30.10
N ASP D 191 62.06 -25.34 29.71
CA ASP D 191 62.75 -24.05 29.66
C ASP D 191 63.06 -23.65 31.11
N ASP D 192 64.32 -23.37 31.40
CA ASP D 192 64.74 -23.03 32.76
C ASP D 192 64.27 -21.66 33.28
N GLU D 193 63.77 -20.77 32.42
CA GLU D 193 63.28 -19.46 32.90
C GLU D 193 61.89 -19.61 33.53
N GLU D 194 61.78 -19.23 34.81
N GLU D 194 61.78 -19.25 34.80
CA GLU D 194 60.50 -19.35 35.49
CA GLU D 194 60.51 -19.36 35.51
C GLU D 194 59.44 -18.44 34.88
C GLU D 194 59.43 -18.44 34.92
N LEU D 195 59.83 -17.26 34.43
CA LEU D 195 58.86 -16.32 33.83
C LEU D 195 58.21 -16.95 32.57
N ILE D 196 58.97 -17.75 31.82
CA ILE D 196 58.45 -18.45 30.66
C ILE D 196 57.46 -19.52 31.10
N GLN D 197 57.83 -20.27 32.13
CA GLN D 197 56.98 -21.32 32.71
C GLN D 197 55.67 -20.72 33.21
N GLN D 198 55.76 -19.50 33.74
CA GLN D 198 54.57 -18.77 34.24
C GLN D 198 53.66 -18.33 33.08
N ALA D 199 54.27 -17.84 32.00
CA ALA D 199 53.53 -17.45 30.80
C ALA D 199 52.87 -18.69 30.20
N LEU D 200 53.55 -19.84 30.28
CA LEU D 200 53.04 -21.11 29.74
C LEU D 200 51.79 -21.59 30.49
N ARG D 201 51.72 -21.27 31.77
CA ARG D 201 50.59 -21.63 32.57
C ARG D 201 49.38 -20.93 31.95
N ALA D 202 49.57 -19.64 31.67
CA ALA D 202 48.51 -18.82 31.04
C ALA D 202 48.19 -19.33 29.63
N MSE D 203 49.22 -19.75 28.91
CA MSE D 203 49.06 -20.24 27.54
C MSE D 203 48.16 -21.50 27.55
O MSE D 203 47.34 -21.67 26.67
CB MSE D 203 50.46 -20.46 26.96
CG MSE D 203 50.57 -20.73 25.47
SE MSE D 203 50.91 -22.57 24.94
CE MSE D 203 49.25 -23.36 25.55
N ASN D 204 48.28 -22.32 28.59
CA ASN D 204 47.48 -23.53 28.72
C ASN D 204 45.98 -23.37 29.02
N ILE D 205 45.51 -22.16 29.30
CA ILE D 205 44.07 -21.97 29.49
C ILE D 205 43.56 -21.00 28.42
N SER D 206 44.41 -20.68 27.45
CA SER D 206 44.06 -19.67 26.45
C SER D 206 43.01 -20.15 25.46
N HIS D 207 42.29 -19.17 24.92
CA HIS D 207 41.21 -19.38 23.95
C HIS D 207 41.66 -18.91 22.57
N SER D 208 41.83 -19.83 21.64
CA SER D 208 42.24 -19.44 20.29
C SER D 208 41.79 -20.44 19.24
N PRO D 209 40.48 -20.66 19.14
CA PRO D 209 39.98 -21.63 18.18
C PRO D 209 40.08 -21.22 16.70
N TYR D 210 40.34 -19.94 16.41
CA TYR D 210 40.37 -19.47 14.99
C TYR D 210 41.76 -19.49 14.38
N THR D 211 42.79 -19.18 15.16
CA THR D 211 44.16 -19.20 14.66
C THR D 211 45.03 -20.26 15.33
N GLN D 212 44.49 -20.94 16.34
CA GLN D 212 45.23 -21.93 17.10
C GLN D 212 46.53 -21.36 17.69
N ASN D 213 46.59 -20.05 17.94
CA ASN D 213 47.78 -19.48 18.56
C ASN D 213 47.59 -19.35 20.07
N PHE D 214 47.47 -20.48 20.73
CA PHE D 214 47.31 -20.51 22.17
C PHE D 214 48.51 -19.77 22.69
N SER D 215 48.28 -18.84 23.59
CA SER D 215 49.37 -18.01 24.04
C SER D 215 49.08 -17.35 25.36
N GLY D 216 50.15 -16.99 26.04
CA GLY D 216 50.06 -16.34 27.35
C GLY D 216 51.27 -15.46 27.57
N VAL D 217 51.10 -14.50 28.46
CA VAL D 217 52.14 -13.56 28.85
C VAL D 217 52.26 -13.52 30.38
N ALA D 218 53.49 -13.38 30.87
CA ALA D 218 53.71 -13.21 32.31
C ALA D 218 54.48 -11.91 32.50
N LEU D 219 54.01 -11.08 33.42
CA LEU D 219 54.69 -9.83 33.74
C LEU D 219 55.24 -9.96 35.15
N LYS D 220 56.48 -9.52 35.37
CA LYS D 220 57.09 -9.57 36.70
C LYS D 220 57.39 -8.15 37.15
N MSE D 221 56.77 -7.71 38.25
CA MSE D 221 57.00 -6.36 38.77
C MSE D 221 58.35 -6.27 39.48
O MSE D 221 58.98 -7.28 39.76
CB MSE D 221 55.91 -5.98 39.78
CG MSE D 221 54.49 -6.22 39.30
SE MSE D 221 54.09 -5.27 37.65
CE MSE D 221 54.17 -3.47 38.39
N ARG D 222 58.78 -5.05 39.79
CA ARG D 222 60.02 -4.83 40.56
C ARG D 222 59.85 -5.35 41.97
N SER D 223 58.60 -5.38 42.45
CA SER D 223 58.31 -5.90 43.77
C SER D 223 58.34 -7.43 43.79
N GLY D 224 58.19 -8.07 42.64
CA GLY D 224 58.19 -9.54 42.54
C GLY D 224 56.83 -10.12 42.20
N ALA D 225 55.77 -9.31 42.28
CA ALA D 225 54.42 -9.75 41.95
C ALA D 225 54.41 -10.22 40.51
N ILE D 226 53.69 -11.31 40.24
CA ILE D 226 53.60 -11.86 38.89
C ILE D 226 52.16 -11.72 38.37
N TYR D 227 51.99 -11.25 37.14
CA TYR D 227 50.66 -11.13 36.52
C TYR D 227 50.60 -11.93 35.22
N LEU D 228 49.60 -12.80 35.11
CA LEU D 228 49.44 -13.66 33.96
C LEU D 228 48.33 -13.21 33.05
N GLY D 229 48.53 -13.45 31.75
CA GLY D 229 47.51 -13.08 30.76
C GLY D 229 47.38 -14.14 29.70
N ALA D 230 46.15 -14.62 29.50
CA ALA D 230 45.86 -15.62 28.48
C ALA D 230 45.18 -14.96 27.29
N TYR D 231 45.48 -15.47 26.10
CA TYR D 231 44.88 -14.99 24.85
C TYR D 231 43.40 -15.28 24.80
N ALA D 232 42.60 -14.26 24.49
CA ALA D 232 41.15 -14.40 24.39
C ALA D 232 40.71 -13.98 22.98
N GLU D 233 40.83 -14.91 22.05
CA GLU D 233 40.50 -14.67 20.65
C GLU D 233 38.98 -14.55 20.42
N ASN D 234 38.61 -13.86 19.34
CA ASN D 234 37.20 -13.61 19.01
C ASN D 234 36.89 -14.01 17.57
N ALA D 235 35.68 -14.55 17.35
CA ALA D 235 35.24 -15.00 16.02
C ALA D 235 35.35 -13.91 14.96
N ALA D 236 35.14 -12.65 15.37
CA ALA D 236 35.22 -11.50 14.47
C ALA D 236 36.64 -10.97 14.25
N PHE D 237 37.62 -11.63 14.88
CA PHE D 237 39.05 -11.32 14.78
C PHE D 237 39.54 -10.06 15.51
N ASN D 238 39.18 -8.89 15.02
CA ASN D 238 39.62 -7.63 15.62
C ASN D 238 39.33 -7.47 17.12
N PRO D 239 38.15 -7.93 17.58
CA PRO D 239 37.84 -7.84 19.01
C PRO D 239 38.67 -8.76 19.90
N SER D 240 39.54 -9.57 19.33
CA SER D 240 40.38 -10.46 20.14
C SER D 240 41.19 -9.66 21.13
N LEU D 241 41.42 -10.22 22.33
CA LEU D 241 42.20 -9.54 23.37
C LEU D 241 43.53 -10.27 23.53
N PRO D 242 44.63 -9.64 23.06
CA PRO D 242 45.92 -10.26 23.15
C PRO D 242 46.33 -10.54 24.59
N PRO D 243 47.21 -11.52 24.79
CA PRO D 243 47.68 -11.92 26.12
C PRO D 243 48.37 -10.82 26.91
N LEU D 244 49.06 -9.91 26.24
CA LEU D 244 49.73 -8.83 26.94
C LEU D 244 48.68 -7.95 27.58
N GLN D 245 47.62 -7.65 26.82
CA GLN D 245 46.55 -6.81 27.32
C GLN D 245 45.86 -7.42 28.53
N VAL D 246 45.66 -8.73 28.51
CA VAL D 246 45.03 -9.41 29.59
C VAL D 246 45.94 -9.33 30.84
N ALA D 247 47.24 -9.57 30.68
CA ALA D 247 48.18 -9.52 31.82
C ALA D 247 48.28 -8.12 32.42
N LEU D 248 48.29 -7.11 31.54
CA LEU D 248 48.37 -5.69 31.92
C LEU D 248 47.13 -5.32 32.71
N ALA D 249 46.00 -5.86 32.27
CA ALA D 249 44.73 -5.63 32.92
C ALA D 249 44.73 -6.22 34.34
N GLN D 250 45.37 -7.36 34.55
CA GLN D 250 45.40 -7.95 35.90
C GLN D 250 46.25 -7.07 36.83
N ALA D 251 47.37 -6.55 36.32
CA ALA D 251 48.24 -5.66 37.10
C ALA D 251 47.53 -4.39 37.52
N MSE D 252 46.82 -3.82 36.56
CA MSE D 252 46.14 -2.57 36.76
C MSE D 252 45.03 -2.71 37.80
O MSE D 252 44.84 -1.83 38.64
CB MSE D 252 45.54 -2.08 35.44
CG MSE D 252 44.99 -0.67 35.53
SE MSE D 252 44.12 -0.01 33.91
CE MSE D 252 42.41 -0.97 34.00
N MSE D 253 44.29 -3.82 37.75
CA MSE D 253 43.22 -4.04 38.70
C MSE D 253 43.76 -4.31 40.11
O MSE D 253 43.04 -4.16 41.11
CB MSE D 253 42.22 -5.09 38.20
CG MSE D 253 41.57 -4.64 36.86
SE MSE D 253 40.97 -2.74 36.85
CE MSE D 253 39.69 -2.85 38.31
N MSE D 254 45.03 -4.64 40.19
CA MSE D 254 45.70 -4.87 41.47
C MSE D 254 46.31 -3.55 41.96
O MSE D 254 46.88 -3.48 43.04
CB MSE D 254 46.74 -5.99 41.37
CG MSE D 254 47.19 -6.54 42.71
SE MSE D 254 45.74 -7.32 43.82
CE MSE D 254 45.54 -9.05 42.92
N GLY D 255 46.18 -2.49 41.17
CA GLY D 255 46.68 -1.16 41.54
C GLY D 255 48.14 -0.93 41.25
N GLU D 256 48.68 -1.67 40.30
CA GLU D 256 50.08 -1.54 39.95
C GLU D 256 50.25 -0.44 38.92
N SER D 257 51.44 0.16 38.93
CA SER D 257 51.83 1.18 37.97
C SER D 257 52.64 0.44 36.92
N PHE D 258 52.41 0.71 35.62
CA PHE D 258 53.17 0.02 34.56
C PHE D 258 54.64 0.47 34.52
N GLU D 259 54.96 1.55 35.24
CA GLU D 259 56.33 2.00 35.34
C GLU D 259 57.11 1.01 36.22
N ASP D 260 56.38 0.20 37.00
CA ASP D 260 57.03 -0.76 37.91
C ASP D 260 57.20 -2.16 37.33
N ILE D 261 56.89 -2.34 36.04
CA ILE D 261 57.07 -3.64 35.39
C ILE D 261 58.55 -3.82 35.14
N GLU D 262 59.09 -4.95 35.59
CA GLU D 262 60.51 -5.24 35.45
C GLU D 262 60.83 -6.16 34.28
N ALA D 263 59.94 -7.10 33.96
CA ALA D 263 60.22 -8.01 32.87
C ALA D 263 58.94 -8.68 32.38
N ALA D 264 58.98 -9.18 31.15
CA ALA D 264 57.84 -9.83 30.54
C ALA D 264 58.27 -11.07 29.79
N ALA D 265 57.34 -11.98 29.60
CA ALA D 265 57.57 -13.21 28.86
C ALA D 265 56.33 -13.52 28.04
N LEU D 266 56.55 -13.99 26.83
CA LEU D 266 55.49 -14.38 25.90
C LEU D 266 55.72 -15.81 25.42
N VAL D 267 54.71 -16.65 25.59
CA VAL D 267 54.77 -18.00 25.10
C VAL D 267 53.59 -18.23 24.16
N GLU D 268 53.87 -18.80 22.99
CA GLU D 268 52.84 -19.05 21.99
C GLU D 268 53.13 -20.33 21.20
N SER D 269 52.21 -20.69 20.32
CA SER D 269 52.33 -21.92 19.56
C SER D 269 53.06 -21.71 18.26
N ALA D 270 54.02 -22.58 17.97
CA ALA D 270 54.79 -22.53 16.72
C ALA D 270 53.93 -22.89 15.50
N THR D 271 52.68 -23.28 15.75
CA THR D 271 51.75 -23.63 14.68
C THR D 271 50.56 -22.70 14.62
N GLY D 272 50.60 -21.61 15.40
CA GLY D 272 49.54 -20.63 15.35
C GLY D 272 49.60 -19.88 14.02
N LYS D 273 48.44 -19.55 13.48
CA LYS D 273 48.38 -18.82 12.21
C LYS D 273 48.72 -17.34 12.35
N ILE D 274 48.94 -16.89 13.58
CA ILE D 274 49.38 -15.53 13.87
C ILE D 274 50.47 -15.60 14.94
N SER D 275 51.06 -14.44 15.20
CA SER D 275 52.07 -14.28 16.24
C SER D 275 51.85 -12.95 16.91
N HIS D 276 51.97 -12.94 18.25
CA HIS D 276 51.79 -11.76 19.08
C HIS D 276 53.12 -11.04 19.39
N LEU D 277 54.23 -11.60 18.94
CA LEU D 277 55.57 -11.05 19.25
C LEU D 277 55.78 -9.59 18.91
N ALA D 278 55.55 -9.22 17.65
CA ALA D 278 55.78 -7.82 17.25
C ALA D 278 54.91 -6.80 18.02
N ASP D 279 53.65 -7.15 18.32
CA ASP D 279 52.76 -6.24 19.06
C ASP D 279 53.07 -6.23 20.56
N THR D 280 53.51 -7.36 21.07
CA THR D 280 53.90 -7.43 22.45
C THR D 280 55.14 -6.52 22.65
N GLN D 281 56.12 -6.61 21.75
CA GLN D 281 57.34 -5.79 21.87
C GLN D 281 57.06 -4.33 21.70
N ALA D 282 56.24 -4.02 20.71
CA ALA D 282 55.92 -2.64 20.39
C ALA D 282 55.15 -1.97 21.53
N THR D 283 54.23 -2.69 22.14
CA THR D 283 53.45 -2.11 23.25
C THR D 283 54.35 -1.98 24.48
N LEU D 284 55.21 -2.97 24.73
CA LEU D 284 56.13 -2.86 25.85
C LEU D 284 57.09 -1.69 25.65
N GLU D 285 57.52 -1.45 24.41
CA GLU D 285 58.45 -0.35 24.17
C GLU D 285 57.83 1.02 24.49
N VAL D 286 56.53 1.17 24.25
CA VAL D 286 55.89 2.45 24.56
C VAL D 286 55.63 2.57 26.07
N ILE D 287 55.47 1.45 26.77
CA ILE D 287 55.28 1.50 28.23
C ILE D 287 56.63 1.87 28.85
N ASN D 288 57.66 1.10 28.52
CA ASN D 288 59.01 1.33 29.01
C ASN D 288 60.00 0.54 28.13
N PRO D 289 60.86 1.25 27.36
CA PRO D 289 61.79 0.55 26.46
C PRO D 289 62.80 -0.36 27.18
N ASP D 290 63.02 -0.15 28.48
CA ASP D 290 63.95 -0.98 29.23
C ASP D 290 63.43 -2.39 29.57
N ILE D 291 62.12 -2.60 29.48
CA ILE D 291 61.55 -3.91 29.84
C ILE D 291 62.00 -5.01 28.86
N PRO D 292 62.72 -6.02 29.38
CA PRO D 292 63.13 -7.10 28.48
C PRO D 292 61.97 -8.05 28.29
N LEU D 293 61.89 -8.67 27.12
CA LEU D 293 60.83 -9.63 26.83
C LEU D 293 61.43 -10.97 26.48
N SER D 294 61.09 -12.01 27.23
CA SER D 294 61.57 -13.34 26.91
C SER D 294 60.52 -13.92 25.99
N TYR D 295 60.96 -14.82 25.12
CA TYR D 295 60.07 -15.41 24.14
C TYR D 295 60.34 -16.89 23.89
N LEU D 296 59.26 -17.63 23.66
CA LEU D 296 59.34 -19.04 23.35
C LEU D 296 58.19 -19.40 22.42
N SER D 297 58.54 -19.98 21.28
CA SER D 297 57.54 -20.46 20.33
C SER D 297 57.52 -21.96 20.54
N LEU D 298 56.50 -22.43 21.24
CA LEU D 298 56.37 -23.84 21.61
C LEU D 298 55.55 -24.63 20.61
N ASN E 2 -55.40 -3.48 -38.77
CA ASN E 2 -54.44 -4.37 -38.07
C ASN E 2 -54.08 -3.84 -36.67
N ALA E 3 -53.12 -4.47 -36.01
CA ALA E 3 -52.71 -4.06 -34.67
C ALA E 3 -52.24 -2.60 -34.65
N MSE E 4 -51.28 -2.28 -35.50
CA MSE E 4 -50.74 -0.94 -35.58
C MSE E 4 -51.81 0.14 -35.86
O MSE E 4 -51.88 1.15 -35.17
CB MSE E 4 -49.67 -0.89 -36.66
CG MSE E 4 -49.20 0.49 -36.97
SE MSE E 4 -48.27 0.42 -38.64
CE MSE E 4 -48.34 2.34 -39.02
N ARG E 5 -52.61 -0.07 -36.91
CA ARG E 5 -53.72 0.84 -37.25
C ARG E 5 -54.56 1.16 -36.04
N ASN E 6 -54.94 0.13 -35.30
CA ASN E 6 -55.74 0.30 -34.10
C ASN E 6 -55.02 1.11 -33.03
N ARG E 7 -53.73 0.83 -32.82
N ARG E 7 -53.73 0.82 -32.82
CA ARG E 7 -52.97 1.57 -31.83
CA ARG E 7 -52.94 1.57 -31.83
C ARG E 7 -52.69 3.01 -32.26
C ARG E 7 -52.73 3.01 -32.27
N ILE E 8 -52.60 3.24 -33.58
CA ILE E 8 -52.41 4.60 -34.09
C ILE E 8 -53.67 5.40 -33.78
N GLU E 9 -54.81 4.76 -34.05
CA GLU E 9 -56.11 5.39 -33.79
C GLU E 9 -56.25 5.72 -32.33
N GLN E 10 -55.90 4.78 -31.46
CA GLN E 10 -56.00 5.03 -30.02
C GLN E 10 -55.05 6.15 -29.57
N ALA E 11 -53.87 6.24 -30.19
CA ALA E 11 -52.93 7.31 -29.85
C ALA E 11 -53.50 8.69 -30.23
N LEU E 12 -54.09 8.79 -31.41
CA LEU E 12 -54.65 10.08 -31.89
C LEU E 12 -55.84 10.53 -31.04
N GLN E 13 -56.65 9.57 -30.58
CA GLN E 13 -57.82 9.84 -29.74
C GLN E 13 -57.43 10.59 -28.46
N GLN E 14 -56.26 10.27 -27.92
CA GLN E 14 -55.77 10.86 -26.67
C GLN E 14 -54.96 12.15 -26.83
N MSE E 15 -54.90 12.69 -28.04
CA MSE E 15 -54.13 13.92 -28.27
C MSE E 15 -54.99 15.13 -27.96
O MSE E 15 -56.17 15.16 -28.29
CB MSE E 15 -53.69 14.00 -29.74
CG MSE E 15 -52.77 12.88 -30.19
SE MSE E 15 -51.00 12.90 -29.36
CE MSE E 15 -50.34 11.22 -30.10
N PRO E 16 -54.40 16.15 -27.31
CA PRO E 16 -55.13 17.37 -27.05
C PRO E 16 -55.78 17.85 -28.34
N ALA E 17 -57.04 18.25 -28.28
CA ALA E 17 -57.78 18.70 -29.48
C ALA E 17 -57.13 19.89 -30.21
N SER E 18 -56.15 20.55 -29.59
CA SER E 18 -55.50 21.70 -30.21
C SER E 18 -54.76 21.32 -31.49
N PHE E 19 -54.08 20.17 -31.47
CA PHE E 19 -53.32 19.73 -32.64
C PHE E 19 -53.71 18.34 -33.16
N ALA E 20 -54.63 17.67 -32.49
CA ALA E 20 -55.08 16.35 -32.92
C ALA E 20 -55.57 16.36 -34.38
N PRO E 21 -56.40 17.34 -34.77
CA PRO E 21 -56.89 17.36 -36.16
C PRO E 21 -55.79 17.38 -37.23
N TYR E 22 -54.78 18.23 -37.07
CA TYR E 22 -53.68 18.29 -38.03
C TYR E 22 -52.77 17.06 -37.96
N LEU E 23 -52.54 16.54 -36.76
CA LEU E 23 -51.71 15.34 -36.58
C LEU E 23 -52.35 14.15 -37.26
N ARG E 24 -53.66 14.01 -37.08
CA ARG E 24 -54.45 12.94 -37.70
C ARG E 24 -54.31 13.03 -39.22
N GLU E 25 -54.44 14.23 -39.73
CA GLU E 25 -54.28 14.49 -41.15
C GLU E 25 -52.90 14.02 -41.67
N LEU E 26 -51.84 14.38 -40.96
CA LEU E 26 -50.46 13.99 -41.33
C LEU E 26 -50.16 12.50 -41.17
N VAL E 27 -50.58 11.94 -40.03
CA VAL E 27 -50.32 10.54 -39.69
C VAL E 27 -51.06 9.55 -40.57
N LEU E 28 -52.30 9.89 -40.92
CA LEU E 28 -53.14 9.03 -41.73
C LEU E 28 -53.02 9.30 -43.24
N ALA E 29 -52.13 10.20 -43.64
CA ALA E 29 -51.96 10.45 -45.07
C ALA E 29 -51.47 9.15 -45.67
N LYS E 30 -51.98 8.78 -46.84
CA LYS E 30 -51.61 7.52 -47.46
C LYS E 30 -50.11 7.37 -47.61
N ASP E 31 -49.38 8.48 -47.77
CA ASP E 31 -47.93 8.43 -47.93
C ASP E 31 -47.12 8.73 -46.64
N PHE E 32 -47.75 8.67 -45.46
CA PHE E 32 -47.05 8.92 -44.21
C PHE E 32 -45.92 7.94 -44.10
N ASP E 33 -44.71 8.44 -43.87
CA ASP E 33 -43.50 7.61 -43.81
C ASP E 33 -42.86 7.62 -42.42
N ALA E 34 -43.67 7.86 -41.40
CA ALA E 34 -43.20 7.86 -40.02
C ALA E 34 -42.15 8.93 -39.76
N THR E 35 -42.30 10.07 -40.42
CA THR E 35 -41.45 11.22 -40.19
C THR E 35 -42.32 12.49 -40.22
N PHE E 36 -41.78 13.56 -39.65
CA PHE E 36 -42.42 14.85 -39.67
C PHE E 36 -41.36 15.84 -40.12
N SER E 37 -41.67 16.66 -41.11
CA SER E 37 -40.74 17.68 -41.56
C SER E 37 -40.59 18.73 -40.46
N ALA E 38 -39.51 19.51 -40.51
CA ALA E 38 -39.31 20.59 -39.54
C ALA E 38 -40.51 21.54 -39.52
N GLU E 39 -41.03 21.85 -40.71
CA GLU E 39 -42.15 22.77 -40.88
C GLU E 39 -43.44 22.18 -40.32
N GLN E 40 -43.66 20.89 -40.54
CA GLN E 40 -44.83 20.21 -40.00
C GLN E 40 -44.80 20.23 -38.48
N TYR E 41 -43.63 19.96 -37.91
CA TYR E 41 -43.51 19.95 -36.45
C TYR E 41 -43.66 21.36 -35.88
N GLN E 42 -43.09 22.35 -36.54
CA GLN E 42 -43.21 23.72 -36.07
C GLN E 42 -44.69 24.15 -36.06
N GLN E 43 -45.47 23.65 -37.03
CA GLN E 43 -46.90 23.97 -37.11
C GLN E 43 -47.65 23.27 -35.99
N LEU E 44 -47.30 22.01 -35.76
CA LEU E 44 -47.88 21.25 -34.66
C LEU E 44 -47.56 21.97 -33.34
N LEU E 45 -46.32 22.43 -33.20
CA LEU E 45 -45.89 23.12 -31.99
C LEU E 45 -46.72 24.37 -31.78
N THR E 46 -46.90 25.16 -32.83
CA THR E 46 -47.68 26.38 -32.74
C THR E 46 -49.17 26.09 -32.46
N LEU E 47 -49.70 25.00 -33.01
CA LEU E 47 -51.11 24.63 -32.77
C LEU E 47 -51.31 24.24 -31.31
N SER E 48 -50.39 23.43 -30.82
CA SER E 48 -50.43 22.90 -29.46
C SER E 48 -50.24 23.95 -28.38
N GLY E 49 -49.32 24.89 -28.61
CA GLY E 49 -49.00 25.91 -27.63
C GLY E 49 -48.08 25.39 -26.55
N LEU E 50 -47.63 24.15 -26.70
CA LEU E 50 -46.73 23.51 -25.74
C LEU E 50 -45.28 23.90 -26.01
N GLU E 51 -44.40 23.50 -25.11
CA GLU E 51 -42.99 23.71 -25.32
C GLU E 51 -42.47 22.47 -26.06
N ASP E 52 -41.49 22.69 -26.93
CA ASP E 52 -40.90 21.64 -27.76
C ASP E 52 -40.85 20.28 -27.06
N ALA E 53 -40.09 20.20 -25.97
CA ALA E 53 -39.92 18.99 -25.19
C ALA E 53 -41.23 18.27 -24.87
N ASP E 54 -42.24 19.02 -24.46
CA ASP E 54 -43.54 18.41 -24.09
C ASP E 54 -44.33 17.90 -25.29
N LEU E 55 -44.12 18.51 -26.46
CA LEU E 55 -44.81 18.05 -27.68
C LEU E 55 -44.21 16.73 -28.14
N ARG E 56 -42.88 16.66 -28.20
CA ARG E 56 -42.23 15.40 -28.60
C ARG E 56 -42.69 14.27 -27.68
N VAL E 57 -42.68 14.51 -26.37
CA VAL E 57 -43.13 13.49 -25.40
C VAL E 57 -44.59 13.04 -25.69
N ALA E 58 -45.44 14.00 -26.03
CA ALA E 58 -46.85 13.69 -26.36
C ALA E 58 -47.00 12.95 -27.68
N LEU E 59 -45.97 12.98 -28.53
CA LEU E 59 -46.03 12.27 -29.83
C LEU E 59 -45.52 10.83 -29.75
N LEU E 60 -44.91 10.44 -28.62
CA LEU E 60 -44.34 9.08 -28.50
C LEU E 60 -45.32 7.94 -28.78
N PRO E 61 -46.57 8.07 -28.35
CA PRO E 61 -47.50 6.96 -28.63
C PRO E 61 -47.66 6.64 -30.11
N ILE E 62 -47.39 7.63 -30.98
CA ILE E 62 -47.46 7.41 -32.42
C ILE E 62 -46.30 6.48 -32.81
N ALA E 63 -45.11 6.76 -32.27
CA ALA E 63 -43.95 5.90 -32.54
C ALA E 63 -44.16 4.50 -31.95
N ALA E 64 -44.57 4.43 -30.68
CA ALA E 64 -44.81 3.14 -29.97
C ALA E 64 -45.87 2.28 -30.65
N ALA E 65 -46.77 2.91 -31.41
CA ALA E 65 -47.81 2.18 -32.15
C ALA E 65 -47.18 1.24 -33.21
N TYR E 66 -45.97 1.56 -33.67
CA TYR E 66 -45.27 0.72 -34.65
C TYR E 66 -44.53 -0.46 -34.02
N SER E 67 -44.52 -0.54 -32.70
CA SER E 67 -43.81 -1.63 -32.03
C SER E 67 -44.30 -3.00 -32.47
N TYR E 68 -43.35 -3.87 -32.76
CA TYR E 68 -43.65 -5.23 -33.13
C TYR E 68 -42.92 -6.06 -32.08
N ALA E 69 -43.63 -6.41 -31.02
CA ALA E 69 -43.03 -7.13 -29.90
C ALA E 69 -43.81 -8.37 -29.49
N PRO E 70 -43.78 -9.42 -30.33
CA PRO E 70 -44.54 -10.65 -30.01
C PRO E 70 -44.00 -11.45 -28.85
N ILE E 71 -42.81 -11.11 -28.35
CA ILE E 71 -42.20 -11.83 -27.22
C ILE E 71 -42.57 -11.11 -25.93
N SER E 72 -42.22 -9.83 -25.81
CA SER E 72 -42.48 -9.07 -24.60
C SER E 72 -43.84 -8.40 -24.55
N GLU E 73 -44.40 -8.03 -25.70
CA GLU E 73 -45.65 -7.26 -25.75
C GLU E 73 -45.44 -5.96 -24.96
N PHE E 74 -44.21 -5.44 -25.01
CA PHE E 74 -43.80 -4.23 -24.32
C PHE E 74 -43.48 -3.25 -25.46
N TYR E 75 -44.26 -2.17 -25.55
CA TYR E 75 -44.18 -1.25 -26.69
C TYR E 75 -43.34 0.00 -26.47
N VAL E 76 -42.15 -0.02 -27.05
CA VAL E 76 -41.21 1.09 -26.91
C VAL E 76 -41.21 1.89 -28.20
N GLY E 77 -41.34 3.20 -28.06
CA GLY E 77 -41.32 4.13 -29.17
C GLY E 77 -40.28 5.20 -28.92
N ALA E 78 -39.66 5.69 -29.99
CA ALA E 78 -38.66 6.72 -29.89
C ALA E 78 -38.78 7.71 -31.06
N ILE E 79 -38.46 8.97 -30.78
CA ILE E 79 -38.47 10.00 -31.79
C ILE E 79 -37.08 10.66 -31.87
N VAL E 80 -36.40 10.44 -33.00
CA VAL E 80 -35.10 11.02 -33.28
C VAL E 80 -35.27 12.27 -34.13
N ARG E 81 -34.62 13.35 -33.72
CA ARG E 81 -34.64 14.58 -34.47
C ARG E 81 -33.23 14.72 -35.00
N GLY E 82 -33.10 14.71 -36.32
CA GLY E 82 -31.80 14.87 -36.95
C GLY E 82 -31.34 16.31 -36.84
N ILE E 83 -30.13 16.58 -37.29
CA ILE E 83 -29.62 17.95 -37.24
C ILE E 83 -30.40 18.88 -38.17
N SER E 84 -31.04 18.34 -39.20
CA SER E 84 -31.85 19.16 -40.13
C SER E 84 -33.17 19.61 -39.52
N GLY E 85 -33.57 19.01 -38.39
CA GLY E 85 -34.83 19.35 -37.73
C GLY E 85 -35.94 18.34 -37.98
N ARG E 86 -35.78 17.52 -39.00
CA ARG E 86 -36.77 16.49 -39.32
C ARG E 86 -36.89 15.45 -38.19
N LEU E 87 -38.09 14.98 -37.89
CA LEU E 87 -38.30 13.97 -36.87
C LEU E 87 -38.52 12.61 -37.51
N TYR E 88 -37.83 11.60 -37.00
CA TYR E 88 -37.90 10.22 -37.50
C TYR E 88 -38.36 9.31 -36.39
N LEU E 89 -39.41 8.53 -36.63
CA LEU E 89 -39.94 7.64 -35.58
C LEU E 89 -39.32 6.25 -35.66
N GLY E 90 -39.40 5.52 -34.56
CA GLY E 90 -38.85 4.17 -34.50
C GLY E 90 -39.46 3.43 -33.32
N ALA E 91 -39.45 2.10 -33.40
CA ALA E 91 -40.04 1.28 -32.34
C ALA E 91 -39.26 0.00 -32.19
N ASN E 92 -39.49 -0.72 -31.10
CA ASN E 92 -38.77 -1.98 -30.89
C ASN E 92 -39.33 -3.06 -31.81
N MSE E 93 -38.50 -4.06 -32.07
CA MSE E 93 -38.81 -5.13 -32.99
C MSE E 93 -38.22 -6.41 -32.40
O MSE E 93 -37.04 -6.44 -32.06
CB MSE E 93 -38.15 -4.78 -34.31
CG MSE E 93 -38.60 -5.48 -35.57
SE MSE E 93 -37.69 -4.57 -37.11
CE MSE E 93 -35.85 -5.03 -36.70
N GLU E 94 -39.05 -7.44 -32.25
CA GLU E 94 -38.63 -8.74 -31.70
C GLU E 94 -38.94 -9.87 -32.67
N PHE E 95 -38.15 -10.94 -32.62
CA PHE E 95 -38.32 -12.06 -33.53
C PHE E 95 -38.42 -13.43 -32.85
N THR E 96 -39.66 -13.92 -32.72
CA THR E 96 -39.95 -15.23 -32.16
C THR E 96 -39.12 -16.29 -32.86
N GLY E 97 -38.55 -17.22 -32.10
CA GLY E 97 -37.78 -18.33 -32.66
C GLY E 97 -36.32 -18.09 -32.99
N ALA E 98 -35.84 -16.86 -32.81
CA ALA E 98 -34.44 -16.52 -33.07
C ALA E 98 -33.78 -15.98 -31.81
N GLN E 99 -32.46 -16.06 -31.74
CA GLN E 99 -31.73 -15.62 -30.54
C GLN E 99 -31.95 -14.11 -30.33
N LEU E 100 -31.89 -13.67 -29.07
CA LEU E 100 -32.22 -12.25 -28.71
C LEU E 100 -31.24 -11.19 -29.22
N GLY E 101 -30.08 -11.61 -29.72
CA GLY E 101 -29.16 -10.66 -30.32
C GLY E 101 -29.76 -10.10 -31.61
N GLN E 102 -30.86 -10.70 -32.06
CA GLN E 102 -31.56 -10.25 -33.28
C GLN E 102 -32.54 -9.10 -33.00
N THR E 103 -32.78 -8.81 -31.73
CA THR E 103 -33.73 -7.77 -31.34
C THR E 103 -33.25 -6.39 -31.72
N VAL E 104 -34.21 -5.51 -32.02
CA VAL E 104 -33.92 -4.11 -32.35
C VAL E 104 -34.67 -3.21 -31.39
N HIS E 105 -33.95 -2.35 -30.71
CA HIS E 105 -34.57 -1.44 -29.76
C HIS E 105 -35.16 -0.23 -30.49
N ALA E 106 -36.13 0.43 -29.86
CA ALA E 106 -36.75 1.61 -30.46
C ALA E 106 -35.69 2.65 -30.81
N GLU E 107 -34.74 2.83 -29.92
CA GLU E 107 -33.68 3.81 -30.12
C GLU E 107 -32.88 3.50 -31.39
N GLN E 108 -32.52 2.23 -31.57
CA GLN E 108 -31.76 1.79 -32.73
C GLN E 108 -32.57 1.96 -34.03
N CYS E 109 -33.86 1.68 -33.94
CA CYS E 109 -34.76 1.76 -35.10
C CYS E 109 -34.85 3.20 -35.58
N ALA E 110 -35.18 4.12 -34.67
CA ALA E 110 -35.30 5.56 -34.97
C ALA E 110 -33.99 6.17 -35.46
N ILE E 111 -32.86 5.73 -34.89
CA ILE E 111 -31.56 6.22 -35.32
C ILE E 111 -31.18 5.70 -36.72
N SER E 112 -31.50 4.44 -36.99
CA SER E 112 -31.17 3.83 -38.29
C SER E 112 -32.05 4.44 -39.38
N HIS E 113 -33.27 4.78 -38.99
CA HIS E 113 -34.23 5.39 -39.87
C HIS E 113 -33.71 6.76 -40.33
N ALA E 114 -33.24 7.57 -39.38
CA ALA E 114 -32.68 8.88 -39.69
C ALA E 114 -31.45 8.74 -40.58
N TRP E 115 -30.66 7.71 -40.30
CA TRP E 115 -29.43 7.45 -41.04
C TRP E 115 -29.71 7.04 -42.48
N MSE E 116 -30.55 6.03 -42.65
CA MSE E 116 -30.88 5.56 -43.99
C MSE E 116 -31.57 6.65 -44.80
O MSE E 116 -31.47 6.64 -46.01
CB MSE E 116 -31.74 4.30 -43.94
CG MSE E 116 -31.05 3.10 -43.30
SE MSE E 116 -29.35 2.66 -44.12
CE MSE E 116 -29.95 2.45 -45.97
N LYS E 117 -32.25 7.58 -44.15
CA LYS E 117 -32.87 8.68 -44.90
C LYS E 117 -31.95 9.87 -45.17
N GLY E 118 -30.71 9.79 -44.70
CA GLY E 118 -29.71 10.82 -45.00
C GLY E 118 -29.20 11.76 -43.92
N GLU E 119 -29.65 11.59 -42.67
CA GLU E 119 -29.17 12.47 -41.60
C GLU E 119 -27.69 12.23 -41.29
N LYS E 120 -26.97 13.30 -40.95
CA LYS E 120 -25.54 13.22 -40.65
C LYS E 120 -25.26 13.25 -39.17
N GLY E 121 -26.32 13.28 -38.37
CA GLY E 121 -26.20 13.34 -36.93
C GLY E 121 -27.56 13.43 -36.25
N VAL E 122 -27.54 13.32 -34.92
CA VAL E 122 -28.74 13.39 -34.12
C VAL E 122 -28.68 14.61 -33.17
N ALA E 123 -29.72 15.45 -33.21
CA ALA E 123 -29.78 16.61 -32.31
C ALA E 123 -30.27 16.10 -30.98
N ASP E 124 -31.39 15.39 -30.99
CA ASP E 124 -31.95 14.85 -29.77
C ASP E 124 -32.80 13.61 -30.01
N ILE E 125 -33.01 12.84 -28.93
CA ILE E 125 -33.84 11.65 -29.00
C ILE E 125 -34.82 11.66 -27.80
N THR E 126 -36.10 11.50 -28.11
CA THR E 126 -37.16 11.51 -27.11
C THR E 126 -37.59 10.06 -26.99
N ILE E 127 -37.77 9.57 -25.76
CA ILE E 127 -38.07 8.16 -25.60
C ILE E 127 -39.13 7.84 -24.56
N ASN E 128 -39.79 6.72 -24.83
CA ASN E 128 -40.89 6.17 -24.07
C ASN E 128 -40.52 5.68 -22.66
N PHE E 129 -39.37 5.04 -22.56
CA PHE E 129 -38.83 4.55 -21.29
C PHE E 129 -37.33 4.88 -21.30
N SER E 130 -36.71 4.95 -20.13
CA SER E 130 -35.29 5.26 -20.05
C SER E 130 -34.51 4.23 -20.89
N PRO E 131 -33.53 4.71 -21.66
CA PRO E 131 -32.76 3.80 -22.52
C PRO E 131 -31.89 2.84 -21.72
N CYS E 132 -31.83 1.59 -22.17
CA CYS E 132 -31.04 0.58 -21.50
C CYS E 132 -29.58 0.78 -21.86
N GLY E 133 -28.71 -0.03 -21.28
CA GLY E 133 -27.27 0.09 -21.51
C GLY E 133 -26.87 -0.18 -22.94
N HIS E 134 -27.50 -1.18 -23.54
CA HIS E 134 -27.25 -1.55 -24.94
C HIS E 134 -27.52 -0.34 -25.82
N CYS E 135 -28.65 0.34 -25.59
CA CYS E 135 -28.97 1.52 -26.39
C CYS E 135 -28.04 2.70 -26.11
N ARG E 136 -27.61 2.89 -24.86
CA ARG E 136 -26.71 3.99 -24.55
C ARG E 136 -25.39 3.75 -25.28
N GLN E 137 -24.95 2.50 -25.33
CA GLN E 137 -23.71 2.16 -25.99
C GLN E 137 -23.83 2.32 -27.50
N PHE E 138 -24.98 1.95 -28.06
CA PHE E 138 -25.20 2.11 -29.49
C PHE E 138 -25.06 3.57 -29.87
N MSE E 139 -25.75 4.42 -29.13
CA MSE E 139 -25.73 5.86 -29.38
C MSE E 139 -24.35 6.48 -29.24
O MSE E 139 -24.10 7.56 -29.77
CB MSE E 139 -26.69 6.61 -28.45
CG MSE E 139 -28.14 6.37 -28.73
SE MSE E 139 -29.32 7.37 -27.51
CE MSE E 139 -29.05 6.37 -25.87
N ASN E 140 -23.46 5.80 -28.52
CA ASN E 140 -22.14 6.34 -28.29
C ASN E 140 -21.25 6.21 -29.53
N GLU E 141 -21.72 5.46 -30.52
CA GLU E 141 -20.99 5.24 -31.79
C GLU E 141 -21.18 6.44 -32.74
N LEU E 142 -22.18 7.26 -32.46
CA LEU E 142 -22.56 8.38 -33.31
C LEU E 142 -21.63 9.59 -33.36
N THR E 143 -21.63 10.24 -34.52
CA THR E 143 -20.90 11.49 -34.75
C THR E 143 -21.31 12.58 -33.75
N THR E 144 -22.57 12.53 -33.30
CA THR E 144 -23.07 13.51 -32.35
C THR E 144 -23.24 12.91 -30.95
N ALA E 145 -22.49 11.85 -30.66
CA ALA E 145 -22.55 11.18 -29.37
C ALA E 145 -22.35 12.12 -28.18
N SER E 146 -21.50 13.14 -28.37
CA SER E 146 -21.16 14.09 -27.32
C SER E 146 -22.10 15.28 -27.18
N SER E 147 -22.95 15.53 -28.17
CA SER E 147 -23.83 16.70 -28.12
C SER E 147 -25.33 16.41 -28.11
N LEU E 148 -25.71 15.16 -28.42
CA LEU E 148 -27.11 14.81 -28.49
C LEU E 148 -27.75 14.79 -27.10
N LYS E 149 -29.00 15.24 -27.03
CA LYS E 149 -29.77 15.26 -25.78
C LYS E 149 -30.79 14.11 -25.79
N ILE E 150 -31.05 13.55 -24.60
CA ILE E 150 -32.02 12.46 -24.42
C ILE E 150 -33.14 12.96 -23.52
N GLN E 151 -34.37 12.97 -24.05
CA GLN E 151 -35.54 13.46 -23.34
C GLN E 151 -36.51 12.35 -22.97
N LEU E 152 -36.75 12.19 -21.68
CA LEU E 152 -37.69 11.21 -21.17
C LEU E 152 -38.93 11.94 -20.65
N PRO E 153 -40.05 11.22 -20.49
CA PRO E 153 -41.26 11.86 -19.96
C PRO E 153 -41.13 12.17 -18.46
N LYS E 154 -41.64 13.33 -18.06
CA LYS E 154 -41.61 13.74 -16.66
C LYS E 154 -40.19 14.06 -16.15
N ARG E 155 -39.22 14.28 -17.04
CA ARG E 155 -37.84 14.58 -16.59
C ARG E 155 -37.15 15.62 -17.46
N ALA E 156 -36.05 16.16 -16.95
CA ALA E 156 -35.29 17.17 -17.67
C ALA E 156 -34.43 16.49 -18.70
N ALA E 157 -34.09 17.20 -19.77
CA ALA E 157 -33.22 16.65 -20.80
C ALA E 157 -31.81 16.44 -20.24
N LYS E 158 -31.14 15.40 -20.70
CA LYS E 158 -29.78 15.11 -20.28
C LYS E 158 -28.95 14.72 -21.48
N THR E 159 -27.63 14.77 -21.31
CA THR E 159 -26.70 14.37 -22.37
C THR E 159 -26.46 12.86 -22.30
N LEU E 160 -25.99 12.28 -23.39
CA LEU E 160 -25.65 10.87 -23.41
C LEU E 160 -24.63 10.55 -22.34
N GLN E 161 -23.64 11.42 -22.19
N GLN E 161 -23.64 11.44 -22.20
CA GLN E 161 -22.58 11.19 -21.21
CA GLN E 161 -22.58 11.29 -21.21
C GLN E 161 -23.12 11.19 -19.77
C GLN E 161 -23.12 11.20 -19.78
N GLU E 162 -24.18 11.94 -19.50
CA GLU E 162 -24.80 11.92 -18.17
C GLU E 162 -25.48 10.55 -17.97
N TYR E 163 -26.05 9.98 -19.05
CA TYR E 163 -26.69 8.65 -18.98
C TYR E 163 -25.69 7.48 -19.06
N LEU E 164 -24.54 7.72 -19.65
CA LEU E 164 -23.51 6.69 -19.78
C LEU E 164 -22.17 7.32 -19.36
N PRO E 165 -21.97 7.53 -18.05
CA PRO E 165 -20.73 8.15 -17.60
C PRO E 165 -19.47 7.32 -17.87
N GLU E 166 -18.37 8.03 -18.18
CA GLU E 166 -17.07 7.42 -18.47
C GLU E 166 -17.29 6.33 -19.51
N SER E 167 -17.83 6.75 -20.64
CA SER E 167 -18.20 5.85 -21.68
C SER E 167 -17.05 5.18 -22.41
N PHE E 168 -17.29 3.93 -22.80
CA PHE E 168 -16.37 3.18 -23.62
C PHE E 168 -16.87 3.53 -25.04
N GLY E 169 -15.96 3.75 -25.97
CA GLY E 169 -16.36 4.13 -27.33
C GLY E 169 -15.29 3.81 -28.36
N PRO E 170 -15.52 4.24 -29.60
CA PRO E 170 -14.59 3.97 -30.71
C PRO E 170 -13.16 4.36 -30.40
N ALA E 171 -12.98 5.50 -29.74
CA ALA E 171 -11.65 6.02 -29.39
C ALA E 171 -10.81 5.08 -28.51
N ASP E 172 -11.46 4.25 -27.71
CA ASP E 172 -10.73 3.28 -26.87
C ASP E 172 -10.17 2.14 -27.72
N LEU E 173 -10.67 2.03 -28.95
CA LEU E 173 -10.21 1.02 -29.88
C LEU E 173 -9.42 1.60 -31.04
N GLY E 174 -9.05 2.89 -30.93
CA GLY E 174 -8.24 3.56 -31.95
C GLY E 174 -9.02 4.01 -33.17
N ILE E 175 -10.32 4.22 -33.04
CA ILE E 175 -11.14 4.64 -34.17
C ILE E 175 -11.75 6.04 -34.05
N ASP E 176 -11.53 6.79 -35.13
CA ASP E 176 -11.98 8.17 -35.27
C ASP E 176 -13.34 8.31 -35.99
N SER E 177 -13.65 7.36 -36.87
CA SER E 177 -14.90 7.41 -37.67
C SER E 177 -16.13 7.15 -36.83
N GLY E 178 -17.13 8.00 -37.00
CA GLY E 178 -18.38 7.87 -36.27
C GLY E 178 -19.52 7.45 -37.17
N LEU E 179 -20.48 6.74 -36.60
CA LEU E 179 -21.65 6.31 -37.33
C LEU E 179 -22.47 7.53 -37.78
N MSE E 180 -22.84 7.53 -39.06
CA MSE E 180 -23.66 8.59 -39.70
C MSE E 180 -22.84 9.62 -40.47
O MSE E 180 -23.42 10.52 -41.09
CB MSE E 180 -24.64 9.28 -38.75
CG MSE E 180 -25.66 8.32 -38.14
SE MSE E 180 -27.08 9.23 -37.14
CE MSE E 180 -28.05 10.06 -38.63
N SER E 181 -21.53 9.52 -40.43
CA SER E 181 -20.71 10.39 -41.23
C SER E 181 -20.77 9.84 -42.67
N PRO E 182 -20.62 10.72 -43.68
CA PRO E 182 -20.70 10.32 -45.09
C PRO E 182 -19.68 9.23 -45.44
N VAL E 183 -20.13 8.25 -46.22
CA VAL E 183 -19.30 7.12 -46.58
C VAL E 183 -19.64 6.58 -47.95
N ASN E 184 -18.61 6.26 -48.72
CA ASN E 184 -18.75 5.64 -50.03
C ASN E 184 -17.55 4.72 -50.19
N HIS E 185 -17.75 3.43 -49.95
CA HIS E 185 -16.65 2.48 -50.06
C HIS E 185 -16.30 2.20 -51.53
N GLY E 186 -17.15 2.64 -52.45
CA GLY E 186 -16.91 2.49 -53.88
C GLY E 186 -16.73 1.10 -54.45
N LYS E 187 -17.32 0.09 -53.82
CA LYS E 187 -17.22 -1.28 -54.32
C LYS E 187 -18.23 -1.48 -55.46
N THR E 188 -17.82 -2.16 -56.53
CA THR E 188 -18.67 -2.43 -57.69
C THR E 188 -18.82 -3.93 -57.96
N SER E 189 -19.73 -4.28 -58.86
CA SER E 189 -20.00 -5.69 -59.18
C SER E 189 -20.76 -5.85 -60.49
N ASP E 190 -20.43 -6.90 -61.24
CA ASP E 190 -21.10 -7.23 -62.52
C ASP E 190 -22.41 -8.01 -62.36
N ASP E 191 -22.69 -8.50 -61.16
CA ASP E 191 -23.90 -9.28 -60.93
C ASP E 191 -25.10 -8.57 -61.54
N ASP E 192 -25.85 -9.31 -62.34
CA ASP E 192 -27.02 -8.77 -63.04
C ASP E 192 -28.30 -8.83 -62.22
N GLU E 193 -28.21 -9.40 -61.02
CA GLU E 193 -29.37 -9.50 -60.15
C GLU E 193 -29.56 -8.15 -59.49
N GLU E 194 -30.68 -7.52 -59.80
CA GLU E 194 -30.95 -6.17 -59.31
C GLU E 194 -31.01 -6.01 -57.79
N LEU E 195 -31.50 -7.03 -57.09
CA LEU E 195 -31.61 -6.98 -55.64
C LEU E 195 -30.20 -6.97 -55.00
N ILE E 196 -29.23 -7.62 -55.65
CA ILE E 196 -27.83 -7.63 -55.19
C ILE E 196 -27.21 -6.24 -55.36
N GLN E 197 -27.47 -5.61 -56.50
CA GLN E 197 -26.97 -4.26 -56.75
C GLN E 197 -27.60 -3.28 -55.76
N GLN E 198 -28.85 -3.54 -55.37
CA GLN E 198 -29.54 -2.69 -54.39
C GLN E 198 -28.94 -2.85 -52.98
N ALA E 199 -28.58 -4.08 -52.62
CA ALA E 199 -27.97 -4.35 -51.35
C ALA E 199 -26.57 -3.75 -51.35
N LEU E 200 -25.90 -3.81 -52.51
CA LEU E 200 -24.54 -3.25 -52.67
C LEU E 200 -24.52 -1.77 -52.37
N ARG E 201 -25.59 -1.09 -52.75
CA ARG E 201 -25.71 0.33 -52.51
C ARG E 201 -25.67 0.58 -51.00
N ALA E 202 -26.37 -0.26 -50.25
CA ALA E 202 -26.41 -0.13 -48.79
C ALA E 202 -25.05 -0.49 -48.16
N MSE E 203 -24.40 -1.52 -48.68
CA MSE E 203 -23.12 -1.92 -48.13
C MSE E 203 -22.09 -0.79 -48.31
O MSE E 203 -21.23 -0.60 -47.45
CB MSE E 203 -22.65 -3.25 -48.74
CG MSE E 203 -21.83 -3.16 -49.97
SE MSE E 203 -19.93 -3.46 -49.58
CE MSE E 203 -20.03 -5.41 -49.57
N ASN E 204 -22.23 -0.03 -49.40
CA ASN E 204 -21.30 1.09 -49.68
C ASN E 204 -21.38 2.27 -48.72
N ILE E 205 -22.39 2.31 -47.86
CA ILE E 205 -22.46 3.36 -46.83
C ILE E 205 -22.37 2.78 -45.43
N SER E 206 -22.09 1.48 -45.34
CA SER E 206 -22.04 0.80 -44.06
C SER E 206 -20.85 1.20 -43.18
N HIS E 207 -21.05 0.98 -41.88
CA HIS E 207 -20.08 1.32 -40.85
C HIS E 207 -19.58 0.01 -40.24
N SER E 208 -18.32 -0.33 -40.47
CA SER E 208 -17.76 -1.54 -39.90
C SER E 208 -16.26 -1.37 -39.66
N PRO E 209 -15.88 -0.41 -38.80
CA PRO E 209 -14.47 -0.18 -38.56
C PRO E 209 -13.73 -1.29 -37.82
N TYR E 210 -14.47 -2.15 -37.13
CA TYR E 210 -13.86 -3.18 -36.26
C TYR E 210 -13.65 -4.54 -36.92
N THR E 211 -14.56 -4.96 -37.79
CA THR E 211 -14.40 -6.25 -38.51
C THR E 211 -14.17 -6.03 -40.03
N GLN E 212 -14.37 -4.79 -40.49
CA GLN E 212 -14.25 -4.46 -41.91
C GLN E 212 -15.23 -5.27 -42.75
N ASN E 213 -16.33 -5.73 -42.15
CA ASN E 213 -17.31 -6.48 -42.90
C ASN E 213 -18.38 -5.51 -43.37
N PHE E 214 -17.99 -4.65 -44.31
CA PHE E 214 -18.93 -3.68 -44.85
C PHE E 214 -20.02 -4.53 -45.48
N SER E 215 -21.28 -4.22 -45.18
CA SER E 215 -22.36 -5.05 -45.67
C SER E 215 -23.69 -4.36 -45.75
N GLY E 216 -24.56 -4.93 -46.57
CA GLY E 216 -25.88 -4.39 -46.76
C GLY E 216 -26.89 -5.43 -47.15
N VAL E 217 -28.15 -5.13 -46.85
CA VAL E 217 -29.26 -5.98 -47.23
C VAL E 217 -30.32 -5.18 -47.99
N ALA E 218 -30.96 -5.82 -48.95
CA ALA E 218 -32.07 -5.25 -49.70
C ALA E 218 -33.25 -6.20 -49.54
N LEU E 219 -34.41 -5.66 -49.19
CA LEU E 219 -35.64 -6.44 -49.04
C LEU E 219 -36.59 -6.01 -50.14
N LYS E 220 -37.20 -6.96 -50.83
CA LYS E 220 -38.18 -6.63 -51.88
C LYS E 220 -39.57 -7.11 -51.45
N MSE E 221 -40.53 -6.21 -51.43
CA MSE E 221 -41.90 -6.56 -51.03
C MSE E 221 -42.65 -7.10 -52.23
O MSE E 221 -42.29 -6.79 -53.35
CB MSE E 221 -42.65 -5.33 -50.54
CG MSE E 221 -41.93 -4.52 -49.48
SE MSE E 221 -41.50 -5.56 -47.89
CE MSE E 221 -43.33 -6.04 -47.36
N ARG E 222 -43.69 -7.89 -52.00
CA ARG E 222 -44.49 -8.43 -53.09
C ARG E 222 -45.02 -7.29 -53.98
N SER E 223 -45.22 -6.13 -53.39
CA SER E 223 -45.71 -4.94 -54.09
C SER E 223 -44.66 -4.35 -55.01
N GLY E 224 -43.39 -4.70 -54.79
CA GLY E 224 -42.29 -4.16 -55.58
C GLY E 224 -41.49 -3.15 -54.76
N ALA E 225 -42.03 -2.73 -53.63
CA ALA E 225 -41.32 -1.78 -52.77
C ALA E 225 -40.01 -2.41 -52.33
N ILE E 226 -38.96 -1.58 -52.29
CA ILE E 226 -37.62 -1.98 -51.90
C ILE E 226 -37.17 -1.25 -50.63
N TYR E 227 -36.58 -2.00 -49.70
CA TYR E 227 -36.08 -1.43 -48.44
C TYR E 227 -34.63 -1.82 -48.25
N LEU E 228 -33.80 -0.82 -47.97
CA LEU E 228 -32.37 -1.04 -47.80
C LEU E 228 -31.92 -0.89 -46.36
N GLY E 229 -30.95 -1.73 -45.98
CA GLY E 229 -30.36 -1.70 -44.64
C GLY E 229 -28.84 -1.84 -44.69
N ALA E 230 -28.14 -0.89 -44.08
CA ALA E 230 -26.69 -0.91 -44.00
C ALA E 230 -26.23 -1.33 -42.60
N TYR E 231 -25.12 -2.06 -42.52
CA TYR E 231 -24.56 -2.54 -41.24
C TYR E 231 -24.06 -1.36 -40.40
N ALA E 232 -24.41 -1.39 -39.11
CA ALA E 232 -24.02 -0.34 -38.18
C ALA E 232 -23.34 -1.00 -36.99
N GLU E 233 -22.04 -1.23 -37.13
CA GLU E 233 -21.25 -1.90 -36.12
C GLU E 233 -20.99 -1.00 -34.91
N ASN E 234 -20.70 -1.61 -33.76
CA ASN E 234 -20.44 -0.87 -32.54
C ASN E 234 -19.12 -1.29 -31.90
N ALA E 235 -18.45 -0.32 -31.29
CA ALA E 235 -17.16 -0.54 -30.61
C ALA E 235 -17.25 -1.61 -29.51
N ALA E 236 -18.40 -1.72 -28.86
CA ALA E 236 -18.64 -2.72 -27.81
C ALA E 236 -19.06 -4.07 -28.41
N PHE E 237 -19.11 -4.14 -29.73
CA PHE E 237 -19.42 -5.37 -30.48
C PHE E 237 -20.89 -5.83 -30.42
N ASN E 238 -21.36 -6.26 -29.24
CA ASN E 238 -22.73 -6.75 -29.11
C ASN E 238 -23.83 -5.76 -29.56
N PRO E 239 -23.63 -4.46 -29.33
CA PRO E 239 -24.68 -3.53 -29.77
C PRO E 239 -24.69 -3.26 -31.28
N SER E 240 -23.80 -3.93 -32.03
CA SER E 240 -23.76 -3.77 -33.48
C SER E 240 -25.12 -4.18 -34.03
N LEU E 241 -25.61 -3.38 -34.99
CA LEU E 241 -26.94 -3.58 -35.59
C LEU E 241 -26.78 -4.16 -36.99
N PRO E 242 -27.09 -5.45 -37.19
CA PRO E 242 -26.91 -6.08 -38.52
C PRO E 242 -27.74 -5.46 -39.66
N PRO E 243 -27.24 -5.61 -40.89
CA PRO E 243 -27.90 -5.04 -42.06
C PRO E 243 -29.35 -5.51 -42.24
N LEU E 244 -29.65 -6.79 -42.00
CA LEU E 244 -31.07 -7.26 -42.10
C LEU E 244 -31.94 -6.45 -41.17
N GLN E 245 -31.48 -6.29 -39.91
CA GLN E 245 -32.22 -5.50 -38.92
C GLN E 245 -32.49 -4.06 -39.38
N VAL E 246 -31.51 -3.41 -40.02
CA VAL E 246 -31.69 -2.05 -40.47
C VAL E 246 -32.75 -1.98 -41.57
N ALA E 247 -32.75 -2.97 -42.45
CA ALA E 247 -33.73 -3.09 -43.56
C ALA E 247 -35.15 -3.38 -43.05
N LEU E 248 -35.27 -4.30 -42.10
CA LEU E 248 -36.59 -4.60 -41.53
C LEU E 248 -37.15 -3.36 -40.84
N ALA E 249 -36.27 -2.56 -40.24
CA ALA E 249 -36.72 -1.33 -39.57
C ALA E 249 -37.31 -0.34 -40.57
N GLN E 250 -36.64 -0.18 -41.72
CA GLN E 250 -37.10 0.74 -42.76
C GLN E 250 -38.46 0.26 -43.27
N ALA E 251 -38.57 -1.03 -43.56
CA ALA E 251 -39.85 -1.60 -44.01
C ALA E 251 -40.94 -1.39 -42.96
N MSE E 252 -40.59 -1.59 -41.69
CA MSE E 252 -41.57 -1.49 -40.63
C MSE E 252 -42.08 -0.07 -40.43
O MSE E 252 -43.27 0.14 -40.21
CB MSE E 252 -41.01 -1.99 -39.28
CG MSE E 252 -42.12 -2.10 -38.24
SE MSE E 252 -41.56 -2.82 -36.51
CE MSE E 252 -40.60 -1.27 -35.79
N MSE E 253 -41.18 0.91 -40.48
CA MSE E 253 -41.59 2.27 -40.29
C MSE E 253 -42.42 2.78 -41.48
O MSE E 253 -43.19 3.73 -41.34
CB MSE E 253 -40.40 3.17 -39.95
CG MSE E 253 -39.67 2.73 -38.66
SE MSE E 253 -40.93 2.30 -37.18
CE MSE E 253 -41.82 4.04 -37.09
N MSE E 254 -42.30 2.11 -42.63
CA MSE E 254 -43.10 2.51 -43.79
C MSE E 254 -44.49 1.86 -43.70
O MSE E 254 -45.37 2.12 -44.53
CB MSE E 254 -42.39 2.17 -45.09
CG MSE E 254 -43.06 2.78 -46.29
SE MSE E 254 -43.05 4.74 -46.19
CE MSE E 254 -44.71 5.05 -47.15
N GLY E 255 -44.71 1.03 -42.69
CA GLY E 255 -46.00 0.40 -42.45
C GLY E 255 -46.14 -0.96 -43.13
N GLU E 256 -45.04 -1.55 -43.56
CA GLU E 256 -45.08 -2.84 -44.22
C GLU E 256 -45.25 -3.97 -43.22
N SER E 257 -45.79 -5.09 -43.69
CA SER E 257 -45.93 -6.30 -42.91
C SER E 257 -44.78 -7.21 -43.35
N PHE E 258 -44.09 -7.86 -42.41
CA PHE E 258 -43.00 -8.76 -42.80
C PHE E 258 -43.54 -9.99 -43.55
N GLU E 259 -44.84 -10.23 -43.49
CA GLU E 259 -45.45 -11.36 -44.20
C GLU E 259 -45.52 -11.07 -45.70
N ASP E 260 -45.28 -9.81 -46.09
CA ASP E 260 -45.30 -9.43 -47.50
C ASP E 260 -43.91 -9.37 -48.15
N ILE E 261 -42.87 -9.78 -47.42
CA ILE E 261 -41.53 -9.78 -47.98
C ILE E 261 -41.44 -10.90 -48.98
N GLU E 262 -41.03 -10.57 -50.19
CA GLU E 262 -40.93 -11.56 -51.24
C GLU E 262 -39.54 -12.12 -51.42
N ALA E 263 -38.52 -11.31 -51.20
CA ALA E 263 -37.14 -11.78 -51.36
C ALA E 263 -36.15 -10.83 -50.73
N ALA E 264 -34.95 -11.35 -50.47
CA ALA E 264 -33.89 -10.58 -49.82
C ALA E 264 -32.57 -10.87 -50.46
N ALA E 265 -31.63 -9.95 -50.30
CA ALA E 265 -30.26 -10.11 -50.81
C ALA E 265 -29.28 -9.57 -49.77
N LEU E 266 -28.19 -10.30 -49.56
CA LEU E 266 -27.14 -9.90 -48.64
C LEU E 266 -25.84 -9.72 -49.37
N VAL E 267 -25.22 -8.56 -49.19
CA VAL E 267 -23.92 -8.32 -49.78
C VAL E 267 -22.94 -7.93 -48.68
N GLU E 268 -21.78 -8.60 -48.66
CA GLU E 268 -20.75 -8.31 -47.67
C GLU E 268 -19.33 -8.49 -48.21
N SER E 269 -18.34 -8.13 -47.39
CA SER E 269 -16.94 -8.18 -47.80
C SER E 269 -16.29 -9.55 -47.61
N ALA E 270 -15.54 -9.96 -48.63
CA ALA E 270 -14.84 -11.23 -48.63
C ALA E 270 -13.67 -11.22 -47.63
N THR E 271 -13.23 -10.04 -47.21
CA THR E 271 -12.17 -9.92 -46.20
C THR E 271 -12.73 -9.47 -44.85
N GLY E 272 -14.02 -9.64 -44.63
CA GLY E 272 -14.62 -9.26 -43.35
C GLY E 272 -14.27 -10.29 -42.29
N LYS E 273 -14.02 -9.82 -41.06
CA LYS E 273 -13.66 -10.74 -39.96
C LYS E 273 -14.87 -11.50 -39.43
N ILE E 274 -16.06 -11.11 -39.88
CA ILE E 274 -17.32 -11.78 -39.55
C ILE E 274 -18.18 -11.92 -40.80
N SER E 275 -19.22 -12.75 -40.68
CA SER E 275 -20.21 -12.93 -41.74
C SER E 275 -21.61 -12.79 -41.14
N HIS E 276 -22.51 -12.21 -41.91
CA HIS E 276 -23.90 -12.05 -41.49
C HIS E 276 -24.81 -13.11 -42.13
N LEU E 277 -24.25 -13.92 -43.03
CA LEU E 277 -25.02 -14.96 -43.75
C LEU E 277 -25.86 -15.84 -42.81
N ALA E 278 -25.20 -16.56 -41.90
CA ALA E 278 -25.88 -17.47 -40.97
C ALA E 278 -27.10 -16.87 -40.27
N ASP E 279 -26.92 -15.70 -39.67
CA ASP E 279 -28.00 -15.05 -38.93
C ASP E 279 -29.06 -14.42 -39.82
N THR E 280 -28.68 -14.00 -41.02
CA THR E 280 -29.65 -13.41 -41.95
C THR E 280 -30.65 -14.48 -42.37
N GLN E 281 -30.13 -15.67 -42.66
CA GLN E 281 -30.93 -16.83 -43.03
C GLN E 281 -31.80 -17.29 -41.88
N ALA E 282 -31.18 -17.50 -40.72
CA ALA E 282 -31.90 -17.97 -39.54
C ALA E 282 -33.08 -17.06 -39.21
N THR E 283 -32.85 -15.75 -39.22
CA THR E 283 -33.91 -14.79 -38.91
C THR E 283 -34.94 -14.75 -40.02
N LEU E 284 -34.51 -14.79 -41.28
CA LEU E 284 -35.47 -14.84 -42.39
C LEU E 284 -36.31 -16.12 -42.31
N GLU E 285 -35.70 -17.22 -41.91
CA GLU E 285 -36.41 -18.48 -41.77
C GLU E 285 -37.58 -18.38 -40.77
N VAL E 286 -37.37 -17.68 -39.64
CA VAL E 286 -38.42 -17.52 -38.62
C VAL E 286 -39.48 -16.50 -39.06
N ILE E 287 -39.10 -15.53 -39.89
CA ILE E 287 -40.10 -14.59 -40.40
C ILE E 287 -40.99 -15.35 -41.39
N ASN E 288 -40.38 -15.97 -42.39
CA ASN E 288 -41.07 -16.77 -43.39
C ASN E 288 -40.04 -17.61 -44.13
N PRO E 289 -40.07 -18.94 -43.92
CA PRO E 289 -39.05 -19.79 -44.58
C PRO E 289 -39.04 -19.75 -46.12
N ASP E 290 -40.11 -19.27 -46.74
CA ASP E 290 -40.18 -19.20 -48.21
C ASP E 290 -39.41 -18.01 -48.81
N ILE E 291 -38.92 -17.09 -47.98
CA ILE E 291 -38.18 -15.94 -48.50
C ILE E 291 -36.81 -16.36 -49.01
N PRO E 292 -36.57 -16.24 -50.32
CA PRO E 292 -35.24 -16.56 -50.83
C PRO E 292 -34.25 -15.46 -50.45
N LEU E 293 -33.00 -15.87 -50.24
CA LEU E 293 -31.93 -14.95 -49.90
C LEU E 293 -30.82 -15.06 -50.94
N SER E 294 -30.62 -14.01 -51.70
CA SER E 294 -29.53 -13.96 -52.64
C SER E 294 -28.31 -13.48 -51.85
N TYR E 295 -27.12 -13.87 -52.27
CA TYR E 295 -25.92 -13.55 -51.51
C TYR E 295 -24.68 -13.33 -52.35
N LEU E 296 -23.83 -12.40 -51.91
CA LEU E 296 -22.59 -12.10 -52.58
C LEU E 296 -21.49 -11.71 -51.58
N SER E 297 -20.39 -12.46 -51.60
CA SER E 297 -19.24 -12.16 -50.78
C SER E 297 -18.32 -11.44 -51.77
N LEU E 298 -18.16 -10.13 -51.60
CA LEU E 298 -17.43 -9.30 -52.56
C LEU E 298 -16.12 -8.70 -52.03
N ALA F 3 1.34 -21.75 -25.57
CA ALA F 3 0.82 -20.51 -26.20
C ALA F 3 0.14 -19.63 -25.16
N MSE F 4 -0.71 -20.23 -24.35
CA MSE F 4 -1.45 -19.52 -23.31
C MSE F 4 -0.65 -19.51 -22.00
O MSE F 4 -0.87 -18.65 -21.14
CB MSE F 4 -2.84 -20.15 -23.18
CG MSE F 4 -3.92 -19.32 -22.47
SE MSE F 4 -3.95 -19.46 -20.55
CE MSE F 4 -4.40 -21.36 -20.43
N ARG F 5 0.29 -20.44 -21.86
CA ARG F 5 1.16 -20.51 -20.69
C ARG F 5 2.13 -19.32 -20.72
N ASN F 6 2.42 -18.85 -21.94
CA ASN F 6 3.31 -17.71 -22.16
C ASN F 6 2.72 -16.43 -21.60
N ARG F 7 1.44 -16.20 -21.92
CA ARG F 7 0.74 -15.02 -21.44
C ARG F 7 0.72 -14.96 -19.91
N ILE F 8 0.36 -16.09 -19.29
CA ILE F 8 0.30 -16.19 -17.83
C ILE F 8 1.66 -15.92 -17.20
N GLU F 9 2.71 -16.45 -17.82
CA GLU F 9 4.07 -16.26 -17.34
C GLU F 9 4.46 -14.79 -17.32
N GLN F 10 4.20 -14.08 -18.40
CA GLN F 10 4.52 -12.66 -18.48
C GLN F 10 3.77 -11.83 -17.43
N ALA F 11 2.51 -12.19 -17.15
CA ALA F 11 1.73 -11.49 -16.14
C ALA F 11 2.36 -11.73 -14.77
N LEU F 12 2.78 -12.97 -14.52
CA LEU F 12 3.44 -13.34 -13.26
C LEU F 12 4.75 -12.60 -13.08
N GLN F 13 5.44 -12.31 -14.18
CA GLN F 13 6.71 -11.61 -14.10
C GLN F 13 6.55 -10.15 -13.74
N GLN F 14 5.43 -9.54 -14.13
CA GLN F 14 5.19 -8.13 -13.78
C GLN F 14 4.55 -7.97 -12.39
N MSE F 15 4.48 -9.07 -11.62
CA MSE F 15 3.92 -9.03 -10.27
C MSE F 15 5.00 -8.66 -9.26
O MSE F 15 6.13 -9.12 -9.40
CB MSE F 15 3.34 -10.40 -9.89
CG MSE F 15 2.18 -10.83 -10.73
SE MSE F 15 0.60 -9.77 -10.41
CE MSE F 15 -0.54 -10.49 -11.83
N PRO F 16 4.67 -7.85 -8.25
CA PRO F 16 5.67 -7.46 -7.25
C PRO F 16 6.28 -8.67 -6.54
N ALA F 17 7.59 -8.63 -6.33
CA ALA F 17 8.35 -9.72 -5.70
C ALA F 17 7.80 -10.18 -4.35
N SER F 18 7.13 -9.27 -3.64
CA SER F 18 6.54 -9.57 -2.33
C SER F 18 5.58 -10.76 -2.35
N PHE F 19 4.66 -10.80 -3.31
CA PHE F 19 3.70 -11.94 -3.37
C PHE F 19 3.80 -12.80 -4.63
N ALA F 20 4.64 -12.41 -5.59
CA ALA F 20 4.76 -13.12 -6.86
C ALA F 20 5.08 -14.60 -6.73
N PRO F 21 6.01 -14.98 -5.84
CA PRO F 21 6.30 -16.42 -5.70
C PRO F 21 5.07 -17.25 -5.29
N TYR F 22 4.33 -16.82 -4.27
CA TYR F 22 3.14 -17.54 -3.84
C TYR F 22 2.07 -17.52 -4.94
N LEU F 23 1.96 -16.40 -5.65
CA LEU F 23 1.00 -16.29 -6.75
C LEU F 23 1.34 -17.36 -7.79
N ARG F 24 2.61 -17.37 -8.20
CA ARG F 24 3.15 -18.34 -9.15
C ARG F 24 2.79 -19.74 -8.70
N GLU F 25 2.96 -19.98 -7.40
CA GLU F 25 2.64 -21.27 -6.79
C GLU F 25 1.18 -21.67 -7.01
N LEU F 26 0.27 -20.70 -6.90
CA LEU F 26 -1.15 -20.98 -7.11
C LEU F 26 -1.50 -21.09 -8.59
N VAL F 27 -1.19 -20.03 -9.34
CA VAL F 27 -1.51 -19.94 -10.78
C VAL F 27 -0.91 -21.04 -11.68
N LEU F 28 0.28 -21.55 -11.34
CA LEU F 28 0.91 -22.60 -12.16
C LEU F 28 0.59 -24.02 -11.67
N ALA F 29 -0.11 -24.14 -10.55
CA ALA F 29 -0.53 -25.46 -10.07
C ALA F 29 -1.22 -26.19 -11.23
N LYS F 30 -1.02 -27.50 -11.28
CA LYS F 30 -1.59 -28.33 -12.35
C LYS F 30 -3.08 -28.11 -12.55
N ASP F 31 -3.81 -27.96 -11.46
CA ASP F 31 -5.26 -27.84 -11.51
C ASP F 31 -5.83 -26.41 -11.31
N PHE F 32 -5.03 -25.37 -11.52
CA PHE F 32 -5.51 -23.98 -11.34
C PHE F 32 -6.78 -23.80 -12.15
N ASP F 33 -7.84 -23.35 -11.47
CA ASP F 33 -9.13 -23.19 -12.10
C ASP F 33 -9.55 -21.74 -12.29
N ALA F 34 -8.56 -20.83 -12.34
CA ALA F 34 -8.82 -19.40 -12.50
C ALA F 34 -9.70 -18.83 -11.39
N THR F 35 -9.50 -19.33 -10.18
CA THR F 35 -10.21 -18.82 -9.01
C THR F 35 -9.23 -18.78 -7.83
N PHE F 36 -9.59 -18.00 -6.82
CA PHE F 36 -8.80 -17.90 -5.61
C PHE F 36 -9.77 -18.03 -4.45
N SER F 37 -9.47 -18.93 -3.51
CA SER F 37 -10.32 -19.11 -2.36
C SER F 37 -10.16 -17.90 -1.46
N ALA F 38 -11.04 -17.77 -0.47
CA ALA F 38 -10.92 -16.67 0.49
C ALA F 38 -9.61 -16.77 1.29
N GLU F 39 -9.21 -17.97 1.72
CA GLU F 39 -7.94 -18.11 2.50
C GLU F 39 -6.71 -17.77 1.66
N GLN F 40 -6.71 -18.18 0.40
CA GLN F 40 -5.60 -17.88 -0.49
C GLN F 40 -5.45 -16.39 -0.73
N TYR F 41 -6.58 -15.66 -0.75
CA TYR F 41 -6.55 -14.23 -0.96
C TYR F 41 -6.01 -13.51 0.27
N GLN F 42 -6.40 -13.98 1.46
CA GLN F 42 -5.89 -13.43 2.72
C GLN F 42 -4.36 -13.54 2.78
N GLN F 43 -3.83 -14.62 2.22
CA GLN F 43 -2.38 -14.86 2.20
C GLN F 43 -1.72 -13.84 1.25
N LEU F 44 -2.34 -13.63 0.10
CA LEU F 44 -1.88 -12.64 -0.89
C LEU F 44 -2.00 -11.22 -0.34
N LEU F 45 -2.96 -11.05 0.57
CA LEU F 45 -3.24 -9.77 1.17
C LEU F 45 -2.20 -9.44 2.23
N THR F 46 -1.78 -10.45 3.00
CA THR F 46 -0.78 -10.26 4.06
C THR F 46 0.63 -10.07 3.46
N LEU F 47 0.96 -10.84 2.44
CA LEU F 47 2.28 -10.76 1.80
C LEU F 47 2.50 -9.45 1.05
N SER F 48 1.47 -9.00 0.33
CA SER F 48 1.55 -7.79 -0.47
C SER F 48 1.55 -6.51 0.36
N GLY F 49 0.85 -6.54 1.49
CA GLY F 49 0.72 -5.34 2.31
C GLY F 49 -0.06 -4.27 1.55
N LEU F 50 -0.91 -4.70 0.62
CA LEU F 50 -1.69 -3.79 -0.19
C LEU F 50 -3.11 -3.70 0.36
N GLU F 51 -3.79 -2.60 0.07
CA GLU F 51 -5.20 -2.51 0.44
C GLU F 51 -5.98 -3.46 -0.51
N ASP F 52 -7.14 -3.93 -0.05
CA ASP F 52 -7.99 -4.86 -0.81
C ASP F 52 -8.17 -4.53 -2.30
N ALA F 53 -8.60 -3.32 -2.60
CA ALA F 53 -8.83 -2.90 -4.00
C ALA F 53 -7.56 -2.91 -4.84
N ASP F 54 -6.41 -2.55 -4.26
CA ASP F 54 -5.16 -2.53 -5.03
C ASP F 54 -4.68 -3.93 -5.39
N LEU F 55 -4.93 -4.89 -4.51
CA LEU F 55 -4.55 -6.28 -4.79
C LEU F 55 -5.43 -6.83 -5.93
N ARG F 56 -6.75 -6.63 -5.86
CA ARG F 56 -7.62 -7.12 -6.95
C ARG F 56 -7.17 -6.55 -8.31
N VAL F 57 -6.93 -5.24 -8.35
CA VAL F 57 -6.45 -4.60 -9.58
C VAL F 57 -5.11 -5.21 -10.04
N ALA F 58 -4.21 -5.46 -9.08
CA ALA F 58 -2.89 -6.04 -9.36
C ALA F 58 -3.00 -7.45 -9.99
N LEU F 59 -4.08 -8.17 -9.67
CA LEU F 59 -4.31 -9.53 -10.20
C LEU F 59 -4.88 -9.58 -11.61
N LEU F 60 -5.43 -8.47 -12.12
CA LEU F 60 -6.07 -8.46 -13.44
C LEU F 60 -5.26 -9.06 -14.60
N PRO F 61 -3.94 -8.79 -14.67
CA PRO F 61 -3.21 -9.41 -15.78
C PRO F 61 -3.37 -10.94 -15.84
N ILE F 62 -3.54 -11.59 -14.69
CA ILE F 62 -3.75 -13.04 -14.70
C ILE F 62 -5.06 -13.37 -15.45
N ALA F 63 -6.09 -12.56 -15.26
CA ALA F 63 -7.37 -12.75 -15.91
C ALA F 63 -7.28 -12.45 -17.39
N ALA F 64 -6.66 -11.33 -17.74
CA ALA F 64 -6.52 -10.91 -19.16
C ALA F 64 -5.75 -11.92 -20.01
N ALA F 65 -4.91 -12.71 -19.36
CA ALA F 65 -4.11 -13.74 -20.05
C ALA F 65 -4.97 -14.80 -20.72
N TYR F 66 -6.23 -14.95 -20.26
CA TYR F 66 -7.18 -15.93 -20.81
C TYR F 66 -7.96 -15.43 -22.02
N SER F 67 -7.85 -14.16 -22.31
CA SER F 67 -8.57 -13.54 -23.40
C SER F 67 -8.35 -14.24 -24.74
N TYR F 68 -9.43 -14.41 -25.49
CA TYR F 68 -9.41 -14.97 -26.85
C TYR F 68 -10.07 -13.87 -27.69
N ALA F 69 -9.25 -12.99 -28.24
CA ALA F 69 -9.73 -11.86 -29.05
C ALA F 69 -9.09 -11.83 -30.43
N PRO F 70 -9.46 -12.77 -31.30
CA PRO F 70 -8.88 -12.78 -32.65
C PRO F 70 -9.44 -11.71 -33.59
N ILE F 71 -10.50 -11.01 -33.21
CA ILE F 71 -11.05 -9.96 -34.05
C ILE F 71 -10.41 -8.62 -33.70
N SER F 72 -10.47 -8.26 -32.41
CA SER F 72 -9.95 -6.97 -31.93
C SER F 72 -8.54 -6.97 -31.41
N GLU F 73 -8.09 -8.14 -30.93
N GLU F 73 -8.06 -8.12 -30.93
CA GLU F 73 -6.77 -8.29 -30.32
CA GLU F 73 -6.72 -8.21 -30.35
C GLU F 73 -6.64 -7.26 -29.19
C GLU F 73 -6.64 -7.22 -29.19
N PHE F 74 -7.76 -7.05 -28.50
CA PHE F 74 -7.89 -6.12 -27.38
C PHE F 74 -8.27 -7.01 -26.21
N TYR F 75 -7.26 -7.29 -25.37
CA TYR F 75 -7.40 -8.23 -24.26
C TYR F 75 -7.91 -7.55 -23.00
N VAL F 76 -9.01 -8.09 -22.49
CA VAL F 76 -9.65 -7.56 -21.30
C VAL F 76 -9.77 -8.67 -20.24
N GLY F 77 -9.52 -8.31 -18.98
CA GLY F 77 -9.67 -9.24 -17.87
C GLY F 77 -10.65 -8.65 -16.87
N ALA F 78 -11.25 -9.51 -16.05
CA ALA F 78 -12.18 -9.09 -15.01
C ALA F 78 -12.05 -10.06 -13.86
N ILE F 79 -12.27 -9.57 -12.64
CA ILE F 79 -12.26 -10.43 -11.44
C ILE F 79 -13.51 -10.14 -10.63
N VAL F 80 -14.28 -11.17 -10.39
CA VAL F 80 -15.49 -11.06 -9.62
C VAL F 80 -15.30 -11.70 -8.25
N ARG F 81 -15.64 -10.97 -7.21
CA ARG F 81 -15.66 -11.54 -5.88
C ARG F 81 -17.10 -11.97 -5.65
N GLY F 82 -17.30 -13.26 -5.39
CA GLY F 82 -18.64 -13.77 -5.12
C GLY F 82 -18.99 -13.38 -3.71
N ILE F 83 -20.28 -13.42 -3.36
CA ILE F 83 -20.69 -13.07 -2.00
C ILE F 83 -20.08 -14.02 -0.99
N SER F 84 -19.68 -15.21 -1.42
CA SER F 84 -19.02 -16.18 -0.53
C SER F 84 -17.59 -15.76 -0.15
N GLY F 85 -16.98 -14.88 -0.95
CA GLY F 85 -15.62 -14.43 -0.71
C GLY F 85 -14.64 -14.92 -1.76
N ARG F 86 -15.00 -15.97 -2.49
CA ARG F 86 -14.12 -16.52 -3.53
C ARG F 86 -14.03 -15.57 -4.73
N LEU F 87 -12.85 -15.52 -5.35
CA LEU F 87 -12.61 -14.67 -6.51
C LEU F 87 -12.64 -15.52 -7.78
N TYR F 88 -13.24 -14.98 -8.83
CA TYR F 88 -13.35 -15.71 -10.09
C TYR F 88 -12.82 -14.84 -11.24
N LEU F 89 -11.94 -15.40 -12.07
CA LEU F 89 -11.37 -14.64 -13.18
C LEU F 89 -12.20 -14.85 -14.43
N GLY F 90 -12.12 -13.89 -15.33
CA GLY F 90 -12.85 -13.94 -16.59
C GLY F 90 -12.17 -13.06 -17.62
N ALA F 91 -12.35 -13.39 -18.90
CA ALA F 91 -11.75 -12.63 -19.99
C ALA F 91 -12.70 -12.58 -21.18
N ASN F 92 -12.45 -11.65 -22.11
CA ASN F 92 -13.31 -11.52 -23.28
C ASN F 92 -13.07 -12.65 -24.28
N MSE F 93 -14.10 -12.92 -25.08
CA MSE F 93 -14.08 -14.02 -26.03
C MSE F 93 -14.76 -13.56 -27.33
O MSE F 93 -15.84 -13.01 -27.30
CB MSE F 93 -14.84 -15.17 -25.36
CG MSE F 93 -14.55 -16.58 -25.80
SE MSE F 93 -15.36 -17.78 -24.44
CE MSE F 93 -17.26 -17.37 -24.74
N GLU F 94 -14.09 -13.76 -28.46
CA GLU F 94 -14.58 -13.37 -29.78
C GLU F 94 -14.50 -14.53 -30.75
N PHE F 95 -15.36 -14.51 -31.77
CA PHE F 95 -15.45 -15.58 -32.76
C PHE F 95 -15.42 -15.12 -34.20
N THR F 96 -14.27 -15.31 -34.81
CA THR F 96 -14.07 -14.99 -36.21
C THR F 96 -15.14 -15.71 -37.03
N GLY F 97 -15.78 -14.99 -37.95
CA GLY F 97 -16.78 -15.57 -38.84
C GLY F 97 -18.23 -15.61 -38.34
N ALA F 98 -18.45 -15.20 -37.10
CA ALA F 98 -19.79 -15.19 -36.52
C ALA F 98 -20.22 -13.76 -36.23
N GLN F 99 -21.52 -13.54 -36.11
CA GLN F 99 -22.08 -12.23 -35.88
C GLN F 99 -21.66 -11.75 -34.48
N LEU F 100 -21.48 -10.45 -34.31
CA LEU F 100 -20.95 -9.91 -33.03
C LEU F 100 -21.77 -10.13 -31.76
N GLY F 101 -23.01 -10.58 -31.91
CA GLY F 101 -23.85 -10.88 -30.76
C GLY F 101 -23.30 -12.12 -30.04
N GLN F 102 -22.40 -12.84 -30.69
CA GLN F 102 -21.80 -14.04 -30.11
C GLN F 102 -20.60 -13.71 -29.22
N THR F 103 -20.30 -12.40 -29.09
CA THR F 103 -19.17 -11.92 -28.32
C THR F 103 -19.48 -11.97 -26.82
N VAL F 104 -18.47 -12.31 -26.04
CA VAL F 104 -18.60 -12.33 -24.58
C VAL F 104 -17.56 -11.38 -24.00
N HIS F 105 -18.03 -10.44 -23.20
CA HIS F 105 -17.18 -9.46 -22.51
C HIS F 105 -16.57 -10.07 -21.25
N ALA F 106 -15.43 -9.53 -20.84
CA ALA F 106 -14.73 -10.02 -19.64
C ALA F 106 -15.65 -10.03 -18.43
N GLU F 107 -16.45 -8.99 -18.27
CA GLU F 107 -17.37 -8.90 -17.15
C GLU F 107 -18.38 -10.06 -17.14
N GLN F 108 -19.07 -10.27 -18.27
CA GLN F 108 -20.02 -11.39 -18.41
C GLN F 108 -19.32 -12.73 -18.12
N CYS F 109 -18.10 -12.87 -18.62
CA CYS F 109 -17.36 -14.13 -18.42
C CYS F 109 -17.09 -14.39 -16.93
N ALA F 110 -16.49 -13.42 -16.25
CA ALA F 110 -16.20 -13.53 -14.82
C ALA F 110 -17.49 -13.78 -14.02
N ILE F 111 -18.56 -13.09 -14.39
CA ILE F 111 -19.86 -13.28 -13.73
C ILE F 111 -20.39 -14.72 -13.96
N SER F 112 -20.38 -15.19 -15.21
CA SER F 112 -20.87 -16.54 -15.52
C SER F 112 -20.02 -17.63 -14.82
N HIS F 113 -18.75 -17.35 -14.61
CA HIS F 113 -17.82 -18.28 -13.95
C HIS F 113 -18.25 -18.45 -12.48
N ALA F 114 -18.51 -17.32 -11.78
CA ALA F 114 -18.98 -17.35 -10.39
C ALA F 114 -20.33 -18.06 -10.30
N TRP F 115 -21.19 -17.80 -11.28
CA TRP F 115 -22.51 -18.40 -11.32
C TRP F 115 -22.43 -19.90 -11.56
N MSE F 116 -21.70 -20.33 -12.58
CA MSE F 116 -21.62 -21.77 -12.84
C MSE F 116 -20.91 -22.52 -11.70
O MSE F 116 -21.04 -23.72 -11.59
CB MSE F 116 -20.97 -22.05 -14.20
CG MSE F 116 -21.77 -21.50 -15.38
SE MSE F 116 -23.63 -22.19 -15.49
CE MSE F 116 -23.31 -24.09 -15.65
N LYS F 117 -20.18 -21.82 -10.85
CA LYS F 117 -19.52 -22.49 -9.72
C LYS F 117 -20.35 -22.48 -8.44
N GLY F 118 -21.55 -21.89 -8.48
CA GLY F 118 -22.46 -21.93 -7.34
C GLY F 118 -22.75 -20.67 -6.55
N GLU F 119 -22.19 -19.53 -6.97
CA GLU F 119 -22.39 -18.26 -6.25
C GLU F 119 -23.81 -17.73 -6.44
N LYS F 120 -24.41 -17.22 -5.35
CA LYS F 120 -25.75 -16.63 -5.40
C LYS F 120 -25.74 -15.11 -5.56
N GLY F 121 -24.57 -14.54 -5.82
CA GLY F 121 -24.49 -13.10 -5.99
C GLY F 121 -23.08 -12.59 -6.15
N VAL F 122 -22.95 -11.35 -6.59
CA VAL F 122 -21.65 -10.72 -6.80
C VAL F 122 -21.47 -9.62 -5.80
N ALA F 123 -20.31 -9.61 -5.13
CA ALA F 123 -20.02 -8.61 -4.11
C ALA F 123 -19.34 -7.41 -4.74
N ASP F 124 -18.36 -7.68 -5.58
CA ASP F 124 -17.67 -6.61 -6.29
C ASP F 124 -17.04 -7.18 -7.54
N ILE F 125 -16.85 -6.32 -8.52
CA ILE F 125 -16.21 -6.70 -9.78
C ILE F 125 -15.11 -5.68 -10.01
N THR F 126 -13.93 -6.15 -10.42
CA THR F 126 -12.78 -5.30 -10.63
C THR F 126 -12.32 -5.38 -12.08
N ILE F 127 -12.05 -4.22 -12.66
CA ILE F 127 -11.67 -4.07 -14.06
C ILE F 127 -10.74 -2.88 -14.24
N ASN F 128 -10.01 -2.85 -15.36
CA ASN F 128 -9.07 -1.75 -15.64
C ASN F 128 -9.68 -0.47 -16.18
N PHE F 129 -10.88 -0.55 -16.73
CA PHE F 129 -11.54 0.62 -17.29
C PHE F 129 -13.05 0.47 -17.14
N SER F 130 -13.78 1.57 -17.27
CA SER F 130 -15.24 1.55 -17.09
C SER F 130 -15.92 0.59 -18.06
N PRO F 131 -16.79 -0.28 -17.53
CA PRO F 131 -17.46 -1.25 -18.37
C PRO F 131 -18.39 -0.55 -19.35
N CYS F 132 -18.60 -1.16 -20.51
CA CYS F 132 -19.41 -0.55 -21.53
C CYS F 132 -20.87 -0.71 -21.15
N GLY F 133 -21.75 -0.07 -21.92
CA GLY F 133 -23.18 -0.13 -21.65
C GLY F 133 -23.75 -1.55 -21.62
N HIS F 134 -23.24 -2.39 -22.52
CA HIS F 134 -23.67 -3.79 -22.62
C HIS F 134 -23.44 -4.54 -21.29
N CYS F 135 -22.29 -4.28 -20.69
CA CYS F 135 -21.93 -4.89 -19.40
C CYS F 135 -22.71 -4.32 -18.23
N ARG F 136 -22.96 -3.01 -18.24
CA ARG F 136 -23.71 -2.39 -17.20
C ARG F 136 -25.09 -3.03 -17.16
N GLN F 137 -25.70 -3.12 -18.33
CA GLN F 137 -27.04 -3.66 -18.46
C GLN F 137 -27.09 -5.10 -18.02
N PHE F 138 -26.07 -5.86 -18.40
CA PHE F 138 -25.98 -7.27 -17.99
C PHE F 138 -25.97 -7.38 -16.47
N MSE F 139 -25.14 -6.57 -15.84
CA MSE F 139 -25.05 -6.57 -14.37
C MSE F 139 -26.37 -6.16 -13.67
O MSE F 139 -26.58 -6.51 -12.53
CB MSE F 139 -23.91 -5.63 -13.93
CG MSE F 139 -22.51 -6.20 -14.08
SE MSE F 139 -21.14 -4.87 -13.62
CE MSE F 139 -21.15 -3.83 -15.23
N ASN F 140 -27.23 -5.45 -14.36
CA ASN F 140 -28.48 -5.00 -13.75
C ASN F 140 -29.52 -6.14 -13.62
N GLU F 141 -29.19 -7.32 -14.17
CA GLU F 141 -30.04 -8.48 -14.08
C GLU F 141 -29.78 -9.29 -12.80
N LEU F 142 -28.62 -9.08 -12.20
CA LEU F 142 -28.19 -9.85 -11.03
C LEU F 142 -28.96 -9.60 -9.74
N THR F 143 -28.99 -10.62 -8.89
CA THR F 143 -29.62 -10.55 -7.55
C THR F 143 -29.03 -9.45 -6.72
N THR F 144 -27.76 -9.16 -6.97
CA THR F 144 -27.03 -8.13 -6.25
C THR F 144 -26.81 -6.85 -7.05
N ALA F 145 -27.64 -6.63 -8.07
CA ALA F 145 -27.53 -5.40 -8.89
C ALA F 145 -27.38 -4.12 -8.07
N SER F 146 -28.21 -4.01 -7.03
CA SER F 146 -28.27 -2.81 -6.18
C SER F 146 -27.31 -2.82 -5.00
N SER F 147 -26.43 -3.82 -4.91
CA SER F 147 -25.48 -3.85 -3.80
C SER F 147 -24.03 -4.01 -4.25
N LEU F 148 -23.81 -4.55 -5.44
CA LEU F 148 -22.47 -4.81 -5.92
C LEU F 148 -21.68 -3.53 -6.11
N LYS F 149 -20.36 -3.66 -6.09
CA LYS F 149 -19.44 -2.54 -6.27
C LYS F 149 -18.63 -2.79 -7.53
N ILE F 150 -18.33 -1.70 -8.23
CA ILE F 150 -17.52 -1.76 -9.46
C ILE F 150 -16.23 -1.02 -9.11
N GLN F 151 -15.11 -1.73 -9.21
CA GLN F 151 -13.81 -1.19 -8.82
C GLN F 151 -12.82 -0.99 -9.97
N LEU F 152 -12.45 0.28 -10.19
CA LEU F 152 -11.44 0.64 -11.19
C LEU F 152 -10.14 0.93 -10.45
N PRO F 153 -9.00 0.89 -11.17
CA PRO F 153 -7.74 1.23 -10.51
C PRO F 153 -7.75 2.63 -9.92
N LYS F 154 -7.28 2.73 -8.67
CA LYS F 154 -7.09 3.99 -7.94
C LYS F 154 -8.33 4.86 -7.66
N ARG F 155 -9.53 4.35 -7.92
CA ARG F 155 -10.77 5.10 -7.69
C ARG F 155 -11.51 4.50 -6.49
N ALA F 156 -12.45 5.27 -5.94
CA ALA F 156 -13.31 4.77 -4.89
C ALA F 156 -14.32 3.78 -5.58
N ALA F 157 -14.80 2.79 -4.85
CA ALA F 157 -15.74 1.82 -5.42
C ALA F 157 -17.04 2.56 -5.79
N LYS F 158 -17.73 2.09 -6.82
CA LYS F 158 -19.00 2.70 -7.25
C LYS F 158 -20.10 1.67 -7.40
N THR F 159 -21.33 2.08 -7.22
CA THR F 159 -22.45 1.17 -7.37
C THR F 159 -22.89 1.16 -8.83
N LEU F 160 -23.67 0.15 -9.20
CA LEU F 160 -24.14 0.03 -10.58
C LEU F 160 -24.94 1.26 -10.96
N GLN F 161 -25.75 1.73 -10.03
CA GLN F 161 -26.60 2.89 -10.24
C GLN F 161 -25.80 4.15 -10.58
N GLU F 162 -24.57 4.25 -10.10
CA GLU F 162 -23.72 5.40 -10.40
C GLU F 162 -23.22 5.32 -11.83
N TYR F 163 -22.97 4.11 -12.33
CA TYR F 163 -22.57 3.89 -13.74
C TYR F 163 -23.76 3.73 -14.71
N LEU F 164 -24.95 3.40 -14.19
CA LEU F 164 -26.13 3.21 -15.04
C LEU F 164 -27.34 3.89 -14.40
N PRO F 165 -27.37 5.23 -14.43
CA PRO F 165 -28.48 5.95 -13.82
C PRO F 165 -29.80 5.76 -14.54
N GLU F 166 -30.91 5.92 -13.81
CA GLU F 166 -32.26 5.77 -14.34
C GLU F 166 -32.25 4.53 -15.20
N SER F 167 -31.79 3.45 -14.60
CA SER F 167 -31.61 2.21 -15.33
C SER F 167 -32.89 1.51 -15.70
N PHE F 168 -32.81 0.80 -16.82
CA PHE F 168 -33.88 -0.06 -17.29
C PHE F 168 -33.50 -1.43 -16.76
N GLY F 169 -34.47 -2.20 -16.31
CA GLY F 169 -34.18 -3.53 -15.82
C GLY F 169 -35.39 -4.43 -15.74
N PRO F 170 -35.24 -5.57 -15.07
CA PRO F 170 -36.33 -6.53 -14.90
C PRO F 170 -37.60 -5.88 -14.33
N ALA F 171 -37.43 -4.91 -13.43
CA ALA F 171 -38.57 -4.23 -12.79
C ALA F 171 -39.50 -3.61 -13.83
N ASP F 172 -38.92 -3.07 -14.90
CA ASP F 172 -39.68 -2.46 -15.99
C ASP F 172 -40.57 -3.46 -16.73
N LEU F 173 -40.14 -4.71 -16.78
CA LEU F 173 -40.94 -5.75 -17.38
C LEU F 173 -41.75 -6.46 -16.29
N GLY F 174 -41.94 -5.78 -15.16
CA GLY F 174 -42.70 -6.28 -14.01
C GLY F 174 -42.16 -7.57 -13.43
N ILE F 175 -40.85 -7.66 -13.28
CA ILE F 175 -40.19 -8.87 -12.80
C ILE F 175 -39.06 -8.57 -11.84
N ASP F 176 -38.80 -9.52 -10.94
CA ASP F 176 -37.73 -9.42 -9.97
C ASP F 176 -36.34 -9.60 -10.62
N SER F 177 -35.32 -8.91 -10.10
CA SER F 177 -33.92 -9.08 -10.61
C SER F 177 -33.34 -10.34 -9.96
N GLY F 178 -33.39 -11.48 -10.67
CA GLY F 178 -32.92 -12.77 -10.09
C GLY F 178 -31.81 -13.61 -10.71
N LEU F 179 -31.01 -13.07 -11.62
CA LEU F 179 -29.90 -13.88 -12.20
C LEU F 179 -28.89 -14.19 -11.07
N MSE F 180 -28.76 -15.49 -10.80
CA MSE F 180 -27.89 -16.09 -9.76
C MSE F 180 -28.69 -16.66 -8.57
O MSE F 180 -28.14 -17.36 -7.76
CB MSE F 180 -26.73 -15.19 -9.28
CG MSE F 180 -25.68 -14.94 -10.39
SE MSE F 180 -24.17 -13.81 -9.93
CE MSE F 180 -23.24 -15.00 -8.71
N SER F 181 -29.98 -16.34 -8.47
CA SER F 181 -30.78 -16.91 -7.40
C SER F 181 -30.89 -18.43 -7.62
N PRO F 182 -31.13 -19.20 -6.55
CA PRO F 182 -31.25 -20.67 -6.73
C PRO F 182 -32.43 -21.06 -7.62
N VAL F 183 -32.20 -22.00 -8.52
CA VAL F 183 -33.20 -22.43 -9.49
C VAL F 183 -33.15 -23.91 -9.80
N ASN F 184 -34.33 -24.54 -9.91
CA ASN F 184 -34.48 -25.93 -10.36
C ASN F 184 -35.80 -26.00 -11.13
N HIS F 185 -35.72 -26.11 -12.45
CA HIS F 185 -36.93 -26.17 -13.27
C HIS F 185 -37.58 -27.56 -13.23
N GLY F 186 -36.83 -28.55 -12.79
CA GLY F 186 -37.33 -29.92 -12.67
C GLY F 186 -37.61 -30.59 -13.99
N LYS F 187 -36.92 -30.16 -15.05
CA LYS F 187 -37.12 -30.79 -16.33
C LYS F 187 -36.43 -32.14 -16.28
N THR F 188 -37.04 -33.13 -16.91
CA THR F 188 -36.50 -34.49 -16.90
C THR F 188 -36.64 -35.12 -18.28
N SER F 189 -35.84 -36.17 -18.50
CA SER F 189 -35.81 -36.89 -19.77
C SER F 189 -35.23 -38.32 -19.58
N ASP F 190 -35.68 -39.26 -20.40
CA ASP F 190 -35.16 -40.62 -20.32
C ASP F 190 -34.17 -40.87 -21.45
N ASP F 191 -33.64 -39.79 -22.02
CA ASP F 191 -32.68 -39.88 -23.10
C ASP F 191 -31.39 -40.51 -22.58
N ASP F 192 -30.93 -41.55 -23.27
CA ASP F 192 -29.73 -42.29 -22.85
C ASP F 192 -28.39 -41.61 -23.15
N GLU F 193 -28.36 -40.58 -24.00
CA GLU F 193 -27.08 -39.91 -24.32
C GLU F 193 -26.69 -39.02 -23.14
N GLU F 194 -25.56 -39.36 -22.49
CA GLU F 194 -25.10 -38.65 -21.29
C GLU F 194 -24.79 -37.17 -21.53
N LEU F 195 -24.21 -36.84 -22.68
CA LEU F 195 -23.93 -35.44 -22.96
C LEU F 195 -25.23 -34.62 -22.91
N ILE F 196 -26.36 -35.21 -23.32
CA ILE F 196 -27.66 -34.52 -23.23
C ILE F 196 -28.10 -34.38 -21.79
N GLN F 197 -27.88 -35.42 -20.99
CA GLN F 197 -28.24 -35.36 -19.58
C GLN F 197 -27.46 -34.27 -18.87
N GLN F 198 -26.23 -34.05 -19.30
CA GLN F 198 -25.40 -33.02 -18.71
C GLN F 198 -25.92 -31.63 -19.07
N ALA F 199 -26.18 -31.41 -20.35
CA ALA F 199 -26.75 -30.14 -20.82
C ALA F 199 -28.06 -29.87 -20.09
N LEU F 200 -28.79 -30.94 -19.75
CA LEU F 200 -30.06 -30.81 -19.04
C LEU F 200 -29.88 -30.32 -17.61
N ARG F 201 -28.73 -30.62 -17.00
CA ARG F 201 -28.46 -30.11 -15.66
C ARG F 201 -28.28 -28.58 -15.72
N ALA F 202 -27.69 -28.06 -16.80
CA ALA F 202 -27.50 -26.60 -16.94
C ALA F 202 -28.84 -25.96 -17.24
N MSE F 203 -29.61 -26.55 -18.16
CA MSE F 203 -30.95 -26.05 -18.44
C MSE F 203 -31.73 -25.87 -17.14
O MSE F 203 -32.43 -24.87 -16.97
CB MSE F 203 -31.73 -27.00 -19.35
CG MSE F 203 -33.24 -26.67 -19.45
SE MSE F 203 -34.27 -27.79 -20.67
CE MSE F 203 -36.02 -26.89 -20.59
N ASN F 204 -31.64 -26.83 -16.24
CA ASN F 204 -32.41 -26.77 -14.99
C ASN F 204 -32.09 -25.63 -14.03
N ILE F 205 -30.93 -24.99 -14.20
CA ILE F 205 -30.61 -23.82 -13.38
C ILE F 205 -30.62 -22.53 -14.21
N SER F 206 -30.92 -22.62 -15.50
CA SER F 206 -30.87 -21.44 -16.40
C SER F 206 -31.86 -20.33 -16.02
N HIS F 207 -31.58 -19.15 -16.52
CA HIS F 207 -32.39 -17.95 -16.23
C HIS F 207 -33.00 -17.43 -17.52
N SER F 208 -34.33 -17.50 -17.63
CA SER F 208 -35.03 -17.06 -18.85
C SER F 208 -36.46 -16.65 -18.56
N PRO F 209 -36.66 -15.57 -17.80
CA PRO F 209 -38.01 -15.15 -17.47
C PRO F 209 -38.78 -14.44 -18.59
N TYR F 210 -38.09 -14.00 -19.65
CA TYR F 210 -38.74 -13.22 -20.71
C TYR F 210 -39.18 -14.08 -21.88
N THR F 211 -38.41 -15.11 -22.20
CA THR F 211 -38.77 -16.00 -23.31
C THR F 211 -39.15 -17.38 -22.82
N GLN F 212 -38.84 -17.66 -21.55
CA GLN F 212 -39.07 -18.97 -20.95
C GLN F 212 -38.32 -20.06 -21.69
N ASN F 213 -37.24 -19.70 -22.38
CA ASN F 213 -36.47 -20.69 -23.09
C ASN F 213 -35.33 -21.21 -22.22
N PHE F 214 -35.72 -21.92 -21.17
CA PHE F 214 -34.76 -22.52 -20.29
C PHE F 214 -33.93 -23.42 -21.18
N SER F 215 -32.62 -23.27 -21.06
CA SER F 215 -31.72 -23.99 -21.92
C SER F 215 -30.34 -24.08 -21.36
N GLY F 216 -29.62 -25.08 -21.85
CA GLY F 216 -28.28 -25.35 -21.41
C GLY F 216 -27.49 -26.09 -22.47
N VAL F 217 -26.17 -25.88 -22.44
CA VAL F 217 -25.26 -26.55 -23.33
C VAL F 217 -24.22 -27.33 -22.53
N ALA F 218 -23.72 -28.39 -23.12
CA ALA F 218 -22.66 -29.21 -22.55
C ALA F 218 -21.60 -29.41 -23.63
N LEU F 219 -20.34 -29.25 -23.28
CA LEU F 219 -19.24 -29.45 -24.22
C LEU F 219 -18.34 -30.55 -23.69
N LYS F 220 -17.97 -31.50 -24.56
CA LYS F 220 -17.07 -32.58 -24.19
C LYS F 220 -15.72 -32.42 -24.92
N MSE F 221 -14.63 -32.44 -24.15
CA MSE F 221 -13.29 -32.29 -24.70
C MSE F 221 -12.78 -33.69 -25.09
O MSE F 221 -13.34 -34.69 -24.68
CB MSE F 221 -12.33 -31.69 -23.66
CG MSE F 221 -12.84 -30.43 -22.95
SE MSE F 221 -13.40 -28.98 -24.12
CE MSE F 221 -11.70 -28.69 -25.05
N ARG F 222 -11.71 -33.75 -25.88
CA ARG F 222 -11.11 -35.02 -26.28
C ARG F 222 -10.56 -35.75 -25.05
N SER F 223 -10.18 -34.99 -24.04
CA SER F 223 -9.70 -35.52 -22.77
C SER F 223 -10.80 -36.15 -21.93
N GLY F 224 -12.06 -35.92 -22.32
CA GLY F 224 -13.21 -36.47 -21.60
C GLY F 224 -13.84 -35.51 -20.60
N ALA F 225 -13.24 -34.33 -20.46
CA ALA F 225 -13.75 -33.30 -19.55
C ALA F 225 -15.03 -32.68 -20.12
N ILE F 226 -16.00 -32.44 -19.24
CA ILE F 226 -17.28 -31.85 -19.60
C ILE F 226 -17.41 -30.46 -18.99
N TYR F 227 -17.83 -29.50 -19.81
CA TYR F 227 -18.09 -28.14 -19.34
C TYR F 227 -19.54 -27.78 -19.66
N LEU F 228 -20.23 -27.21 -18.67
CA LEU F 228 -21.65 -26.85 -18.78
C LEU F 228 -21.93 -25.35 -18.85
N GLY F 229 -22.99 -24.99 -19.56
CA GLY F 229 -23.39 -23.59 -19.69
C GLY F 229 -24.91 -23.44 -19.64
N ALA F 230 -25.37 -22.57 -18.75
CA ALA F 230 -26.79 -22.29 -18.60
C ALA F 230 -27.09 -20.95 -19.23
N TYR F 231 -28.30 -20.80 -19.75
CA TYR F 231 -28.69 -19.56 -20.42
C TYR F 231 -28.91 -18.45 -19.40
N ALA F 232 -28.28 -17.29 -19.62
CA ALA F 232 -28.46 -16.11 -18.75
C ALA F 232 -29.12 -15.02 -19.56
N GLU F 233 -30.44 -15.01 -19.52
CA GLU F 233 -31.23 -14.05 -20.28
C GLU F 233 -31.22 -12.70 -19.60
N ASN F 234 -31.43 -11.64 -20.38
CA ASN F 234 -31.42 -10.29 -19.86
C ASN F 234 -32.70 -9.53 -20.23
N ALA F 235 -33.17 -8.67 -19.33
CA ALA F 235 -34.39 -7.88 -19.56
C ALA F 235 -34.30 -7.00 -20.83
N ALA F 236 -33.10 -6.56 -21.20
CA ALA F 236 -32.90 -5.73 -22.38
C ALA F 236 -32.75 -6.58 -23.66
N PHE F 237 -32.80 -7.90 -23.49
CA PHE F 237 -32.74 -8.89 -24.57
C PHE F 237 -31.36 -9.10 -25.15
N ASN F 238 -30.87 -8.13 -25.91
CA ASN F 238 -29.56 -8.28 -26.55
C ASN F 238 -28.41 -8.69 -25.61
N PRO F 239 -28.38 -8.16 -24.37
CA PRO F 239 -27.29 -8.59 -23.46
C PRO F 239 -27.39 -10.03 -22.93
N SER F 240 -28.43 -10.75 -23.33
CA SER F 240 -28.59 -12.11 -22.89
C SER F 240 -27.34 -12.87 -23.30
N LEU F 241 -26.86 -13.76 -22.43
CA LEU F 241 -25.67 -14.56 -22.69
C LEU F 241 -26.11 -16.00 -22.98
N PRO F 242 -26.06 -16.41 -24.26
CA PRO F 242 -26.50 -17.75 -24.63
C PRO F 242 -25.72 -18.87 -23.93
N PRO F 243 -26.30 -20.08 -23.86
CA PRO F 243 -25.67 -21.17 -23.14
C PRO F 243 -24.36 -21.66 -23.75
N LEU F 244 -24.21 -21.60 -25.07
CA LEU F 244 -22.95 -22.01 -25.70
C LEU F 244 -21.86 -21.10 -25.16
N GLN F 245 -22.11 -19.79 -25.23
CA GLN F 245 -21.18 -18.80 -24.71
C GLN F 245 -20.78 -19.13 -23.26
N VAL F 246 -21.77 -19.36 -22.40
CA VAL F 246 -21.47 -19.71 -21.01
C VAL F 246 -20.57 -20.96 -20.95
N ALA F 247 -20.98 -22.04 -21.64
CA ALA F 247 -20.22 -23.29 -21.67
C ALA F 247 -18.77 -23.07 -22.12
N LEU F 248 -18.59 -22.39 -23.24
CA LEU F 248 -17.26 -22.04 -23.76
C LEU F 248 -16.42 -21.21 -22.78
N ALA F 249 -17.06 -20.31 -22.03
CA ALA F 249 -16.33 -19.50 -21.06
C ALA F 249 -15.74 -20.44 -20.00
N GLN F 250 -16.54 -21.40 -19.55
CA GLN F 250 -16.07 -22.32 -18.50
C GLN F 250 -14.88 -23.14 -18.99
N ALA F 251 -14.95 -23.63 -20.23
CA ALA F 251 -13.84 -24.39 -20.79
C ALA F 251 -12.60 -23.49 -20.90
N MSE F 252 -12.79 -22.27 -21.37
CA MSE F 252 -11.66 -21.34 -21.53
C MSE F 252 -11.00 -21.02 -20.20
O MSE F 252 -9.78 -20.99 -20.12
CB MSE F 252 -12.13 -20.05 -22.20
CG MSE F 252 -10.97 -19.13 -22.60
SE MSE F 252 -11.60 -17.49 -23.44
CE MSE F 252 -12.51 -16.68 -21.89
N MSE F 253 -11.80 -20.80 -19.15
CA MSE F 253 -11.22 -20.48 -17.84
C MSE F 253 -10.49 -21.67 -17.18
O MSE F 253 -9.87 -21.50 -16.15
CB MSE F 253 -12.24 -19.84 -16.89
CG MSE F 253 -12.85 -18.54 -17.41
SE MSE F 253 -11.54 -17.27 -18.12
CE MSE F 253 -10.42 -17.00 -16.51
N MSE F 254 -10.58 -22.85 -17.78
CA MSE F 254 -9.79 -24.01 -17.32
C MSE F 254 -8.57 -24.17 -18.20
O MSE F 254 -7.79 -25.11 -18.03
CB MSE F 254 -10.61 -25.31 -17.32
CG MSE F 254 -11.40 -25.54 -16.04
SE MSE F 254 -10.22 -25.87 -14.49
CE MSE F 254 -11.67 -26.15 -13.19
N GLY F 255 -8.38 -23.24 -19.13
CA GLY F 255 -7.22 -23.26 -20.03
C GLY F 255 -7.40 -24.19 -21.22
N GLU F 256 -8.64 -24.62 -21.46
CA GLU F 256 -8.96 -25.51 -22.58
C GLU F 256 -8.82 -24.80 -23.91
N SER F 257 -8.50 -25.56 -24.94
CA SER F 257 -8.41 -25.03 -26.29
C SER F 257 -9.70 -25.42 -26.97
N PHE F 258 -10.29 -24.53 -27.75
CA PHE F 258 -11.55 -24.85 -28.43
C PHE F 258 -11.36 -25.87 -29.54
N GLU F 259 -10.12 -26.02 -30.00
CA GLU F 259 -9.78 -27.00 -31.01
C GLU F 259 -9.84 -28.42 -30.44
N ASP F 260 -9.92 -28.54 -29.11
CA ASP F 260 -10.03 -29.86 -28.45
C ASP F 260 -11.47 -30.21 -28.11
N ILE F 261 -12.42 -29.38 -28.55
CA ILE F 261 -13.82 -29.71 -28.33
C ILE F 261 -14.16 -30.89 -29.22
N GLU F 262 -14.67 -31.95 -28.61
CA GLU F 262 -15.00 -33.16 -29.33
C GLU F 262 -16.48 -33.20 -29.75
N ALA F 263 -17.36 -32.74 -28.87
CA ALA F 263 -18.79 -32.75 -29.14
C ALA F 263 -19.52 -31.75 -28.24
N ALA F 264 -20.76 -31.45 -28.63
CA ALA F 264 -21.62 -30.53 -27.91
C ALA F 264 -23.08 -31.03 -27.91
N ALA F 265 -23.84 -30.54 -26.94
CA ALA F 265 -25.25 -30.84 -26.80
C ALA F 265 -25.98 -29.57 -26.34
N LEU F 266 -27.18 -29.38 -26.87
CA LEU F 266 -28.04 -28.25 -26.55
C LEU F 266 -29.38 -28.79 -26.17
N VAL F 267 -29.91 -28.33 -25.05
CA VAL F 267 -31.21 -28.74 -24.59
C VAL F 267 -31.96 -27.46 -24.24
N GLU F 268 -33.14 -27.29 -24.84
CA GLU F 268 -33.97 -26.09 -24.58
C GLU F 268 -35.46 -26.43 -24.43
N SER F 269 -36.28 -25.43 -24.12
CA SER F 269 -37.72 -25.65 -23.86
C SER F 269 -38.59 -25.65 -25.09
N ALA F 270 -39.52 -26.60 -25.12
CA ALA F 270 -40.47 -26.73 -26.23
C ALA F 270 -41.33 -25.48 -26.29
N THR F 271 -41.75 -24.98 -25.13
CA THR F 271 -42.58 -23.81 -25.05
C THR F 271 -41.77 -22.49 -25.04
N GLY F 272 -40.48 -22.56 -25.35
CA GLY F 272 -39.63 -21.38 -25.39
C GLY F 272 -39.96 -20.47 -26.55
N LYS F 273 -40.02 -19.16 -26.29
CA LYS F 273 -40.37 -18.19 -27.35
C LYS F 273 -39.21 -17.92 -28.32
N ILE F 274 -38.03 -18.45 -28.00
CA ILE F 274 -36.86 -18.37 -28.89
C ILE F 274 -36.15 -19.73 -28.91
N SER F 275 -35.20 -19.87 -29.82
CA SER F 275 -34.39 -21.08 -29.90
C SER F 275 -32.95 -20.67 -30.14
N HIS F 276 -32.02 -21.39 -29.51
CA HIS F 276 -30.60 -21.12 -29.66
C HIS F 276 -29.97 -22.08 -30.65
N LEU F 277 -30.77 -22.95 -31.26
CA LEU F 277 -30.21 -23.96 -32.15
C LEU F 277 -29.42 -23.40 -33.33
N ALA F 278 -30.02 -22.53 -34.12
CA ALA F 278 -29.38 -21.94 -35.29
C ALA F 278 -28.04 -21.28 -34.95
N ASP F 279 -28.03 -20.44 -33.92
CA ASP F 279 -26.80 -19.73 -33.53
C ASP F 279 -25.76 -20.62 -32.89
N THR F 280 -26.21 -21.64 -32.16
CA THR F 280 -25.28 -22.59 -31.55
C THR F 280 -24.58 -23.38 -32.65
N GLN F 281 -25.34 -23.80 -33.66
CA GLN F 281 -24.70 -24.54 -34.77
C GLN F 281 -23.75 -23.65 -35.57
N ALA F 282 -24.17 -22.41 -35.86
CA ALA F 282 -23.37 -21.49 -36.64
C ALA F 282 -22.07 -21.12 -35.94
N THR F 283 -22.12 -20.99 -34.62
CA THR F 283 -20.92 -20.62 -33.87
C THR F 283 -19.98 -21.82 -33.75
N LEU F 284 -20.53 -22.99 -33.42
CA LEU F 284 -19.72 -24.19 -33.36
C LEU F 284 -19.07 -24.42 -34.72
N GLU F 285 -19.77 -24.02 -35.79
CA GLU F 285 -19.24 -24.21 -37.12
C GLU F 285 -18.01 -23.38 -37.45
N VAL F 286 -17.89 -22.19 -36.87
CA VAL F 286 -16.71 -21.35 -37.12
C VAL F 286 -15.55 -21.78 -36.20
N ILE F 287 -15.89 -22.35 -35.05
CA ILE F 287 -14.86 -22.87 -34.13
C ILE F 287 -14.25 -24.11 -34.75
N ASN F 288 -15.11 -25.01 -35.22
CA ASN F 288 -14.68 -26.26 -35.89
C ASN F 288 -15.89 -26.97 -36.53
N PRO F 289 -15.94 -27.01 -37.88
CA PRO F 289 -17.05 -27.68 -38.56
C PRO F 289 -17.25 -29.16 -38.22
N ASP F 290 -16.24 -29.82 -37.66
CA ASP F 290 -16.32 -31.25 -37.33
C ASP F 290 -17.00 -31.59 -35.98
N ILE F 291 -17.29 -30.58 -35.16
CA ILE F 291 -17.93 -30.84 -33.88
C ILE F 291 -19.40 -31.19 -34.07
N PRO F 292 -19.82 -32.39 -33.61
CA PRO F 292 -21.25 -32.69 -33.75
C PRO F 292 -22.04 -32.00 -32.64
N LEU F 293 -23.29 -31.71 -32.92
CA LEU F 293 -24.18 -31.05 -31.98
C LEU F 293 -25.43 -31.86 -31.74
N SER F 294 -25.56 -32.44 -30.55
CA SER F 294 -26.76 -33.19 -30.19
C SER F 294 -27.82 -32.14 -29.82
N TYR F 295 -29.09 -32.45 -30.02
CA TYR F 295 -30.15 -31.52 -29.71
C TYR F 295 -31.38 -32.19 -29.10
N LEU F 296 -32.01 -31.47 -28.16
CA LEU F 296 -33.25 -31.92 -27.53
C LEU F 296 -34.12 -30.71 -27.09
N SER F 297 -35.39 -30.74 -27.46
CA SER F 297 -36.36 -29.74 -27.07
C SER F 297 -37.40 -30.39 -26.12
N LEU F 298 -37.39 -30.00 -24.85
CA LEU F 298 -38.26 -30.55 -23.78
C LEU F 298 -39.37 -29.64 -23.30
N ASN G 2 -8.02 -38.49 36.59
CA ASN G 2 -9.06 -37.80 35.78
C ASN G 2 -8.52 -37.40 34.40
N ALA G 3 -9.37 -36.80 33.57
CA ALA G 3 -8.99 -36.38 32.22
C ALA G 3 -7.82 -35.38 32.20
N MSE G 4 -7.81 -34.42 33.12
CA MSE G 4 -6.75 -33.41 33.16
C MSE G 4 -5.40 -34.07 33.42
O MSE G 4 -4.42 -33.80 32.71
CB MSE G 4 -7.00 -32.41 34.27
CG MSE G 4 -6.19 -31.15 34.12
SE MSE G 4 -5.76 -30.33 35.83
CE MSE G 4 -4.31 -31.56 36.34
N ARG G 5 -5.33 -34.93 34.43
CA ARG G 5 -4.10 -35.64 34.77
C ARG G 5 -3.62 -36.49 33.61
N ASN G 6 -4.57 -37.08 32.87
CA ASN G 6 -4.22 -37.91 31.73
C ASN G 6 -3.70 -37.07 30.57
N ARG G 7 -4.22 -35.85 30.42
CA ARG G 7 -3.76 -34.94 29.35
C ARG G 7 -2.40 -34.32 29.67
N ILE G 8 -2.14 -34.06 30.95
CA ILE G 8 -0.83 -33.55 31.38
C ILE G 8 0.25 -34.60 31.08
N GLU G 9 -0.04 -35.84 31.43
CA GLU G 9 0.90 -36.93 31.21
C GLU G 9 1.19 -37.05 29.71
N GLN G 10 0.14 -37.01 28.89
CA GLN G 10 0.30 -37.07 27.44
C GLN G 10 1.18 -35.93 26.94
N ALA G 11 0.91 -34.71 27.42
CA ALA G 11 1.71 -33.55 27.04
C ALA G 11 3.17 -33.72 27.42
N LEU G 12 3.44 -34.20 28.63
CA LEU G 12 4.82 -34.39 29.09
C LEU G 12 5.60 -35.37 28.23
N GLN G 13 4.92 -36.40 27.72
CA GLN G 13 5.56 -37.40 26.86
C GLN G 13 5.90 -36.93 25.45
N GLN G 14 5.30 -35.82 25.01
CA GLN G 14 5.61 -35.28 23.70
C GLN G 14 6.68 -34.18 23.78
N MSE G 15 7.19 -33.94 24.99
CA MSE G 15 8.26 -32.96 25.18
C MSE G 15 9.58 -33.60 24.79
O MSE G 15 9.77 -34.79 24.97
CB MSE G 15 8.35 -32.54 26.66
CG MSE G 15 7.10 -31.88 27.18
SE MSE G 15 6.66 -30.29 26.16
CE MSE G 15 4.91 -29.91 26.95
N PRO G 16 10.50 -32.79 24.24
CA PRO G 16 11.83 -33.34 23.94
C PRO G 16 12.53 -33.82 25.20
N ALA G 17 13.31 -34.89 25.09
CA ALA G 17 14.02 -35.45 26.25
C ALA G 17 14.97 -34.46 26.90
N SER G 18 15.47 -33.52 26.10
CA SER G 18 16.37 -32.49 26.61
C SER G 18 15.85 -31.83 27.88
N PHE G 19 14.59 -31.42 27.89
CA PHE G 19 14.04 -30.73 29.06
C PHE G 19 12.83 -31.41 29.71
N ALA G 20 12.36 -32.52 29.14
CA ALA G 20 11.18 -33.23 29.67
C ALA G 20 11.30 -33.64 31.16
N PRO G 21 12.44 -34.24 31.55
CA PRO G 21 12.60 -34.68 32.94
C PRO G 21 12.38 -33.60 33.99
N TYR G 22 12.96 -32.41 33.77
CA TYR G 22 12.81 -31.31 34.71
C TYR G 22 11.39 -30.74 34.66
N LEU G 23 10.83 -30.56 33.47
CA LEU G 23 9.46 -30.05 33.35
C LEU G 23 8.51 -30.96 34.12
N ARG G 24 8.70 -32.27 33.98
CA ARG G 24 7.87 -33.24 34.67
C ARG G 24 7.95 -33.08 36.19
N GLU G 25 9.16 -32.91 36.69
CA GLU G 25 9.42 -32.71 38.10
C GLU G 25 8.66 -31.48 38.63
N LEU G 26 8.59 -30.43 37.81
CA LEU G 26 7.89 -29.19 38.21
C LEU G 26 6.37 -29.30 38.07
N VAL G 27 5.90 -29.86 36.97
CA VAL G 27 4.46 -29.96 36.72
C VAL G 27 3.74 -30.95 37.63
N LEU G 28 4.44 -31.99 38.05
CA LEU G 28 3.85 -33.04 38.89
C LEU G 28 4.05 -32.82 40.39
N ALA G 29 4.71 -31.72 40.75
CA ALA G 29 4.94 -31.40 42.16
C ALA G 29 3.58 -31.14 42.78
N LYS G 30 3.38 -31.57 44.02
CA LYS G 30 2.07 -31.46 44.66
C LYS G 30 1.53 -30.02 44.79
N ASP G 31 2.43 -29.04 44.81
CA ASP G 31 2.01 -27.63 44.89
C ASP G 31 2.15 -26.90 43.57
N PHE G 32 2.10 -27.62 42.45
CA PHE G 32 2.20 -26.97 41.16
C PHE G 32 0.99 -26.09 41.08
N ASP G 33 1.18 -24.82 40.73
CA ASP G 33 0.08 -23.88 40.70
C ASP G 33 -0.15 -23.32 39.31
N ALA G 34 0.21 -24.11 38.30
CA ALA G 34 0.04 -23.72 36.92
C ALA G 34 0.84 -22.46 36.56
N THR G 35 2.04 -22.34 37.12
CA THR G 35 2.94 -21.23 36.83
C THR G 35 4.38 -21.72 36.86
N PHE G 36 5.26 -20.96 36.23
CA PHE G 36 6.69 -21.20 36.23
C PHE G 36 7.34 -19.86 36.56
N SER G 37 8.30 -19.87 37.48
CA SER G 37 9.00 -18.65 37.85
C SER G 37 10.01 -18.33 36.77
N ALA G 38 10.47 -17.10 36.73
CA ALA G 38 11.46 -16.68 35.76
C ALA G 38 12.61 -17.66 35.76
N GLU G 39 13.14 -17.96 36.93
CA GLU G 39 14.29 -18.86 37.08
C GLU G 39 14.00 -20.30 36.62
N GLN G 40 12.82 -20.81 36.91
CA GLN G 40 12.45 -22.15 36.44
C GLN G 40 12.40 -22.15 34.92
N TYR G 41 11.86 -21.09 34.33
CA TYR G 41 11.76 -21.00 32.87
C TYR G 41 13.12 -20.95 32.19
N GLN G 42 13.98 -20.05 32.66
CA GLN G 42 15.34 -19.90 32.14
C GLN G 42 16.10 -21.25 32.18
N GLN G 43 15.84 -22.04 33.21
CA GLN G 43 16.48 -23.36 33.37
C GLN G 43 15.98 -24.35 32.27
N LEU G 44 14.69 -24.32 31.98
CA LEU G 44 14.11 -25.17 30.92
C LEU G 44 14.65 -24.70 29.57
N LEU G 45 14.76 -23.38 29.40
CA LEU G 45 15.28 -22.78 28.16
C LEU G 45 16.73 -23.24 27.95
N THR G 46 17.48 -23.30 29.04
CA THR G 46 18.87 -23.76 28.99
C THR G 46 18.94 -25.25 28.68
N LEU G 47 18.09 -26.05 29.31
CA LEU G 47 18.07 -27.49 29.04
C LEU G 47 17.64 -27.78 27.60
N SER G 48 16.62 -27.06 27.15
CA SER G 48 16.05 -27.27 25.81
C SER G 48 16.93 -26.82 24.65
N GLY G 49 17.63 -25.70 24.83
CA GLY G 49 18.49 -25.16 23.77
C GLY G 49 17.70 -24.53 22.63
N LEU G 50 16.40 -24.33 22.84
CA LEU G 50 15.52 -23.72 21.84
C LEU G 50 15.48 -22.22 22.09
N GLU G 51 14.94 -21.48 21.13
CA GLU G 51 14.75 -20.05 21.29
C GLU G 51 13.56 -19.85 22.22
N ASP G 52 13.50 -18.70 22.87
CA ASP G 52 12.41 -18.36 23.79
C ASP G 52 11.02 -18.63 23.21
N ALA G 53 10.76 -18.10 22.01
CA ALA G 53 9.46 -18.28 21.36
C ALA G 53 9.11 -19.77 21.18
N ASP G 54 10.08 -20.57 20.75
CA ASP G 54 9.85 -21.98 20.52
C ASP G 54 9.53 -22.78 21.80
N LEU G 55 10.15 -22.43 22.94
CA LEU G 55 9.88 -23.16 24.18
C LEU G 55 8.47 -22.89 24.67
N ARG G 56 8.09 -21.61 24.72
CA ARG G 56 6.73 -21.25 25.12
C ARG G 56 5.71 -22.03 24.27
N VAL G 57 5.88 -22.06 22.95
CA VAL G 57 4.98 -22.79 22.06
C VAL G 57 4.94 -24.29 22.38
N ALA G 58 6.12 -24.86 22.66
CA ALA G 58 6.20 -26.27 23.02
C ALA G 58 5.54 -26.55 24.39
N LEU G 59 5.40 -25.52 25.22
CA LEU G 59 4.76 -25.67 26.54
C LEU G 59 3.23 -25.63 26.52
N LEU G 60 2.64 -25.10 25.43
CA LEU G 60 1.16 -24.96 25.34
C LEU G 60 0.34 -26.19 25.74
N PRO G 61 0.76 -27.38 25.33
CA PRO G 61 -0.04 -28.56 25.72
C PRO G 61 -0.30 -28.63 27.22
N ILE G 62 0.64 -28.13 28.03
CA ILE G 62 0.49 -28.13 29.48
C ILE G 62 -0.69 -27.21 29.89
N ALA G 63 -0.82 -26.06 29.23
CA ALA G 63 -1.93 -25.14 29.54
C ALA G 63 -3.27 -25.69 29.00
N ALA G 64 -3.25 -26.18 27.76
CA ALA G 64 -4.42 -26.79 27.12
C ALA G 64 -5.00 -27.97 27.93
N ALA G 65 -4.15 -28.65 28.71
CA ALA G 65 -4.58 -29.79 29.51
C ALA G 65 -5.61 -29.39 30.58
N TYR G 66 -5.57 -28.14 31.00
CA TYR G 66 -6.50 -27.64 32.01
C TYR G 66 -7.87 -27.25 31.47
N SER G 67 -8.07 -27.33 30.17
CA SER G 67 -9.32 -26.93 29.54
C SER G 67 -10.55 -27.69 30.03
N TYR G 68 -11.63 -26.97 30.34
CA TYR G 68 -12.90 -27.57 30.71
C TYR G 68 -13.85 -27.13 29.61
N ALA G 69 -13.92 -27.94 28.56
CA ALA G 69 -14.72 -27.64 27.39
C ALA G 69 -15.77 -28.70 27.09
N PRO G 70 -16.76 -28.88 27.97
CA PRO G 70 -17.78 -29.91 27.72
C PRO G 70 -18.69 -29.60 26.54
N ILE G 71 -18.84 -28.33 26.17
CA ILE G 71 -19.69 -27.99 25.04
C ILE G 71 -19.00 -28.26 23.71
N SER G 72 -17.78 -27.74 23.54
CA SER G 72 -17.05 -27.83 22.26
C SER G 72 -15.96 -28.88 22.16
N GLU G 73 -15.42 -29.32 23.29
CA GLU G 73 -14.31 -30.26 23.31
C GLU G 73 -13.14 -29.70 22.50
N PHE G 74 -13.03 -28.39 22.47
CA PHE G 74 -11.97 -27.65 21.77
C PHE G 74 -11.06 -27.07 22.87
N TYR G 75 -9.83 -27.58 22.96
CA TYR G 75 -8.93 -27.23 24.06
C TYR G 75 -7.93 -26.12 23.75
N VAL G 76 -8.23 -24.93 24.28
CA VAL G 76 -7.37 -23.78 24.08
C VAL G 76 -6.53 -23.60 25.33
N GLY G 77 -5.23 -23.35 25.13
CA GLY G 77 -4.31 -23.12 26.21
C GLY G 77 -3.55 -21.84 25.92
N ALA G 78 -3.33 -21.03 26.97
CA ALA G 78 -2.62 -19.78 26.84
C ALA G 78 -1.52 -19.70 27.87
N ILE G 79 -0.45 -18.98 27.53
CA ILE G 79 0.65 -18.74 28.45
C ILE G 79 0.91 -17.24 28.46
N VAL G 80 0.59 -16.61 29.58
CA VAL G 80 0.78 -15.20 29.78
C VAL G 80 2.02 -14.99 30.62
N ARG G 81 3.01 -14.32 30.05
CA ARG G 81 4.22 -13.99 30.80
C ARG G 81 3.99 -12.61 31.38
N GLY G 82 4.12 -12.50 32.69
CA GLY G 82 3.96 -11.21 33.35
C GLY G 82 5.18 -10.36 33.11
N ILE G 83 5.08 -9.08 33.42
CA ILE G 83 6.21 -8.17 33.24
C ILE G 83 7.40 -8.56 34.12
N SER G 84 7.13 -9.24 35.25
CA SER G 84 8.18 -9.71 36.16
C SER G 84 8.93 -10.92 35.60
N GLY G 85 8.38 -11.55 34.56
CA GLY G 85 8.99 -12.72 33.92
C GLY G 85 8.35 -14.07 34.25
N ARG G 86 7.45 -14.09 35.23
CA ARG G 86 6.78 -15.33 35.64
C ARG G 86 5.74 -15.75 34.61
N LEU G 87 5.65 -17.04 34.29
CA LEU G 87 4.65 -17.53 33.34
C LEU G 87 3.39 -17.97 34.08
N TYR G 88 2.24 -17.66 33.51
CA TYR G 88 0.94 -18.03 34.10
C TYR G 88 0.14 -18.72 33.05
N LEU G 89 -0.31 -19.94 33.34
CA LEU G 89 -1.07 -20.72 32.39
C LEU G 89 -2.57 -20.45 32.53
N GLY G 90 -3.30 -20.76 31.47
CA GLY G 90 -4.76 -20.64 31.45
C GLY G 90 -5.36 -21.50 30.36
N ALA G 91 -6.63 -21.82 30.49
CA ALA G 91 -7.32 -22.63 29.49
C ALA G 91 -8.76 -22.16 29.40
N ASN G 92 -9.46 -22.54 28.34
CA ASN G 92 -10.85 -22.14 28.18
C ASN G 92 -11.78 -22.85 29.18
N MSE G 93 -12.97 -22.27 29.38
CA MSE G 93 -13.92 -22.77 30.36
C MSE G 93 -15.34 -22.56 29.85
O MSE G 93 -15.72 -21.43 29.55
CB MSE G 93 -13.68 -21.98 31.67
CG MSE G 93 -14.14 -22.60 32.97
SE MSE G 93 -13.45 -21.51 34.52
CE MSE G 93 -14.62 -19.97 34.30
N GLU G 94 -16.10 -23.65 29.76
CA GLU G 94 -17.46 -23.62 29.26
C GLU G 94 -18.44 -24.19 30.25
N PHE G 95 -19.63 -23.62 30.31
CA PHE G 95 -20.67 -24.06 31.25
C PHE G 95 -21.94 -24.60 30.57
N THR G 96 -22.12 -25.92 30.63
CA THR G 96 -23.28 -26.58 30.07
C THR G 96 -24.55 -26.10 30.78
N GLY G 97 -25.55 -25.67 30.02
CA GLY G 97 -26.80 -25.19 30.59
C GLY G 97 -26.87 -23.69 30.85
N ALA G 98 -25.77 -22.98 30.64
CA ALA G 98 -25.74 -21.54 30.85
C ALA G 98 -25.64 -20.85 29.50
N GLN G 99 -26.00 -19.57 29.46
CA GLN G 99 -25.92 -18.82 28.23
C GLN G 99 -24.43 -18.67 27.94
N LEU G 100 -24.08 -18.50 26.67
CA LEU G 100 -22.66 -18.48 26.28
C LEU G 100 -21.82 -17.31 26.75
N GLY G 101 -22.44 -16.24 27.23
CA GLY G 101 -21.70 -15.12 27.77
C GLY G 101 -20.98 -15.53 29.06
N GLN G 102 -21.22 -16.75 29.54
CA GLN G 102 -20.57 -17.24 30.76
C GLN G 102 -19.28 -17.97 30.43
N THR G 103 -18.95 -18.05 29.15
CA THR G 103 -17.74 -18.71 28.71
C THR G 103 -16.51 -17.89 29.07
N VAL G 104 -15.40 -18.58 29.32
CA VAL G 104 -14.11 -17.91 29.57
C VAL G 104 -13.12 -18.47 28.57
N HIS G 105 -12.45 -17.60 27.83
CA HIS G 105 -11.43 -18.03 26.86
C HIS G 105 -10.09 -18.23 27.55
N ALA G 106 -9.22 -19.01 26.95
CA ALA G 106 -7.91 -19.27 27.53
C ALA G 106 -7.11 -17.99 27.80
N GLU G 107 -7.25 -16.99 26.93
CA GLU G 107 -6.54 -15.73 27.06
C GLU G 107 -7.00 -14.98 28.28
N GLN G 108 -8.30 -15.00 28.51
CA GLN G 108 -8.89 -14.35 29.66
C GLN G 108 -8.48 -15.06 30.95
N CYS G 109 -8.47 -16.39 30.90
CA CYS G 109 -8.13 -17.17 32.06
C CYS G 109 -6.71 -16.86 32.51
N ALA G 110 -5.76 -16.98 31.58
CA ALA G 110 -4.35 -16.75 31.85
C ALA G 110 -4.02 -15.31 32.28
N ILE G 111 -4.84 -14.36 31.83
CA ILE G 111 -4.66 -12.97 32.18
C ILE G 111 -5.15 -12.76 33.58
N SER G 112 -6.34 -13.28 33.84
CA SER G 112 -6.98 -13.14 35.15
C SER G 112 -6.11 -13.82 36.22
N HIS G 113 -5.45 -14.90 35.83
CA HIS G 113 -4.56 -15.65 36.70
C HIS G 113 -3.33 -14.78 37.02
N ALA G 114 -2.74 -14.18 35.99
CA ALA G 114 -1.59 -13.32 36.19
C ALA G 114 -1.98 -12.13 37.05
N TRP G 115 -3.17 -11.60 36.80
CA TRP G 115 -3.71 -10.45 37.53
C TRP G 115 -3.98 -10.78 39.00
N MSE G 116 -4.73 -11.84 39.24
CA MSE G 116 -5.05 -12.25 40.62
C MSE G 116 -3.80 -12.61 41.43
O MSE G 116 -3.85 -12.58 42.66
CB MSE G 116 -6.04 -13.39 40.64
CG MSE G 116 -7.39 -13.06 40.06
SE MSE G 116 -8.23 -11.50 40.88
CE MSE G 116 -8.30 -12.11 42.74
N LYS G 117 -2.71 -12.96 40.78
CA LYS G 117 -1.47 -13.24 41.50
C LYS G 117 -0.57 -12.01 41.65
N GLY G 118 -1.08 -10.84 41.27
CA GLY G 118 -0.34 -9.59 41.48
C GLY G 118 0.41 -8.93 40.33
N GLU G 119 0.39 -9.51 39.14
CA GLU G 119 1.11 -8.88 38.02
C GLU G 119 0.50 -7.51 37.73
N LYS G 120 1.30 -6.63 37.13
CA LYS G 120 0.87 -5.27 36.78
C LYS G 120 0.81 -5.09 35.28
N GLY G 121 0.89 -6.19 34.54
CA GLY G 121 0.83 -6.14 33.09
C GLY G 121 1.39 -7.38 32.44
N VAL G 122 1.27 -7.44 31.12
CA VAL G 122 1.72 -8.60 30.38
C VAL G 122 2.82 -8.22 29.40
N ALA G 123 3.90 -9.00 29.39
CA ALA G 123 5.00 -8.79 28.46
C ALA G 123 4.61 -9.43 27.12
N ASP G 124 4.08 -10.64 27.22
CA ASP G 124 3.66 -11.38 26.04
C ASP G 124 2.69 -12.53 26.36
N ILE G 125 2.01 -13.00 25.34
CA ILE G 125 1.08 -14.09 25.50
C ILE G 125 1.26 -15.05 24.34
N THR G 126 1.33 -16.34 24.67
CA THR G 126 1.51 -17.39 23.69
C THR G 126 0.25 -18.22 23.72
N ILE G 127 -0.29 -18.53 22.54
CA ILE G 127 -1.54 -19.29 22.39
C ILE G 127 -1.48 -20.29 21.28
N ASN G 128 -2.28 -21.35 21.42
CA ASN G 128 -2.30 -22.43 20.45
C ASN G 128 -3.27 -22.22 19.27
N PHE G 129 -3.92 -21.05 19.23
CA PHE G 129 -4.84 -20.65 18.13
C PHE G 129 -4.91 -19.11 18.10
N SER G 130 -5.16 -18.51 16.95
CA SER G 130 -5.30 -17.07 16.87
C SER G 130 -6.44 -16.62 17.78
N PRO G 131 -6.25 -15.52 18.50
CA PRO G 131 -7.28 -15.06 19.41
C PRO G 131 -8.50 -14.50 18.65
N CYS G 132 -9.70 -14.75 19.17
CA CYS G 132 -10.88 -14.23 18.53
C CYS G 132 -10.99 -12.71 18.86
N GLY G 133 -11.93 -12.02 18.22
CA GLY G 133 -12.12 -10.58 18.43
C GLY G 133 -12.40 -10.21 19.87
N HIS G 134 -13.20 -11.05 20.52
CA HIS G 134 -13.58 -10.95 21.93
C HIS G 134 -12.31 -10.93 22.81
N CYS G 135 -11.34 -11.78 22.51
CA CYS G 135 -10.09 -11.82 23.28
C CYS G 135 -9.15 -10.69 22.86
N ARG G 136 -9.22 -10.26 21.61
CA ARG G 136 -8.37 -9.16 21.20
C ARG G 136 -8.90 -7.92 21.91
N GLN G 137 -10.23 -7.78 21.96
CA GLN G 137 -10.86 -6.64 22.62
C GLN G 137 -10.54 -6.64 24.10
N PHE G 138 -10.59 -7.82 24.72
CA PHE G 138 -10.29 -7.97 26.15
C PHE G 138 -8.87 -7.50 26.47
N MSE G 139 -7.92 -7.93 25.65
CA MSE G 139 -6.52 -7.56 25.84
C MSE G 139 -6.26 -6.08 25.61
O MSE G 139 -5.24 -5.55 26.08
CB MSE G 139 -5.64 -8.38 24.90
CG MSE G 139 -5.52 -9.81 25.34
SE MSE G 139 -4.38 -10.84 24.19
CE MSE G 139 -5.50 -10.99 22.60
N ASN G 140 -7.18 -5.42 24.91
CA ASN G 140 -7.02 -4.00 24.66
C ASN G 140 -7.34 -3.15 25.91
N GLU G 141 -7.94 -3.78 26.93
CA GLU G 141 -8.29 -3.13 28.20
C GLU G 141 -7.09 -3.05 29.13
N LEU G 142 -6.05 -3.83 28.86
CA LEU G 142 -4.86 -3.93 29.73
C LEU G 142 -3.92 -2.73 29.75
N THR G 143 -3.22 -2.56 30.87
CA THR G 143 -2.24 -1.49 31.05
C THR G 143 -1.14 -1.55 30.01
N THR G 144 -0.80 -2.77 29.61
CA THR G 144 0.25 -2.98 28.61
C THR G 144 -0.30 -3.32 27.21
N ALA G 145 -1.52 -2.88 26.91
CA ALA G 145 -2.14 -3.11 25.60
C ALA G 145 -1.26 -2.63 24.44
N SER G 146 -0.56 -1.52 24.65
CA SER G 146 0.24 -0.90 23.58
C SER G 146 1.58 -1.56 23.27
N SER G 147 2.03 -2.48 24.11
CA SER G 147 3.35 -3.11 23.90
C SER G 147 3.39 -4.63 23.96
N LEU G 148 2.34 -5.24 24.50
CA LEU G 148 2.34 -6.69 24.65
C LEU G 148 2.40 -7.37 23.28
N LYS G 149 3.12 -8.49 23.24
CA LYS G 149 3.27 -9.29 22.04
C LYS G 149 2.38 -10.51 22.14
N ILE G 150 1.91 -10.99 20.99
CA ILE G 150 1.08 -12.18 20.88
C ILE G 150 1.84 -13.18 20.02
N GLN G 151 2.16 -14.34 20.60
CA GLN G 151 2.93 -15.38 19.90
C GLN G 151 2.07 -16.62 19.62
N LEU G 152 2.01 -17.02 18.35
CA LEU G 152 1.29 -18.22 17.92
C LEU G 152 2.30 -19.18 17.34
N PRO G 153 1.94 -20.48 17.24
CA PRO G 153 2.88 -21.48 16.71
C PRO G 153 3.21 -21.26 15.24
N LYS G 154 4.50 -21.44 14.90
CA LYS G 154 4.99 -21.29 13.54
C LYS G 154 4.56 -19.99 12.88
N ARG G 155 4.75 -18.90 13.61
CA ARG G 155 4.45 -17.55 13.14
C ARG G 155 5.30 -16.56 13.88
N ALA G 156 5.54 -15.43 13.26
CA ALA G 156 6.32 -14.36 13.88
C ALA G 156 5.44 -13.76 14.96
N ALA G 157 6.05 -13.19 15.98
CA ALA G 157 5.29 -12.56 17.03
C ALA G 157 4.75 -11.24 16.49
N LYS G 158 3.49 -10.95 16.77
CA LYS G 158 2.88 -9.69 16.37
C LYS G 158 2.43 -8.91 17.59
N THR G 159 2.12 -7.63 17.38
CA THR G 159 1.61 -6.76 18.44
C THR G 159 0.10 -6.85 18.45
N LEU G 160 -0.52 -6.46 19.56
CA LEU G 160 -1.97 -6.47 19.67
C LEU G 160 -2.58 -5.58 18.61
N GLN G 161 -1.94 -4.43 18.40
CA GLN G 161 -2.41 -3.46 17.40
C GLN G 161 -2.45 -4.07 16.01
N GLU G 162 -1.49 -4.93 15.69
CA GLU G 162 -1.49 -5.62 14.40
C GLU G 162 -2.70 -6.56 14.30
N TYR G 163 -3.03 -7.24 15.40
CA TYR G 163 -4.19 -8.15 15.44
C TYR G 163 -5.54 -7.43 15.55
N LEU G 164 -5.56 -6.23 16.12
CA LEU G 164 -6.80 -5.46 16.32
C LEU G 164 -6.58 -4.02 15.88
N PRO G 165 -6.42 -3.80 14.56
CA PRO G 165 -6.18 -2.45 14.05
C PRO G 165 -7.31 -1.47 14.39
N GLU G 166 -6.97 -0.19 14.53
CA GLU G 166 -7.94 0.86 14.88
C GLU G 166 -8.74 0.48 16.11
N SER G 167 -8.04 -0.02 17.13
CA SER G 167 -8.66 -0.52 18.36
C SER G 167 -9.55 0.46 19.12
N PHE G 168 -10.43 -0.12 19.93
CA PHE G 168 -11.37 0.60 20.76
C PHE G 168 -11.08 0.23 22.21
N GLY G 169 -10.25 1.03 22.87
CA GLY G 169 -9.87 0.75 24.26
C GLY G 169 -10.46 1.73 25.26
N PRO G 170 -9.97 1.69 26.51
CA PRO G 170 -10.39 2.59 27.59
C PRO G 170 -10.06 4.07 27.28
N ALA G 171 -9.02 4.30 26.50
CA ALA G 171 -8.62 5.66 26.13
C ALA G 171 -9.73 6.41 25.37
N ASP G 172 -10.66 5.66 24.76
CA ASP G 172 -11.78 6.26 24.03
C ASP G 172 -12.75 6.97 24.96
N LEU G 173 -13.13 6.31 26.04
CA LEU G 173 -14.08 6.88 27.00
C LEU G 173 -13.38 7.65 28.15
N GLY G 174 -12.12 8.04 27.94
CA GLY G 174 -11.34 8.81 28.91
C GLY G 174 -10.90 8.06 30.16
N ILE G 175 -10.24 6.92 29.97
CA ILE G 175 -9.76 6.10 31.09
C ILE G 175 -8.24 5.88 31.01
N ASP G 176 -7.53 6.38 32.02
CA ASP G 176 -6.07 6.33 32.09
C ASP G 176 -5.55 5.15 32.94
N SER G 177 -6.47 4.47 33.63
CA SER G 177 -6.13 3.33 34.48
C SER G 177 -6.67 2.03 33.90
N GLY G 178 -5.80 1.31 33.19
CA GLY G 178 -6.16 0.05 32.57
C GLY G 178 -6.19 -1.11 33.55
N LEU G 179 -6.71 -2.23 33.06
CA LEU G 179 -6.83 -3.46 33.82
C LEU G 179 -5.45 -3.94 34.23
N MSE G 180 -5.31 -4.32 35.50
CA MSE G 180 -4.06 -4.77 36.12
C MSE G 180 -3.28 -3.62 36.76
O MSE G 180 -2.21 -3.85 37.35
CB MSE G 180 -3.16 -5.57 35.18
CG MSE G 180 -3.81 -6.83 34.63
SE MSE G 180 -2.63 -7.88 33.49
CE MSE G 180 -1.38 -8.58 34.82
N SER G 181 -3.77 -2.39 36.65
CA SER G 181 -3.08 -1.28 37.29
C SER G 181 -3.33 -1.45 38.80
N PRO G 182 -2.40 -0.96 39.63
CA PRO G 182 -2.59 -1.08 41.07
C PRO G 182 -3.85 -0.35 41.53
N VAL G 183 -4.76 -1.08 42.17
CA VAL G 183 -6.05 -0.56 42.60
C VAL G 183 -6.41 -0.96 44.03
N ASN G 184 -6.99 -0.01 44.76
CA ASN G 184 -7.48 -0.25 46.11
C ASN G 184 -8.67 0.68 46.34
N HIS G 185 -9.87 0.16 46.18
CA HIS G 185 -11.10 0.96 46.34
C HIS G 185 -11.39 1.38 47.78
N GLY G 186 -10.74 0.72 48.73
CA GLY G 186 -10.85 1.06 50.16
C GLY G 186 -12.22 0.88 50.82
N LYS G 187 -13.03 -0.02 50.29
CA LYS G 187 -14.37 -0.27 50.84
C LYS G 187 -14.32 -1.18 52.06
N THR G 188 -15.12 -0.87 53.08
CA THR G 188 -15.16 -1.67 54.31
C THR G 188 -16.56 -2.17 54.67
N SER G 189 -16.60 -3.18 55.54
CA SER G 189 -17.85 -3.78 56.00
C SER G 189 -17.60 -4.65 57.22
N ASP G 190 -18.55 -4.59 58.16
CA ASP G 190 -18.46 -5.36 59.41
C ASP G 190 -19.26 -6.66 59.34
N ASP G 191 -19.50 -7.15 58.13
CA ASP G 191 -20.27 -8.38 57.94
C ASP G 191 -19.55 -9.55 58.64
N ASP G 192 -20.29 -10.31 59.46
CA ASP G 192 -19.70 -11.41 60.25
C ASP G 192 -19.26 -12.63 59.45
N GLU G 193 -19.81 -12.83 58.25
CA GLU G 193 -19.48 -14.00 57.45
C GLU G 193 -18.12 -13.77 56.78
N GLU G 194 -17.18 -14.68 57.03
CA GLU G 194 -15.82 -14.55 56.51
C GLU G 194 -15.71 -14.73 54.99
N LEU G 195 -16.57 -15.54 54.39
CA LEU G 195 -16.50 -15.72 52.92
C LEU G 195 -16.83 -14.37 52.24
N ILE G 196 -17.65 -13.55 52.87
CA ILE G 196 -17.99 -12.21 52.38
C ILE G 196 -16.79 -11.25 52.47
N GLN G 197 -16.08 -11.28 53.59
CA GLN G 197 -14.91 -10.41 53.78
C GLN G 197 -13.84 -10.68 52.72
N GLN G 198 -13.69 -11.95 52.36
CA GLN G 198 -12.76 -12.37 51.32
C GLN G 198 -13.25 -11.84 49.96
N ALA G 199 -14.53 -12.04 49.66
CA ALA G 199 -15.09 -11.52 48.42
C ALA G 199 -14.79 -10.00 48.34
N LEU G 200 -14.98 -9.30 49.46
CA LEU G 200 -14.71 -7.85 49.53
C LEU G 200 -13.28 -7.52 49.14
N ARG G 201 -12.33 -8.34 49.56
CA ARG G 201 -10.93 -8.14 49.23
C ARG G 201 -10.74 -8.14 47.69
N ALA G 202 -11.45 -9.03 47.01
CA ALA G 202 -11.38 -9.11 45.54
C ALA G 202 -12.02 -7.85 44.94
N MSE G 203 -13.18 -7.48 45.48
CA MSE G 203 -13.90 -6.29 45.04
C MSE G 203 -13.00 -5.05 45.06
O MSE G 203 -13.04 -4.26 44.13
CB MSE G 203 -15.07 -6.02 45.98
CG MSE G 203 -16.07 -5.06 45.40
SE MSE G 203 -17.09 -4.06 46.71
CE MSE G 203 -15.66 -2.83 47.14
N ASN G 204 -12.21 -4.89 46.11
CA ASN G 204 -11.34 -3.72 46.28
C ASN G 204 -10.19 -3.57 45.26
N ILE G 205 -9.96 -4.57 44.41
CA ILE G 205 -8.95 -4.45 43.35
C ILE G 205 -9.59 -4.57 41.98
N SER G 206 -10.93 -4.56 41.93
CA SER G 206 -11.65 -4.73 40.68
C SER G 206 -11.55 -3.52 39.74
N HIS G 207 -11.83 -3.79 38.47
CA HIS G 207 -11.76 -2.79 37.42
C HIS G 207 -13.12 -2.67 36.78
N SER G 208 -13.87 -1.62 37.16
CA SER G 208 -15.20 -1.40 36.60
C SER G 208 -15.50 0.08 36.36
N PRO G 209 -14.68 0.74 35.52
CA PRO G 209 -14.83 2.18 35.28
C PRO G 209 -16.01 2.61 34.43
N TYR G 210 -16.71 1.66 33.81
CA TYR G 210 -17.83 1.97 32.91
C TYR G 210 -19.19 1.85 33.59
N THR G 211 -19.30 0.99 34.59
CA THR G 211 -20.58 0.78 35.28
C THR G 211 -20.44 1.03 36.78
N GLN G 212 -19.19 1.19 37.23
CA GLN G 212 -18.89 1.39 38.63
C GLN G 212 -19.38 0.22 39.49
N ASN G 213 -19.59 -0.96 38.91
CA ASN G 213 -20.03 -2.09 39.71
C ASN G 213 -18.81 -2.86 40.20
N PHE G 214 -18.06 -2.21 41.09
CA PHE G 214 -16.87 -2.79 41.67
C PHE G 214 -17.39 -3.98 42.46
N SER G 215 -16.92 -5.17 42.10
CA SER G 215 -17.42 -6.38 42.72
C SER G 215 -16.39 -7.50 42.71
N GLY G 216 -16.64 -8.49 43.55
CA GLY G 216 -15.74 -9.64 43.65
C GLY G 216 -16.46 -10.84 44.21
N VAL G 217 -15.91 -12.02 43.93
CA VAL G 217 -16.47 -13.28 44.40
C VAL G 217 -15.42 -14.11 45.13
N ALA G 218 -15.88 -14.88 46.11
CA ALA G 218 -15.00 -15.80 46.85
C ALA G 218 -15.61 -17.20 46.81
N LEU G 219 -14.81 -18.19 46.41
CA LEU G 219 -15.26 -19.58 46.38
C LEU G 219 -14.58 -20.38 47.48
N LYS G 220 -15.34 -21.25 48.14
CA LYS G 220 -14.82 -22.10 49.24
C LYS G 220 -15.02 -23.60 48.91
N MSE G 221 -13.92 -24.33 48.82
CA MSE G 221 -13.95 -25.76 48.51
C MSE G 221 -14.25 -26.57 49.77
O MSE G 221 -14.21 -26.05 50.87
CB MSE G 221 -12.57 -26.21 48.00
CG MSE G 221 -11.96 -25.32 46.94
SE MSE G 221 -13.09 -25.13 45.39
CE MSE G 221 -13.08 -27.02 44.80
N ARG G 222 -14.57 -27.85 49.60
CA ARG G 222 -14.76 -28.73 50.75
C ARG G 222 -13.44 -28.92 51.48
N SER G 223 -12.32 -28.71 50.79
CA SER G 223 -11.01 -28.84 51.40
C SER G 223 -10.77 -27.69 52.37
N GLY G 224 -11.41 -26.56 52.09
CA GLY G 224 -11.26 -25.35 52.88
C GLY G 224 -10.48 -24.32 52.07
N ALA G 225 -9.94 -24.74 50.93
CA ALA G 225 -9.19 -23.83 50.06
C ALA G 225 -10.10 -22.70 49.55
N ILE G 226 -9.53 -21.50 49.45
CA ILE G 226 -10.27 -20.31 49.02
C ILE G 226 -9.72 -19.79 47.69
N TYR G 227 -10.63 -19.37 46.82
CA TYR G 227 -10.27 -18.79 45.52
C TYR G 227 -11.05 -17.50 45.35
N LEU G 228 -10.33 -16.44 44.97
CA LEU G 228 -10.94 -15.11 44.81
C LEU G 228 -10.97 -14.70 43.36
N GLY G 229 -11.94 -13.86 43.03
CA GLY G 229 -12.10 -13.35 41.68
C GLY G 229 -12.69 -11.98 41.67
N ALA G 230 -11.96 -11.03 41.07
CA ALA G 230 -12.41 -9.66 40.94
C ALA G 230 -13.02 -9.45 39.54
N TYR G 231 -13.85 -8.43 39.40
CA TYR G 231 -14.52 -8.11 38.15
C TYR G 231 -13.58 -7.36 37.21
N ALA G 232 -13.48 -7.85 35.96
CA ALA G 232 -12.62 -7.25 34.95
C ALA G 232 -13.48 -6.74 33.80
N GLU G 233 -13.97 -5.52 33.95
CA GLU G 233 -14.85 -4.93 32.96
C GLU G 233 -14.10 -4.53 31.70
N ASN G 234 -14.84 -4.38 30.61
CA ASN G 234 -14.27 -4.04 29.32
C ASN G 234 -15.01 -2.84 28.69
N ALA G 235 -14.25 -2.01 27.98
CA ALA G 235 -14.79 -0.81 27.31
C ALA G 235 -15.83 -1.18 26.23
N ALA G 236 -15.70 -2.35 25.63
CA ALA G 236 -16.66 -2.83 24.64
C ALA G 236 -17.81 -3.60 25.29
N PHE G 237 -17.88 -3.57 26.62
CA PHE G 237 -18.95 -4.22 27.40
C PHE G 237 -19.03 -5.76 27.40
N ASN G 238 -19.42 -6.35 26.28
CA ASN G 238 -19.59 -7.80 26.23
C ASN G 238 -18.38 -8.61 26.69
N PRO G 239 -17.15 -8.19 26.33
CA PRO G 239 -15.98 -8.95 26.77
C PRO G 239 -15.67 -8.86 28.26
N SER G 240 -16.54 -8.17 29.02
CA SER G 240 -16.34 -8.05 30.46
C SER G 240 -16.33 -9.44 31.09
N LEU G 241 -15.35 -9.67 31.95
CA LEU G 241 -15.21 -10.95 32.63
C LEU G 241 -15.78 -10.81 34.06
N PRO G 242 -16.90 -11.49 34.33
CA PRO G 242 -17.51 -11.35 35.66
C PRO G 242 -16.67 -11.94 36.79
N PRO G 243 -16.89 -11.46 38.02
CA PRO G 243 -16.09 -11.96 39.16
C PRO G 243 -16.14 -13.48 39.33
N LEU G 244 -17.32 -14.07 39.26
CA LEU G 244 -17.45 -15.53 39.39
C LEU G 244 -16.51 -16.26 38.44
N GLN G 245 -16.57 -15.94 37.14
CA GLN G 245 -15.68 -16.56 36.16
C GLN G 245 -14.21 -16.41 36.54
N VAL G 246 -13.82 -15.26 37.09
CA VAL G 246 -12.44 -15.06 37.49
C VAL G 246 -12.06 -16.03 38.64
N ALA G 247 -12.97 -16.20 39.61
CA ALA G 247 -12.72 -17.08 40.75
C ALA G 247 -12.69 -18.54 40.35
N LEU G 248 -13.55 -18.92 39.41
CA LEU G 248 -13.56 -20.30 38.89
C LEU G 248 -12.23 -20.57 38.17
N ALA G 249 -11.76 -19.58 37.41
CA ALA G 249 -10.49 -19.73 36.68
C ALA G 249 -9.35 -20.04 37.64
N GLN G 250 -9.31 -19.32 38.76
CA GLN G 250 -8.28 -19.49 39.75
C GLN G 250 -8.39 -20.89 40.38
N ALA G 251 -9.62 -21.27 40.70
CA ALA G 251 -9.86 -22.59 41.27
C ALA G 251 -9.39 -23.64 40.29
N MSE G 252 -9.73 -23.46 39.03
CA MSE G 252 -9.38 -24.41 37.98
C MSE G 252 -7.89 -24.53 37.71
O MSE G 252 -7.41 -25.63 37.46
CB MSE G 252 -10.09 -24.05 36.69
CG MSE G 252 -9.92 -25.10 35.59
SE MSE G 252 -10.78 -24.54 33.96
CE MSE G 252 -9.53 -23.13 33.42
N MSE G 253 -7.15 -23.42 37.76
CA MSE G 253 -5.72 -23.50 37.47
C MSE G 253 -4.93 -24.14 38.64
O MSE G 253 -3.78 -24.59 38.47
CB MSE G 253 -5.15 -22.13 37.04
CG MSE G 253 -5.85 -21.57 35.78
SE MSE G 253 -6.09 -22.90 34.32
CE MSE G 253 -4.21 -23.44 34.13
N MSE G 254 -5.57 -24.22 39.80
CA MSE G 254 -4.96 -24.86 40.95
C MSE G 254 -5.30 -26.34 40.88
O MSE G 254 -4.85 -27.12 41.71
CB MSE G 254 -5.45 -24.19 42.25
CG MSE G 254 -4.63 -24.58 43.46
SE MSE G 254 -2.74 -24.07 43.27
CE MSE G 254 -2.95 -22.12 43.44
N GLY G 255 -6.08 -26.74 39.89
CA GLY G 255 -6.42 -28.14 39.66
C GLY G 255 -7.63 -28.66 40.42
N GLU G 256 -8.47 -27.75 40.91
CA GLU G 256 -9.67 -28.14 41.64
C GLU G 256 -10.73 -28.62 40.67
N SER G 257 -11.73 -29.29 41.21
CA SER G 257 -12.88 -29.73 40.44
C SER G 257 -14.06 -28.91 40.95
N PHE G 258 -14.90 -28.42 40.05
CA PHE G 258 -16.05 -27.61 40.47
C PHE G 258 -17.08 -28.39 41.30
N GLU G 259 -17.05 -29.72 41.20
CA GLU G 259 -17.93 -30.55 41.99
C GLU G 259 -17.59 -30.39 43.48
N ASP G 260 -16.35 -30.00 43.76
CA ASP G 260 -15.86 -29.81 45.12
C ASP G 260 -16.09 -28.39 45.73
N ILE G 261 -16.79 -27.50 45.01
CA ILE G 261 -17.10 -26.18 45.58
C ILE G 261 -18.21 -26.38 46.62
N GLU G 262 -18.03 -25.78 47.80
CA GLU G 262 -18.96 -25.94 48.92
C GLU G 262 -19.82 -24.71 49.15
N ALA G 263 -19.25 -23.53 48.90
CA ALA G 263 -19.96 -22.29 49.11
C ALA G 263 -19.35 -21.17 48.30
N ALA G 264 -20.17 -20.16 48.02
CA ALA G 264 -19.74 -19.00 47.26
C ALA G 264 -20.35 -17.71 47.82
N ALA G 265 -19.63 -16.61 47.67
CA ALA G 265 -20.11 -15.29 48.09
C ALA G 265 -19.86 -14.26 47.00
N LEU G 266 -20.80 -13.34 46.84
CA LEU G 266 -20.70 -12.25 45.87
C LEU G 266 -20.84 -10.91 46.57
N VAL G 267 -19.92 -10.00 46.30
CA VAL G 267 -19.95 -8.67 46.86
C VAL G 267 -19.86 -7.68 45.73
N GLU G 268 -20.87 -6.81 45.61
CA GLU G 268 -20.89 -5.79 44.56
C GLU G 268 -21.34 -4.44 45.11
N SER G 269 -21.26 -3.42 44.25
CA SER G 269 -21.58 -2.03 44.61
C SER G 269 -23.06 -1.66 44.45
N ALA G 270 -23.61 -1.05 45.50
CA ALA G 270 -25.01 -0.62 45.53
C ALA G 270 -25.34 0.37 44.43
N THR G 271 -24.36 1.19 44.06
CA THR G 271 -24.52 2.19 43.01
C THR G 271 -23.96 1.71 41.66
N GLY G 272 -23.78 0.40 41.48
CA GLY G 272 -23.31 -0.11 40.20
C GLY G 272 -24.47 0.00 39.23
N LYS G 273 -24.18 0.20 37.94
CA LYS G 273 -25.26 0.32 36.95
C LYS G 273 -25.72 -1.06 36.47
N ILE G 274 -24.99 -2.09 36.88
CA ILE G 274 -25.31 -3.48 36.58
C ILE G 274 -25.21 -4.30 37.84
N SER G 275 -25.78 -5.51 37.80
CA SER G 275 -25.70 -6.45 38.92
C SER G 275 -25.31 -7.83 38.39
N HIS G 276 -24.43 -8.50 39.13
CA HIS G 276 -23.98 -9.85 38.77
C HIS G 276 -24.76 -10.94 39.49
N LEU G 277 -25.66 -10.57 40.40
CA LEU G 277 -26.40 -11.57 41.19
C LEU G 277 -27.07 -12.65 40.34
N ALA G 278 -28.09 -12.26 39.57
CA ALA G 278 -28.85 -13.20 38.74
C ALA G 278 -27.99 -14.23 37.99
N ASP G 279 -26.93 -13.76 37.34
CA ASP G 279 -26.06 -14.68 36.59
C ASP G 279 -25.12 -15.53 37.43
N THR G 280 -24.74 -15.03 38.60
CA THR G 280 -23.88 -15.81 39.51
C THR G 280 -24.71 -16.98 40.03
N GLN G 281 -25.94 -16.72 40.43
CA GLN G 281 -26.86 -17.79 40.89
C GLN G 281 -27.09 -18.80 39.76
N ALA G 282 -27.44 -18.30 38.59
CA ALA G 282 -27.72 -19.14 37.42
C ALA G 282 -26.57 -20.10 37.07
N THR G 283 -25.35 -19.57 37.00
CA THR G 283 -24.19 -20.38 36.67
C THR G 283 -23.87 -21.37 37.81
N LEU G 284 -23.88 -20.90 39.05
CA LEU G 284 -23.63 -21.79 40.20
C LEU G 284 -24.66 -22.92 40.22
N GLU G 285 -25.89 -22.65 39.79
CA GLU G 285 -26.92 -23.70 39.76
C GLU G 285 -26.61 -24.76 38.70
N VAL G 286 -26.00 -24.36 37.59
CA VAL G 286 -25.63 -25.31 36.55
C VAL G 286 -24.43 -26.17 36.99
N ILE G 287 -23.58 -25.59 37.84
CA ILE G 287 -22.42 -26.32 38.38
C ILE G 287 -22.92 -27.35 39.40
N ASN G 288 -23.68 -26.88 40.39
CA ASN G 288 -24.27 -27.74 41.41
C ASN G 288 -25.32 -26.96 42.19
N PRO G 289 -26.60 -27.37 42.08
CA PRO G 289 -27.72 -26.69 42.75
C PRO G 289 -27.59 -26.51 44.25
N ASP G 290 -26.73 -27.30 44.89
CA ASP G 290 -26.58 -27.24 46.35
C ASP G 290 -25.62 -26.17 46.86
N ILE G 291 -24.96 -25.44 45.96
CA ILE G 291 -24.03 -24.41 46.40
C ILE G 291 -24.77 -23.14 46.83
N PRO G 292 -24.63 -22.77 48.11
CA PRO G 292 -25.28 -21.56 48.61
C PRO G 292 -24.49 -20.33 48.21
N LEU G 293 -25.19 -19.23 47.97
CA LEU G 293 -24.56 -18.00 47.56
C LEU G 293 -24.84 -16.92 48.58
N SER G 294 -23.78 -16.36 49.18
CA SER G 294 -23.91 -15.29 50.13
C SER G 294 -23.84 -14.01 49.31
N TYR G 295 -24.65 -13.03 49.66
CA TYR G 295 -24.68 -11.81 48.90
C TYR G 295 -24.63 -10.54 49.76
N LEU G 296 -23.94 -9.54 49.26
CA LEU G 296 -23.85 -8.25 49.92
C LEU G 296 -23.67 -7.17 48.85
N SER G 297 -24.48 -6.12 48.96
CA SER G 297 -24.41 -4.97 48.05
C SER G 297 -23.89 -3.77 48.87
N LEU G 298 -22.63 -3.42 48.66
CA LEU G 298 -21.99 -2.34 49.42
C LEU G 298 -21.88 -1.01 48.65
N ASN H 2 -44.66 10.61 21.82
CA ASN H 2 -43.63 9.97 22.67
C ASN H 2 -42.23 10.57 22.47
N ALA H 3 -41.24 10.08 23.22
CA ALA H 3 -39.86 10.55 23.10
C ALA H 3 -39.22 10.05 21.78
N MSE H 4 -39.79 9.00 21.19
CA MSE H 4 -39.31 8.47 19.90
C MSE H 4 -39.47 9.47 18.77
O MSE H 4 -38.52 9.72 18.02
CB MSE H 4 -40.02 7.15 19.53
CG MSE H 4 -39.20 5.90 19.80
SE MSE H 4 -37.77 5.73 18.47
CE MSE H 4 -36.85 4.16 19.22
N ARG H 5 -40.67 10.03 18.61
CA ARG H 5 -40.90 11.04 17.57
C ARG H 5 -39.89 12.18 17.73
N ASN H 6 -39.59 12.54 18.98
CA ASN H 6 -38.63 13.61 19.27
C ASN H 6 -37.22 13.27 18.80
N ARG H 7 -36.77 12.07 19.12
CA ARG H 7 -35.44 11.62 18.71
C ARG H 7 -35.30 11.55 17.17
N ILE H 8 -36.36 11.12 16.50
CA ILE H 8 -36.36 11.08 15.03
C ILE H 8 -36.27 12.53 14.47
N GLU H 9 -37.12 13.42 15.00
N GLU H 9 -37.10 13.42 15.01
CA GLU H 9 -37.12 14.84 14.58
CA GLU H 9 -37.11 14.84 14.59
C GLU H 9 -35.74 15.50 14.67
C GLU H 9 -35.74 15.50 14.67
N GLN H 10 -35.04 15.26 15.78
CA GLN H 10 -33.69 15.85 15.99
C GLN H 10 -32.73 15.43 14.88
N ALA H 11 -32.77 14.15 14.55
CA ALA H 11 -31.93 13.59 13.49
C ALA H 11 -32.28 14.15 12.12
N LEU H 12 -33.57 14.27 11.83
CA LEU H 12 -34.02 14.80 10.53
C LEU H 12 -33.62 16.25 10.36
N GLN H 13 -33.59 16.99 11.46
CA GLN H 13 -33.21 18.39 11.42
C GLN H 13 -31.73 18.58 11.08
N GLN H 14 -30.92 17.55 11.27
CA GLN H 14 -29.50 17.60 10.90
C GLN H 14 -29.27 17.27 9.43
N MSE H 15 -30.30 16.72 8.77
CA MSE H 15 -30.17 16.33 7.36
C MSE H 15 -30.17 17.53 6.40
O MSE H 15 -31.01 18.42 6.52
CB MSE H 15 -31.32 15.41 6.95
CG MSE H 15 -31.44 14.13 7.74
SE MSE H 15 -29.87 13.00 7.67
CE MSE H 15 -28.79 13.78 9.10
N PRO H 16 -29.24 17.54 5.44
CA PRO H 16 -29.13 18.58 4.41
C PRO H 16 -30.44 18.80 3.63
N ALA H 17 -30.70 20.04 3.23
CA ALA H 17 -31.92 20.44 2.51
C ALA H 17 -32.12 19.69 1.21
N SER H 18 -31.02 19.26 0.61
CA SER H 18 -31.05 18.54 -0.63
C SER H 18 -32.00 17.33 -0.56
N PHE H 19 -31.89 16.51 0.49
CA PHE H 19 -32.74 15.32 0.60
C PHE H 19 -33.61 15.16 1.86
N ALA H 20 -33.61 16.17 2.73
CA ALA H 20 -34.40 16.13 3.96
C ALA H 20 -35.89 15.96 3.72
N PRO H 21 -36.50 16.82 2.88
CA PRO H 21 -37.95 16.71 2.62
C PRO H 21 -38.42 15.28 2.26
N TYR H 22 -37.75 14.66 1.29
CA TYR H 22 -38.10 13.30 0.89
C TYR H 22 -37.80 12.29 2.02
N LEU H 23 -36.65 12.45 2.67
CA LEU H 23 -36.30 11.57 3.77
C LEU H 23 -37.37 11.64 4.87
N ARG H 24 -37.79 12.86 5.20
CA ARG H 24 -38.82 13.10 6.21
C ARG H 24 -40.09 12.36 5.85
N GLU H 25 -40.47 12.46 4.58
CA GLU H 25 -41.65 11.79 4.05
C GLU H 25 -41.58 10.27 4.32
N LEU H 26 -40.39 9.69 4.16
CA LEU H 26 -40.20 8.25 4.40
C LEU H 26 -40.13 7.89 5.88
N VAL H 27 -39.35 8.65 6.65
CA VAL H 27 -39.15 8.36 8.07
C VAL H 27 -40.38 8.64 8.94
N LEU H 28 -41.18 9.64 8.57
CA LEU H 28 -42.39 9.97 9.33
C LEU H 28 -43.61 9.18 8.90
N ALA H 29 -43.52 8.47 7.77
CA ALA H 29 -44.64 7.65 7.32
C ALA H 29 -44.97 6.71 8.48
N LYS H 30 -46.25 6.61 8.85
CA LYS H 30 -46.64 5.74 9.98
C LYS H 30 -46.35 4.27 9.71
N ASP H 31 -45.95 4.00 8.48
CA ASP H 31 -45.61 2.67 8.02
C ASP H 31 -44.14 2.34 8.38
N PHE H 32 -43.33 3.39 8.51
CA PHE H 32 -41.87 3.30 8.73
C PHE H 32 -41.33 2.22 9.66
N ASP H 33 -40.53 1.33 9.08
CA ASP H 33 -39.94 0.19 9.78
C ASP H 33 -38.41 0.23 9.82
N ALA H 34 -37.83 1.42 9.92
CA ALA H 34 -36.37 1.56 10.01
C ALA H 34 -35.62 0.87 8.89
N THR H 35 -36.21 0.90 7.69
CA THR H 35 -35.58 0.32 6.50
C THR H 35 -35.87 1.24 5.31
N PHE H 36 -35.00 1.21 4.31
CA PHE H 36 -35.18 1.96 3.08
C PHE H 36 -35.03 0.97 1.95
N SER H 37 -35.91 1.04 0.96
CA SER H 37 -35.80 0.12 -0.17
C SER H 37 -34.67 0.59 -1.09
N ALA H 38 -34.25 -0.30 -1.97
CA ALA H 38 -33.21 0.02 -2.96
C ALA H 38 -33.66 1.22 -3.78
N GLU H 39 -34.93 1.22 -4.20
CA GLU H 39 -35.51 2.34 -4.99
C GLU H 39 -35.60 3.64 -4.17
N GLN H 40 -36.02 3.55 -2.90
CA GLN H 40 -36.10 4.75 -2.03
C GLN H 40 -34.71 5.34 -1.82
N TYR H 41 -33.73 4.46 -1.58
CA TYR H 41 -32.36 4.90 -1.38
C TYR H 41 -31.79 5.56 -2.63
N GLN H 42 -32.11 5.01 -3.80
CA GLN H 42 -31.59 5.58 -5.04
C GLN H 42 -32.11 7.01 -5.24
N GLN H 43 -33.38 7.22 -4.94
CA GLN H 43 -33.99 8.55 -5.03
C GLN H 43 -33.24 9.49 -4.05
N LEU H 44 -33.04 9.02 -2.81
CA LEU H 44 -32.29 9.79 -1.82
C LEU H 44 -30.91 10.18 -2.36
N LEU H 45 -30.24 9.23 -2.98
CA LEU H 45 -28.91 9.46 -3.52
C LEU H 45 -28.89 10.47 -4.67
N THR H 46 -29.88 10.40 -5.56
CA THR H 46 -29.94 11.31 -6.70
C THR H 46 -30.11 12.74 -6.20
N LEU H 47 -31.08 12.91 -5.31
CA LEU H 47 -31.41 14.20 -4.70
C LEU H 47 -30.29 14.81 -3.89
N SER H 48 -29.47 13.96 -3.26
CA SER H 48 -28.40 14.42 -2.39
C SER H 48 -27.20 14.99 -3.13
N GLY H 49 -26.96 14.49 -4.34
CA GLY H 49 -25.80 14.89 -5.13
C GLY H 49 -24.52 14.23 -4.62
N LEU H 50 -24.65 13.42 -3.57
CA LEU H 50 -23.51 12.75 -2.93
C LEU H 50 -23.17 11.40 -3.57
N GLU H 51 -21.97 10.91 -3.24
CA GLU H 51 -21.56 9.59 -3.67
C GLU H 51 -22.06 8.59 -2.62
N ASP H 52 -22.42 7.40 -3.06
CA ASP H 52 -22.99 6.34 -2.20
C ASP H 52 -22.53 6.29 -0.73
N ALA H 53 -21.22 6.12 -0.53
CA ALA H 53 -20.64 6.06 0.81
C ALA H 53 -20.95 7.28 1.69
N ASP H 54 -20.86 8.47 1.10
CA ASP H 54 -21.12 9.68 1.86
C ASP H 54 -22.57 9.73 2.34
N LEU H 55 -23.50 9.29 1.51
CA LEU H 55 -24.91 9.35 1.90
C LEU H 55 -25.19 8.42 3.07
N ARG H 56 -24.64 7.20 3.00
CA ARG H 56 -24.81 6.22 4.08
C ARG H 56 -24.31 6.81 5.38
N VAL H 57 -23.13 7.41 5.33
CA VAL H 57 -22.57 8.06 6.52
C VAL H 57 -23.52 9.14 7.02
N ALA H 58 -24.00 9.99 6.12
CA ALA H 58 -24.90 11.10 6.51
C ALA H 58 -26.23 10.62 7.14
N LEU H 59 -26.66 9.41 6.82
CA LEU H 59 -27.91 8.89 7.38
C LEU H 59 -27.74 8.29 8.77
N LEU H 60 -26.50 8.09 9.20
CA LEU H 60 -26.23 7.47 10.51
C LEU H 60 -27.05 7.99 11.70
N PRO H 61 -27.25 9.33 11.83
CA PRO H 61 -28.03 9.86 12.96
C PRO H 61 -29.45 9.33 13.05
N ILE H 62 -30.04 8.97 11.91
CA ILE H 62 -31.40 8.41 11.86
C ILE H 62 -31.44 7.06 12.63
N ALA H 63 -30.36 6.29 12.53
CA ALA H 63 -30.26 5.01 13.22
C ALA H 63 -29.98 5.28 14.69
N ALA H 64 -29.00 6.14 14.94
CA ALA H 64 -28.61 6.50 16.30
C ALA H 64 -29.79 6.97 17.16
N ALA H 65 -30.80 7.54 16.53
CA ALA H 65 -31.99 8.02 17.26
C ALA H 65 -32.82 6.88 17.90
N TYR H 66 -32.56 5.63 17.50
CA TYR H 66 -33.26 4.47 18.06
C TYR H 66 -32.51 3.90 19.27
N SER H 67 -31.27 4.35 19.46
CA SER H 67 -30.40 3.87 20.54
C SER H 67 -31.04 3.88 21.91
N TYR H 68 -30.75 2.83 22.68
CA TYR H 68 -31.23 2.73 24.05
C TYR H 68 -29.99 2.40 24.88
N ALA H 69 -29.36 3.45 25.43
CA ALA H 69 -28.11 3.31 26.18
C ALA H 69 -28.14 3.95 27.56
N PRO H 70 -28.99 3.43 28.46
CA PRO H 70 -29.10 4.01 29.80
C PRO H 70 -27.83 3.89 30.66
N ILE H 71 -26.91 2.99 30.30
CA ILE H 71 -25.69 2.80 31.09
C ILE H 71 -24.56 3.74 30.64
N SER H 72 -24.30 3.80 29.35
CA SER H 72 -23.20 4.63 28.83
C SER H 72 -23.61 6.01 28.33
N GLU H 73 -24.88 6.17 27.93
CA GLU H 73 -25.35 7.44 27.37
C GLU H 73 -24.58 7.68 26.07
N PHE H 74 -24.14 6.60 25.45
CA PHE H 74 -23.34 6.66 24.24
C PHE H 74 -24.25 6.11 23.15
N TYR H 75 -24.77 7.01 22.31
CA TYR H 75 -25.72 6.63 21.26
C TYR H 75 -25.00 6.34 19.96
N VAL H 76 -25.14 5.09 19.50
CA VAL H 76 -24.46 4.58 18.32
C VAL H 76 -25.45 3.94 17.34
N GLY H 77 -25.24 4.20 16.06
CA GLY H 77 -26.10 3.69 15.01
C GLY H 77 -25.29 2.99 13.94
N ALA H 78 -25.97 2.11 13.21
CA ALA H 78 -25.34 1.38 12.11
C ALA H 78 -26.32 1.21 10.98
N ILE H 79 -25.79 1.21 9.77
CA ILE H 79 -26.61 0.97 8.59
C ILE H 79 -26.04 -0.22 7.82
N VAL H 80 -26.88 -1.22 7.64
CA VAL H 80 -26.49 -2.41 6.91
C VAL H 80 -27.20 -2.44 5.57
N ARG H 81 -26.45 -2.64 4.50
CA ARG H 81 -27.05 -2.82 3.18
C ARG H 81 -27.03 -4.30 2.93
N GLY H 82 -28.21 -4.89 2.77
CA GLY H 82 -28.29 -6.31 2.47
C GLY H 82 -27.81 -6.54 1.04
N ILE H 83 -27.45 -7.76 0.71
CA ILE H 83 -27.01 -8.06 -0.65
C ILE H 83 -28.11 -7.76 -1.66
N SER H 84 -29.36 -7.70 -1.21
CA SER H 84 -30.51 -7.38 -2.08
C SER H 84 -30.55 -5.91 -2.46
N GLY H 85 -29.89 -5.06 -1.67
CA GLY H 85 -29.87 -3.62 -1.90
C GLY H 85 -30.67 -2.82 -0.89
N ARG H 86 -31.51 -3.50 -0.12
CA ARG H 86 -32.30 -2.84 0.90
C ARG H 86 -31.38 -2.45 2.05
N LEU H 87 -31.68 -1.35 2.74
CA LEU H 87 -30.88 -0.89 3.86
C LEU H 87 -31.64 -1.12 5.15
N TYR H 88 -30.90 -1.47 6.21
CA TYR H 88 -31.49 -1.75 7.50
C TYR H 88 -30.80 -0.95 8.61
N LEU H 89 -31.59 -0.28 9.44
CA LEU H 89 -31.02 0.52 10.52
C LEU H 89 -30.93 -0.31 11.79
N GLY H 90 -29.98 0.08 12.64
CA GLY H 90 -29.77 -0.54 13.95
C GLY H 90 -29.13 0.45 14.92
N ALA H 91 -29.29 0.21 16.22
CA ALA H 91 -28.66 1.04 17.25
C ALA H 91 -28.30 0.16 18.43
N ASN H 92 -27.43 0.67 19.32
CA ASN H 92 -27.00 -0.08 20.48
C ASN H 92 -28.12 -0.19 21.52
N MSE H 93 -28.06 -1.25 22.32
CA MSE H 93 -29.08 -1.52 23.32
C MSE H 93 -28.38 -1.99 24.60
O MSE H 93 -27.64 -2.96 24.59
CB MSE H 93 -29.98 -2.62 22.76
CG MSE H 93 -31.40 -2.64 23.23
SE MSE H 93 -32.45 -3.88 22.11
CE MSE H 93 -31.78 -3.38 20.36
N GLU H 94 -28.58 -1.27 25.70
CA GLU H 94 -27.96 -1.59 26.99
C GLU H 94 -29.05 -1.81 28.03
N PHE H 95 -28.72 -2.54 29.10
CA PHE H 95 -29.72 -2.83 30.15
C PHE H 95 -29.19 -2.59 31.55
N THR H 96 -29.84 -1.67 32.25
CA THR H 96 -29.46 -1.33 33.61
C THR H 96 -29.79 -2.51 34.53
N GLY H 97 -28.83 -2.90 35.36
CA GLY H 97 -29.03 -3.98 36.33
C GLY H 97 -28.83 -5.40 35.85
N ALA H 98 -28.50 -5.60 34.58
CA ALA H 98 -28.23 -6.94 34.04
C ALA H 98 -26.74 -7.03 33.70
N GLN H 99 -26.22 -8.25 33.57
CA GLN H 99 -24.80 -8.42 33.25
C GLN H 99 -24.56 -7.92 31.80
N LEU H 100 -23.38 -7.34 31.56
CA LEU H 100 -23.05 -6.74 30.26
C LEU H 100 -23.03 -7.65 29.04
N GLY H 101 -23.10 -8.96 29.23
CA GLY H 101 -23.17 -9.87 28.09
C GLY H 101 -24.51 -9.73 27.38
N GLN H 102 -25.47 -9.07 28.03
CA GLN H 102 -26.80 -8.82 27.48
C GLN H 102 -26.85 -7.59 26.58
N THR H 103 -25.70 -6.92 26.44
CA THR H 103 -25.59 -5.71 25.63
C THR H 103 -25.66 -6.08 24.16
N VAL H 104 -26.28 -5.22 23.37
CA VAL H 104 -26.35 -5.42 21.93
C VAL H 104 -25.75 -4.20 21.25
N HIS H 105 -24.74 -4.43 20.43
CA HIS H 105 -24.06 -3.41 19.68
C HIS H 105 -24.88 -3.00 18.47
N ALA H 106 -24.60 -1.80 17.95
CA ALA H 106 -25.33 -1.27 16.81
C ALA H 106 -25.16 -2.21 15.62
N GLU H 107 -23.93 -2.61 15.39
CA GLU H 107 -23.63 -3.51 14.30
C GLU H 107 -24.45 -4.79 14.42
N GLN H 108 -24.62 -5.32 15.63
CA GLN H 108 -25.41 -6.54 15.81
C GLN H 108 -26.90 -6.28 15.59
N CYS H 109 -27.35 -5.11 16.00
CA CYS H 109 -28.76 -4.76 15.83
C CYS H 109 -29.09 -4.68 14.33
N ALA H 110 -28.32 -3.89 13.57
CA ALA H 110 -28.54 -3.73 12.12
C ALA H 110 -28.49 -5.07 11.36
N ILE H 111 -27.52 -5.91 11.71
CA ILE H 111 -27.38 -7.20 11.06
C ILE H 111 -28.57 -8.11 11.40
N SER H 112 -28.93 -8.20 12.67
CA SER H 112 -30.06 -9.05 13.05
C SER H 112 -31.35 -8.51 12.41
N HIS H 113 -31.40 -7.20 12.16
CA HIS H 113 -32.57 -6.59 11.53
C HIS H 113 -32.65 -7.14 10.08
N ALA H 114 -31.55 -7.04 9.35
CA ALA H 114 -31.49 -7.58 7.99
C ALA H 114 -31.93 -9.03 7.99
N TRP H 115 -31.32 -9.80 8.87
CA TRP H 115 -31.58 -11.23 9.02
C TRP H 115 -33.05 -11.59 9.28
N MSE H 116 -33.65 -10.99 10.31
CA MSE H 116 -35.06 -11.28 10.64
C MSE H 116 -36.03 -10.86 9.53
O MSE H 116 -37.18 -11.31 9.52
CB MSE H 116 -35.47 -10.60 11.96
CG MSE H 116 -34.75 -11.13 13.18
SE MSE H 116 -34.82 -13.06 13.32
CE MSE H 116 -36.76 -13.29 13.37
N LYS H 117 -35.57 -10.00 8.63
CA LYS H 117 -36.40 -9.62 7.49
C LYS H 117 -36.06 -10.37 6.20
N GLY H 118 -35.29 -11.47 6.31
CA GLY H 118 -35.01 -12.32 5.15
C GLY H 118 -33.79 -12.11 4.27
N GLU H 119 -32.84 -11.25 4.66
CA GLU H 119 -31.62 -11.06 3.86
C GLU H 119 -30.69 -12.27 4.02
N LYS H 120 -30.09 -12.68 2.91
CA LYS H 120 -29.20 -13.83 2.91
C LYS H 120 -27.72 -13.46 3.03
N GLY H 121 -27.45 -12.19 3.30
CA GLY H 121 -26.09 -11.71 3.42
C GLY H 121 -26.01 -10.20 3.54
N VAL H 122 -24.85 -9.74 3.99
CA VAL H 122 -24.58 -8.33 4.15
C VAL H 122 -23.62 -7.88 3.05
N ALA H 123 -23.97 -6.83 2.32
CA ALA H 123 -23.09 -6.32 1.28
C ALA H 123 -22.10 -5.38 1.95
N ASP H 124 -22.62 -4.45 2.76
CA ASP H 124 -21.79 -3.51 3.49
C ASP H 124 -22.46 -2.96 4.74
N ILE H 125 -21.64 -2.64 5.73
CA ILE H 125 -22.11 -2.03 6.96
C ILE H 125 -21.41 -0.67 7.12
N THR H 126 -22.18 0.37 7.47
CA THR H 126 -21.65 1.73 7.65
C THR H 126 -21.82 2.16 9.11
N ILE H 127 -20.76 2.71 9.67
CA ILE H 127 -20.73 3.16 11.07
C ILE H 127 -19.74 4.34 11.23
N ASN H 128 -19.99 5.18 12.24
CA ASN H 128 -19.12 6.35 12.50
C ASN H 128 -17.72 5.99 12.97
N PHE H 129 -17.59 4.89 13.72
CA PHE H 129 -16.28 4.48 14.24
C PHE H 129 -16.06 3.01 14.02
N SER H 130 -14.79 2.60 14.09
CA SER H 130 -14.41 1.21 13.92
C SER H 130 -15.19 0.28 14.84
N PRO H 131 -15.65 -0.86 14.31
CA PRO H 131 -16.35 -1.79 15.17
C PRO H 131 -15.35 -2.39 16.17
N CYS H 132 -15.83 -2.77 17.34
CA CYS H 132 -14.96 -3.35 18.36
C CYS H 132 -14.69 -4.83 18.03
N GLY H 133 -13.76 -5.44 18.74
CA GLY H 133 -13.37 -6.83 18.48
C GLY H 133 -14.53 -7.81 18.49
N HIS H 134 -15.43 -7.59 19.43
CA HIS H 134 -16.66 -8.33 19.61
C HIS H 134 -17.52 -8.34 18.33
N CYS H 135 -17.81 -7.15 17.81
CA CYS H 135 -18.59 -7.01 16.59
C CYS H 135 -17.86 -7.59 15.41
N ARG H 136 -16.54 -7.45 15.39
CA ARG H 136 -15.76 -8.01 14.31
C ARG H 136 -15.97 -9.52 14.31
N GLN H 137 -15.91 -10.11 15.50
CA GLN H 137 -16.04 -11.55 15.64
C GLN H 137 -17.46 -12.01 15.34
N PHE H 138 -18.44 -11.18 15.67
CA PHE H 138 -19.83 -11.51 15.39
C PHE H 138 -20.03 -11.62 13.88
N MSE H 139 -19.39 -10.73 13.15
CA MSE H 139 -19.52 -10.69 11.69
C MSE H 139 -18.85 -11.83 10.97
O MSE H 139 -19.25 -12.19 9.86
CB MSE H 139 -18.98 -9.36 11.15
CG MSE H 139 -19.87 -8.17 11.45
SE MSE H 139 -19.16 -6.49 10.69
CE MSE H 139 -17.87 -6.01 12.06
N ASN H 140 -17.83 -12.43 11.60
CA ASN H 140 -17.09 -13.52 10.98
C ASN H 140 -17.90 -14.83 10.93
N GLU H 141 -19.11 -14.80 11.50
CA GLU H 141 -20.00 -15.95 11.50
C GLU H 141 -20.93 -15.91 10.28
N LEU H 142 -20.98 -14.76 9.61
CA LEU H 142 -21.91 -14.56 8.47
C LEU H 142 -21.54 -15.25 7.17
N THR H 143 -22.56 -15.55 6.36
CA THR H 143 -22.36 -16.10 5.01
C THR H 143 -21.46 -15.20 4.19
N THR H 144 -21.59 -13.89 4.40
CA THR H 144 -20.81 -12.94 3.65
C THR H 144 -19.60 -12.39 4.39
N ALA H 145 -19.16 -13.08 5.45
CA ALA H 145 -18.00 -12.65 6.24
C ALA H 145 -16.79 -12.26 5.39
N SER H 146 -16.48 -13.04 4.37
CA SER H 146 -15.30 -12.78 3.52
C SER H 146 -15.55 -11.88 2.32
N SER H 147 -16.76 -11.32 2.18
CA SER H 147 -17.03 -10.41 1.06
C SER H 147 -17.59 -9.05 1.48
N LEU H 148 -18.11 -8.94 2.70
CA LEU H 148 -18.72 -7.69 3.13
C LEU H 148 -17.68 -6.55 3.31
N LYS H 149 -18.18 -5.33 3.25
CA LYS H 149 -17.37 -4.12 3.38
C LYS H 149 -17.80 -3.32 4.61
N ILE H 150 -16.83 -2.80 5.33
CA ILE H 150 -17.09 -2.00 6.52
C ILE H 150 -16.71 -0.58 6.14
N GLN H 151 -17.65 0.35 6.29
CA GLN H 151 -17.48 1.72 5.85
C GLN H 151 -17.52 2.79 6.95
N LEU H 152 -16.42 3.55 7.07
CA LEU H 152 -16.34 4.69 7.98
C LEU H 152 -16.34 5.96 7.15
N PRO H 153 -16.57 7.12 7.79
CA PRO H 153 -16.57 8.38 7.04
C PRO H 153 -15.24 8.74 6.36
N LYS H 154 -15.31 9.36 5.18
CA LYS H 154 -14.12 9.83 4.41
C LYS H 154 -13.00 8.79 4.20
N ARG H 155 -13.36 7.53 4.03
CA ARG H 155 -12.38 6.45 3.88
C ARG H 155 -12.83 5.44 2.85
N ALA H 156 -11.90 4.61 2.40
CA ALA H 156 -12.24 3.55 1.49
C ALA H 156 -12.78 2.43 2.40
N ALA H 157 -13.78 1.70 1.95
CA ALA H 157 -14.33 0.63 2.77
C ALA H 157 -13.27 -0.47 2.93
N LYS H 158 -13.24 -1.12 4.09
CA LYS H 158 -12.32 -2.21 4.38
C LYS H 158 -13.10 -3.48 4.54
N THR H 159 -12.44 -4.61 4.25
CA THR H 159 -13.10 -5.92 4.39
C THR H 159 -12.92 -6.38 5.82
N LEU H 160 -13.59 -7.46 6.18
CA LEU H 160 -13.46 -7.97 7.52
C LEU H 160 -12.05 -8.52 7.73
N GLN H 161 -11.46 -9.14 6.71
CA GLN H 161 -10.09 -9.68 6.81
C GLN H 161 -9.12 -8.57 7.24
N GLU H 162 -9.32 -7.38 6.71
CA GLU H 162 -8.48 -6.20 7.04
C GLU H 162 -8.67 -5.71 8.47
N TYR H 163 -9.88 -5.78 9.02
CA TYR H 163 -10.14 -5.41 10.42
C TYR H 163 -9.88 -6.55 11.40
N LEU H 164 -9.92 -7.79 10.92
CA LEU H 164 -9.74 -8.95 11.78
C LEU H 164 -8.83 -9.96 11.09
N PRO H 165 -7.50 -9.69 11.07
CA PRO H 165 -6.57 -10.59 10.38
C PRO H 165 -6.32 -11.89 11.13
N GLU H 166 -5.97 -12.94 10.39
CA GLU H 166 -5.69 -14.25 10.97
C GLU H 166 -6.79 -14.60 11.93
N SER H 167 -8.03 -14.43 11.48
CA SER H 167 -9.20 -14.62 12.35
C SER H 167 -9.56 -16.05 12.73
N PHE H 168 -10.30 -16.14 13.83
CA PHE H 168 -10.84 -17.38 14.37
C PHE H 168 -12.30 -17.35 13.97
N GLY H 169 -12.83 -18.48 13.56
CA GLY H 169 -14.21 -18.55 13.16
C GLY H 169 -14.68 -19.97 13.03
N PRO H 170 -15.88 -20.14 12.46
CA PRO H 170 -16.49 -21.45 12.26
C PRO H 170 -15.49 -22.46 11.70
N ALA H 171 -14.65 -22.01 10.77
CA ALA H 171 -13.62 -22.85 10.17
C ALA H 171 -12.82 -23.63 11.20
N ASP H 172 -12.39 -22.95 12.25
CA ASP H 172 -11.58 -23.57 13.28
C ASP H 172 -12.34 -24.65 14.07
N LEU H 173 -13.69 -24.64 13.99
CA LEU H 173 -14.52 -25.67 14.62
C LEU H 173 -14.99 -26.69 13.56
N GLY H 174 -14.37 -26.63 12.38
CA GLY H 174 -14.65 -27.57 11.33
C GLY H 174 -15.88 -27.31 10.50
N ILE H 175 -16.53 -26.15 10.69
CA ILE H 175 -17.74 -25.86 9.93
C ILE H 175 -17.74 -24.57 9.08
N ASP H 176 -18.72 -24.52 8.19
CA ASP H 176 -18.94 -23.37 7.33
C ASP H 176 -19.55 -22.23 8.11
N SER H 177 -19.31 -21.02 7.63
CA SER H 177 -19.88 -19.82 8.20
C SER H 177 -21.22 -19.61 7.54
N GLY H 178 -22.30 -19.96 8.24
CA GLY H 178 -23.63 -19.90 7.64
C GLY H 178 -24.72 -19.02 8.24
N LEU H 179 -24.36 -18.09 9.12
CA LEU H 179 -25.38 -17.21 9.67
C LEU H 179 -25.98 -16.38 8.53
N MSE H 180 -27.30 -16.49 8.38
CA MSE H 180 -28.14 -15.81 7.38
C MSE H 180 -28.49 -16.70 6.19
O MSE H 180 -29.33 -16.32 5.36
CB MSE H 180 -27.56 -14.47 6.89
CG MSE H 180 -27.46 -13.43 8.00
SE MSE H 180 -26.79 -11.71 7.43
CE MSE H 180 -28.36 -10.98 6.50
N SER H 181 -27.87 -17.88 6.10
CA SER H 181 -28.21 -18.84 5.04
C SER H 181 -29.62 -19.38 5.30
N PRO H 182 -30.37 -19.75 4.25
CA PRO H 182 -31.74 -20.24 4.46
C PRO H 182 -31.81 -21.39 5.46
N VAL H 183 -32.75 -21.30 6.41
CA VAL H 183 -32.90 -22.33 7.43
C VAL H 183 -34.35 -22.62 7.77
N ASN H 184 -34.63 -23.90 8.02
CA ASN H 184 -35.95 -24.35 8.43
C ASN H 184 -35.76 -25.71 9.13
N HIS H 185 -35.78 -25.69 10.45
CA HIS H 185 -35.57 -26.90 11.23
C HIS H 185 -36.78 -27.85 11.22
N GLY H 186 -37.95 -27.33 10.83
CA GLY H 186 -39.17 -28.15 10.73
C GLY H 186 -39.75 -28.63 12.04
N LYS H 187 -39.44 -27.94 13.14
CA LYS H 187 -39.93 -28.33 14.46
C LYS H 187 -41.38 -27.87 14.60
N THR H 188 -42.20 -28.69 15.25
CA THR H 188 -43.61 -28.40 15.44
C THR H 188 -44.09 -28.65 16.86
N SER H 189 -45.24 -28.07 17.19
CA SER H 189 -45.84 -28.20 18.52
C SER H 189 -47.35 -27.93 18.44
N ASP H 190 -48.13 -28.67 19.22
CA ASP H 190 -49.58 -28.47 19.26
C ASP H 190 -49.98 -27.62 20.47
N ASP H 191 -49.05 -26.82 20.99
CA ASP H 191 -49.29 -25.94 22.12
C ASP H 191 -50.36 -24.92 21.71
N ASP H 192 -51.43 -24.81 22.51
CA ASP H 192 -52.55 -23.90 22.22
C ASP H 192 -52.19 -22.41 22.32
N GLU H 193 -51.17 -22.08 23.11
CA GLU H 193 -50.76 -20.69 23.30
C GLU H 193 -50.16 -20.11 22.01
N GLU H 194 -50.83 -19.10 21.45
N GLU H 194 -50.84 -19.09 21.48
CA GLU H 194 -50.38 -18.50 20.19
CA GLU H 194 -50.46 -18.40 20.25
C GLU H 194 -49.01 -17.84 20.26
C GLU H 194 -49.05 -17.82 20.27
N LEU H 195 -48.66 -17.22 21.39
CA LEU H 195 -47.34 -16.60 21.52
C LEU H 195 -46.23 -17.65 21.42
N ILE H 196 -46.49 -18.84 21.96
CA ILE H 196 -45.54 -19.95 21.89
C ILE H 196 -45.34 -20.40 20.45
N GLN H 197 -46.42 -20.43 19.68
CA GLN H 197 -46.35 -20.84 18.27
C GLN H 197 -45.49 -19.91 17.43
N GLN H 198 -45.50 -18.62 17.73
CA GLN H 198 -44.69 -17.67 17.00
C GLN H 198 -43.23 -17.67 17.46
N ALA H 199 -43.00 -18.10 18.70
CA ALA H 199 -41.63 -18.22 19.20
C ALA H 199 -41.01 -19.39 18.43
N LEU H 200 -41.81 -20.44 18.21
CA LEU H 200 -41.39 -21.61 17.42
C LEU H 200 -41.08 -21.18 15.98
N ARG H 201 -41.82 -20.19 15.47
CA ARG H 201 -41.57 -19.61 14.15
C ARG H 201 -40.12 -19.12 14.07
N ALA H 202 -39.67 -18.51 15.17
CA ALA H 202 -38.33 -17.97 15.25
C ALA H 202 -37.25 -19.01 15.49
N MSE H 203 -37.53 -20.03 16.29
CA MSE H 203 -36.48 -21.01 16.55
C MSE H 203 -36.17 -21.82 15.30
O MSE H 203 -35.06 -22.32 15.16
CB MSE H 203 -36.81 -21.98 17.69
CG MSE H 203 -37.57 -23.21 17.26
SE MSE H 203 -37.13 -24.70 18.40
CE MSE H 203 -37.89 -24.07 20.07
N ASN H 204 -37.17 -21.98 14.44
CA ASN H 204 -37.02 -22.74 13.19
C ASN H 204 -36.11 -22.12 12.16
N ILE H 205 -35.72 -20.86 12.36
CA ILE H 205 -34.76 -20.20 11.47
C ILE H 205 -33.45 -19.90 12.20
N SER H 206 -33.36 -20.29 13.48
CA SER H 206 -32.23 -19.97 14.34
C SER H 206 -30.91 -20.67 14.00
N HIS H 207 -29.83 -20.06 14.42
CA HIS H 207 -28.49 -20.55 14.12
C HIS H 207 -27.81 -20.94 15.42
N SER H 208 -27.54 -22.25 15.56
CA SER H 208 -26.93 -22.77 16.77
C SER H 208 -26.15 -24.03 16.46
N PRO H 209 -25.09 -23.92 15.65
CA PRO H 209 -24.40 -25.16 15.33
C PRO H 209 -23.41 -25.66 16.39
N TYR H 210 -23.16 -24.87 17.46
CA TYR H 210 -22.17 -25.26 18.48
C TYR H 210 -22.83 -25.85 19.73
N THR H 211 -24.04 -25.41 20.06
CA THR H 211 -24.75 -25.96 21.20
C THR H 211 -26.03 -26.68 20.79
N GLN H 212 -26.45 -26.48 19.54
CA GLN H 212 -27.70 -27.03 19.01
C GLN H 212 -28.91 -26.61 19.85
N ASN H 213 -28.82 -25.43 20.45
CA ASN H 213 -29.94 -24.92 21.21
C ASN H 213 -30.76 -24.01 20.32
N PHE H 214 -31.34 -24.60 19.28
CA PHE H 214 -32.20 -23.85 18.37
C PHE H 214 -33.25 -23.28 19.27
N SER H 215 -33.45 -21.97 19.17
CA SER H 215 -34.37 -21.27 20.04
C SER H 215 -34.79 -19.96 19.44
N GLY H 216 -35.93 -19.46 19.94
CA GLY H 216 -36.50 -18.21 19.50
C GLY H 216 -37.37 -17.59 20.58
N VAL H 217 -37.65 -16.30 20.45
CA VAL H 217 -38.50 -15.57 21.40
C VAL H 217 -39.52 -14.66 20.74
N ALA H 218 -40.70 -14.55 21.35
CA ALA H 218 -41.76 -13.68 20.82
C ALA H 218 -42.21 -12.70 21.90
N LEU H 219 -42.38 -11.44 21.51
CA LEU H 219 -42.81 -10.39 22.42
C LEU H 219 -44.10 -9.79 21.90
N LYS H 220 -45.14 -9.81 22.74
CA LYS H 220 -46.44 -9.24 22.38
C LYS H 220 -46.58 -7.88 23.06
N MSE H 221 -46.91 -6.85 22.28
CA MSE H 221 -47.07 -5.48 22.81
C MSE H 221 -48.53 -5.28 23.19
O MSE H 221 -49.37 -6.12 22.87
CB MSE H 221 -46.71 -4.45 21.73
CG MSE H 221 -45.38 -4.64 21.03
SE MSE H 221 -43.81 -4.52 22.19
CE MSE H 221 -44.06 -2.71 22.86
N ARG H 222 -48.82 -4.17 23.87
N ARG H 222 -48.84 -4.16 23.85
CA ARG H 222 -50.19 -3.84 24.25
CA ARG H 222 -50.22 -3.92 24.25
C ARG H 222 -51.06 -3.65 23.02
C ARG H 222 -51.08 -3.63 23.02
N SER H 223 -50.47 -3.10 21.96
CA SER H 223 -51.16 -2.86 20.70
C SER H 223 -51.58 -4.16 20.02
N GLY H 224 -50.92 -5.25 20.39
CA GLY H 224 -51.20 -6.56 19.83
C GLY H 224 -50.11 -6.98 18.86
N ALA H 225 -49.16 -6.08 18.60
CA ALA H 225 -48.05 -6.33 17.71
C ALA H 225 -47.09 -7.38 18.27
N ILE H 226 -46.69 -8.32 17.43
CA ILE H 226 -45.74 -9.38 17.83
C ILE H 226 -44.39 -9.10 17.18
N TYR H 227 -43.31 -9.42 17.89
CA TYR H 227 -41.93 -9.26 17.38
C TYR H 227 -41.18 -10.54 17.67
N LEU H 228 -40.56 -11.12 16.64
CA LEU H 228 -39.85 -12.39 16.79
C LEU H 228 -38.35 -12.20 16.85
N GLY H 229 -37.69 -13.19 17.45
CA GLY H 229 -36.26 -13.15 17.58
C GLY H 229 -35.68 -14.56 17.58
N ALA H 230 -34.77 -14.80 16.66
CA ALA H 230 -34.11 -16.09 16.51
C ALA H 230 -32.69 -15.99 17.09
N TYR H 231 -32.23 -17.09 17.67
CA TYR H 231 -30.90 -17.18 18.26
C TYR H 231 -29.81 -17.18 17.18
N ALA H 232 -28.81 -16.33 17.38
CA ALA H 232 -27.66 -16.22 16.46
C ALA H 232 -26.37 -16.54 17.21
N GLU H 233 -26.06 -17.82 17.28
CA GLU H 233 -24.88 -18.29 18.00
C GLU H 233 -23.59 -18.01 17.23
N ASN H 234 -22.49 -17.85 17.96
CA ASN H 234 -21.21 -17.53 17.37
C ASN H 234 -20.15 -18.56 17.73
N ALA H 235 -19.23 -18.82 16.80
CA ALA H 235 -18.12 -19.76 17.04
C ALA H 235 -17.30 -19.40 18.29
N ALA H 236 -17.11 -18.10 18.53
CA ALA H 236 -16.34 -17.62 19.69
C ALA H 236 -17.15 -17.65 20.98
N PHE H 237 -18.39 -18.11 20.88
CA PHE H 237 -19.31 -18.27 22.01
C PHE H 237 -19.87 -16.97 22.58
N ASN H 238 -19.03 -16.19 23.26
CA ASN H 238 -19.49 -14.95 23.88
C ASN H 238 -20.22 -13.95 22.98
N PRO H 239 -19.78 -13.80 21.71
CA PRO H 239 -20.49 -12.87 20.81
C PRO H 239 -21.83 -13.40 20.28
N SER H 240 -22.27 -14.56 20.75
CA SER H 240 -23.55 -15.12 20.38
C SER H 240 -24.63 -14.12 20.80
N LEU H 241 -25.67 -13.97 19.97
CA LEU H 241 -26.75 -13.02 20.23
C LEU H 241 -28.03 -13.81 20.61
N PRO H 242 -28.43 -13.79 21.89
CA PRO H 242 -29.60 -14.52 22.37
C PRO H 242 -30.93 -14.05 21.75
N PRO H 243 -31.93 -14.94 21.67
CA PRO H 243 -33.21 -14.61 21.06
C PRO H 243 -33.95 -13.42 21.70
N LEU H 244 -33.84 -13.25 23.02
CA LEU H 244 -34.52 -12.13 23.67
C LEU H 244 -33.99 -10.85 23.06
N GLN H 245 -32.67 -10.71 23.04
CA GLN H 245 -32.05 -9.53 22.46
C GLN H 245 -32.51 -9.28 21.01
N VAL H 246 -32.54 -10.34 20.20
CA VAL H 246 -32.96 -10.19 18.79
C VAL H 246 -34.39 -9.68 18.69
N ALA H 247 -35.28 -10.25 19.50
CA ALA H 247 -36.70 -9.85 19.52
C ALA H 247 -36.88 -8.42 20.01
N LEU H 248 -36.11 -8.02 21.01
CA LEU H 248 -36.17 -6.65 21.53
C LEU H 248 -35.62 -5.68 20.49
N ALA H 249 -34.63 -6.12 19.73
CA ALA H 249 -34.05 -5.28 18.69
C ALA H 249 -35.08 -4.98 17.62
N GLN H 250 -35.84 -5.99 17.20
CA GLN H 250 -36.85 -5.78 16.18
C GLN H 250 -37.98 -4.88 16.71
N ALA H 251 -38.34 -5.06 17.97
CA ALA H 251 -39.38 -4.23 18.58
C ALA H 251 -38.87 -2.80 18.71
N MSE H 252 -37.60 -2.65 19.07
CA MSE H 252 -37.00 -1.31 19.19
C MSE H 252 -37.00 -0.61 17.83
O MSE H 252 -37.35 0.57 17.74
CB MSE H 252 -35.56 -1.39 19.73
CG MSE H 252 -34.95 0.00 20.04
SE MSE H 252 -33.14 -0.05 20.81
CE MSE H 252 -32.12 -0.52 19.20
N MSE H 253 -36.61 -1.33 16.77
CA MSE H 253 -36.54 -0.73 15.44
C MSE H 253 -37.90 -0.32 14.84
O MSE H 253 -37.95 0.35 13.81
CB MSE H 253 -35.73 -1.60 14.46
CG MSE H 253 -34.28 -1.82 14.88
SE MSE H 253 -33.39 -0.20 15.60
CE MSE H 253 -33.58 0.99 14.07
N MSE H 254 -39.00 -0.73 15.45
CA MSE H 254 -40.34 -0.30 15.02
C MSE H 254 -40.80 0.92 15.83
O MSE H 254 -41.91 1.42 15.63
CB MSE H 254 -41.36 -1.43 15.14
CG MSE H 254 -41.40 -2.37 13.93
SE MSE H 254 -41.98 -1.44 12.29
CE MSE H 254 -43.66 -0.66 12.91
N GLY H 255 -39.94 1.40 16.73
CA GLY H 255 -40.24 2.56 17.55
C GLY H 255 -41.02 2.21 18.80
N GLU H 256 -40.96 0.95 19.21
CA GLU H 256 -41.70 0.52 20.40
C GLU H 256 -41.00 0.94 21.68
N SER H 257 -41.77 0.91 22.77
CA SER H 257 -41.29 1.20 24.10
C SER H 257 -41.38 -0.11 24.87
N PHE H 258 -40.30 -0.47 25.56
CA PHE H 258 -40.27 -1.72 26.32
C PHE H 258 -41.29 -1.73 27.45
N GLU H 259 -41.76 -0.55 27.85
CA GLU H 259 -42.77 -0.42 28.90
C GLU H 259 -44.13 -0.92 28.40
N ASP H 260 -44.31 -0.95 27.08
CA ASP H 260 -45.55 -1.44 26.46
C ASP H 260 -45.53 -2.96 26.16
N ILE H 261 -44.51 -3.68 26.65
CA ILE H 261 -44.42 -5.12 26.44
C ILE H 261 -45.39 -5.82 27.41
N GLU H 262 -46.26 -6.67 26.86
CA GLU H 262 -47.28 -7.35 27.66
C GLU H 262 -46.94 -8.80 28.00
N ALA H 263 -46.31 -9.51 27.07
CA ALA H 263 -45.97 -10.91 27.29
C ALA H 263 -44.77 -11.32 26.47
N ALA H 264 -44.05 -12.31 26.99
CA ALA H 264 -42.90 -12.87 26.31
C ALA H 264 -43.07 -14.38 26.26
N ALA H 265 -42.45 -14.99 25.25
CA ALA H 265 -42.50 -16.43 25.08
C ALA H 265 -41.15 -16.91 24.56
N LEU H 266 -40.58 -17.92 25.21
CA LEU H 266 -39.31 -18.49 24.81
C LEU H 266 -39.49 -19.96 24.46
N VAL H 267 -38.91 -20.38 23.34
CA VAL H 267 -38.98 -21.77 22.91
C VAL H 267 -37.56 -22.21 22.51
N GLU H 268 -37.11 -23.32 23.09
CA GLU H 268 -35.78 -23.84 22.78
C GLU H 268 -35.77 -25.37 22.69
N SER H 269 -34.63 -25.94 22.29
CA SER H 269 -34.49 -27.39 22.10
C SER H 269 -34.18 -28.14 23.39
N ALA H 270 -34.90 -29.24 23.61
CA ALA H 270 -34.72 -30.08 24.78
C ALA H 270 -33.33 -30.75 24.82
N THR H 271 -32.67 -30.86 23.66
CA THR H 271 -31.35 -31.47 23.56
C THR H 271 -30.18 -30.50 23.47
N GLY H 272 -30.46 -29.19 23.40
CA GLY H 272 -29.40 -28.20 23.32
C GLY H 272 -28.48 -28.26 24.53
N LYS H 273 -27.22 -27.87 24.32
CA LYS H 273 -26.22 -27.91 25.40
C LYS H 273 -26.25 -26.66 26.30
N ILE H 274 -27.08 -25.69 25.95
CA ILE H 274 -27.27 -24.48 26.76
C ILE H 274 -28.77 -24.17 26.85
N SER H 275 -29.10 -23.27 27.78
CA SER H 275 -30.46 -22.82 27.96
C SER H 275 -30.46 -21.31 28.08
N HIS H 276 -31.50 -20.68 27.55
CA HIS H 276 -31.62 -19.23 27.64
C HIS H 276 -32.62 -18.82 28.72
N LEU H 277 -33.34 -19.79 29.28
CA LEU H 277 -34.37 -19.50 30.26
C LEU H 277 -33.94 -18.51 31.36
N ALA H 278 -32.88 -18.84 32.09
CA ALA H 278 -32.41 -17.99 33.18
C ALA H 278 -32.16 -16.54 32.77
N ASP H 279 -31.39 -16.35 31.70
CA ASP H 279 -31.06 -15.00 31.23
C ASP H 279 -32.22 -14.26 30.59
N THR H 280 -33.15 -14.99 29.99
CA THR H 280 -34.31 -14.35 29.38
C THR H 280 -35.20 -13.83 30.48
N GLN H 281 -35.29 -14.62 31.54
CA GLN H 281 -36.12 -14.29 32.68
C GLN H 281 -35.52 -13.13 33.49
N ALA H 282 -34.21 -13.16 33.69
CA ALA H 282 -33.52 -12.12 34.45
C ALA H 282 -33.52 -10.76 33.72
N THR H 283 -33.28 -10.78 32.41
CA THR H 283 -33.27 -9.53 31.64
C THR H 283 -34.64 -8.89 31.55
N LEU H 284 -35.70 -9.71 31.45
CA LEU H 284 -37.06 -9.18 31.43
C LEU H 284 -37.43 -8.56 32.78
N GLU H 285 -36.84 -9.09 33.86
CA GLU H 285 -37.12 -8.59 35.20
C GLU H 285 -36.58 -7.17 35.36
N VAL H 286 -35.43 -6.87 34.75
CA VAL H 286 -34.87 -5.52 34.84
C VAL H 286 -35.67 -4.55 33.94
N ILE H 287 -36.25 -5.09 32.88
CA ILE H 287 -37.09 -4.30 31.97
C ILE H 287 -38.42 -3.95 32.66
N ASN H 288 -39.15 -4.98 33.09
CA ASN H 288 -40.44 -4.80 33.79
C ASN H 288 -40.87 -6.11 34.49
N PRO H 289 -40.71 -6.17 35.83
CA PRO H 289 -41.04 -7.36 36.64
C PRO H 289 -42.38 -8.02 36.30
N ASP H 290 -43.39 -7.21 35.96
CA ASP H 290 -44.73 -7.71 35.65
C ASP H 290 -44.86 -8.51 34.35
N ILE H 291 -43.84 -8.47 33.48
CA ILE H 291 -43.92 -9.22 32.22
C ILE H 291 -43.79 -10.72 32.50
N PRO H 292 -44.82 -11.51 32.13
CA PRO H 292 -44.78 -12.94 32.33
C PRO H 292 -44.15 -13.60 31.13
N LEU H 293 -43.40 -14.67 31.37
CA LEU H 293 -42.69 -15.39 30.31
C LEU H 293 -43.17 -16.82 30.14
N SER H 294 -43.76 -17.11 28.97
CA SER H 294 -44.19 -18.48 28.66
C SER H 294 -42.96 -19.25 28.18
N TYR H 295 -42.83 -20.52 28.57
CA TYR H 295 -41.67 -21.31 28.19
C TYR H 295 -42.01 -22.71 27.68
N LEU H 296 -41.17 -23.22 26.76
CA LEU H 296 -41.34 -24.56 26.19
C LEU H 296 -40.01 -25.18 25.72
N SER H 297 -39.63 -26.29 26.33
CA SER H 297 -38.43 -27.03 25.91
C SER H 297 -38.99 -28.09 24.94
N LEU H 298 -38.45 -28.15 23.73
CA LEU H 298 -39.01 -28.99 22.67
C LEU H 298 -38.04 -29.97 22.01
ZN ZN I . 4.46 15.52 -7.73
N1 URI J . 0.70 16.69 -5.13
C2 URI J . 1.86 16.51 -4.37
N3 URI J . 2.64 15.45 -4.76
C4 URI J . 2.41 14.58 -5.81
C5 URI J . 1.19 14.82 -6.56
C6 URI J . 0.41 15.86 -6.20
O2 URI J . 2.18 17.22 -3.44
O4 URI J . 3.21 13.68 -6.05
C1' URI J . -0.21 17.79 -4.84
C2' URI J . -0.02 18.93 -5.83
C3' URI J . -1.38 19.61 -5.77
C4' URI J . -2.33 18.42 -5.62
O2' URI J . 1.07 19.72 -5.44
O3' URI J . -1.49 20.50 -4.68
O4' URI J . -1.53 17.35 -5.07
C5' URI J . -2.99 17.95 -6.89
O5' URI J . -2.03 17.47 -7.79
C ACT K . -0.83 29.21 5.86
O ACT K . -1.88 28.55 6.08
OXT ACT K . -1.00 30.41 5.51
CH3 ACT K . 0.52 28.58 6.01
MG MG L . -11.65 6.43 -21.00
ZN ZN M . 9.23 16.74 -20.90
N1 URI N . 12.37 18.99 -23.48
C2 URI N . 11.40 18.43 -24.32
N3 URI N . 11.05 17.13 -23.98
C4 URI N . 11.54 16.36 -22.93
C5 URI N . 12.54 17.01 -22.13
C6 URI N . 12.92 18.27 -22.43
O2 URI N . 10.90 19.02 -25.26
O4 URI N . 11.14 15.21 -22.74
C1' URI N . 12.82 20.36 -23.75
C2' URI N . 12.31 21.35 -22.70
C3' URI N . 13.36 22.45 -22.77
C4' URI N . 14.64 21.67 -23.11
O2' URI N . 11.00 21.78 -23.03
O3' URI N . 13.06 23.41 -23.77
O4' URI N . 14.22 20.41 -23.67
C5' URI N . 15.53 21.36 -21.92
O5' URI N . 14.82 20.56 -20.97
C ACT O . 9.60 32.22 -33.45
O ACT O . 9.55 33.42 -33.14
OXT ACT O . 10.66 31.84 -33.97
CH3 ACT O . 8.43 31.28 -33.23
ZN ZN P . 32.66 -7.22 10.73
N1 URI Q . 34.26 -10.86 8.41
C2 URI Q . 33.87 -9.82 7.60
N3 URI Q . 32.69 -9.20 8.02
C4 URI Q . 31.92 -9.53 9.13
C5 URI Q . 32.40 -10.64 9.93
C6 URI Q . 33.54 -11.24 9.54
O2 URI Q . 34.49 -9.47 6.60
O4 URI Q . 30.90 -8.89 9.38
C1' URI Q . 35.52 -11.56 8.08
C2' URI Q . 36.61 -11.04 9.00
C3' URI Q . 37.59 -12.19 8.96
C4' URI Q . 36.64 -13.39 8.97
O2' URI Q . 37.16 -9.82 8.53
O3' URI Q . 38.38 -12.14 7.79
O4' URI Q . 35.43 -12.94 8.30
C5' URI Q . 36.26 -13.89 10.35
O5' URI Q . 35.82 -12.81 11.18
ZN ZN R . 33.68 -1.18 23.81
N1 URI S . 35.36 2.47 25.87
C2 URI S . 35.04 1.43 26.73
N3 URI S . 33.82 0.83 26.48
C4 URI S . 32.93 1.16 25.46
C5 URI S . 33.34 2.25 24.61
C6 URI S . 34.51 2.85 24.85
O2 URI S . 35.77 1.04 27.65
O4 URI S . 31.88 0.54 25.34
C1' URI S . 36.63 3.19 26.02
C2' URI S . 37.63 2.76 24.95
C3' URI S . 38.57 3.97 24.94
C4' URI S . 37.59 5.11 25.10
O2' URI S . 38.25 1.54 25.31
O3' URI S . 39.49 3.93 25.99
O4' URI S . 36.46 4.58 25.83
C5' URI S . 37.09 5.72 23.81
O5' URI S . 36.49 4.75 22.94
C ACT T . 30.15 -5.66 58.89
O ACT T . 29.29 -6.25 58.20
OXT ACT T . 30.12 -4.40 58.84
CH3 ACT T . 31.13 -6.43 59.72
C ACT U . 49.13 2.68 35.13
O ACT U . 48.89 3.85 35.50
OXT ACT U . 50.18 2.52 34.49
CH3 ACT U . 48.22 1.53 35.47
ZN ZN V . -32.14 -0.42 -25.41
N1 URI W . -36.34 -1.93 -25.43
C2 URI W . -36.13 -0.80 -26.23
N3 URI W . -35.31 0.15 -25.65
C4 URI W . -34.71 0.09 -24.39
C5 URI W . -34.97 -1.11 -23.64
C6 URI W . -35.75 -2.04 -24.18
O2 URI W . -36.61 -0.64 -27.33
O4 URI W . -34.02 1.01 -24.02
C1' URI W . -37.17 -3.05 -25.95
C2' URI W . -36.29 -4.21 -26.35
C3' URI W . -37.29 -5.35 -26.29
C4' URI W . -38.12 -5.00 -25.06
O2' URI W . -35.75 -3.98 -27.63
O3' URI W . -38.13 -5.39 -27.42
O4' URI W . -38.04 -3.56 -24.95
C5' URI W . -37.66 -5.63 -23.77
O5' URI W . -36.36 -5.17 -23.43
C ACT X . -45.18 -6.51 -38.85
O ACT X . -46.22 -6.16 -38.25
OXT ACT X . -44.32 -5.62 -39.05
CH3 ACT X . -44.98 -7.93 -39.29
C ACT Y . -47.64 -7.60 -31.05
O ACT Y . -48.51 -7.22 -30.22
OXT ACT Y . -46.82 -6.72 -31.44
CH3 ACT Y . -47.57 -9.02 -31.56
C ACT Z . -41.12 16.77 -19.45
O ACT Z . -40.84 16.28 -18.34
OXT ACT Z . -40.59 17.90 -19.69
CH3 ACT Z . -42.02 16.08 -20.43
ZN ZN AA . -19.08 -4.22 -21.89
N1 URI BA . -14.90 -5.59 -23.88
C2 URI BA . -15.01 -6.14 -22.62
N3 URI BA . -15.54 -5.28 -21.68
C4 URI BA . -15.97 -3.98 -21.87
C5 URI BA . -15.81 -3.49 -23.21
C6 URI BA . -15.30 -4.30 -24.14
O2 URI BA . -14.68 -7.28 -22.33
O4 URI BA . -16.43 -3.33 -20.92
C1' URI BA . -14.36 -6.42 -24.99
C2' URI BA . -15.45 -6.94 -25.92
C3' URI BA . -14.66 -7.18 -27.19
C4' URI BA . -13.68 -6.00 -27.19
O2' URI BA . -16.10 -8.06 -25.40
O3' URI BA . -13.98 -8.42 -27.12
O4' URI BA . -13.50 -5.64 -25.79
C5' URI BA . -14.13 -4.76 -27.95
O5' URI BA . -15.41 -4.35 -27.54
C ACT CA . -9.07 -20.85 -26.74
O ACT CA . -8.36 -21.16 -25.77
OXT ACT CA . -8.92 -21.50 -27.80
CH3 ACT CA . -10.08 -19.76 -26.62
ZN ZN DA . -11.37 -15.44 22.56
N1 URI EA . -11.60 -19.92 22.62
C2 URI EA . -10.49 -19.43 23.33
N3 URI EA . -9.78 -18.45 22.67
C4 URI EA . -10.05 -17.91 21.43
C5 URI EA . -11.20 -18.45 20.76
C6 URI EA . -11.92 -19.40 21.38
O2 URI EA . -10.14 -19.83 24.43
O4 URI EA . -9.32 -17.04 20.99
C1' URI EA . -12.47 -20.97 23.22
C2' URI EA . -13.82 -20.44 23.67
C3' URI EA . -14.69 -21.69 23.58
C4' URI EA . -14.12 -22.44 22.39
O2' URI EA . -13.77 -19.88 24.97
O3' URI EA . -14.63 -22.44 24.76
O4' URI EA . -12.73 -22.00 22.28
C5' URI EA . -14.82 -22.21 21.07
O5' URI EA . -15.09 -20.81 20.84
C ACT FA . -13.33 -28.98 36.51
O ACT FA . -13.46 -30.10 35.97
OXT ACT FA . -14.33 -28.57 37.12
CH3 ACT FA . -12.04 -28.19 36.41
ZN ZN GA . -18.85 -3.82 18.74
N1 URI HA . -20.86 -0.29 20.95
C2 URI HA . -21.38 -0.50 19.67
N3 URI HA . -20.42 -0.85 18.73
C4 URI HA . -19.05 -0.98 18.92
C5 URI HA . -18.60 -0.73 20.27
C6 URI HA . -19.50 -0.41 21.21
O2 URI HA . -22.56 -0.41 19.36
O4 URI HA . -18.32 -1.29 17.97
C1' URI HA . -21.81 0.09 22.10
C2' URI HA . -22.19 -1.08 23.00
C3' URI HA . -22.60 -0.35 24.26
C4' URI HA . -21.58 0.79 24.33
O2' URI HA . -23.25 -1.83 22.47
O3' URI HA . -23.92 0.13 24.16
O4' URI HA . -21.20 1.03 22.95
C5' URI HA . -20.36 0.50 25.18
O5' URI HA . -19.15 0.88 24.53
#